data_2MVB
#
_entry.id   2MVB
#
_entity_poly.entity_id   1
_entity_poly.type   'polypeptide(L)'
_entity_poly.pdbx_seq_one_letter_code
;GPATKTEKDTLQSALPVIENAEKNTVVTKTLVLPKSDDGSQQTQTITYKDKTFLSLAIQQKRPVSDELKTYIDQHGVEET
QKALLEAEEKDKSIIEARKLAGFKLETKLLSATELQTTTSFDFQVLDVKKASQLEHLKNIGLENLLKNEPSKYISDRLAN
GATEQ
;
_entity_poly.pdbx_strand_id   A
#
# COMPACT_ATOMS: atom_id res chain seq x y z
N GLY A 1 2.92 14.01 -36.10
CA GLY A 1 2.34 12.82 -36.71
C GLY A 1 0.96 12.64 -36.13
N PRO A 2 0.80 11.89 -35.03
CA PRO A 2 -0.28 12.16 -34.09
C PRO A 2 -0.11 13.57 -33.50
N ALA A 3 -1.06 13.95 -32.64
CA ALA A 3 -1.06 15.18 -31.85
C ALA A 3 -1.49 14.83 -30.43
N THR A 4 -1.53 15.83 -29.56
CA THR A 4 -1.77 15.65 -28.13
C THR A 4 -2.75 16.74 -27.66
N LYS A 5 -3.27 16.61 -26.43
CA LYS A 5 -4.25 17.50 -25.83
C LYS A 5 -3.80 17.87 -24.41
N THR A 6 -4.48 18.84 -23.82
CA THR A 6 -4.56 19.03 -22.38
C THR A 6 -6.01 19.36 -22.01
N GLU A 7 -6.31 19.35 -20.71
CA GLU A 7 -7.49 19.96 -20.11
C GLU A 7 -7.01 21.08 -19.17
N LYS A 8 -7.92 21.54 -18.29
CA LYS A 8 -7.72 22.48 -17.19
C LYS A 8 -8.83 22.20 -16.16
N ASP A 9 -8.71 22.67 -14.93
CA ASP A 9 -9.87 22.92 -14.06
C ASP A 9 -9.55 24.08 -13.13
N THR A 10 -10.56 24.70 -12.52
CA THR A 10 -10.49 25.79 -11.56
C THR A 10 -11.87 25.85 -10.88
N LEU A 11 -11.86 25.99 -9.55
CA LEU A 11 -13.06 26.06 -8.73
C LEU A 11 -13.35 27.52 -8.36
N GLN A 12 -14.60 27.78 -7.97
CA GLN A 12 -15.07 29.05 -7.44
C GLN A 12 -15.94 28.77 -6.22
N SER A 13 -15.67 29.46 -5.12
CA SER A 13 -16.44 29.46 -3.89
C SER A 13 -16.28 30.84 -3.22
N ALA A 14 -16.87 31.05 -2.05
CA ALA A 14 -16.64 32.22 -1.21
C ALA A 14 -15.54 31.88 -0.19
N LEU A 15 -15.25 32.82 0.72
CA LEU A 15 -14.24 32.68 1.77
C LEU A 15 -14.67 31.59 2.77
N PRO A 16 -13.74 31.03 3.57
CA PRO A 16 -14.10 30.23 4.73
C PRO A 16 -14.76 31.13 5.78
N VAL A 17 -16.01 30.82 6.16
CA VAL A 17 -16.75 31.52 7.20
C VAL A 17 -17.46 30.43 8.03
N ILE A 18 -16.83 30.02 9.12
CA ILE A 18 -17.20 28.89 9.97
C ILE A 18 -16.77 29.20 11.42
N GLU A 19 -17.26 28.40 12.37
CA GLU A 19 -17.08 28.57 13.82
C GLU A 19 -16.31 27.39 14.46
N ASN A 20 -15.83 26.47 13.62
CA ASN A 20 -15.10 25.26 13.95
C ASN A 20 -13.86 25.25 13.05
N ALA A 21 -12.80 24.53 13.44
CA ALA A 21 -11.57 24.44 12.66
C ALA A 21 -10.87 23.12 13.00
N GLU A 22 -10.14 22.55 12.05
CA GLU A 22 -9.42 21.29 12.20
C GLU A 22 -7.99 21.51 11.73
N LYS A 23 -7.04 21.55 12.66
CA LYS A 23 -5.62 21.40 12.38
C LYS A 23 -5.37 19.91 12.14
N ASN A 24 -5.84 19.39 11.01
CA ASN A 24 -5.78 17.98 10.64
C ASN A 24 -5.31 17.88 9.20
N THR A 25 -4.24 18.60 8.86
CA THR A 25 -3.61 18.52 7.55
C THR A 25 -3.14 17.09 7.30
N VAL A 26 -3.73 16.47 6.29
CA VAL A 26 -3.41 15.15 5.79
C VAL A 26 -3.58 15.27 4.28
N VAL A 27 -2.50 15.14 3.52
CA VAL A 27 -2.58 14.89 2.10
C VAL A 27 -2.29 13.42 1.81
N THR A 28 -2.60 13.06 0.57
CA THR A 28 -2.48 11.74 -0.03
C THR A 28 -2.08 12.03 -1.47
N LYS A 29 -0.86 11.69 -1.88
CA LYS A 29 -0.53 11.56 -3.31
C LYS A 29 -0.85 10.14 -3.73
N THR A 30 -1.06 9.92 -5.02
CA THR A 30 -1.45 8.64 -5.57
C THR A 30 -0.81 8.56 -6.96
N LEU A 31 0.44 8.14 -6.91
CA LEU A 31 1.35 7.98 -8.02
C LEU A 31 0.85 6.83 -8.90
N VAL A 32 0.52 7.13 -10.15
CA VAL A 32 0.16 6.13 -11.15
C VAL A 32 1.49 5.60 -11.68
N LEU A 33 2.00 4.50 -11.12
CA LEU A 33 3.14 3.81 -11.71
C LEU A 33 2.74 3.24 -13.08
N PRO A 34 3.73 2.96 -13.96
CA PRO A 34 3.48 2.34 -15.26
C PRO A 34 3.01 0.89 -15.09
N LYS A 35 2.95 0.14 -16.20
CA LYS A 35 2.78 -1.30 -16.10
C LYS A 35 3.96 -1.90 -15.35
N SER A 36 3.75 -3.14 -14.95
CA SER A 36 4.77 -4.09 -14.50
C SER A 36 5.47 -4.63 -15.75
N ASP A 37 6.05 -5.83 -15.66
CA ASP A 37 6.71 -6.53 -16.77
C ASP A 37 5.78 -6.53 -17.97
N ASP A 38 4.63 -7.22 -17.88
CA ASP A 38 3.57 -7.16 -18.88
C ASP A 38 2.31 -7.80 -18.29
N GLY A 39 1.27 -7.00 -18.12
CA GLY A 39 -0.10 -7.45 -17.86
C GLY A 39 -0.56 -7.25 -16.42
N SER A 40 0.33 -6.75 -15.59
CA SER A 40 0.25 -6.54 -14.16
C SER A 40 0.53 -5.04 -13.99
N GLN A 41 -0.11 -4.38 -13.03
CA GLN A 41 0.10 -2.97 -12.73
C GLN A 41 -0.08 -2.79 -11.22
N GLN A 42 0.33 -1.63 -10.73
CA GLN A 42 0.15 -1.17 -9.37
C GLN A 42 0.27 0.35 -9.37
N THR A 43 -0.03 0.94 -8.22
CA THR A 43 -0.06 2.37 -7.94
C THR A 43 1.07 2.69 -6.91
N GLN A 44 1.10 3.84 -6.23
CA GLN A 44 1.86 4.15 -5.01
C GLN A 44 1.08 5.25 -4.27
N THR A 45 0.53 4.97 -3.09
CA THR A 45 -0.16 5.94 -2.24
C THR A 45 0.87 6.51 -1.25
N ILE A 46 0.80 7.83 -0.97
CA ILE A 46 1.82 8.57 -0.21
C ILE A 46 1.12 9.57 0.71
N THR A 47 1.07 9.28 2.00
CA THR A 47 0.48 10.17 3.01
C THR A 47 1.58 11.03 3.64
N TYR A 48 1.48 12.36 3.60
CA TYR A 48 2.47 13.20 4.28
C TYR A 48 1.86 14.51 4.77
N LYS A 49 2.59 15.30 5.58
CA LYS A 49 2.10 16.63 6.00
C LYS A 49 3.16 17.67 6.34
N ASP A 50 4.44 17.35 6.17
CA ASP A 50 5.52 18.27 6.59
C ASP A 50 6.75 18.05 5.72
N LYS A 51 7.62 17.09 6.06
CA LYS A 51 8.82 16.71 5.31
C LYS A 51 9.04 15.20 5.35
N THR A 52 8.03 14.42 5.74
CA THR A 52 8.20 13.06 6.23
C THR A 52 7.01 12.18 5.84
N PHE A 53 7.21 10.87 5.75
CA PHE A 53 6.24 9.86 5.33
C PHE A 53 5.42 9.40 6.54
N LEU A 54 4.13 9.78 6.60
CA LEU A 54 3.25 9.30 7.66
C LEU A 54 2.78 7.88 7.41
N SER A 55 2.39 7.57 6.16
CA SER A 55 2.03 6.23 5.75
C SER A 55 2.30 6.11 4.23
N LEU A 56 2.37 4.87 3.76
CA LEU A 56 2.67 4.48 2.39
C LEU A 56 1.79 3.28 2.11
N ALA A 57 1.19 3.19 0.93
CA ALA A 57 0.52 1.95 0.54
C ALA A 57 0.83 1.62 -0.91
N ILE A 58 0.81 0.33 -1.22
CA ILE A 58 1.10 -0.23 -2.53
C ILE A 58 -0.11 -1.13 -2.81
N GLN A 59 -1.03 -0.61 -3.61
CA GLN A 59 -2.08 -1.28 -4.38
C GLN A 59 -1.47 -2.33 -5.33
N GLN A 60 -2.30 -3.09 -6.03
CA GLN A 60 -1.87 -4.08 -7.01
C GLN A 60 -3.07 -4.45 -7.90
N LYS A 61 -2.87 -4.61 -9.23
CA LYS A 61 -3.97 -4.94 -10.16
C LYS A 61 -3.46 -5.79 -11.32
N ARG A 62 -3.92 -7.04 -11.41
CA ARG A 62 -3.44 -8.03 -12.37
C ARG A 62 -4.44 -9.16 -12.61
N PRO A 63 -4.25 -9.96 -13.67
CA PRO A 63 -4.96 -11.22 -13.82
C PRO A 63 -4.45 -12.24 -12.81
N VAL A 64 -5.27 -13.26 -12.60
CA VAL A 64 -5.00 -14.45 -11.79
C VAL A 64 -4.03 -15.40 -12.51
N SER A 65 -3.88 -16.62 -11.97
CA SER A 65 -3.08 -17.71 -12.49
C SER A 65 -3.92 -19.01 -12.45
N ASP A 66 -3.37 -20.08 -13.01
CA ASP A 66 -4.06 -21.30 -13.38
C ASP A 66 -4.40 -22.16 -12.16
N GLU A 67 -3.62 -22.04 -11.08
CA GLU A 67 -3.94 -22.61 -9.77
C GLU A 67 -5.37 -22.25 -9.37
N LEU A 68 -5.64 -20.95 -9.33
CA LEU A 68 -6.90 -20.41 -8.87
C LEU A 68 -7.99 -20.68 -9.91
N LYS A 69 -7.68 -20.72 -11.21
CA LYS A 69 -8.65 -21.06 -12.24
C LYS A 69 -9.27 -22.41 -11.93
N THR A 70 -8.47 -23.37 -11.45
CA THR A 70 -8.95 -24.69 -11.07
C THR A 70 -10.06 -24.56 -10.00
N TYR A 71 -9.88 -23.73 -8.96
CA TYR A 71 -10.90 -23.54 -7.93
C TYR A 71 -12.17 -22.91 -8.53
N ILE A 72 -11.99 -21.92 -9.40
CA ILE A 72 -13.06 -21.15 -10.02
C ILE A 72 -13.87 -22.06 -10.95
N ASP A 73 -13.23 -23.06 -11.58
CA ASP A 73 -13.87 -24.08 -12.38
C ASP A 73 -14.82 -24.89 -11.49
N GLN A 74 -14.27 -25.45 -10.41
CA GLN A 74 -14.98 -26.32 -9.47
C GLN A 74 -16.17 -25.59 -8.82
N HIS A 75 -15.89 -24.48 -8.13
CA HIS A 75 -16.89 -23.71 -7.41
C HIS A 75 -17.47 -22.67 -8.36
N GLY A 76 -16.77 -21.55 -8.55
CA GLY A 76 -17.28 -20.35 -9.19
C GLY A 76 -16.76 -19.12 -8.46
N VAL A 77 -16.82 -17.95 -9.09
CA VAL A 77 -16.37 -16.69 -8.50
C VAL A 77 -17.07 -16.39 -7.16
N GLU A 78 -18.32 -16.82 -7.01
CA GLU A 78 -19.11 -16.65 -5.78
C GLU A 78 -18.36 -17.12 -4.53
N GLU A 79 -17.66 -18.25 -4.63
CA GLU A 79 -16.91 -18.80 -3.50
C GLU A 79 -15.45 -18.33 -3.53
N THR A 80 -14.92 -18.01 -4.71
CA THR A 80 -13.50 -17.80 -4.90
C THR A 80 -12.98 -16.61 -4.07
N GLN A 81 -13.65 -15.46 -4.07
CA GLN A 81 -13.26 -14.34 -3.20
C GLN A 81 -13.04 -14.83 -1.75
N LYS A 82 -13.98 -15.59 -1.20
CA LYS A 82 -13.92 -16.09 0.18
C LYS A 82 -12.66 -16.92 0.40
N ALA A 83 -12.37 -17.82 -0.54
CA ALA A 83 -11.18 -18.65 -0.52
C ALA A 83 -9.89 -17.81 -0.54
N LEU A 84 -9.76 -16.78 -1.39
CA LEU A 84 -8.62 -15.87 -1.39
C LEU A 84 -8.40 -15.25 -0.01
N LEU A 85 -9.43 -14.68 0.61
CA LEU A 85 -9.27 -14.02 1.90
C LEU A 85 -8.77 -15.01 2.94
N GLU A 86 -9.31 -16.22 2.92
CA GLU A 86 -8.88 -17.29 3.79
C GLU A 86 -7.44 -17.74 3.54
N ALA A 87 -6.98 -17.64 2.29
CA ALA A 87 -5.59 -17.90 1.93
C ALA A 87 -4.65 -16.95 2.65
N GLU A 88 -5.14 -15.76 3.03
CA GLU A 88 -4.34 -14.78 3.73
C GLU A 88 -4.21 -15.17 5.20
N GLU A 89 -5.26 -15.70 5.84
CA GLU A 89 -5.22 -16.03 7.28
C GLU A 89 -4.30 -17.22 7.55
N LYS A 90 -3.95 -18.00 6.52
CA LYS A 90 -3.12 -19.19 6.62
C LYS A 90 -1.74 -19.02 5.96
N ASP A 91 -1.44 -17.84 5.43
CA ASP A 91 -0.12 -17.51 4.86
C ASP A 91 0.80 -17.10 6.01
N LYS A 92 1.85 -17.89 6.31
CA LYS A 92 2.70 -17.56 7.46
C LYS A 92 3.50 -16.28 7.23
N SER A 93 3.77 -15.89 5.99
CA SER A 93 4.46 -14.65 5.67
C SER A 93 3.52 -13.46 5.96
N ILE A 94 2.21 -13.59 5.69
CA ILE A 94 1.22 -12.57 6.06
C ILE A 94 1.07 -12.54 7.57
N ILE A 95 1.03 -13.69 8.26
CA ILE A 95 0.96 -13.73 9.72
C ILE A 95 2.17 -12.96 10.29
N GLU A 96 3.39 -13.25 9.82
CA GLU A 96 4.59 -12.59 10.29
C GLU A 96 4.51 -11.06 10.09
N ALA A 97 3.96 -10.62 8.96
CA ALA A 97 3.70 -9.20 8.70
C ALA A 97 2.70 -8.62 9.70
N ARG A 98 1.56 -9.29 9.90
CA ARG A 98 0.47 -8.79 10.72
C ARG A 98 0.80 -8.68 12.21
N LYS A 99 1.98 -9.10 12.68
CA LYS A 99 2.42 -8.75 14.03
C LYS A 99 2.64 -7.23 14.17
N LEU A 100 2.99 -6.52 13.08
CA LEU A 100 3.32 -5.12 13.16
C LEU A 100 2.02 -4.36 13.38
N ALA A 101 2.04 -3.40 14.31
CA ALA A 101 0.84 -2.64 14.69
C ALA A 101 0.60 -1.44 13.77
N GLY A 102 1.13 -1.53 12.55
CA GLY A 102 1.09 -0.52 11.51
C GLY A 102 1.32 -1.17 10.14
N PHE A 103 0.81 -2.40 9.92
CA PHE A 103 0.79 -3.08 8.64
C PHE A 103 -0.65 -3.49 8.36
N LYS A 104 -1.11 -3.42 7.10
CA LYS A 104 -2.41 -3.97 6.70
C LYS A 104 -2.31 -4.49 5.28
N LEU A 105 -3.07 -5.54 4.99
CA LEU A 105 -3.18 -6.16 3.66
C LEU A 105 -4.65 -6.38 3.35
N GLU A 106 -5.19 -5.92 2.22
CA GLU A 106 -6.49 -6.39 1.72
C GLU A 106 -6.29 -6.96 0.32
N THR A 107 -7.00 -8.05 0.03
CA THR A 107 -7.03 -8.78 -1.21
C THR A 107 -8.49 -8.93 -1.60
N LYS A 108 -8.84 -8.74 -2.87
CA LYS A 108 -10.18 -9.05 -3.35
C LYS A 108 -10.15 -9.64 -4.74
N LEU A 109 -11.19 -10.39 -5.10
CA LEU A 109 -11.31 -10.96 -6.43
C LEU A 109 -12.20 -10.03 -7.26
N LEU A 110 -11.59 -9.23 -8.14
CA LEU A 110 -12.30 -8.26 -8.97
C LEU A 110 -13.16 -8.96 -10.03
N SER A 111 -12.78 -10.12 -10.55
CA SER A 111 -13.59 -10.93 -11.47
C SER A 111 -13.13 -12.39 -11.42
N ALA A 112 -13.82 -13.30 -12.10
CA ALA A 112 -13.44 -14.71 -12.27
C ALA A 112 -12.01 -14.92 -12.80
N THR A 113 -11.36 -13.87 -13.29
CA THR A 113 -10.05 -13.89 -13.94
C THR A 113 -9.10 -12.84 -13.35
N GLU A 114 -9.47 -12.10 -12.28
CA GLU A 114 -8.80 -10.85 -11.95
C GLU A 114 -8.80 -10.60 -10.43
N LEU A 115 -7.68 -10.16 -9.82
CA LEU A 115 -7.59 -9.92 -8.38
C LEU A 115 -6.77 -8.69 -8.02
N GLN A 116 -7.25 -7.94 -7.02
CA GLN A 116 -6.58 -6.78 -6.48
C GLN A 116 -5.84 -7.20 -5.21
N THR A 117 -4.81 -6.45 -4.83
CA THR A 117 -4.30 -6.47 -3.47
C THR A 117 -3.89 -5.05 -3.08
N THR A 118 -3.70 -4.75 -1.79
CA THR A 118 -3.15 -3.50 -1.33
C THR A 118 -2.50 -3.74 0.02
N THR A 119 -1.33 -3.15 0.23
CA THR A 119 -0.43 -3.39 1.34
C THR A 119 -0.12 -2.00 1.91
N SER A 120 -0.58 -1.65 3.11
CA SER A 120 -0.40 -0.33 3.72
C SER A 120 0.57 -0.42 4.91
N PHE A 121 1.46 0.57 5.06
CA PHE A 121 2.36 0.76 6.18
C PHE A 121 1.98 2.07 6.86
N ASP A 122 2.00 2.05 8.18
CA ASP A 122 1.57 3.12 9.06
C ASP A 122 2.81 3.57 9.81
N PHE A 123 3.73 4.30 9.17
CA PHE A 123 5.04 4.69 9.71
C PHE A 123 5.03 5.37 11.09
N GLN A 124 3.87 5.74 11.63
CA GLN A 124 3.74 6.16 13.03
C GLN A 124 4.02 4.98 13.99
N VAL A 125 3.57 3.78 13.63
CA VAL A 125 3.54 2.55 14.44
C VAL A 125 4.13 1.34 13.68
N LEU A 126 4.52 1.50 12.42
CA LEU A 126 5.21 0.47 11.68
C LEU A 126 6.66 0.44 12.17
N ASP A 127 7.14 -0.77 12.43
CA ASP A 127 8.47 -1.00 12.96
C ASP A 127 9.35 -1.23 11.75
N VAL A 128 9.81 -0.14 11.13
CA VAL A 128 10.50 -0.10 9.84
C VAL A 128 11.55 -1.19 9.77
N LYS A 129 12.33 -1.34 10.84
CA LYS A 129 13.44 -2.27 10.97
C LYS A 129 12.99 -3.71 10.71
N LYS A 130 11.80 -4.07 11.17
CA LYS A 130 11.16 -5.33 10.89
C LYS A 130 10.45 -5.28 9.54
N ALA A 131 9.71 -4.22 9.17
CA ALA A 131 9.04 -4.22 7.87
C ALA A 131 9.99 -4.26 6.67
N SER A 132 11.28 -4.02 6.87
CA SER A 132 12.33 -4.11 5.87
C SER A 132 12.73 -5.58 5.57
N GLN A 133 12.28 -6.56 6.37
CA GLN A 133 12.87 -7.92 6.36
C GLN A 133 11.86 -9.05 6.15
N LEU A 134 10.56 -8.78 5.95
CA LEU A 134 9.51 -9.80 6.11
C LEU A 134 9.14 -10.45 4.79
N GLU A 135 10.12 -11.07 4.12
CA GLU A 135 10.03 -11.87 2.89
C GLU A 135 9.28 -11.16 1.76
N HIS A 136 7.96 -11.10 1.83
CA HIS A 136 7.08 -10.18 1.13
C HIS A 136 7.73 -8.79 1.21
N LEU A 137 7.90 -8.33 2.45
CA LEU A 137 8.33 -6.99 2.77
C LEU A 137 9.87 -7.02 2.87
N LYS A 138 10.54 -7.57 1.87
CA LYS A 138 11.95 -7.31 1.58
C LYS A 138 12.11 -6.52 0.30
N ASN A 139 11.30 -6.83 -0.71
CA ASN A 139 11.60 -6.44 -2.09
C ASN A 139 11.36 -4.95 -2.30
N ILE A 140 10.50 -4.37 -1.46
CA ILE A 140 10.20 -2.94 -1.30
C ILE A 140 11.51 -2.22 -0.92
N GLY A 141 11.58 -0.91 -1.09
CA GLY A 141 12.64 -0.06 -0.59
C GLY A 141 12.07 0.69 0.60
N LEU A 142 11.88 0.00 1.73
CA LEU A 142 11.35 0.58 2.97
C LEU A 142 12.31 1.65 3.48
N GLU A 143 13.53 1.28 3.85
CA GLU A 143 14.54 2.19 4.38
C GLU A 143 14.90 3.25 3.32
N ASN A 144 15.04 2.82 2.07
CA ASN A 144 15.35 3.69 0.94
C ASN A 144 14.30 4.77 0.69
N LEU A 145 13.08 4.60 1.19
CA LEU A 145 12.03 5.61 1.11
C LEU A 145 12.32 6.73 2.09
N LEU A 146 12.69 6.37 3.32
CA LEU A 146 12.68 7.28 4.46
C LEU A 146 13.78 8.32 4.44
N LYS A 147 14.76 8.14 3.56
CA LYS A 147 16.01 8.86 3.59
C LYS A 147 16.02 10.12 2.72
N ASN A 148 14.83 10.56 2.33
CA ASN A 148 14.51 11.74 1.53
C ASN A 148 13.06 12.13 1.78
N GLU A 149 12.69 13.32 1.29
CA GLU A 149 11.37 13.91 1.48
C GLU A 149 10.28 13.05 0.83
N PRO A 150 9.03 13.15 1.31
CA PRO A 150 7.87 12.54 0.72
C PRO A 150 7.60 13.02 -0.70
N SER A 151 8.11 14.19 -1.10
CA SER A 151 7.83 14.86 -2.37
C SER A 151 9.00 14.72 -3.34
N LYS A 152 10.24 14.78 -2.86
CA LYS A 152 11.44 14.72 -3.69
C LYS A 152 11.35 13.57 -4.70
N TYR A 153 10.97 12.39 -4.22
CA TYR A 153 10.99 11.18 -5.02
C TYR A 153 9.78 11.03 -5.95
N ILE A 154 8.69 11.77 -5.71
CA ILE A 154 7.53 11.82 -6.61
C ILE A 154 7.98 12.34 -7.97
N SER A 155 8.84 13.36 -7.96
CA SER A 155 9.45 13.90 -9.15
C SER A 155 10.29 12.82 -9.85
N ASP A 156 11.10 12.08 -9.08
CA ASP A 156 11.96 10.99 -9.54
C ASP A 156 11.13 9.85 -10.17
N ARG A 157 9.93 9.60 -9.65
CA ARG A 157 8.98 8.62 -10.20
C ARG A 157 8.52 9.02 -11.58
N LEU A 158 7.92 10.19 -11.76
CA LEU A 158 7.60 10.66 -13.10
C LEU A 158 8.83 10.74 -14.02
N ALA A 159 10.03 10.89 -13.47
CA ALA A 159 11.28 10.81 -14.21
C ALA A 159 11.69 9.38 -14.57
N ASN A 160 11.11 8.35 -13.95
CA ASN A 160 11.40 6.93 -14.11
C ASN A 160 10.24 6.16 -14.76
N GLY A 161 9.36 6.87 -15.48
CA GLY A 161 8.33 6.28 -16.33
C GLY A 161 6.92 6.50 -15.81
N ALA A 162 6.75 7.23 -14.71
CA ALA A 162 5.52 7.24 -13.94
C ALA A 162 4.66 8.47 -14.19
N THR A 163 3.53 8.54 -13.49
CA THR A 163 2.44 9.47 -13.72
C THR A 163 1.69 9.74 -12.39
N GLU A 164 0.59 10.52 -12.36
CA GLU A 164 -0.06 11.00 -11.14
C GLU A 164 -1.57 10.93 -11.27
N GLN A 165 -2.30 11.23 -10.19
CA GLN A 165 -3.77 11.19 -10.19
C GLN A 165 -4.29 12.29 -9.25
N GLY A 1 -45.14 -30.43 -9.91
CA GLY A 1 -44.63 -31.79 -9.66
C GLY A 1 -43.41 -31.60 -8.79
N PRO A 2 -42.19 -31.55 -9.36
CA PRO A 2 -41.14 -30.74 -8.75
C PRO A 2 -41.59 -29.26 -8.75
N ALA A 3 -40.90 -28.43 -7.96
CA ALA A 3 -40.92 -26.98 -7.95
C ALA A 3 -39.64 -26.52 -7.22
N THR A 4 -39.27 -25.24 -7.33
CA THR A 4 -38.20 -24.62 -6.53
C THR A 4 -38.37 -23.10 -6.61
N LYS A 5 -37.50 -22.33 -5.95
CA LYS A 5 -37.24 -20.90 -6.09
C LYS A 5 -35.81 -20.63 -5.61
N THR A 6 -35.31 -19.41 -5.81
CA THR A 6 -34.07 -18.88 -5.30
C THR A 6 -34.34 -17.44 -4.86
N GLU A 7 -33.51 -16.85 -4.00
CA GLU A 7 -33.56 -15.44 -3.65
C GLU A 7 -32.15 -14.93 -3.33
N LYS A 8 -31.91 -13.63 -3.53
CA LYS A 8 -30.70 -12.89 -3.19
C LYS A 8 -31.14 -11.56 -2.53
N ASP A 9 -30.21 -10.74 -2.06
CA ASP A 9 -30.46 -9.51 -1.30
C ASP A 9 -29.68 -8.34 -1.91
N THR A 10 -29.87 -7.13 -1.37
CA THR A 10 -29.05 -5.97 -1.70
C THR A 10 -28.85 -5.06 -0.48
N LEU A 11 -27.89 -5.43 0.38
CA LEU A 11 -27.45 -4.60 1.50
C LEU A 11 -26.81 -3.30 0.97
N GLN A 12 -26.79 -2.24 1.80
CA GLN A 12 -26.20 -0.93 1.47
C GLN A 12 -25.27 -0.46 2.60
N SER A 13 -24.62 0.69 2.43
CA SER A 13 -23.64 1.26 3.36
C SER A 13 -23.84 2.77 3.47
N ALA A 14 -23.02 3.47 4.27
CA ALA A 14 -23.04 4.91 4.48
C ALA A 14 -21.79 5.57 3.86
N LEU A 15 -21.59 6.88 4.07
CA LEU A 15 -20.44 7.65 3.59
C LEU A 15 -19.80 8.45 4.74
N PRO A 16 -18.53 8.88 4.58
CA PRO A 16 -17.82 9.70 5.57
C PRO A 16 -18.35 11.13 5.65
N VAL A 17 -17.98 11.84 6.72
CA VAL A 17 -18.34 13.23 6.96
C VAL A 17 -17.14 14.15 6.69
N ILE A 18 -17.29 15.46 6.88
CA ILE A 18 -16.25 16.47 6.73
C ILE A 18 -16.28 17.32 8.01
N GLU A 19 -15.19 17.99 8.33
CA GLU A 19 -15.08 18.89 9.46
C GLU A 19 -14.02 19.97 9.16
N ASN A 20 -13.88 20.95 10.04
CA ASN A 20 -12.76 21.90 10.06
C ASN A 20 -12.36 22.15 11.50
N ALA A 21 -11.09 22.48 11.71
CA ALA A 21 -10.50 22.93 12.95
C ALA A 21 -9.16 23.60 12.62
N GLU A 22 -8.57 24.29 13.59
CA GLU A 22 -7.20 24.80 13.49
C GLU A 22 -6.23 23.64 13.75
N LYS A 23 -6.01 22.81 12.73
CA LYS A 23 -5.07 21.71 12.75
C LYS A 23 -4.27 21.76 11.43
N ASN A 24 -3.34 20.83 11.20
CA ASN A 24 -2.53 20.89 9.99
C ASN A 24 -3.39 20.45 8.79
N THR A 25 -2.79 20.40 7.61
CA THR A 25 -3.35 19.75 6.43
C THR A 25 -2.80 18.33 6.33
N VAL A 26 -3.37 17.53 5.43
CA VAL A 26 -2.93 16.18 5.09
C VAL A 26 -3.08 16.07 3.59
N VAL A 27 -1.98 15.94 2.86
CA VAL A 27 -2.00 15.64 1.46
C VAL A 27 -1.96 14.13 1.25
N THR A 28 -2.25 13.72 0.03
CA THR A 28 -2.08 12.35 -0.42
C THR A 28 -1.63 12.45 -1.88
N LYS A 29 -0.75 11.56 -2.33
CA LYS A 29 -0.25 11.50 -3.69
C LYS A 29 -0.49 10.10 -4.21
N THR A 30 -0.92 9.97 -5.45
CA THR A 30 -1.20 8.69 -6.09
C THR A 30 -0.44 8.62 -7.38
N LEU A 31 0.48 7.67 -7.42
CA LEU A 31 1.42 7.47 -8.51
C LEU A 31 0.95 6.29 -9.33
N VAL A 32 0.59 6.57 -10.58
CA VAL A 32 0.17 5.60 -11.58
C VAL A 32 1.45 5.10 -12.22
N LEU A 33 2.05 4.04 -11.66
CA LEU A 33 3.19 3.38 -12.30
C LEU A 33 2.66 2.65 -13.54
N PRO A 34 3.41 2.59 -14.67
CA PRO A 34 2.86 2.14 -15.94
C PRO A 34 2.49 0.65 -15.96
N LYS A 35 1.80 0.20 -17.03
CA LYS A 35 1.53 -1.22 -17.23
C LYS A 35 2.83 -1.94 -17.53
N SER A 36 2.94 -3.11 -16.93
CA SER A 36 4.03 -4.06 -17.09
C SER A 36 3.84 -4.79 -18.41
N ASP A 37 4.17 -4.13 -19.51
CA ASP A 37 3.84 -4.49 -20.88
C ASP A 37 2.33 -4.29 -21.07
N ASP A 38 1.52 -5.07 -20.35
CA ASP A 38 0.07 -5.12 -20.47
C ASP A 38 -0.48 -6.15 -19.48
N GLY A 39 -0.96 -5.74 -18.32
CA GLY A 39 -1.73 -6.63 -17.44
C GLY A 39 -1.32 -6.44 -16.01
N SER A 40 -0.04 -6.66 -15.72
CA SER A 40 0.48 -6.37 -14.39
C SER A 40 0.54 -4.85 -14.25
N GLN A 41 -0.19 -4.34 -13.28
CA GLN A 41 -0.31 -2.93 -12.97
C GLN A 41 -0.20 -2.75 -11.46
N GLN A 42 0.11 -1.54 -11.04
CA GLN A 42 0.28 -1.17 -9.65
C GLN A 42 0.12 0.34 -9.52
N THR A 43 -0.08 0.79 -8.29
CA THR A 43 -0.19 2.20 -7.93
C THR A 43 0.59 2.40 -6.62
N GLN A 44 0.87 3.63 -6.19
CA GLN A 44 1.43 3.93 -4.88
C GLN A 44 0.70 5.13 -4.29
N THR A 45 0.06 4.92 -3.14
CA THR A 45 -0.58 5.95 -2.33
C THR A 45 0.45 6.44 -1.30
N ILE A 46 0.56 7.75 -1.10
CA ILE A 46 1.60 8.36 -0.30
C ILE A 46 0.98 9.54 0.46
N THR A 47 0.55 9.31 1.70
CA THR A 47 0.03 10.39 2.56
C THR A 47 1.21 11.18 3.12
N TYR A 48 1.19 12.51 3.06
CA TYR A 48 2.14 13.27 3.87
C TYR A 48 1.53 14.58 4.38
N LYS A 49 2.24 15.30 5.24
CA LYS A 49 1.80 16.60 5.76
C LYS A 49 2.88 17.59 6.17
N ASP A 50 4.13 17.15 6.11
CA ASP A 50 5.28 18.02 6.42
C ASP A 50 6.45 17.50 5.57
N LYS A 51 7.23 16.53 6.07
CA LYS A 51 8.37 15.94 5.36
C LYS A 51 8.71 14.53 5.85
N THR A 52 7.79 13.83 6.50
CA THR A 52 7.88 12.38 6.69
C THR A 52 6.85 11.68 5.82
N PHE A 53 7.01 10.37 5.72
CA PHE A 53 6.07 9.44 5.17
C PHE A 53 5.10 9.08 6.30
N LEU A 54 3.87 9.62 6.32
CA LEU A 54 2.92 9.29 7.36
C LEU A 54 2.22 7.96 7.10
N SER A 55 1.88 7.68 5.85
CA SER A 55 1.28 6.40 5.47
C SER A 55 1.69 6.13 4.01
N LEU A 56 1.91 4.87 3.67
CA LEU A 56 2.32 4.40 2.35
C LEU A 56 1.45 3.19 2.03
N ALA A 57 0.96 3.05 0.80
CA ALA A 57 0.17 1.90 0.38
C ALA A 57 0.48 1.61 -1.08
N ILE A 58 1.34 0.61 -1.33
CA ILE A 58 1.62 0.10 -2.68
C ILE A 58 0.45 -0.80 -3.10
N GLN A 59 -0.23 -0.46 -4.19
CA GLN A 59 -1.28 -1.28 -4.83
C GLN A 59 -0.63 -2.38 -5.66
N GLN A 60 -1.40 -3.39 -6.05
CA GLN A 60 -1.06 -4.34 -7.10
C GLN A 60 -2.33 -4.73 -7.84
N LYS A 61 -2.19 -5.22 -9.06
CA LYS A 61 -3.28 -5.68 -9.93
C LYS A 61 -2.66 -6.51 -11.04
N ARG A 62 -3.18 -7.70 -11.33
CA ARG A 62 -2.68 -8.53 -12.43
C ARG A 62 -3.70 -9.61 -12.81
N PRO A 63 -3.55 -10.23 -13.99
CA PRO A 63 -4.33 -11.40 -14.34
C PRO A 63 -3.83 -12.64 -13.59
N VAL A 64 -4.67 -13.68 -13.55
CA VAL A 64 -4.34 -14.99 -12.98
C VAL A 64 -3.88 -15.97 -14.08
N SER A 65 -3.79 -17.26 -13.75
CA SER A 65 -3.66 -18.35 -14.71
C SER A 65 -4.43 -19.55 -14.15
N ASP A 66 -4.14 -20.73 -14.69
CA ASP A 66 -5.00 -21.91 -14.66
C ASP A 66 -5.12 -22.55 -13.28
N GLU A 67 -4.19 -22.23 -12.38
CA GLU A 67 -4.20 -22.65 -10.99
C GLU A 67 -5.53 -22.21 -10.39
N LEU A 68 -5.73 -20.90 -10.32
CA LEU A 68 -6.84 -20.30 -9.60
C LEU A 68 -8.15 -20.66 -10.29
N LYS A 69 -8.17 -20.75 -11.62
CA LYS A 69 -9.36 -21.11 -12.35
C LYS A 69 -9.87 -22.49 -11.92
N THR A 70 -9.00 -23.45 -11.58
CA THR A 70 -9.45 -24.74 -11.05
C THR A 70 -10.33 -24.54 -9.81
N TYR A 71 -9.92 -23.68 -8.86
CA TYR A 71 -10.70 -23.43 -7.66
C TYR A 71 -12.05 -22.78 -8.01
N ILE A 72 -12.04 -21.82 -8.94
CA ILE A 72 -13.23 -21.08 -9.35
C ILE A 72 -14.21 -22.07 -9.97
N ASP A 73 -13.74 -22.98 -10.81
CA ASP A 73 -14.56 -23.93 -11.54
C ASP A 73 -15.25 -24.88 -10.57
N GLN A 74 -14.56 -25.35 -9.54
CA GLN A 74 -15.16 -26.09 -8.42
C GLN A 74 -16.19 -25.24 -7.68
N HIS A 75 -15.77 -24.09 -7.16
CA HIS A 75 -16.50 -23.33 -6.16
C HIS A 75 -17.36 -22.24 -6.82
N GLY A 76 -16.79 -21.11 -7.19
CA GLY A 76 -17.51 -20.00 -7.80
C GLY A 76 -16.63 -18.75 -7.82
N VAL A 77 -17.12 -17.69 -8.45
CA VAL A 77 -16.44 -16.40 -8.53
C VAL A 77 -16.61 -15.65 -7.20
N GLU A 78 -17.76 -15.80 -6.53
CA GLU A 78 -17.93 -15.22 -5.20
C GLU A 78 -17.01 -15.86 -4.17
N GLU A 79 -16.88 -17.19 -4.22
CA GLU A 79 -16.04 -18.00 -3.35
C GLU A 79 -14.57 -17.58 -3.46
N THR A 80 -14.14 -17.21 -4.67
CA THR A 80 -12.76 -16.81 -4.89
C THR A 80 -12.38 -15.60 -4.04
N GLN A 81 -13.29 -14.64 -3.82
CA GLN A 81 -12.98 -13.49 -2.98
C GLN A 81 -12.64 -14.01 -1.58
N LYS A 82 -13.49 -14.86 -0.97
CA LYS A 82 -13.25 -15.38 0.38
C LYS A 82 -11.90 -16.09 0.41
N ALA A 83 -11.66 -16.89 -0.63
CA ALA A 83 -10.47 -17.72 -0.74
C ALA A 83 -9.18 -16.91 -0.73
N LEU A 84 -9.20 -15.64 -1.12
CA LEU A 84 -8.01 -14.79 -1.05
C LEU A 84 -7.64 -14.57 0.41
N LEU A 85 -8.59 -14.08 1.21
CA LEU A 85 -8.30 -13.64 2.57
C LEU A 85 -7.76 -14.82 3.38
N GLU A 86 -8.46 -15.95 3.24
CA GLU A 86 -8.14 -17.22 3.84
C GLU A 86 -6.74 -17.72 3.46
N ALA A 87 -6.29 -17.47 2.24
CA ALA A 87 -4.96 -17.85 1.79
C ALA A 87 -3.90 -17.00 2.50
N GLU A 88 -4.17 -15.69 2.64
CA GLU A 88 -3.19 -14.78 3.22
C GLU A 88 -3.04 -15.05 4.71
N GLU A 89 -4.16 -15.15 5.44
CA GLU A 89 -4.19 -15.27 6.89
C GLU A 89 -3.53 -16.58 7.37
N LYS A 90 -3.50 -17.61 6.53
CA LYS A 90 -2.82 -18.87 6.79
C LYS A 90 -1.31 -18.76 6.68
N ASP A 91 -0.79 -17.77 5.95
CA ASP A 91 0.59 -17.82 5.49
C ASP A 91 1.55 -17.39 6.58
N LYS A 92 2.52 -18.23 6.94
CA LYS A 92 3.52 -17.90 7.95
C LYS A 92 4.21 -16.58 7.64
N SER A 93 4.48 -16.31 6.37
CA SER A 93 5.15 -15.12 5.90
C SER A 93 4.33 -13.86 6.22
N ILE A 94 3.00 -13.98 6.14
CA ILE A 94 2.09 -12.85 6.27
C ILE A 94 1.74 -12.64 7.75
N ILE A 95 1.54 -13.73 8.50
CA ILE A 95 1.31 -13.74 9.95
C ILE A 95 2.41 -12.98 10.67
N GLU A 96 3.65 -13.08 10.16
CA GLU A 96 4.76 -12.31 10.72
C GLU A 96 4.49 -10.80 10.71
N ALA A 97 4.21 -10.21 9.54
CA ALA A 97 4.01 -8.76 9.44
C ALA A 97 2.80 -8.31 10.25
N ARG A 98 1.77 -9.14 10.34
CA ARG A 98 0.55 -8.91 11.11
C ARG A 98 0.78 -8.63 12.60
N LYS A 99 1.98 -8.85 13.14
CA LYS A 99 2.30 -8.38 14.49
C LYS A 99 2.29 -6.85 14.54
N LEU A 100 2.87 -6.18 13.53
CA LEU A 100 3.13 -4.74 13.53
C LEU A 100 1.82 -3.97 13.54
N ALA A 101 1.73 -2.91 14.34
CA ALA A 101 0.48 -2.19 14.61
C ALA A 101 0.16 -1.10 13.59
N GLY A 102 0.73 -1.23 12.41
CA GLY A 102 0.52 -0.41 11.23
C GLY A 102 0.61 -1.23 9.94
N PHE A 103 0.82 -2.55 10.00
CA PHE A 103 0.79 -3.38 8.78
C PHE A 103 -0.67 -3.73 8.47
N LYS A 104 -1.08 -3.66 7.20
CA LYS A 104 -2.37 -4.14 6.72
C LYS A 104 -2.23 -4.74 5.32
N LEU A 105 -3.18 -5.61 4.98
CA LEU A 105 -3.26 -6.31 3.70
C LEU A 105 -4.74 -6.42 3.34
N GLU A 106 -5.11 -6.16 2.09
CA GLU A 106 -6.43 -6.49 1.55
C GLU A 106 -6.32 -6.88 0.08
N THR A 107 -6.43 -8.17 -0.21
CA THR A 107 -6.62 -8.72 -1.55
C THR A 107 -8.09 -8.59 -1.95
N LYS A 108 -8.39 -8.31 -3.23
CA LYS A 108 -9.73 -8.30 -3.79
C LYS A 108 -9.71 -9.00 -5.14
N LEU A 109 -10.80 -9.71 -5.44
CA LEU A 109 -11.03 -10.34 -6.72
C LEU A 109 -11.76 -9.36 -7.64
N LEU A 110 -11.07 -8.80 -8.63
CA LEU A 110 -11.72 -7.91 -9.59
C LEU A 110 -12.63 -8.69 -10.54
N SER A 111 -12.17 -9.84 -11.03
CA SER A 111 -12.95 -10.71 -11.89
C SER A 111 -12.49 -12.16 -11.72
N ALA A 112 -13.22 -13.11 -12.31
CA ALA A 112 -12.84 -14.51 -12.42
C ALA A 112 -11.43 -14.71 -13.01
N THR A 113 -10.83 -13.69 -13.64
CA THR A 113 -9.58 -13.76 -14.39
C THR A 113 -8.54 -12.73 -13.89
N GLU A 114 -8.82 -11.95 -12.84
CA GLU A 114 -8.01 -10.78 -12.46
C GLU A 114 -8.20 -10.45 -10.98
N LEU A 115 -7.13 -10.02 -10.29
CA LEU A 115 -7.17 -9.62 -8.88
C LEU A 115 -6.54 -8.27 -8.67
N GLN A 116 -6.68 -7.75 -7.46
CA GLN A 116 -6.00 -6.58 -6.98
C GLN A 116 -5.61 -6.77 -5.51
N THR A 117 -4.61 -6.05 -5.02
CA THR A 117 -4.16 -6.09 -3.63
C THR A 117 -3.62 -4.71 -3.26
N THR A 118 -3.35 -4.42 -1.97
CA THR A 118 -2.81 -3.13 -1.53
C THR A 118 -2.11 -3.30 -0.18
N THR A 119 -0.80 -3.46 -0.19
CA THR A 119 -0.03 -3.66 1.03
C THR A 119 0.06 -2.28 1.68
N SER A 120 -0.60 -2.15 2.84
CA SER A 120 -0.82 -0.91 3.54
C SER A 120 0.14 -0.82 4.73
N PHE A 121 0.72 0.37 4.91
CA PHE A 121 1.77 0.65 5.85
C PHE A 121 1.44 1.97 6.53
N ASP A 122 0.87 1.90 7.73
CA ASP A 122 0.62 3.03 8.62
C ASP A 122 1.94 3.41 9.27
N PHE A 123 2.75 4.20 8.58
CA PHE A 123 4.10 4.57 8.99
C PHE A 123 4.13 5.25 10.36
N GLN A 124 3.03 5.89 10.77
CA GLN A 124 2.88 6.49 12.10
C GLN A 124 3.09 5.48 13.25
N VAL A 125 2.97 4.18 12.98
CA VAL A 125 3.01 3.10 13.98
C VAL A 125 3.81 1.87 13.51
N LEU A 126 4.00 1.65 12.21
CA LEU A 126 4.73 0.50 11.68
C LEU A 126 6.23 0.58 12.05
N ASP A 127 6.77 -0.44 12.73
CA ASP A 127 8.14 -0.50 13.22
C ASP A 127 9.05 -0.80 12.02
N VAL A 128 9.47 0.23 11.28
CA VAL A 128 10.29 0.10 10.07
C VAL A 128 11.49 -0.82 10.28
N LYS A 129 12.11 -0.78 11.47
CA LYS A 129 13.31 -1.57 11.76
C LYS A 129 13.01 -3.03 11.54
N LYS A 130 11.94 -3.49 12.17
CA LYS A 130 11.49 -4.86 12.11
C LYS A 130 10.69 -5.14 10.85
N ALA A 131 10.15 -4.13 10.17
CA ALA A 131 9.46 -4.29 8.90
C ALA A 131 10.42 -4.76 7.80
N SER A 132 11.57 -4.10 7.64
CA SER A 132 12.48 -4.32 6.51
C SER A 132 13.04 -5.75 6.44
N GLN A 133 12.98 -6.49 7.54
CA GLN A 133 13.60 -7.80 7.72
C GLN A 133 12.57 -8.94 7.54
N LEU A 134 11.33 -8.63 7.17
CA LEU A 134 10.26 -9.62 7.00
C LEU A 134 10.38 -10.28 5.63
N GLU A 135 9.99 -11.55 5.53
CA GLU A 135 10.04 -12.33 4.30
C GLU A 135 9.12 -11.74 3.24
N HIS A 136 7.98 -11.16 3.63
CA HIS A 136 7.12 -10.45 2.68
C HIS A 136 7.84 -9.18 2.19
N LEU A 137 8.31 -8.34 3.12
CA LEU A 137 8.63 -6.94 2.84
C LEU A 137 10.07 -6.69 2.39
N LYS A 138 10.96 -7.67 2.41
CA LYS A 138 12.39 -7.47 2.21
C LYS A 138 12.70 -6.93 0.83
N ASN A 139 11.90 -7.33 -0.17
CA ASN A 139 12.06 -6.85 -1.53
C ASN A 139 11.73 -5.36 -1.69
N ILE A 140 10.97 -4.80 -0.77
CA ILE A 140 10.59 -3.40 -0.74
C ILE A 140 11.68 -2.71 0.09
N GLY A 141 12.09 -1.52 -0.31
CA GLY A 141 13.15 -0.79 0.37
C GLY A 141 12.58 0.03 1.50
N LEU A 142 11.93 -0.63 2.48
CA LEU A 142 11.21 -0.02 3.60
C LEU A 142 12.04 1.05 4.32
N GLU A 143 13.16 0.66 4.89
CA GLU A 143 13.99 1.59 5.65
C GLU A 143 14.78 2.57 4.79
N ASN A 144 14.87 2.25 3.52
CA ASN A 144 15.52 3.07 2.50
C ASN A 144 14.56 4.13 1.96
N LEU A 145 13.25 3.89 2.05
CA LEU A 145 12.18 4.84 1.78
C LEU A 145 12.24 5.90 2.88
N LEU A 146 12.29 5.48 4.15
CA LEU A 146 12.28 6.37 5.31
C LEU A 146 13.68 6.99 5.58
N LYS A 147 14.31 7.55 4.55
CA LYS A 147 15.61 8.21 4.59
C LYS A 147 15.59 9.53 3.80
N ASN A 148 14.41 9.95 3.35
CA ASN A 148 14.22 11.10 2.50
C ASN A 148 12.87 11.73 2.78
N GLU A 149 12.66 12.92 2.21
CA GLU A 149 11.35 13.57 2.23
C GLU A 149 10.37 12.74 1.40
N PRO A 150 9.06 12.82 1.67
CA PRO A 150 8.07 12.04 0.94
C PRO A 150 8.15 12.27 -0.56
N SER A 151 8.48 13.51 -0.97
CA SER A 151 8.48 13.91 -2.37
C SER A 151 9.75 13.49 -3.09
N LYS A 152 10.91 13.22 -2.43
CA LYS A 152 12.13 12.93 -3.20
C LYS A 152 11.88 11.84 -4.24
N TYR A 153 11.30 10.72 -3.82
CA TYR A 153 11.16 9.59 -4.73
C TYR A 153 9.98 9.77 -5.71
N ILE A 154 8.94 10.51 -5.31
CA ILE A 154 7.80 10.95 -6.16
C ILE A 154 8.36 11.66 -7.39
N SER A 155 9.36 12.52 -7.21
CA SER A 155 9.96 13.32 -8.27
C SER A 155 10.79 12.48 -9.26
N ASP A 156 11.11 11.22 -8.94
CA ASP A 156 11.61 10.26 -9.94
C ASP A 156 10.46 9.57 -10.65
N ARG A 157 9.33 9.33 -9.95
CA ARG A 157 8.21 8.55 -10.50
C ARG A 157 7.73 9.08 -11.84
N LEU A 158 7.33 10.35 -11.92
CA LEU A 158 6.91 11.00 -13.14
C LEU A 158 7.99 10.83 -14.22
N ALA A 159 9.27 11.02 -13.89
CA ALA A 159 10.38 10.86 -14.83
C ALA A 159 10.49 9.41 -15.34
N ASN A 160 10.23 8.42 -14.48
CA ASN A 160 10.19 6.99 -14.81
C ASN A 160 9.01 6.63 -15.73
N GLY A 161 8.22 7.60 -16.20
CA GLY A 161 7.04 7.36 -17.02
C GLY A 161 5.84 6.96 -16.17
N ALA A 162 5.87 7.17 -14.85
CA ALA A 162 4.65 7.14 -14.07
C ALA A 162 3.82 8.37 -14.43
N THR A 163 2.67 8.48 -13.81
CA THR A 163 1.89 9.70 -13.76
C THR A 163 1.52 9.94 -12.30
N GLU A 164 0.96 11.10 -11.98
CA GLU A 164 0.06 11.18 -10.87
C GLU A 164 -1.36 10.98 -11.38
N GLN A 165 -2.18 10.56 -10.43
CA GLN A 165 -3.60 10.85 -10.39
C GLN A 165 -3.70 12.13 -9.57
N GLY A 1 29.99 -5.73 16.19
CA GLY A 1 29.16 -6.89 16.53
C GLY A 1 27.92 -6.43 17.26
N PRO A 2 26.85 -6.07 16.54
CA PRO A 2 25.68 -5.47 17.14
C PRO A 2 24.88 -6.50 17.94
N ALA A 3 24.07 -6.03 18.89
CA ALA A 3 23.07 -6.81 19.59
C ALA A 3 21.88 -5.89 19.82
N THR A 4 20.66 -6.34 19.53
CA THR A 4 19.43 -5.63 19.83
C THR A 4 18.42 -6.68 20.30
N LYS A 5 17.50 -6.33 21.22
CA LYS A 5 16.37 -7.20 21.54
C LYS A 5 15.19 -6.82 20.66
N THR A 6 14.21 -7.72 20.56
CA THR A 6 12.96 -7.53 19.86
C THR A 6 11.83 -7.82 20.84
N GLU A 7 10.74 -7.08 20.72
CA GLU A 7 9.66 -6.94 21.68
C GLU A 7 8.32 -6.96 20.92
N LYS A 8 7.20 -6.56 21.54
CA LYS A 8 5.91 -6.44 20.88
C LYS A 8 5.25 -5.10 21.21
N ASP A 9 4.02 -4.93 20.75
CA ASP A 9 3.10 -3.84 21.04
C ASP A 9 1.71 -4.47 21.19
N THR A 10 0.73 -3.67 21.58
CA THR A 10 -0.68 -3.95 21.34
C THR A 10 -1.33 -2.61 20.94
N LEU A 11 -0.76 -1.96 19.92
CA LEU A 11 -1.29 -0.73 19.36
C LEU A 11 -2.43 -1.05 18.39
N GLN A 12 -3.11 -0.01 17.91
CA GLN A 12 -4.11 -0.08 16.85
C GLN A 12 -3.82 1.01 15.83
N SER A 13 -4.54 0.96 14.71
CA SER A 13 -4.44 1.83 13.55
C SER A 13 -5.83 2.37 13.21
N ALA A 14 -5.93 3.30 12.26
CA ALA A 14 -7.18 3.82 11.69
C ALA A 14 -6.97 4.12 10.21
N LEU A 15 -7.88 4.88 9.57
CA LEU A 15 -7.80 5.29 8.15
C LEU A 15 -7.47 6.79 8.06
N PRO A 16 -6.95 7.29 6.92
CA PRO A 16 -6.58 8.70 6.75
C PRO A 16 -7.81 9.61 6.68
N VAL A 17 -7.59 10.93 6.71
CA VAL A 17 -8.61 11.96 6.68
C VAL A 17 -8.34 12.82 5.44
N ILE A 18 -9.35 12.98 4.58
CA ILE A 18 -9.31 13.80 3.37
C ILE A 18 -9.12 15.28 3.74
N GLU A 19 -8.03 15.90 3.27
CA GLU A 19 -7.83 17.35 3.37
C GLU A 19 -6.83 17.84 2.30
N ASN A 20 -6.63 19.16 2.23
CA ASN A 20 -5.61 19.93 1.49
C ASN A 20 -5.86 21.38 1.87
N ALA A 21 -4.84 22.14 2.28
CA ALA A 21 -4.89 23.57 2.59
C ALA A 21 -3.47 24.07 2.88
N GLU A 22 -3.34 25.40 3.08
CA GLU A 22 -2.19 26.17 3.53
C GLU A 22 -1.74 25.83 4.98
N LYS A 23 -2.00 24.63 5.47
CA LYS A 23 -1.76 24.22 6.85
C LYS A 23 -1.40 22.75 6.91
N ASN A 24 -1.02 22.31 8.10
CA ASN A 24 -0.53 20.98 8.45
C ASN A 24 -1.55 19.87 8.17
N THR A 25 -1.66 19.46 6.92
CA THR A 25 -2.75 18.63 6.41
C THR A 25 -2.20 17.25 6.09
N VAL A 26 -2.89 16.21 6.57
CA VAL A 26 -2.76 14.87 6.03
C VAL A 26 -3.15 14.98 4.55
N VAL A 27 -2.20 14.75 3.67
CA VAL A 27 -2.39 14.76 2.23
C VAL A 27 -2.17 13.37 1.67
N THR A 28 -2.41 13.21 0.38
CA THR A 28 -2.48 11.94 -0.31
C THR A 28 -2.04 12.14 -1.77
N LYS A 29 -0.74 11.98 -2.05
CA LYS A 29 -0.28 11.90 -3.44
C LYS A 29 -0.63 10.51 -3.94
N THR A 30 -1.04 10.43 -5.19
CA THR A 30 -1.57 9.23 -5.84
C THR A 30 -0.70 9.02 -7.08
N LEU A 31 0.10 7.95 -7.15
CA LEU A 31 1.03 7.70 -8.26
C LEU A 31 0.61 6.44 -9.01
N VAL A 32 0.21 6.61 -10.27
CA VAL A 32 0.03 5.55 -11.24
C VAL A 32 1.43 5.16 -11.70
N LEU A 33 2.00 4.12 -11.08
CA LEU A 33 3.24 3.52 -11.58
C LEU A 33 2.95 2.85 -12.92
N PRO A 34 3.94 2.68 -13.79
CA PRO A 34 3.76 1.97 -15.05
C PRO A 34 3.53 0.48 -14.80
N LYS A 35 3.08 -0.23 -15.84
CA LYS A 35 3.08 -1.68 -15.90
C LYS A 35 4.45 -2.22 -15.45
N SER A 36 4.46 -3.27 -14.64
CA SER A 36 5.64 -4.12 -14.49
C SER A 36 5.84 -4.95 -15.77
N ASP A 37 6.54 -6.07 -15.65
CA ASP A 37 7.07 -6.87 -16.74
C ASP A 37 6.21 -8.12 -17.00
N ASP A 38 4.88 -8.07 -16.77
CA ASP A 38 4.01 -9.26 -16.95
C ASP A 38 2.59 -8.98 -17.45
N GLY A 39 2.07 -7.78 -17.32
CA GLY A 39 0.63 -7.51 -17.35
C GLY A 39 0.07 -7.24 -15.95
N SER A 40 0.93 -6.98 -14.97
CA SER A 40 0.57 -6.34 -13.74
C SER A 40 0.11 -4.92 -14.09
N GLN A 41 -0.66 -4.37 -13.17
CA GLN A 41 -0.89 -2.97 -13.02
C GLN A 41 -0.75 -2.70 -11.51
N GLN A 42 -0.06 -1.64 -11.08
CA GLN A 42 -0.08 -1.25 -9.68
C GLN A 42 0.02 0.26 -9.56
N THR A 43 -0.50 0.80 -8.47
CA THR A 43 -0.53 2.21 -8.14
C THR A 43 0.00 2.35 -6.71
N GLN A 44 0.46 3.54 -6.29
CA GLN A 44 0.87 3.82 -4.92
C GLN A 44 0.13 5.05 -4.43
N THR A 45 0.01 5.18 -3.10
CA THR A 45 -0.56 6.33 -2.41
C THR A 45 0.44 6.73 -1.32
N ILE A 46 0.73 8.02 -1.19
CA ILE A 46 1.82 8.54 -0.39
C ILE A 46 1.21 9.62 0.50
N THR A 47 1.09 9.30 1.79
CA THR A 47 0.41 10.12 2.77
C THR A 47 1.46 10.79 3.66
N TYR A 48 1.40 12.11 3.78
CA TYR A 48 2.34 12.86 4.63
C TYR A 48 1.66 14.11 5.20
N LYS A 49 2.36 14.89 6.03
CA LYS A 49 1.88 16.22 6.44
C LYS A 49 2.94 17.30 6.68
N ASP A 50 4.21 16.96 6.58
CA ASP A 50 5.30 17.95 6.62
C ASP A 50 6.38 17.57 5.61
N LYS A 51 7.34 16.73 5.98
CA LYS A 51 8.38 16.18 5.13
C LYS A 51 8.75 14.77 5.61
N THR A 52 7.77 14.01 6.07
CA THR A 52 7.96 12.64 6.56
C THR A 52 6.85 11.76 6.01
N PHE A 53 7.18 10.52 5.61
CA PHE A 53 6.21 9.52 5.16
C PHE A 53 5.41 9.07 6.38
N LEU A 54 4.14 9.49 6.49
CA LEU A 54 3.25 9.03 7.57
C LEU A 54 2.75 7.62 7.27
N SER A 55 2.41 7.36 6.01
CA SER A 55 1.93 6.07 5.54
C SER A 55 2.11 5.98 4.02
N LEU A 56 2.07 4.75 3.51
CA LEU A 56 2.32 4.40 2.12
C LEU A 56 1.45 3.19 1.80
N ALA A 57 0.44 3.36 0.95
CA ALA A 57 -0.39 2.27 0.48
C ALA A 57 0.09 1.90 -0.92
N ILE A 58 0.35 0.62 -1.17
CA ILE A 58 0.77 0.11 -2.46
C ILE A 58 -0.31 -0.85 -2.92
N GLN A 59 -1.11 -0.36 -3.86
CA GLN A 59 -2.07 -1.18 -4.58
C GLN A 59 -1.33 -2.20 -5.42
N GLN A 60 -2.07 -3.17 -5.91
CA GLN A 60 -1.61 -4.25 -6.78
C GLN A 60 -2.80 -4.78 -7.58
N LYS A 61 -2.55 -5.23 -8.80
CA LYS A 61 -3.46 -5.97 -9.66
C LYS A 61 -2.63 -6.84 -10.60
N ARG A 62 -2.99 -8.12 -10.78
CA ARG A 62 -2.47 -8.98 -11.85
C ARG A 62 -3.59 -9.85 -12.42
N PRO A 63 -3.47 -10.36 -13.67
CA PRO A 63 -4.47 -11.24 -14.23
C PRO A 63 -4.37 -12.61 -13.56
N VAL A 64 -5.46 -13.38 -13.63
CA VAL A 64 -5.52 -14.75 -13.11
C VAL A 64 -5.75 -15.65 -14.33
N SER A 65 -5.28 -16.89 -14.30
CA SER A 65 -5.57 -17.85 -15.36
C SER A 65 -5.04 -19.26 -15.13
N ASP A 66 -4.62 -19.57 -13.92
CA ASP A 66 -3.84 -20.80 -13.70
C ASP A 66 -4.13 -21.41 -12.35
N GLU A 67 -3.66 -20.79 -11.26
CA GLU A 67 -3.99 -21.16 -9.89
C GLU A 67 -5.51 -21.08 -9.74
N LEU A 68 -6.01 -19.85 -9.92
CA LEU A 68 -7.34 -19.45 -9.55
C LEU A 68 -8.39 -20.09 -10.45
N LYS A 69 -8.00 -20.35 -11.70
CA LYS A 69 -8.80 -21.07 -12.67
C LYS A 69 -9.22 -22.45 -12.19
N THR A 70 -8.49 -23.06 -11.26
CA THR A 70 -8.95 -24.25 -10.57
C THR A 70 -9.98 -23.89 -9.49
N TYR A 71 -9.73 -22.91 -8.61
CA TYR A 71 -10.69 -22.61 -7.55
C TYR A 71 -12.05 -22.16 -8.10
N ILE A 72 -12.08 -21.35 -9.17
CA ILE A 72 -13.29 -20.84 -9.79
C ILE A 72 -14.10 -22.01 -10.38
N ASP A 73 -13.44 -23.13 -10.65
CA ASP A 73 -14.00 -24.36 -11.17
C ASP A 73 -14.51 -25.21 -10.00
N GLN A 74 -13.70 -25.37 -8.94
CA GLN A 74 -13.99 -26.18 -7.75
C GLN A 74 -15.16 -25.66 -6.92
N HIS A 75 -15.39 -24.35 -6.97
CA HIS A 75 -16.48 -23.68 -6.30
C HIS A 75 -17.21 -22.81 -7.33
N GLY A 76 -16.66 -21.63 -7.60
CA GLY A 76 -17.31 -20.60 -8.38
C GLY A 76 -16.76 -19.24 -7.98
N VAL A 77 -17.08 -18.23 -8.78
CA VAL A 77 -16.58 -16.89 -8.67
C VAL A 77 -16.89 -16.28 -7.29
N GLU A 78 -18.06 -16.53 -6.69
CA GLU A 78 -18.43 -15.92 -5.43
C GLU A 78 -17.49 -16.40 -4.32
N GLU A 79 -17.29 -17.72 -4.26
CA GLU A 79 -16.39 -18.34 -3.29
C GLU A 79 -14.94 -17.96 -3.58
N THR A 80 -14.60 -17.61 -4.83
CA THR A 80 -13.22 -17.26 -5.19
C THR A 80 -12.76 -16.00 -4.44
N GLN A 81 -13.67 -15.07 -4.10
CA GLN A 81 -13.29 -13.98 -3.20
C GLN A 81 -12.81 -14.54 -1.85
N LYS A 82 -13.60 -15.43 -1.24
CA LYS A 82 -13.28 -16.07 0.04
C LYS A 82 -11.87 -16.67 -0.01
N ALA A 83 -11.55 -17.35 -1.10
CA ALA A 83 -10.25 -17.98 -1.33
C ALA A 83 -9.11 -16.98 -1.17
N LEU A 84 -9.27 -15.76 -1.70
CA LEU A 84 -8.24 -14.73 -1.62
C LEU A 84 -8.03 -14.34 -0.17
N LEU A 85 -9.11 -13.99 0.53
CA LEU A 85 -9.06 -13.50 1.91
C LEU A 85 -8.40 -14.53 2.81
N GLU A 86 -8.82 -15.79 2.66
CA GLU A 86 -8.26 -16.93 3.37
C GLU A 86 -6.74 -17.05 3.20
N ALA A 87 -6.24 -16.82 1.98
CA ALA A 87 -4.82 -16.93 1.72
C ALA A 87 -4.04 -15.95 2.58
N GLU A 88 -4.60 -14.77 2.85
CA GLU A 88 -3.96 -13.74 3.64
C GLU A 88 -4.00 -14.02 5.14
N GLU A 89 -4.96 -14.84 5.59
CA GLU A 89 -4.94 -15.32 6.96
C GLU A 89 -3.83 -16.36 7.14
N LYS A 90 -3.49 -17.13 6.10
CA LYS A 90 -2.71 -18.36 6.25
C LYS A 90 -1.30 -18.27 5.70
N ASP A 91 -0.99 -17.29 4.86
CA ASP A 91 0.35 -17.14 4.28
C ASP A 91 1.35 -16.88 5.39
N LYS A 92 2.38 -17.73 5.49
CA LYS A 92 3.36 -17.65 6.58
C LYS A 92 4.11 -16.33 6.65
N SER A 93 4.27 -15.61 5.53
CA SER A 93 4.86 -14.29 5.54
C SER A 93 3.80 -13.29 6.02
N ILE A 94 2.61 -13.27 5.41
CA ILE A 94 1.55 -12.33 5.77
C ILE A 94 1.24 -12.43 7.27
N ILE A 95 1.21 -13.63 7.84
CA ILE A 95 1.10 -13.91 9.27
C ILE A 95 2.13 -13.11 10.06
N GLU A 96 3.41 -13.30 9.76
CA GLU A 96 4.50 -12.64 10.49
C GLU A 96 4.35 -11.11 10.44
N ALA A 97 3.79 -10.57 9.35
CA ALA A 97 3.55 -9.15 9.20
C ALA A 97 2.49 -8.64 10.17
N ARG A 98 1.46 -9.42 10.50
CA ARG A 98 0.34 -8.95 11.33
C ARG A 98 0.73 -8.80 12.80
N LYS A 99 1.94 -9.19 13.19
CA LYS A 99 2.53 -8.81 14.47
C LYS A 99 2.82 -7.30 14.52
N LEU A 100 2.65 -6.55 13.43
CA LEU A 100 2.93 -5.13 13.35
C LEU A 100 1.58 -4.43 13.30
N ALA A 101 1.34 -3.50 14.20
CA ALA A 101 0.04 -2.81 14.30
C ALA A 101 -0.08 -1.62 13.34
N GLY A 102 0.73 -1.67 12.30
CA GLY A 102 1.03 -0.65 11.33
C GLY A 102 1.18 -1.29 9.96
N PHE A 103 0.75 -2.53 9.79
CA PHE A 103 0.78 -3.30 8.56
C PHE A 103 -0.67 -3.69 8.25
N LYS A 104 -1.07 -3.53 6.99
CA LYS A 104 -2.36 -3.99 6.51
C LYS A 104 -2.18 -4.60 5.14
N LEU A 105 -3.13 -5.45 4.80
CA LEU A 105 -3.23 -6.14 3.53
C LEU A 105 -4.72 -6.40 3.30
N GLU A 106 -5.29 -5.81 2.25
CA GLU A 106 -6.66 -6.05 1.85
C GLU A 106 -6.66 -6.63 0.43
N THR A 107 -7.69 -7.40 0.10
CA THR A 107 -7.75 -8.19 -1.13
C THR A 107 -9.15 -8.11 -1.72
N LYS A 108 -9.31 -8.35 -3.02
CA LYS A 108 -10.60 -8.32 -3.68
C LYS A 108 -10.55 -9.14 -4.96
N LEU A 109 -11.69 -9.72 -5.33
CA LEU A 109 -11.91 -10.31 -6.64
C LEU A 109 -12.59 -9.24 -7.49
N LEU A 110 -12.04 -8.90 -8.65
CA LEU A 110 -12.66 -7.94 -9.57
C LEU A 110 -13.59 -8.65 -10.55
N SER A 111 -13.21 -9.86 -11.00
CA SER A 111 -13.82 -10.59 -12.10
C SER A 111 -13.50 -12.09 -11.93
N ALA A 112 -14.00 -12.95 -12.80
CA ALA A 112 -13.48 -14.33 -12.96
C ALA A 112 -12.06 -14.37 -13.55
N THR A 113 -11.45 -13.22 -13.85
CA THR A 113 -10.28 -13.07 -14.69
C THR A 113 -9.24 -12.09 -14.09
N GLU A 114 -9.58 -11.43 -12.97
CA GLU A 114 -8.81 -10.34 -12.37
C GLU A 114 -9.04 -10.36 -10.86
N LEU A 115 -7.94 -10.22 -10.10
CA LEU A 115 -7.95 -9.98 -8.66
C LEU A 115 -7.23 -8.66 -8.36
N GLN A 116 -7.37 -8.18 -7.14
CA GLN A 116 -6.81 -6.90 -6.71
C GLN A 116 -6.36 -7.05 -5.26
N THR A 117 -5.32 -6.32 -4.87
CA THR A 117 -4.73 -6.37 -3.53
C THR A 117 -4.17 -4.99 -3.21
N THR A 118 -3.99 -4.65 -1.93
CA THR A 118 -3.38 -3.41 -1.49
C THR A 118 -2.70 -3.68 -0.15
N THR A 119 -1.37 -3.63 -0.11
CA THR A 119 -0.60 -3.65 1.12
C THR A 119 -0.43 -2.21 1.57
N SER A 120 -0.81 -1.90 2.81
CA SER A 120 -0.77 -0.54 3.35
C SER A 120 0.12 -0.50 4.58
N PHE A 121 1.08 0.42 4.58
CA PHE A 121 2.15 0.55 5.55
C PHE A 121 1.92 1.84 6.36
N ASP A 122 1.40 1.71 7.58
CA ASP A 122 1.23 2.81 8.52
C ASP A 122 2.59 3.04 9.19
N PHE A 123 3.45 3.82 8.54
CA PHE A 123 4.83 4.05 9.00
C PHE A 123 4.90 4.52 10.46
N GLN A 124 3.89 5.25 10.93
CA GLN A 124 3.80 5.76 12.30
C GLN A 124 4.01 4.62 13.31
N VAL A 125 3.14 3.62 13.23
CA VAL A 125 3.06 2.48 14.13
C VAL A 125 4.01 1.35 13.70
N LEU A 126 4.53 1.38 12.47
CA LEU A 126 5.36 0.31 11.92
C LEU A 126 6.66 0.18 12.70
N ASP A 127 6.93 -1.00 13.27
CA ASP A 127 8.26 -1.39 13.75
C ASP A 127 9.12 -1.63 12.50
N VAL A 128 9.52 -0.57 11.80
CA VAL A 128 10.36 -0.57 10.60
C VAL A 128 11.59 -1.47 10.82
N LYS A 129 12.16 -1.47 12.03
CA LYS A 129 13.35 -2.25 12.39
C LYS A 129 13.13 -3.75 12.18
N LYS A 130 11.96 -4.24 12.59
CA LYS A 130 11.58 -5.64 12.45
C LYS A 130 10.83 -5.88 11.15
N ALA A 131 10.35 -4.84 10.48
CA ALA A 131 9.72 -4.92 9.16
C ALA A 131 10.76 -5.17 8.07
N SER A 132 11.88 -4.44 8.06
CA SER A 132 12.84 -4.45 6.95
C SER A 132 13.49 -5.82 6.74
N GLN A 133 13.50 -6.64 7.79
CA GLN A 133 14.12 -7.96 7.84
C GLN A 133 13.20 -9.05 7.29
N LEU A 134 11.98 -8.70 6.88
CA LEU A 134 10.95 -9.63 6.43
C LEU A 134 11.06 -9.82 4.93
N GLU A 135 11.04 -11.07 4.48
CA GLU A 135 11.05 -11.44 3.07
C GLU A 135 9.84 -10.89 2.30
N HIS A 136 8.79 -10.51 3.02
CA HIS A 136 7.66 -9.72 2.56
C HIS A 136 7.92 -8.27 2.23
N LEU A 137 8.85 -7.59 2.91
CA LEU A 137 8.97 -6.14 2.79
C LEU A 137 10.32 -5.71 2.25
N LYS A 138 11.31 -6.61 2.32
CA LYS A 138 12.69 -6.46 1.89
C LYS A 138 12.74 -5.85 0.51
N ASN A 139 11.88 -6.33 -0.40
CA ASN A 139 12.00 -6.01 -1.81
C ASN A 139 11.44 -4.63 -2.16
N ILE A 140 10.73 -3.96 -1.26
CA ILE A 140 9.91 -2.78 -1.63
C ILE A 140 10.74 -1.49 -1.54
N GLY A 141 12.03 -1.60 -1.29
CA GLY A 141 12.86 -0.43 -0.97
C GLY A 141 12.36 0.28 0.27
N LEU A 142 11.84 -0.47 1.25
CA LEU A 142 11.25 0.05 2.49
C LEU A 142 12.20 1.06 3.15
N GLU A 143 13.44 0.65 3.39
CA GLU A 143 14.41 1.51 4.08
C GLU A 143 14.92 2.62 3.17
N ASN A 144 15.11 2.33 1.87
CA ASN A 144 15.57 3.31 0.90
C ASN A 144 14.62 4.50 0.81
N LEU A 145 13.32 4.22 0.80
CA LEU A 145 12.25 5.23 0.74
C LEU A 145 12.34 6.15 1.95
N LEU A 146 12.49 5.60 3.15
CA LEU A 146 12.60 6.35 4.39
C LEU A 146 13.89 7.20 4.48
N LYS A 147 14.66 7.35 3.40
CA LYS A 147 15.78 8.27 3.29
C LYS A 147 15.55 9.21 2.08
N ASN A 148 14.38 9.86 2.03
CA ASN A 148 14.16 11.10 1.28
C ASN A 148 12.93 11.82 1.82
N GLU A 149 12.65 13.05 1.34
CA GLU A 149 11.44 13.79 1.72
C GLU A 149 10.24 13.12 1.00
N PRO A 150 9.01 13.19 1.52
CA PRO A 150 7.90 12.42 0.98
C PRO A 150 7.51 12.78 -0.45
N SER A 151 7.92 13.95 -0.95
CA SER A 151 7.62 14.41 -2.31
C SER A 151 8.89 14.51 -3.17
N LYS A 152 10.06 14.15 -2.63
CA LYS A 152 11.31 14.23 -3.36
C LYS A 152 11.35 13.12 -4.41
N TYR A 153 11.08 11.86 -4.05
CA TYR A 153 11.11 10.80 -5.05
C TYR A 153 9.88 10.79 -5.96
N ILE A 154 8.80 11.46 -5.58
CA ILE A 154 7.54 11.46 -6.32
C ILE A 154 7.78 11.91 -7.75
N SER A 155 8.41 13.07 -7.95
CA SER A 155 8.60 13.62 -9.28
C SER A 155 9.52 12.74 -10.10
N ASP A 156 10.48 12.11 -9.42
CA ASP A 156 11.44 11.19 -9.99
C ASP A 156 10.77 9.93 -10.52
N ARG A 157 9.68 9.48 -9.88
CA ARG A 157 8.92 8.35 -10.40
C ARG A 157 8.31 8.71 -11.76
N LEU A 158 7.70 9.89 -11.93
CA LEU A 158 7.19 10.31 -13.23
C LEU A 158 8.31 10.36 -14.27
N ALA A 159 9.48 10.89 -13.89
CA ALA A 159 10.66 10.92 -14.74
C ALA A 159 11.25 9.53 -15.03
N ASN A 160 10.75 8.49 -14.37
CA ASN A 160 11.06 7.09 -14.58
C ASN A 160 9.80 6.35 -15.11
N GLY A 161 8.82 7.07 -15.67
CA GLY A 161 7.72 6.45 -16.42
C GLY A 161 6.43 6.31 -15.62
N ALA A 162 6.29 6.95 -14.46
CA ALA A 162 5.03 6.97 -13.71
C ALA A 162 4.15 8.16 -14.14
N THR A 163 2.99 8.29 -13.52
CA THR A 163 2.07 9.41 -13.61
C THR A 163 1.41 9.62 -12.25
N GLU A 164 0.65 10.70 -12.09
CA GLU A 164 -0.20 10.94 -10.94
C GLU A 164 -1.66 10.71 -11.26
N GLN A 165 -2.46 10.69 -10.19
CA GLN A 165 -3.86 11.05 -10.20
C GLN A 165 -4.02 12.30 -9.37
N GLY A 1 56.29 60.99 23.81
CA GLY A 1 55.42 61.09 24.99
C GLY A 1 54.83 59.72 25.27
N PRO A 2 53.66 59.63 25.93
CA PRO A 2 52.85 58.42 25.86
C PRO A 2 52.41 58.17 24.41
N ALA A 3 51.83 57.00 24.15
CA ALA A 3 51.25 56.62 22.86
C ALA A 3 49.98 55.84 23.16
N THR A 4 48.84 56.36 22.72
CA THR A 4 47.53 55.76 22.91
C THR A 4 47.39 54.57 21.95
N LYS A 5 47.87 53.38 22.33
CA LYS A 5 47.44 52.17 21.62
C LYS A 5 45.96 51.90 21.95
N THR A 6 45.31 51.03 21.19
CA THR A 6 44.09 50.38 21.59
C THR A 6 43.95 49.11 20.75
N GLU A 7 43.00 48.26 21.12
CA GLU A 7 42.70 46.97 20.50
C GLU A 7 41.23 46.99 20.04
N LYS A 8 40.73 45.87 19.53
CA LYS A 8 39.37 45.72 19.02
C LYS A 8 38.97 44.24 19.05
N ASP A 9 37.70 43.97 18.82
CA ASP A 9 37.15 42.68 18.41
C ASP A 9 36.70 42.79 16.95
N THR A 10 36.04 41.76 16.42
CA THR A 10 35.29 41.77 15.17
C THR A 10 34.37 40.54 15.17
N LEU A 11 33.57 40.36 16.24
CA LEU A 11 32.69 39.22 16.40
C LEU A 11 31.49 39.27 15.44
N GLN A 12 30.62 38.26 15.51
CA GLN A 12 29.41 38.12 14.71
C GLN A 12 28.30 37.59 15.63
N SER A 13 27.06 37.53 15.16
CA SER A 13 25.91 37.07 15.94
C SER A 13 24.88 36.43 15.00
N ALA A 14 23.72 36.05 15.55
CA ALA A 14 22.66 35.31 14.88
C ALA A 14 21.32 36.04 15.04
N LEU A 15 20.22 35.39 14.62
CA LEU A 15 18.85 35.88 14.70
C LEU A 15 17.97 34.86 15.45
N PRO A 16 16.80 35.24 15.95
CA PRO A 16 15.88 34.33 16.63
C PRO A 16 15.14 33.39 15.66
N VAL A 17 14.50 32.37 16.22
CA VAL A 17 13.49 31.57 15.55
C VAL A 17 12.26 32.46 15.29
N ILE A 18 11.45 32.12 14.28
CA ILE A 18 10.19 32.78 13.94
C ILE A 18 9.23 31.68 13.51
N GLU A 19 7.95 31.77 13.88
CA GLU A 19 6.92 30.88 13.38
C GLU A 19 5.52 31.49 13.50
N ASN A 20 4.51 30.74 13.04
CA ASN A 20 3.09 31.04 13.18
C ASN A 20 2.30 29.74 13.09
N ALA A 21 0.98 29.83 13.19
CA ALA A 21 0.06 28.71 13.23
C ALA A 21 -0.18 28.13 11.83
N GLU A 22 0.82 27.44 11.29
CA GLU A 22 0.65 26.71 10.05
C GLU A 22 -0.02 25.37 10.35
N LYS A 23 -1.35 25.38 10.43
CA LYS A 23 -2.20 24.20 10.53
C LYS A 23 -2.06 23.40 9.25
N ASN A 24 -1.14 22.44 9.20
CA ASN A 24 -0.89 21.68 7.98
C ASN A 24 -1.95 20.58 7.82
N THR A 25 -2.05 20.00 6.63
CA THR A 25 -3.14 19.13 6.19
C THR A 25 -2.61 17.74 5.84
N VAL A 26 -3.45 16.71 6.00
CA VAL A 26 -3.16 15.35 5.54
C VAL A 26 -3.40 15.36 4.03
N VAL A 27 -2.34 15.37 3.21
CA VAL A 27 -2.47 15.04 1.82
C VAL A 27 -2.35 13.53 1.63
N THR A 28 -2.72 13.06 0.45
CA THR A 28 -2.52 11.72 -0.05
C THR A 28 -2.14 11.89 -1.52
N LYS A 29 -0.84 11.93 -1.83
CA LYS A 29 -0.36 11.83 -3.21
C LYS A 29 -0.58 10.40 -3.68
N THR A 30 -0.70 10.20 -4.98
CA THR A 30 -1.06 8.93 -5.58
C THR A 30 -0.37 8.84 -6.95
N LEU A 31 0.10 7.66 -7.37
CA LEU A 31 0.87 7.48 -8.62
C LEU A 31 0.41 6.22 -9.36
N VAL A 32 0.36 6.31 -10.68
CA VAL A 32 0.12 5.21 -11.61
C VAL A 32 1.47 4.74 -12.11
N LEU A 33 1.94 3.59 -11.64
CA LEU A 33 3.20 2.99 -12.04
C LEU A 33 3.01 2.15 -13.31
N PRO A 34 4.09 1.88 -14.08
CA PRO A 34 4.04 1.04 -15.27
C PRO A 34 3.76 -0.43 -14.90
N LYS A 35 3.69 -1.32 -15.89
CA LYS A 35 3.44 -2.74 -15.63
C LYS A 35 4.59 -3.36 -14.86
N SER A 36 4.36 -4.60 -14.46
CA SER A 36 5.25 -5.44 -13.68
C SER A 36 5.60 -6.67 -14.52
N ASP A 37 5.88 -6.47 -15.81
CA ASP A 37 6.18 -7.50 -16.81
C ASP A 37 4.92 -8.30 -17.15
N ASP A 38 4.43 -9.10 -16.20
CA ASP A 38 3.45 -10.18 -16.38
C ASP A 38 2.03 -9.72 -16.70
N GLY A 39 1.82 -8.41 -16.84
CA GLY A 39 0.50 -7.82 -17.03
C GLY A 39 -0.12 -7.46 -15.68
N SER A 40 0.71 -7.15 -14.68
CA SER A 40 0.29 -6.74 -13.35
C SER A 40 0.60 -5.24 -13.28
N GLN A 41 -0.17 -4.48 -12.50
CA GLN A 41 0.01 -3.06 -12.29
C GLN A 41 -0.36 -2.73 -10.85
N GLN A 42 0.20 -1.64 -10.36
CA GLN A 42 0.13 -1.17 -9.00
C GLN A 42 -0.06 0.34 -9.02
N THR A 43 -0.71 0.85 -7.99
CA THR A 43 -0.73 2.28 -7.65
C THR A 43 0.18 2.41 -6.42
N GLN A 44 0.75 3.58 -6.16
CA GLN A 44 1.48 3.86 -4.92
C GLN A 44 0.88 5.10 -4.29
N THR A 45 0.66 5.08 -2.98
CA THR A 45 -0.10 6.11 -2.28
C THR A 45 0.68 6.64 -1.07
N ILE A 46 0.82 7.97 -0.96
CA ILE A 46 1.86 8.65 -0.21
C ILE A 46 1.17 9.71 0.66
N THR A 47 0.87 9.35 1.90
CA THR A 47 0.26 10.25 2.87
C THR A 47 1.36 11.12 3.47
N TYR A 48 1.24 12.44 3.42
CA TYR A 48 2.14 13.30 4.18
C TYR A 48 1.39 14.52 4.72
N LYS A 49 2.01 15.26 5.64
CA LYS A 49 1.42 16.47 6.23
C LYS A 49 2.42 17.50 6.71
N ASP A 50 3.71 17.32 6.46
CA ASP A 50 4.76 18.26 6.84
C ASP A 50 5.95 18.02 5.90
N LYS A 51 6.83 17.08 6.25
CA LYS A 51 8.14 16.82 5.64
C LYS A 51 8.60 15.36 5.88
N THR A 52 7.73 14.46 6.33
CA THR A 52 8.05 13.03 6.52
C THR A 52 7.04 12.14 5.81
N PHE A 53 7.36 10.85 5.71
CA PHE A 53 6.44 9.80 5.29
C PHE A 53 5.62 9.40 6.49
N LEU A 54 4.36 9.84 6.59
CA LEU A 54 3.48 9.40 7.66
C LEU A 54 2.93 8.01 7.36
N SER A 55 2.67 7.68 6.09
CA SER A 55 2.36 6.32 5.68
C SER A 55 2.65 6.16 4.19
N LEU A 56 2.88 4.93 3.75
CA LEU A 56 3.04 4.57 2.36
C LEU A 56 2.10 3.38 2.11
N ALA A 57 1.48 3.30 0.94
CA ALA A 57 0.62 2.19 0.56
C ALA A 57 0.87 1.84 -0.90
N ILE A 58 0.53 0.62 -1.30
CA ILE A 58 0.78 0.08 -2.63
C ILE A 58 -0.46 -0.74 -3.01
N GLN A 59 -1.22 -0.28 -4.00
CA GLN A 59 -2.32 -1.07 -4.58
C GLN A 59 -1.73 -2.13 -5.52
N GLN A 60 -2.47 -3.17 -5.86
CA GLN A 60 -2.07 -4.20 -6.82
C GLN A 60 -3.30 -4.60 -7.65
N LYS A 61 -3.11 -4.98 -8.91
CA LYS A 61 -4.12 -5.45 -9.84
C LYS A 61 -3.40 -6.29 -10.89
N ARG A 62 -3.91 -7.47 -11.26
CA ARG A 62 -3.42 -8.27 -12.38
C ARG A 62 -4.47 -9.29 -12.82
N PRO A 63 -4.31 -9.91 -14.00
CA PRO A 63 -5.12 -11.08 -14.32
C PRO A 63 -4.83 -12.23 -13.34
N VAL A 64 -5.76 -13.18 -13.32
CA VAL A 64 -5.56 -14.51 -12.75
C VAL A 64 -4.73 -15.38 -13.72
N SER A 65 -4.70 -16.69 -13.48
CA SER A 65 -4.12 -17.70 -14.34
C SER A 65 -5.08 -18.88 -14.39
N ASP A 66 -4.77 -19.93 -15.16
CA ASP A 66 -5.77 -20.92 -15.55
C ASP A 66 -6.06 -21.95 -14.46
N GLU A 67 -5.18 -22.07 -13.48
CA GLU A 67 -5.46 -22.71 -12.19
C GLU A 67 -6.66 -22.03 -11.51
N LEU A 68 -6.77 -20.71 -11.67
CA LEU A 68 -7.80 -19.85 -11.10
C LEU A 68 -8.95 -19.60 -12.07
N LYS A 69 -8.87 -20.05 -13.33
CA LYS A 69 -10.06 -20.42 -14.08
C LYS A 69 -10.65 -21.66 -13.42
N THR A 70 -9.86 -22.74 -13.34
CA THR A 70 -10.32 -24.07 -12.93
C THR A 70 -10.95 -24.10 -11.52
N TYR A 71 -10.48 -23.31 -10.54
CA TYR A 71 -11.14 -23.24 -9.23
C TYR A 71 -12.57 -22.71 -9.35
N ILE A 72 -12.76 -21.62 -10.10
CA ILE A 72 -14.03 -20.91 -10.19
C ILE A 72 -15.07 -21.82 -10.81
N ASP A 73 -14.68 -22.61 -11.81
CA ASP A 73 -15.60 -23.44 -12.57
C ASP A 73 -16.20 -24.57 -11.73
N GLN A 74 -15.56 -24.88 -10.59
CA GLN A 74 -15.97 -25.92 -9.66
C GLN A 74 -16.61 -25.36 -8.39
N HIS A 75 -16.24 -24.14 -7.99
CA HIS A 75 -16.69 -23.48 -6.77
C HIS A 75 -17.63 -22.32 -7.13
N GLY A 76 -17.06 -21.18 -7.54
CA GLY A 76 -17.80 -20.02 -8.01
C GLY A 76 -16.95 -18.76 -7.80
N VAL A 77 -17.41 -17.64 -8.36
CA VAL A 77 -16.78 -16.34 -8.29
C VAL A 77 -16.75 -15.83 -6.84
N GLU A 78 -17.80 -16.09 -6.06
CA GLU A 78 -17.85 -15.64 -4.67
C GLU A 78 -16.86 -16.45 -3.81
N GLU A 79 -16.73 -17.75 -4.08
CA GLU A 79 -15.76 -18.61 -3.40
C GLU A 79 -14.32 -18.18 -3.69
N THR A 80 -14.04 -17.59 -4.86
CA THR A 80 -12.66 -17.23 -5.17
C THR A 80 -12.16 -16.16 -4.21
N GLN A 81 -13.00 -15.15 -3.88
CA GLN A 81 -12.65 -14.16 -2.87
C GLN A 81 -12.18 -14.87 -1.60
N LYS A 82 -12.95 -15.87 -1.11
CA LYS A 82 -12.61 -16.61 0.11
C LYS A 82 -11.22 -17.19 0.00
N ALA A 83 -10.98 -17.99 -1.04
CA ALA A 83 -9.73 -18.72 -1.23
C ALA A 83 -8.51 -17.79 -1.17
N LEU A 84 -8.57 -16.65 -1.87
CA LEU A 84 -7.54 -15.62 -1.85
C LEU A 84 -7.21 -15.15 -0.44
N LEU A 85 -8.20 -14.93 0.42
CA LEU A 85 -7.97 -14.46 1.80
C LEU A 85 -7.44 -15.57 2.69
N GLU A 86 -8.01 -16.75 2.54
CA GLU A 86 -7.61 -17.94 3.27
C GLU A 86 -6.19 -18.41 2.92
N ALA A 87 -5.64 -17.91 1.82
CA ALA A 87 -4.25 -18.11 1.42
C ALA A 87 -3.28 -17.20 2.16
N GLU A 88 -3.77 -16.20 2.90
CA GLU A 88 -2.94 -15.18 3.55
C GLU A 88 -2.84 -15.48 5.04
N GLU A 89 -3.93 -16.00 5.60
CA GLU A 89 -4.01 -16.41 7.00
C GLU A 89 -3.08 -17.59 7.32
N LYS A 90 -2.70 -18.36 6.30
CA LYS A 90 -1.76 -19.48 6.39
C LYS A 90 -0.33 -19.08 6.03
N ASP A 91 -0.07 -17.86 5.55
CA ASP A 91 1.21 -17.51 4.97
C ASP A 91 2.16 -17.02 6.05
N LYS A 92 3.24 -17.75 6.31
CA LYS A 92 4.16 -17.40 7.40
C LYS A 92 4.79 -16.03 7.22
N SER A 93 4.96 -15.57 5.98
CA SER A 93 5.52 -14.27 5.64
C SER A 93 4.47 -13.15 5.69
N ILE A 94 3.18 -13.48 5.87
CA ILE A 94 2.13 -12.50 6.08
C ILE A 94 1.82 -12.45 7.59
N ILE A 95 1.74 -13.59 8.27
CA ILE A 95 1.56 -13.70 9.72
C ILE A 95 2.58 -12.81 10.45
N GLU A 96 3.82 -12.80 9.97
CA GLU A 96 4.89 -11.98 10.55
C GLU A 96 4.62 -10.47 10.39
N ALA A 97 4.17 -10.01 9.21
CA ALA A 97 3.83 -8.62 8.97
C ALA A 97 2.59 -8.19 9.78
N ARG A 98 1.64 -9.11 9.91
CA ARG A 98 0.39 -8.94 10.64
C ARG A 98 0.61 -8.69 12.15
N LYS A 99 1.85 -8.71 12.66
CA LYS A 99 2.16 -8.38 14.06
C LYS A 99 2.37 -6.88 14.29
N LEU A 100 2.78 -6.12 13.28
CA LEU A 100 3.06 -4.69 13.41
C LEU A 100 1.72 -3.98 13.57
N ALA A 101 1.59 -2.98 14.43
CA ALA A 101 0.32 -2.29 14.59
C ALA A 101 0.09 -1.18 13.56
N GLY A 102 0.79 -1.28 12.44
CA GLY A 102 1.04 -0.26 11.45
C GLY A 102 1.18 -0.89 10.05
N PHE A 103 0.83 -2.17 9.88
CA PHE A 103 0.74 -2.81 8.57
C PHE A 103 -0.73 -3.15 8.34
N LYS A 104 -1.15 -3.22 7.09
CA LYS A 104 -2.47 -3.69 6.68
C LYS A 104 -2.28 -4.33 5.31
N LEU A 105 -3.08 -5.36 5.04
CA LEU A 105 -3.28 -5.98 3.74
C LEU A 105 -4.80 -6.02 3.54
N GLU A 106 -5.31 -5.78 2.32
CA GLU A 106 -6.69 -6.00 1.96
C GLU A 106 -6.77 -6.43 0.49
N THR A 107 -7.76 -7.26 0.17
CA THR A 107 -7.66 -8.22 -0.94
C THR A 107 -9.04 -8.42 -1.53
N LYS A 108 -9.14 -8.50 -2.87
CA LYS A 108 -10.43 -8.60 -3.54
C LYS A 108 -10.30 -9.34 -4.86
N LEU A 109 -11.35 -10.05 -5.24
CA LEU A 109 -11.54 -10.58 -6.59
C LEU A 109 -12.26 -9.50 -7.40
N LEU A 110 -11.78 -9.12 -8.57
CA LEU A 110 -12.41 -8.08 -9.40
C LEU A 110 -13.35 -8.66 -10.45
N SER A 111 -13.11 -9.90 -10.84
CA SER A 111 -13.96 -10.66 -11.74
C SER A 111 -13.47 -12.10 -11.64
N ALA A 112 -14.13 -13.01 -12.34
CA ALA A 112 -13.57 -14.33 -12.55
C ALA A 112 -12.12 -14.23 -13.04
N THR A 113 -11.78 -13.26 -13.89
CA THR A 113 -10.50 -13.20 -14.56
C THR A 113 -9.50 -12.17 -14.01
N GLU A 114 -9.83 -11.43 -12.94
CA GLU A 114 -8.91 -10.43 -12.37
C GLU A 114 -8.98 -10.44 -10.84
N LEU A 115 -7.90 -10.05 -10.17
CA LEU A 115 -7.86 -9.79 -8.72
C LEU A 115 -7.22 -8.44 -8.43
N GLN A 116 -7.35 -8.01 -7.17
CA GLN A 116 -6.93 -6.73 -6.63
C GLN A 116 -6.40 -6.94 -5.22
N THR A 117 -5.40 -6.16 -4.86
CA THR A 117 -4.88 -6.11 -3.50
C THR A 117 -4.53 -4.65 -3.19
N THR A 118 -4.28 -4.36 -1.93
CA THR A 118 -3.65 -3.16 -1.44
C THR A 118 -2.89 -3.58 -0.17
N THR A 119 -1.77 -2.90 0.08
CA THR A 119 -1.02 -2.99 1.32
C THR A 119 -0.91 -1.54 1.81
N SER A 120 -0.99 -1.31 3.12
CA SER A 120 -0.68 -0.02 3.73
C SER A 120 0.40 -0.24 4.81
N PHE A 121 1.26 0.76 4.95
CA PHE A 121 2.39 0.85 5.86
C PHE A 121 2.22 2.17 6.60
N ASP A 122 1.47 2.13 7.70
CA ASP A 122 1.21 3.23 8.60
C ASP A 122 2.50 3.54 9.36
N PHE A 123 3.43 4.27 8.75
CA PHE A 123 4.76 4.55 9.31
C PHE A 123 4.74 5.02 10.77
N GLN A 124 3.70 5.75 11.19
CA GLN A 124 3.52 6.23 12.56
C GLN A 124 3.55 5.11 13.62
N VAL A 125 3.21 3.88 13.22
CA VAL A 125 3.03 2.69 14.04
C VAL A 125 3.78 1.50 13.40
N LEU A 126 4.58 1.75 12.37
CA LEU A 126 5.36 0.72 11.70
C LEU A 126 6.68 0.59 12.46
N ASP A 127 7.01 -0.61 12.94
CA ASP A 127 8.30 -0.89 13.55
C ASP A 127 9.28 -1.00 12.39
N VAL A 128 9.77 0.10 11.83
CA VAL A 128 10.66 0.11 10.66
C VAL A 128 11.86 -0.82 10.88
N LYS A 129 12.32 -0.97 12.14
CA LYS A 129 13.43 -1.83 12.52
C LYS A 129 13.14 -3.27 12.13
N LYS A 130 11.97 -3.78 12.54
CA LYS A 130 11.53 -5.15 12.31
C LYS A 130 10.85 -5.31 10.94
N ALA A 131 10.30 -4.24 10.37
CA ALA A 131 9.59 -4.32 9.11
C ALA A 131 10.54 -4.54 7.93
N SER A 132 11.79 -4.08 8.00
CA SER A 132 12.75 -4.21 6.90
C SER A 132 13.34 -5.63 6.81
N GLN A 133 13.01 -6.50 7.76
CA GLN A 133 13.57 -7.84 7.95
C GLN A 133 12.46 -8.90 7.95
N LEU A 134 11.35 -8.62 7.26
CA LEU A 134 10.34 -9.62 6.92
C LEU A 134 10.66 -10.12 5.52
N GLU A 135 10.16 -11.27 5.13
CA GLU A 135 10.31 -11.76 3.76
C GLU A 135 9.50 -10.88 2.83
N HIS A 136 8.18 -10.82 3.10
CA HIS A 136 7.21 -10.20 2.23
C HIS A 136 7.50 -8.71 2.01
N LEU A 137 8.25 -8.06 2.93
CA LEU A 137 8.54 -6.64 2.88
C LEU A 137 10.03 -6.34 2.62
N LYS A 138 10.94 -7.32 2.61
CA LYS A 138 12.37 -7.09 2.30
C LYS A 138 12.55 -6.64 0.85
N ASN A 139 11.68 -7.07 -0.04
CA ASN A 139 11.77 -6.78 -1.46
C ASN A 139 11.38 -5.33 -1.82
N ILE A 140 11.08 -4.49 -0.82
CA ILE A 140 10.71 -3.10 -0.98
C ILE A 140 11.84 -2.26 -0.36
N GLY A 141 12.20 -1.13 -0.98
CA GLY A 141 13.20 -0.20 -0.46
C GLY A 141 12.55 0.86 0.42
N LEU A 142 11.80 0.43 1.44
CA LEU A 142 11.16 1.33 2.42
C LEU A 142 12.17 2.10 3.26
N GLU A 143 13.30 1.48 3.62
CA GLU A 143 14.30 2.11 4.48
C GLU A 143 14.83 3.36 3.78
N ASN A 144 15.39 3.19 2.59
CA ASN A 144 16.03 4.26 1.82
C ASN A 144 15.04 5.37 1.39
N LEU A 145 13.75 5.06 1.36
CA LEU A 145 12.63 5.98 1.12
C LEU A 145 12.41 6.85 2.35
N LEU A 146 12.52 6.29 3.55
CA LEU A 146 12.42 7.10 4.77
C LEU A 146 13.61 8.05 4.95
N LYS A 147 14.62 7.96 4.07
CA LYS A 147 15.81 8.77 4.14
C LYS A 147 15.79 9.99 3.20
N ASN A 148 14.63 10.35 2.63
CA ASN A 148 14.43 11.53 1.78
C ASN A 148 13.10 12.18 2.13
N GLU A 149 12.77 13.33 1.53
CA GLU A 149 11.47 13.98 1.75
C GLU A 149 10.35 13.14 1.13
N PRO A 150 9.08 13.41 1.50
CA PRO A 150 7.95 12.74 0.88
C PRO A 150 7.80 13.06 -0.61
N SER A 151 8.12 14.27 -1.10
CA SER A 151 7.84 14.63 -2.51
C SER A 151 9.07 14.50 -3.41
N LYS A 152 10.29 14.54 -2.85
CA LYS A 152 11.55 14.40 -3.59
C LYS A 152 11.44 13.25 -4.59
N TYR A 153 10.99 12.08 -4.14
CA TYR A 153 10.97 10.87 -4.98
C TYR A 153 9.74 10.71 -5.88
N ILE A 154 8.68 11.48 -5.67
CA ILE A 154 7.43 11.43 -6.46
C ILE A 154 7.72 11.82 -7.91
N SER A 155 8.57 12.82 -8.07
CA SER A 155 9.03 13.34 -9.35
C SER A 155 9.85 12.25 -10.07
N ASP A 156 10.64 11.51 -9.30
CA ASP A 156 11.47 10.43 -9.82
C ASP A 156 10.61 9.35 -10.45
N ARG A 157 9.45 9.01 -9.85
CA ARG A 157 8.51 8.14 -10.51
C ARG A 157 8.05 8.66 -11.86
N LEU A 158 7.57 9.90 -11.96
CA LEU A 158 7.17 10.53 -13.21
C LEU A 158 8.31 10.50 -14.24
N ALA A 159 9.57 10.66 -13.81
CA ALA A 159 10.72 10.53 -14.71
C ALA A 159 10.87 9.08 -15.21
N ASN A 160 10.66 8.09 -14.34
CA ASN A 160 10.87 6.67 -14.61
C ASN A 160 9.59 5.98 -15.06
N GLY A 161 8.87 6.61 -15.99
CA GLY A 161 7.81 5.97 -16.76
C GLY A 161 6.53 5.74 -15.97
N ALA A 162 6.26 6.55 -14.96
CA ALA A 162 5.00 6.52 -14.21
C ALA A 162 4.21 7.82 -14.47
N THR A 163 3.05 7.92 -13.83
CA THR A 163 2.14 9.04 -13.89
C THR A 163 1.52 9.31 -12.51
N GLU A 164 0.71 10.37 -12.40
CA GLU A 164 0.08 10.87 -11.18
C GLU A 164 -1.42 10.50 -11.19
N GLN A 165 -2.17 10.81 -10.12
CA GLN A 165 -3.62 10.62 -10.09
C GLN A 165 -4.28 11.82 -9.45
N GLY A 1 -42.08 9.42 -47.79
CA GLY A 1 -41.30 9.02 -48.97
C GLY A 1 -40.15 8.19 -48.46
N PRO A 2 -38.96 8.79 -48.25
CA PRO A 2 -38.05 8.28 -47.22
C PRO A 2 -38.73 8.38 -45.84
N ALA A 3 -38.12 7.76 -44.83
CA ALA A 3 -38.56 7.77 -43.44
C ALA A 3 -37.33 7.69 -42.53
N THR A 4 -37.28 8.55 -41.52
CA THR A 4 -36.20 8.70 -40.54
C THR A 4 -36.23 7.59 -39.47
N LYS A 5 -35.31 7.64 -38.50
CA LYS A 5 -35.26 6.91 -37.23
C LYS A 5 -34.75 7.90 -36.17
N THR A 6 -34.61 7.51 -34.90
CA THR A 6 -34.49 8.44 -33.78
C THR A 6 -33.75 7.77 -32.60
N GLU A 7 -32.43 7.86 -32.55
CA GLU A 7 -31.60 7.09 -31.61
C GLU A 7 -31.18 7.93 -30.40
N LYS A 8 -30.46 7.34 -29.44
CA LYS A 8 -30.00 7.97 -28.19
C LYS A 8 -28.83 7.17 -27.60
N ASP A 9 -28.17 7.69 -26.58
CA ASP A 9 -27.15 7.02 -25.77
C ASP A 9 -27.22 7.59 -24.35
N THR A 10 -26.56 6.94 -23.37
CA THR A 10 -26.68 7.14 -21.95
C THR A 10 -25.37 6.64 -21.31
N LEU A 11 -24.66 7.52 -20.58
CA LEU A 11 -23.36 7.23 -19.96
C LEU A 11 -23.28 7.81 -18.55
N GLN A 12 -22.61 7.08 -17.64
CA GLN A 12 -22.25 7.48 -16.27
C GLN A 12 -21.30 8.69 -16.27
N SER A 13 -20.94 9.18 -15.07
CA SER A 13 -20.00 10.25 -14.83
C SER A 13 -18.80 9.73 -14.02
N ALA A 14 -17.77 10.56 -13.86
CA ALA A 14 -16.56 10.28 -13.08
C ALA A 14 -16.80 10.49 -11.58
N LEU A 15 -15.73 10.77 -10.83
CA LEU A 15 -15.64 10.97 -9.38
C LEU A 15 -14.71 12.15 -9.06
N PRO A 16 -14.79 12.74 -7.85
CA PRO A 16 -13.90 13.81 -7.40
C PRO A 16 -12.55 13.30 -6.87
N VAL A 17 -11.58 14.23 -6.81
CA VAL A 17 -10.20 14.05 -6.34
C VAL A 17 -10.01 14.71 -4.96
N ILE A 18 -8.79 14.66 -4.41
CA ILE A 18 -8.38 15.31 -3.16
C ILE A 18 -7.25 16.27 -3.48
N GLU A 19 -7.30 17.51 -2.97
CA GLU A 19 -6.20 18.47 -3.09
C GLU A 19 -6.12 19.32 -1.83
N ASN A 20 -4.92 19.76 -1.47
CA ASN A 20 -4.64 20.67 -0.36
C ASN A 20 -3.44 21.55 -0.74
N ALA A 21 -3.27 22.68 -0.04
CA ALA A 21 -2.12 23.58 -0.09
C ALA A 21 -1.48 23.66 1.30
N GLU A 22 -0.39 24.44 1.43
CA GLU A 22 0.62 24.41 2.49
C GLU A 22 0.13 24.76 3.90
N LYS A 23 -0.67 23.88 4.49
CA LYS A 23 -1.16 23.98 5.86
C LYS A 23 -1.02 22.59 6.49
N ASN A 24 -1.33 22.45 7.79
CA ASN A 24 -1.11 21.21 8.53
C ASN A 24 -2.25 20.22 8.28
N THR A 25 -2.69 20.05 7.04
CA THR A 25 -3.87 19.28 6.66
C THR A 25 -3.44 17.92 6.10
N VAL A 26 -4.37 16.96 6.07
CA VAL A 26 -4.17 15.58 5.64
C VAL A 26 -4.07 15.50 4.10
N VAL A 27 -2.87 15.74 3.57
CA VAL A 27 -2.60 15.68 2.14
C VAL A 27 -2.63 14.21 1.74
N THR A 28 -3.12 13.95 0.54
CA THR A 28 -3.07 12.66 -0.14
C THR A 28 -2.57 12.94 -1.55
N LYS A 29 -1.75 12.04 -2.12
CA LYS A 29 -1.18 12.09 -3.46
C LYS A 29 -1.26 10.68 -4.01
N THR A 30 -1.38 10.53 -5.33
CA THR A 30 -1.69 9.24 -5.94
C THR A 30 -0.79 9.09 -7.19
N LEU A 31 -0.03 8.00 -7.31
CA LEU A 31 0.92 7.82 -8.40
C LEU A 31 0.71 6.49 -9.13
N VAL A 32 1.25 6.36 -10.34
CA VAL A 32 0.92 5.33 -11.32
C VAL A 32 2.23 4.76 -11.84
N LEU A 33 2.76 3.74 -11.15
CA LEU A 33 3.98 3.06 -11.57
C LEU A 33 3.81 2.38 -12.93
N PRO A 34 4.92 2.21 -13.69
CA PRO A 34 4.96 1.36 -14.87
C PRO A 34 4.70 -0.10 -14.49
N LYS A 35 4.63 -0.99 -15.48
CA LYS A 35 4.38 -2.41 -15.31
C LYS A 35 5.36 -3.09 -14.33
N SER A 36 5.01 -4.28 -13.84
CA SER A 36 5.72 -5.06 -12.84
C SER A 36 6.72 -6.06 -13.46
N ASP A 37 6.92 -6.01 -14.79
CA ASP A 37 7.84 -6.85 -15.56
C ASP A 37 7.35 -8.30 -15.70
N ASP A 38 6.09 -8.56 -15.38
CA ASP A 38 5.47 -9.88 -15.32
C ASP A 38 4.01 -9.84 -15.78
N GLY A 39 3.63 -8.79 -16.51
CA GLY A 39 2.28 -8.54 -17.00
C GLY A 39 1.36 -8.27 -15.82
N SER A 40 1.49 -7.07 -15.26
CA SER A 40 0.95 -6.63 -13.99
C SER A 40 1.26 -5.14 -13.93
N GLN A 41 0.37 -4.34 -13.36
CA GLN A 41 0.53 -2.91 -13.18
C GLN A 41 -0.31 -2.47 -11.98
N GLN A 42 0.27 -1.58 -11.19
CA GLN A 42 0.04 -1.44 -9.76
C GLN A 42 0.24 0.03 -9.34
N THR A 43 -0.21 0.42 -8.16
CA THR A 43 -0.48 1.82 -7.82
C THR A 43 0.00 2.08 -6.38
N GLN A 44 0.34 3.31 -5.99
CA GLN A 44 0.94 3.61 -4.69
C GLN A 44 0.49 5.00 -4.23
N THR A 45 -0.34 5.07 -3.19
CA THR A 45 -0.83 6.32 -2.60
C THR A 45 0.20 6.86 -1.58
N ILE A 46 0.18 8.16 -1.29
CA ILE A 46 1.08 8.84 -0.36
C ILE A 46 0.25 9.77 0.50
N THR A 47 0.23 9.54 1.81
CA THR A 47 -0.34 10.45 2.78
C THR A 47 0.79 11.24 3.45
N TYR A 48 0.66 12.56 3.61
CA TYR A 48 1.59 13.40 4.36
C TYR A 48 0.87 14.63 4.90
N LYS A 49 1.47 15.41 5.82
CA LYS A 49 0.85 16.65 6.32
C LYS A 49 1.81 17.74 6.78
N ASP A 50 3.10 17.48 6.66
CA ASP A 50 4.16 18.45 6.92
C ASP A 50 5.26 18.10 5.94
N LYS A 51 6.12 17.15 6.31
CA LYS A 51 7.33 16.80 5.56
C LYS A 51 7.64 15.31 5.73
N THR A 52 6.64 14.47 6.06
CA THR A 52 6.86 13.08 6.44
C THR A 52 5.88 12.16 5.69
N PHE A 53 6.33 10.97 5.28
CA PHE A 53 5.46 9.89 4.81
C PHE A 53 4.70 9.35 6.03
N LEU A 54 3.45 9.79 6.22
CA LEU A 54 2.61 9.20 7.26
C LEU A 54 2.25 7.75 6.93
N SER A 55 1.76 7.49 5.71
CA SER A 55 1.41 6.14 5.28
C SER A 55 1.46 6.00 3.77
N LEU A 56 1.53 4.74 3.33
CA LEU A 56 1.80 4.31 1.96
C LEU A 56 0.92 3.10 1.71
N ALA A 57 -0.02 3.20 0.77
CA ALA A 57 -0.92 2.12 0.40
C ALA A 57 -0.55 1.68 -1.01
N ILE A 58 0.04 0.49 -1.13
CA ILE A 58 0.47 -0.08 -2.40
C ILE A 58 -0.64 -1.00 -2.87
N GLN A 59 -1.33 -0.64 -3.96
CA GLN A 59 -2.29 -1.49 -4.62
C GLN A 59 -1.55 -2.44 -5.58
N GLN A 60 -2.19 -3.54 -5.97
CA GLN A 60 -1.68 -4.58 -6.85
C GLN A 60 -2.84 -5.12 -7.69
N LYS A 61 -2.63 -5.40 -8.98
CA LYS A 61 -3.69 -5.80 -9.92
C LYS A 61 -3.09 -6.56 -11.10
N ARG A 62 -3.28 -7.88 -11.16
CA ARG A 62 -2.75 -8.73 -12.22
C ARG A 62 -3.91 -9.48 -12.89
N PRO A 63 -3.75 -9.94 -14.14
CA PRO A 63 -4.67 -10.91 -14.72
C PRO A 63 -4.54 -12.24 -13.98
N VAL A 64 -5.53 -13.12 -14.13
CA VAL A 64 -5.46 -14.47 -13.57
C VAL A 64 -5.56 -15.48 -14.72
N SER A 65 -4.98 -16.69 -14.54
CA SER A 65 -4.96 -17.75 -15.57
C SER A 65 -4.30 -19.05 -15.15
N ASP A 66 -4.05 -19.19 -13.87
CA ASP A 66 -3.44 -20.40 -13.33
C ASP A 66 -4.03 -20.68 -11.96
N GLU A 67 -3.73 -19.81 -10.99
CA GLU A 67 -4.07 -20.05 -9.58
C GLU A 67 -5.54 -19.80 -9.29
N LEU A 68 -6.24 -19.09 -10.17
CA LEU A 68 -7.64 -18.78 -9.98
C LEU A 68 -8.49 -19.63 -10.91
N LYS A 69 -7.99 -19.86 -12.12
CA LYS A 69 -8.65 -20.62 -13.18
C LYS A 69 -9.24 -21.93 -12.65
N THR A 70 -8.47 -22.75 -11.92
CA THR A 70 -9.00 -23.98 -11.36
C THR A 70 -9.94 -23.69 -10.17
N TYR A 71 -9.55 -22.83 -9.22
CA TYR A 71 -10.32 -22.55 -8.01
C TYR A 71 -11.74 -22.07 -8.33
N ILE A 72 -11.89 -21.12 -9.26
CA ILE A 72 -13.18 -20.56 -9.67
C ILE A 72 -14.08 -21.69 -10.15
N ASP A 73 -13.51 -22.64 -10.89
CA ASP A 73 -14.21 -23.80 -11.41
C ASP A 73 -14.61 -24.74 -10.26
N GLN A 74 -13.76 -24.95 -9.25
CA GLN A 74 -14.10 -25.78 -8.10
C GLN A 74 -15.25 -25.20 -7.27
N HIS A 75 -15.10 -23.95 -6.84
CA HIS A 75 -15.85 -23.40 -5.71
C HIS A 75 -16.85 -22.35 -6.17
N GLY A 76 -16.41 -21.27 -6.82
CA GLY A 76 -17.26 -20.30 -7.47
C GLY A 76 -16.59 -18.95 -7.50
N VAL A 77 -17.12 -18.02 -8.29
CA VAL A 77 -16.59 -16.67 -8.44
C VAL A 77 -16.60 -15.99 -7.08
N GLU A 78 -17.74 -16.02 -6.38
CA GLU A 78 -17.89 -15.45 -5.06
C GLU A 78 -16.93 -16.10 -4.07
N GLU A 79 -16.77 -17.43 -4.12
CA GLU A 79 -15.89 -18.15 -3.18
C GLU A 79 -14.43 -17.84 -3.45
N THR A 80 -14.11 -17.36 -4.65
CA THR A 80 -12.76 -16.93 -4.99
C THR A 80 -12.36 -15.75 -4.13
N GLN A 81 -13.26 -14.78 -3.90
CA GLN A 81 -12.97 -13.66 -3.03
C GLN A 81 -12.72 -14.14 -1.59
N LYS A 82 -13.50 -15.11 -1.10
CA LYS A 82 -13.31 -15.69 0.23
C LYS A 82 -11.89 -16.22 0.37
N ALA A 83 -11.47 -17.04 -0.58
CA ALA A 83 -10.16 -17.67 -0.58
C ALA A 83 -8.97 -16.69 -0.69
N LEU A 84 -9.23 -15.40 -0.92
CA LEU A 84 -8.24 -14.34 -0.74
C LEU A 84 -8.08 -14.06 0.76
N LEU A 85 -9.19 -13.71 1.41
CA LEU A 85 -9.30 -13.19 2.76
C LEU A 85 -8.99 -14.25 3.80
N GLU A 86 -9.32 -15.50 3.50
CA GLU A 86 -9.04 -16.63 4.36
C GLU A 86 -7.58 -17.03 4.26
N ALA A 87 -6.93 -16.76 3.13
CA ALA A 87 -5.51 -17.05 2.96
C ALA A 87 -4.67 -16.18 3.90
N GLU A 88 -5.14 -14.98 4.26
CA GLU A 88 -4.45 -14.09 5.18
C GLU A 88 -4.15 -14.80 6.50
N GLU A 89 -5.07 -15.66 6.96
CA GLU A 89 -4.94 -16.28 8.26
C GLU A 89 -4.01 -17.49 8.25
N LYS A 90 -3.75 -18.08 7.07
CA LYS A 90 -3.04 -19.34 6.93
C LYS A 90 -1.71 -19.18 6.22
N ASP A 91 -1.42 -18.06 5.58
CA ASP A 91 -0.17 -17.83 4.88
C ASP A 91 0.92 -17.47 5.89
N LYS A 92 1.98 -18.26 6.00
CA LYS A 92 3.08 -18.05 6.94
C LYS A 92 3.58 -16.62 6.88
N SER A 93 3.77 -16.11 5.67
CA SER A 93 4.38 -14.81 5.48
C SER A 93 3.38 -13.70 5.79
N ILE A 94 2.07 -13.88 5.55
CA ILE A 94 1.08 -12.91 6.03
C ILE A 94 1.00 -12.97 7.56
N ILE A 95 1.09 -14.15 8.19
CA ILE A 95 1.10 -14.31 9.64
C ILE A 95 2.24 -13.49 10.25
N GLU A 96 3.44 -13.61 9.67
CA GLU A 96 4.61 -12.81 10.03
C GLU A 96 4.28 -11.31 9.90
N ALA A 97 3.65 -10.92 8.79
CA ALA A 97 3.29 -9.55 8.47
C ALA A 97 2.36 -8.94 9.52
N ARG A 98 1.27 -9.63 9.88
CA ARG A 98 0.26 -9.11 10.80
C ARG A 98 0.80 -8.96 12.24
N LYS A 99 2.06 -9.29 12.53
CA LYS A 99 2.68 -9.05 13.83
C LYS A 99 3.41 -7.71 13.90
N LEU A 100 3.49 -6.95 12.80
CA LEU A 100 3.94 -5.57 12.84
C LEU A 100 2.70 -4.73 13.18
N ALA A 101 2.83 -3.78 14.10
CA ALA A 101 1.71 -2.91 14.52
C ALA A 101 1.45 -1.76 13.55
N GLY A 102 1.86 -1.93 12.30
CA GLY A 102 1.86 -0.92 11.28
C GLY A 102 1.77 -1.52 9.89
N PHE A 103 1.07 -2.65 9.75
CA PHE A 103 0.86 -3.35 8.51
C PHE A 103 -0.63 -3.70 8.41
N LYS A 104 -1.25 -3.55 7.24
CA LYS A 104 -2.59 -4.03 6.93
C LYS A 104 -2.59 -4.53 5.49
N LEU A 105 -3.56 -5.39 5.16
CA LEU A 105 -3.69 -6.05 3.87
C LEU A 105 -5.18 -5.97 3.48
N GLU A 106 -5.47 -5.67 2.22
CA GLU A 106 -6.82 -5.71 1.66
C GLU A 106 -6.77 -6.53 0.37
N THR A 107 -7.71 -7.44 0.15
CA THR A 107 -7.77 -8.31 -1.02
C THR A 107 -9.19 -8.26 -1.59
N LYS A 108 -9.33 -8.31 -2.92
CA LYS A 108 -10.62 -8.22 -3.59
C LYS A 108 -10.56 -8.94 -4.92
N LEU A 109 -11.70 -9.47 -5.34
CA LEU A 109 -11.90 -9.98 -6.69
C LEU A 109 -12.51 -8.85 -7.51
N LEU A 110 -11.87 -8.46 -8.62
CA LEU A 110 -12.48 -7.50 -9.55
C LEU A 110 -13.61 -8.16 -10.32
N SER A 111 -13.37 -9.38 -10.80
CA SER A 111 -14.31 -10.25 -11.51
C SER A 111 -13.65 -11.61 -11.70
N ALA A 112 -14.36 -12.57 -12.33
CA ALA A 112 -13.89 -13.92 -12.65
C ALA A 112 -12.55 -13.98 -13.40
N THR A 113 -11.97 -12.87 -13.87
CA THR A 113 -10.77 -12.86 -14.71
C THR A 113 -9.81 -11.72 -14.33
N GLU A 114 -9.73 -11.35 -13.05
CA GLU A 114 -8.78 -10.38 -12.48
C GLU A 114 -8.95 -10.31 -10.96
N LEU A 115 -7.83 -10.22 -10.23
CA LEU A 115 -7.81 -9.95 -8.79
C LEU A 115 -7.20 -8.58 -8.50
N GLN A 116 -7.43 -8.06 -7.29
CA GLN A 116 -6.78 -6.89 -6.76
C GLN A 116 -6.29 -7.21 -5.34
N THR A 117 -5.23 -6.53 -4.90
CA THR A 117 -4.80 -6.54 -3.51
C THR A 117 -4.32 -5.11 -3.19
N THR A 118 -4.11 -4.82 -1.92
CA THR A 118 -3.43 -3.65 -1.41
C THR A 118 -2.70 -4.08 -0.14
N THR A 119 -1.59 -3.42 0.17
CA THR A 119 -0.93 -3.48 1.47
C THR A 119 -0.77 -2.04 1.92
N SER A 120 -1.14 -1.74 3.16
CA SER A 120 -1.12 -0.40 3.72
C SER A 120 -0.15 -0.39 4.89
N PHE A 121 0.93 0.38 4.75
CA PHE A 121 2.02 0.48 5.69
C PHE A 121 1.77 1.75 6.53
N ASP A 122 1.79 1.60 7.87
CA ASP A 122 1.54 2.66 8.86
C ASP A 122 2.90 3.06 9.41
N PHE A 123 3.54 4.04 8.78
CA PHE A 123 4.94 4.35 9.05
C PHE A 123 5.20 4.98 10.42
N GLN A 124 4.15 5.26 11.19
CA GLN A 124 4.28 5.86 12.52
C GLN A 124 4.68 4.79 13.54
N VAL A 125 4.43 3.55 13.17
CA VAL A 125 4.43 2.39 14.07
C VAL A 125 5.16 1.19 13.47
N LEU A 126 5.26 1.09 12.15
CA LEU A 126 5.95 0.00 11.45
C LEU A 126 7.42 -0.08 11.85
N ASP A 127 7.87 -1.24 12.37
CA ASP A 127 9.25 -1.64 12.59
C ASP A 127 9.92 -1.75 11.21
N VAL A 128 10.40 -0.64 10.65
CA VAL A 128 11.08 -0.63 9.35
C VAL A 128 12.26 -1.61 9.39
N LYS A 129 12.93 -1.67 10.55
CA LYS A 129 14.11 -2.47 10.81
C LYS A 129 13.86 -3.92 10.41
N LYS A 130 12.78 -4.51 10.90
CA LYS A 130 12.39 -5.86 10.58
C LYS A 130 11.73 -5.95 9.22
N ALA A 131 10.92 -4.96 8.84
CA ALA A 131 10.02 -5.03 7.69
C ALA A 131 10.75 -5.55 6.45
N SER A 132 11.82 -4.87 6.04
CA SER A 132 12.57 -5.20 4.82
C SER A 132 13.44 -6.46 5.01
N GLN A 133 13.31 -7.19 6.12
CA GLN A 133 13.99 -8.44 6.46
C GLN A 133 12.97 -9.59 6.51
N LEU A 134 11.77 -9.39 5.96
CA LEU A 134 10.71 -10.37 5.84
C LEU A 134 10.63 -10.72 4.38
N GLU A 135 10.57 -12.02 4.06
CA GLU A 135 10.53 -12.51 2.68
C GLU A 135 9.41 -11.84 1.88
N HIS A 136 8.27 -11.56 2.50
CA HIS A 136 7.13 -10.91 1.86
C HIS A 136 7.41 -9.46 1.44
N LEU A 137 8.31 -8.74 2.13
CA LEU A 137 8.61 -7.33 1.87
C LEU A 137 10.04 -7.17 1.36
N LYS A 138 10.77 -8.25 1.10
CA LYS A 138 12.19 -8.22 0.73
C LYS A 138 12.42 -7.50 -0.59
N ASN A 139 11.40 -7.52 -1.43
CA ASN A 139 11.36 -6.88 -2.73
C ASN A 139 10.98 -5.40 -2.64
N ILE A 140 10.74 -4.89 -1.42
CA ILE A 140 10.38 -3.51 -1.19
C ILE A 140 11.45 -2.88 -0.29
N GLY A 141 12.03 -1.82 -0.80
CA GLY A 141 13.13 -1.09 -0.21
C GLY A 141 12.62 0.01 0.70
N LEU A 142 11.76 -0.35 1.67
CA LEU A 142 11.16 0.61 2.61
C LEU A 142 12.21 1.49 3.25
N GLU A 143 13.32 0.86 3.63
CA GLU A 143 14.47 1.48 4.27
C GLU A 143 14.91 2.74 3.54
N ASN A 144 14.90 2.73 2.19
CA ASN A 144 15.42 3.81 1.36
C ASN A 144 14.32 4.72 0.83
N LEU A 145 13.04 4.36 1.00
CA LEU A 145 11.94 5.28 0.74
C LEU A 145 12.01 6.38 1.79
N LEU A 146 12.13 5.94 3.04
CA LEU A 146 11.87 6.72 4.25
C LEU A 146 13.04 7.65 4.58
N LYS A 147 13.70 8.19 3.55
CA LYS A 147 14.91 9.00 3.67
C LYS A 147 14.78 10.40 3.02
N ASN A 148 13.63 10.74 2.42
CA ASN A 148 13.42 12.03 1.75
C ASN A 148 12.08 12.67 2.11
N GLU A 149 11.87 13.93 1.70
CA GLU A 149 10.60 14.66 1.92
C GLU A 149 9.51 13.95 1.10
N PRO A 150 8.22 14.06 1.43
CA PRO A 150 7.19 13.25 0.79
C PRO A 150 7.05 13.52 -0.71
N SER A 151 7.43 14.72 -1.14
CA SER A 151 7.18 15.22 -2.48
C SER A 151 8.47 15.33 -3.28
N LYS A 152 9.65 15.07 -2.69
CA LYS A 152 10.89 15.04 -3.47
C LYS A 152 10.87 13.86 -4.42
N TYR A 153 10.68 12.62 -3.93
CA TYR A 153 10.82 11.50 -4.86
C TYR A 153 9.69 11.42 -5.87
N ILE A 154 8.56 12.10 -5.63
CA ILE A 154 7.44 12.16 -6.56
C ILE A 154 7.91 12.69 -7.90
N SER A 155 8.66 13.80 -7.91
CA SER A 155 9.22 14.39 -9.09
C SER A 155 10.09 13.37 -9.85
N ASP A 156 10.90 12.59 -9.11
CA ASP A 156 11.75 11.55 -9.67
C ASP A 156 10.90 10.40 -10.22
N ARG A 157 9.77 10.05 -9.60
CA ARG A 157 8.90 8.96 -10.06
C ARG A 157 8.38 9.25 -11.47
N LEU A 158 7.93 10.48 -11.74
CA LEU A 158 7.55 10.91 -13.08
C LEU A 158 8.68 10.64 -14.10
N ALA A 159 9.94 10.90 -13.73
CA ALA A 159 11.09 10.54 -14.57
C ALA A 159 11.29 9.03 -14.66
N ASN A 160 11.11 8.30 -13.56
CA ASN A 160 11.24 6.85 -13.40
C ASN A 160 10.05 6.11 -14.04
N GLY A 161 9.62 6.51 -15.23
CA GLY A 161 8.67 5.78 -16.04
C GLY A 161 7.24 5.77 -15.48
N ALA A 162 6.89 6.63 -14.52
CA ALA A 162 5.58 6.63 -13.87
C ALA A 162 4.80 7.92 -14.18
N THR A 163 3.58 8.02 -13.65
CA THR A 163 2.67 9.15 -13.83
C THR A 163 1.92 9.47 -12.52
N GLU A 164 1.04 10.47 -12.56
CA GLU A 164 0.20 10.98 -11.49
C GLU A 164 -1.26 10.56 -11.75
N GLN A 165 -2.15 10.71 -10.77
CA GLN A 165 -3.54 10.24 -10.79
C GLN A 165 -4.46 11.40 -10.46
N GLY A 1 3.69 49.46 69.55
CA GLY A 1 4.36 48.49 70.43
C GLY A 1 5.33 47.66 69.62
N PRO A 2 5.91 46.59 70.19
CA PRO A 2 6.67 45.59 69.42
C PRO A 2 5.73 44.80 68.50
N ALA A 3 6.28 43.96 67.61
CA ALA A 3 5.52 43.10 66.72
C ALA A 3 6.27 41.79 66.44
N THR A 4 5.52 40.78 66.02
CA THR A 4 5.87 39.38 65.80
C THR A 4 6.82 39.19 64.61
N LYS A 5 7.04 37.95 64.16
CA LYS A 5 7.81 37.58 62.98
C LYS A 5 6.94 36.66 62.12
N THR A 6 7.40 36.30 60.94
CA THR A 6 6.59 35.69 59.89
C THR A 6 7.52 34.87 59.00
N GLU A 7 7.46 33.56 59.12
CA GLU A 7 8.39 32.59 58.55
C GLU A 7 8.00 32.33 57.08
N LYS A 8 8.60 31.36 56.39
CA LYS A 8 8.42 31.14 54.94
C LYS A 8 7.48 29.95 54.67
N ASP A 9 7.19 29.71 53.39
CA ASP A 9 6.24 28.74 52.86
C ASP A 9 7.00 27.95 51.78
N THR A 10 6.49 26.79 51.37
CA THR A 10 7.06 25.91 50.37
C THR A 10 5.91 25.37 49.51
N LEU A 11 5.46 26.16 48.54
CA LEU A 11 4.39 25.81 47.62
C LEU A 11 4.83 24.66 46.68
N GLN A 12 3.87 24.10 45.94
CA GLN A 12 4.08 23.01 45.00
C GLN A 12 3.76 23.43 43.57
N SER A 13 4.00 22.53 42.61
CA SER A 13 3.75 22.73 41.19
C SER A 13 2.27 22.96 40.86
N ALA A 14 2.02 23.59 39.72
CA ALA A 14 0.72 23.59 39.06
C ALA A 14 0.55 22.31 38.22
N LEU A 15 -0.61 22.16 37.58
CA LEU A 15 -0.95 21.08 36.66
C LEU A 15 -1.39 21.69 35.31
N PRO A 16 -1.46 20.90 34.22
CA PRO A 16 -2.01 21.33 32.94
C PRO A 16 -3.54 21.50 33.00
N VAL A 17 -4.15 21.85 31.86
CA VAL A 17 -5.56 22.14 31.71
C VAL A 17 -6.27 20.96 31.04
N ILE A 18 -7.54 21.16 30.66
CA ILE A 18 -8.41 20.14 30.09
C ILE A 18 -9.08 20.78 28.86
N GLU A 19 -8.28 21.15 27.87
CA GLU A 19 -8.74 21.88 26.69
C GLU A 19 -9.15 20.88 25.59
N ASN A 20 -9.27 21.36 24.36
CA ASN A 20 -9.43 20.61 23.12
C ASN A 20 -8.04 20.28 22.56
N ALA A 21 -7.99 19.90 21.28
CA ALA A 21 -6.75 19.62 20.57
C ALA A 21 -6.81 20.21 19.16
N GLU A 22 -5.64 20.39 18.54
CA GLU A 22 -5.42 21.02 17.25
C GLU A 22 -4.65 19.99 16.41
N LYS A 23 -5.35 19.40 15.45
CA LYS A 23 -4.76 18.62 14.37
C LYS A 23 -4.56 19.47 13.10
N ASN A 24 -3.91 18.94 12.08
CA ASN A 24 -3.56 19.63 10.82
C ASN A 24 -3.93 18.75 9.65
N THR A 25 -4.16 19.34 8.48
CA THR A 25 -4.50 18.65 7.25
C THR A 25 -3.37 17.76 6.77
N VAL A 26 -3.75 16.69 6.08
CA VAL A 26 -2.89 15.71 5.46
C VAL A 26 -3.37 15.45 4.02
N VAL A 27 -2.40 15.17 3.17
CA VAL A 27 -2.51 14.87 1.76
C VAL A 27 -2.30 13.37 1.65
N THR A 28 -2.95 12.79 0.65
CA THR A 28 -2.72 11.42 0.25
C THR A 28 -2.54 11.48 -1.27
N LYS A 29 -1.30 11.68 -1.72
CA LYS A 29 -0.93 11.70 -3.13
C LYS A 29 -1.04 10.27 -3.66
N THR A 30 -1.12 10.10 -4.97
CA THR A 30 -1.21 8.80 -5.62
C THR A 30 -0.40 8.81 -6.93
N LEU A 31 0.17 7.66 -7.31
CA LEU A 31 0.94 7.46 -8.54
C LEU A 31 0.48 6.17 -9.22
N VAL A 32 0.31 6.20 -10.53
CA VAL A 32 -0.05 5.08 -11.39
C VAL A 32 1.25 4.63 -12.06
N LEU A 33 1.92 3.62 -11.50
CA LEU A 33 3.20 3.13 -12.01
C LEU A 33 3.00 2.35 -13.32
N PRO A 34 4.04 2.23 -14.18
CA PRO A 34 3.95 1.53 -15.46
C PRO A 34 3.67 0.03 -15.28
N LYS A 35 3.53 -0.69 -16.39
CA LYS A 35 3.32 -2.13 -16.34
C LYS A 35 4.52 -2.79 -15.66
N SER A 36 4.23 -3.84 -14.91
CA SER A 36 5.14 -4.60 -14.06
C SER A 36 5.80 -5.68 -14.92
N ASP A 37 6.17 -5.33 -16.14
CA ASP A 37 6.87 -6.07 -17.19
C ASP A 37 6.42 -7.51 -17.48
N ASP A 38 5.30 -7.96 -16.91
CA ASP A 38 4.76 -9.31 -17.04
C ASP A 38 3.22 -9.31 -16.96
N GLY A 39 2.58 -8.19 -17.29
CA GLY A 39 1.12 -8.13 -17.46
C GLY A 39 0.38 -7.73 -16.17
N SER A 40 1.11 -7.29 -15.15
CA SER A 40 0.66 -6.84 -13.86
C SER A 40 0.90 -5.34 -13.78
N GLN A 41 0.28 -4.67 -12.83
CA GLN A 41 0.44 -3.25 -12.58
C GLN A 41 0.21 -3.05 -11.08
N GLN A 42 0.38 -1.81 -10.63
CA GLN A 42 0.38 -1.40 -9.25
C GLN A 42 0.28 0.12 -9.23
N THR A 43 -0.16 0.65 -8.10
CA THR A 43 -0.34 2.06 -7.83
C THR A 43 0.40 2.30 -6.49
N GLN A 44 0.75 3.53 -6.15
CA GLN A 44 1.36 3.87 -4.86
C GLN A 44 0.57 5.04 -4.27
N THR A 45 0.02 4.86 -3.07
CA THR A 45 -0.69 5.87 -2.31
C THR A 45 0.26 6.39 -1.23
N ILE A 46 0.34 7.70 -1.05
CA ILE A 46 1.47 8.41 -0.45
C ILE A 46 0.92 9.47 0.52
N THR A 47 0.73 9.10 1.79
CA THR A 47 0.22 10.00 2.82
C THR A 47 1.31 10.93 3.40
N TYR A 48 1.12 12.26 3.36
CA TYR A 48 2.01 13.20 4.03
C TYR A 48 1.29 14.48 4.40
N LYS A 49 1.84 15.24 5.35
CA LYS A 49 1.25 16.53 5.79
C LYS A 49 2.23 17.68 5.89
N ASP A 50 3.48 17.43 5.58
CA ASP A 50 4.51 18.44 5.67
C ASP A 50 5.68 17.97 4.81
N LYS A 51 6.53 17.09 5.36
CA LYS A 51 7.82 16.70 4.81
C LYS A 51 8.20 15.25 5.16
N THR A 52 7.24 14.43 5.56
CA THR A 52 7.45 13.05 6.01
C THR A 52 6.44 12.12 5.35
N PHE A 53 6.86 10.89 5.04
CA PHE A 53 5.96 9.78 4.76
C PHE A 53 5.30 9.35 6.07
N LEU A 54 4.04 9.74 6.30
CA LEU A 54 3.30 9.28 7.47
C LEU A 54 2.82 7.84 7.30
N SER A 55 2.36 7.49 6.09
CA SER A 55 1.85 6.17 5.77
C SER A 55 1.91 5.96 4.25
N LEU A 56 1.92 4.71 3.79
CA LEU A 56 2.32 4.35 2.43
C LEU A 56 1.62 3.06 2.06
N ALA A 57 0.89 3.05 0.94
CA ALA A 57 0.17 1.88 0.48
C ALA A 57 0.65 1.53 -0.92
N ILE A 58 1.52 0.54 -1.06
CA ILE A 58 1.70 -0.14 -2.35
C ILE A 58 0.40 -0.91 -2.66
N GLN A 59 -0.28 -0.47 -3.72
CA GLN A 59 -1.38 -1.17 -4.37
C GLN A 59 -0.77 -2.24 -5.28
N GLN A 60 -1.53 -3.24 -5.72
CA GLN A 60 -1.05 -4.29 -6.61
C GLN A 60 -2.25 -4.82 -7.41
N LYS A 61 -2.07 -5.08 -8.71
CA LYS A 61 -3.12 -5.60 -9.57
C LYS A 61 -2.53 -6.52 -10.62
N ARG A 62 -2.89 -7.80 -10.56
CA ARG A 62 -2.33 -8.84 -11.43
C ARG A 62 -3.44 -9.76 -11.97
N PRO A 63 -3.23 -10.42 -13.11
CA PRO A 63 -4.17 -11.44 -13.59
C PRO A 63 -4.13 -12.69 -12.69
N VAL A 64 -5.09 -13.60 -12.85
CA VAL A 64 -5.09 -14.91 -12.16
C VAL A 64 -4.18 -15.94 -12.88
N SER A 65 -4.22 -17.20 -12.43
CA SER A 65 -3.42 -18.34 -12.84
C SER A 65 -4.36 -19.45 -13.34
N ASP A 66 -3.86 -20.56 -13.88
CA ASP A 66 -4.69 -21.50 -14.62
C ASP A 66 -5.36 -22.56 -13.72
N GLU A 67 -4.67 -22.96 -12.65
CA GLU A 67 -5.29 -23.61 -11.49
C GLU A 67 -6.47 -22.77 -10.99
N LEU A 68 -6.26 -21.45 -10.91
CA LEU A 68 -7.27 -20.52 -10.45
C LEU A 68 -8.39 -20.37 -11.47
N LYS A 69 -8.12 -20.32 -12.78
CA LYS A 69 -9.15 -20.27 -13.82
C LYS A 69 -10.15 -21.38 -13.56
N THR A 70 -9.64 -22.59 -13.35
CA THR A 70 -10.49 -23.73 -13.08
C THR A 70 -11.33 -23.47 -11.82
N TYR A 71 -10.72 -23.18 -10.67
CA TYR A 71 -11.46 -23.00 -9.42
C TYR A 71 -12.51 -21.88 -9.52
N ILE A 72 -12.20 -20.77 -10.21
CA ILE A 72 -13.13 -19.68 -10.44
C ILE A 72 -14.31 -20.17 -11.29
N ASP A 73 -14.06 -20.89 -12.39
CA ASP A 73 -15.17 -21.31 -13.26
C ASP A 73 -16.05 -22.36 -12.57
N GLN A 74 -15.44 -23.24 -11.76
CA GLN A 74 -16.12 -24.20 -10.91
C GLN A 74 -17.01 -23.51 -9.88
N HIS A 75 -16.40 -22.75 -8.97
CA HIS A 75 -17.05 -22.20 -7.78
C HIS A 75 -17.59 -20.81 -8.14
N GLY A 76 -16.74 -19.80 -8.30
CA GLY A 76 -17.15 -18.47 -8.75
C GLY A 76 -16.37 -17.40 -8.01
N VAL A 77 -16.29 -16.20 -8.59
CA VAL A 77 -15.64 -15.02 -8.02
C VAL A 77 -16.03 -14.73 -6.56
N GLU A 78 -17.26 -15.06 -6.17
CA GLU A 78 -17.77 -15.00 -4.81
C GLU A 78 -16.92 -15.83 -3.85
N GLU A 79 -16.67 -17.09 -4.20
CA GLU A 79 -15.84 -18.02 -3.46
C GLU A 79 -14.37 -17.65 -3.63
N THR A 80 -13.91 -17.29 -4.83
CA THR A 80 -12.48 -17.04 -5.03
C THR A 80 -12.02 -15.90 -4.13
N GLN A 81 -12.84 -14.83 -3.97
CA GLN A 81 -12.47 -13.75 -3.09
C GLN A 81 -12.21 -14.29 -1.67
N LYS A 82 -13.12 -15.10 -1.14
CA LYS A 82 -12.93 -15.78 0.14
C LYS A 82 -11.61 -16.55 0.14
N ALA A 83 -11.38 -17.38 -0.87
CA ALA A 83 -10.19 -18.23 -0.95
C ALA A 83 -8.89 -17.42 -0.81
N LEU A 84 -8.82 -16.21 -1.37
CA LEU A 84 -7.67 -15.33 -1.20
C LEU A 84 -7.51 -15.01 0.29
N LEU A 85 -8.59 -14.54 0.92
CA LEU A 85 -8.60 -14.00 2.27
C LEU A 85 -8.45 -15.08 3.34
N GLU A 86 -8.79 -16.31 2.98
CA GLU A 86 -8.59 -17.53 3.77
C GLU A 86 -7.20 -18.14 3.57
N ALA A 87 -6.50 -17.83 2.47
CA ALA A 87 -5.09 -18.18 2.34
C ALA A 87 -4.31 -17.39 3.40
N GLU A 88 -4.57 -16.09 3.48
CA GLU A 88 -3.82 -15.19 4.33
C GLU A 88 -3.97 -15.55 5.82
N GLU A 89 -5.14 -16.02 6.23
CA GLU A 89 -5.39 -16.35 7.65
C GLU A 89 -4.43 -17.40 8.21
N LYS A 90 -3.80 -18.19 7.34
CA LYS A 90 -2.88 -19.28 7.68
C LYS A 90 -1.50 -19.09 7.02
N ASP A 91 -1.28 -17.98 6.34
CA ASP A 91 -0.03 -17.70 5.65
C ASP A 91 1.04 -17.33 6.68
N LYS A 92 2.18 -18.03 6.70
CA LYS A 92 3.32 -17.65 7.52
C LYS A 92 3.69 -16.18 7.25
N SER A 93 3.75 -15.78 5.99
CA SER A 93 4.26 -14.50 5.56
C SER A 93 3.35 -13.39 6.10
N ILE A 94 2.06 -13.67 6.29
CA ILE A 94 1.10 -12.80 6.96
C ILE A 94 1.43 -12.75 8.44
N ILE A 95 1.53 -13.90 9.10
CA ILE A 95 1.67 -14.01 10.55
C ILE A 95 2.88 -13.21 11.01
N GLU A 96 4.01 -13.33 10.31
CA GLU A 96 5.23 -12.60 10.61
C GLU A 96 5.01 -11.08 10.56
N ALA A 97 4.21 -10.61 9.60
CA ALA A 97 3.95 -9.20 9.36
C ALA A 97 2.88 -8.63 10.30
N ARG A 98 1.81 -9.37 10.59
CA ARG A 98 0.71 -8.92 11.45
C ARG A 98 1.17 -8.66 12.88
N LYS A 99 2.33 -9.17 13.28
CA LYS A 99 2.95 -8.83 14.55
C LYS A 99 3.24 -7.32 14.63
N LEU A 100 3.44 -6.62 13.51
CA LEU A 100 3.65 -5.18 13.50
C LEU A 100 2.31 -4.54 13.79
N ALA A 101 2.32 -3.51 14.64
CA ALA A 101 1.15 -2.72 14.99
C ALA A 101 0.89 -1.58 14.00
N GLY A 102 1.36 -1.76 12.75
CA GLY A 102 1.33 -0.77 11.68
C GLY A 102 1.27 -1.42 10.30
N PHE A 103 0.77 -2.65 10.20
CA PHE A 103 0.70 -3.43 8.96
C PHE A 103 -0.76 -3.79 8.67
N LYS A 104 -1.16 -3.78 7.40
CA LYS A 104 -2.49 -4.12 6.90
C LYS A 104 -2.41 -4.68 5.49
N LEU A 105 -3.35 -5.52 5.14
CA LEU A 105 -3.40 -6.26 3.88
C LEU A 105 -4.86 -6.55 3.57
N GLU A 106 -5.38 -6.02 2.47
CA GLU A 106 -6.67 -6.41 1.91
C GLU A 106 -6.38 -6.88 0.49
N THR A 107 -6.98 -8.02 0.12
CA THR A 107 -6.98 -8.60 -1.21
C THR A 107 -8.42 -8.59 -1.73
N LYS A 108 -8.59 -8.54 -3.05
CA LYS A 108 -9.90 -8.64 -3.67
C LYS A 108 -9.74 -9.30 -5.02
N LEU A 109 -10.73 -10.11 -5.39
CA LEU A 109 -10.86 -10.57 -6.77
C LEU A 109 -11.63 -9.47 -7.50
N LEU A 110 -10.99 -8.80 -8.46
CA LEU A 110 -11.60 -7.70 -9.22
C LEU A 110 -12.67 -8.20 -10.18
N SER A 111 -12.51 -9.42 -10.69
CA SER A 111 -13.42 -10.07 -11.60
C SER A 111 -12.95 -11.51 -11.75
N ALA A 112 -13.69 -12.34 -12.49
CA ALA A 112 -13.40 -13.76 -12.66
C ALA A 112 -12.05 -14.06 -13.35
N THR A 113 -11.25 -13.06 -13.73
CA THR A 113 -9.94 -13.27 -14.35
C THR A 113 -8.84 -12.32 -13.80
N GLU A 114 -9.08 -11.51 -12.76
CA GLU A 114 -8.12 -10.56 -12.22
C GLU A 114 -8.27 -10.43 -10.71
N LEU A 115 -7.17 -10.16 -10.00
CA LEU A 115 -7.17 -9.83 -8.58
C LEU A 115 -6.38 -8.54 -8.32
N GLN A 116 -6.57 -8.01 -7.11
CA GLN A 116 -5.93 -6.82 -6.60
C GLN A 116 -5.55 -7.08 -5.14
N THR A 117 -4.50 -6.41 -4.68
CA THR A 117 -4.11 -6.36 -3.28
C THR A 117 -3.68 -4.93 -2.98
N THR A 118 -3.60 -4.59 -1.70
CA THR A 118 -2.91 -3.40 -1.24
C THR A 118 -2.23 -3.79 0.06
N THR A 119 -0.93 -3.49 0.19
CA THR A 119 -0.15 -3.65 1.41
C THR A 119 0.01 -2.23 1.95
N SER A 120 -0.78 -1.90 2.98
CA SER A 120 -0.94 -0.55 3.48
C SER A 120 -0.22 -0.45 4.82
N PHE A 121 0.77 0.44 4.92
CA PHE A 121 1.69 0.51 6.03
C PHE A 121 1.55 1.85 6.75
N ASP A 122 1.73 1.85 8.07
CA ASP A 122 1.49 2.99 8.96
C ASP A 122 2.83 3.32 9.63
N PHE A 123 3.68 4.14 9.00
CA PHE A 123 5.08 4.34 9.41
C PHE A 123 5.23 4.67 10.89
N GLN A 124 4.30 5.46 11.42
CA GLN A 124 4.31 5.93 12.80
C GLN A 124 4.42 4.76 13.80
N VAL A 125 3.85 3.60 13.45
CA VAL A 125 3.80 2.38 14.28
C VAL A 125 4.46 1.19 13.55
N LEU A 126 5.24 1.46 12.50
CA LEU A 126 5.95 0.43 11.74
C LEU A 126 7.39 0.34 12.26
N ASP A 127 7.76 -0.81 12.83
CA ASP A 127 9.14 -1.15 13.18
C ASP A 127 9.89 -1.44 11.88
N VAL A 128 10.23 -0.42 11.11
CA VAL A 128 10.92 -0.61 9.82
C VAL A 128 12.20 -1.43 10.00
N LYS A 129 12.89 -1.27 11.12
CA LYS A 129 14.17 -1.93 11.42
C LYS A 129 14.05 -3.45 11.39
N LYS A 130 12.86 -4.02 11.65
CA LYS A 130 12.55 -5.43 11.47
C LYS A 130 11.67 -5.68 10.25
N ALA A 131 10.76 -4.76 9.92
CA ALA A 131 9.86 -4.91 8.77
C ALA A 131 10.66 -5.12 7.49
N SER A 132 11.75 -4.37 7.33
CA SER A 132 12.59 -4.41 6.13
C SER A 132 13.30 -5.76 5.96
N GLN A 133 13.10 -6.74 6.85
CA GLN A 133 13.63 -8.09 6.77
C GLN A 133 12.52 -9.16 6.87
N LEU A 134 11.24 -8.79 7.00
CA LEU A 134 10.08 -9.72 7.03
C LEU A 134 9.65 -10.10 5.61
N GLU A 135 10.39 -10.94 4.91
CA GLU A 135 9.96 -11.71 3.73
C GLU A 135 9.13 -10.88 2.73
N HIS A 136 7.79 -10.76 2.90
CA HIS A 136 6.90 -9.92 2.10
C HIS A 136 7.45 -8.49 2.02
N LEU A 137 7.85 -7.96 3.18
CA LEU A 137 8.12 -6.55 3.43
C LEU A 137 9.59 -6.27 3.11
N LYS A 138 10.44 -7.30 3.21
CA LYS A 138 11.84 -7.31 2.77
C LYS A 138 11.97 -6.97 1.30
N ASN A 139 10.96 -7.28 0.50
CA ASN A 139 11.05 -7.07 -0.94
C ASN A 139 11.05 -5.57 -1.31
N ILE A 140 10.84 -4.67 -0.34
CA ILE A 140 10.43 -3.29 -0.56
C ILE A 140 11.47 -2.35 0.04
N GLY A 141 11.71 -1.24 -0.66
CA GLY A 141 12.71 -0.22 -0.36
C GLY A 141 12.22 0.75 0.71
N LEU A 142 11.76 0.26 1.87
CA LEU A 142 11.28 1.08 2.98
C LEU A 142 12.33 2.10 3.44
N GLU A 143 13.53 1.66 3.77
CA GLU A 143 14.57 2.58 4.25
C GLU A 143 14.91 3.58 3.13
N ASN A 144 14.99 3.09 1.90
CA ASN A 144 15.17 3.88 0.68
C ASN A 144 14.07 4.91 0.45
N LEU A 145 12.89 4.74 1.04
CA LEU A 145 11.77 5.66 0.97
C LEU A 145 11.89 6.68 2.11
N LEU A 146 12.25 6.21 3.31
CA LEU A 146 12.29 7.05 4.53
C LEU A 146 13.44 8.04 4.57
N LYS A 147 14.44 7.85 3.72
CA LYS A 147 15.58 8.75 3.71
C LYS A 147 15.29 10.13 3.14
N ASN A 148 14.16 10.33 2.46
CA ASN A 148 13.86 11.56 1.71
C ASN A 148 12.45 12.07 1.93
N GLU A 149 12.18 13.31 1.49
CA GLU A 149 10.89 13.99 1.60
C GLU A 149 9.82 13.18 0.90
N PRO A 150 8.53 13.42 1.18
CA PRO A 150 7.46 12.71 0.53
C PRO A 150 7.30 13.07 -0.95
N SER A 151 7.69 14.28 -1.37
CA SER A 151 7.39 14.73 -2.74
C SER A 151 8.53 14.39 -3.69
N LYS A 152 9.77 14.31 -3.19
CA LYS A 152 10.94 14.26 -4.05
C LYS A 152 10.90 13.10 -5.04
N TYR A 153 10.43 11.91 -4.66
CA TYR A 153 10.36 10.80 -5.59
C TYR A 153 9.10 10.77 -6.44
N ILE A 154 8.08 11.54 -6.10
CA ILE A 154 6.83 11.61 -6.87
C ILE A 154 7.15 12.05 -8.30
N SER A 155 7.90 13.16 -8.41
CA SER A 155 8.40 13.69 -9.67
C SER A 155 9.22 12.61 -10.40
N ASP A 156 10.10 11.93 -9.67
CA ASP A 156 11.05 10.94 -10.16
C ASP A 156 10.36 9.69 -10.68
N ARG A 157 9.13 9.46 -10.26
CA ARG A 157 8.37 8.23 -10.51
C ARG A 157 7.48 8.45 -11.70
N LEU A 158 6.69 9.54 -11.66
CA LEU A 158 5.97 10.13 -12.77
C LEU A 158 6.90 10.14 -13.99
N ALA A 159 8.13 10.70 -13.89
CA ALA A 159 9.04 10.78 -15.03
C ALA A 159 9.61 9.40 -15.44
N ASN A 160 9.66 8.42 -14.54
CA ASN A 160 10.14 7.08 -14.81
C ASN A 160 9.03 6.19 -15.41
N GLY A 161 8.13 6.77 -16.20
CA GLY A 161 7.13 6.05 -16.99
C GLY A 161 5.79 5.89 -16.29
N ALA A 162 5.60 6.54 -15.13
CA ALA A 162 4.37 6.48 -14.36
C ALA A 162 3.50 7.69 -14.71
N THR A 163 2.45 7.88 -13.90
CA THR A 163 1.58 9.02 -13.96
C THR A 163 1.10 9.36 -12.54
N GLU A 164 0.49 10.53 -12.38
CA GLU A 164 -0.17 10.94 -11.15
C GLU A 164 -1.66 10.58 -11.18
N GLN A 165 -2.30 10.85 -10.05
CA GLN A 165 -3.74 11.00 -9.89
C GLN A 165 -3.95 12.27 -9.10
N GLY A 1 43.42 36.74 36.89
CA GLY A 1 44.71 36.05 36.75
C GLY A 1 44.91 35.69 35.29
N PRO A 2 45.72 34.65 34.98
CA PRO A 2 45.76 34.06 33.64
C PRO A 2 44.43 33.35 33.34
N ALA A 3 44.29 32.82 32.11
CA ALA A 3 43.11 32.11 31.65
C ALA A 3 43.46 30.67 31.30
N THR A 4 42.87 29.74 32.05
CA THR A 4 42.88 28.29 31.86
C THR A 4 42.24 27.91 30.51
N LYS A 5 41.91 26.64 30.32
CA LYS A 5 40.93 26.16 29.35
C LYS A 5 40.01 25.23 30.14
N THR A 6 38.89 24.84 29.54
CA THR A 6 37.93 23.91 30.12
C THR A 6 37.26 23.20 28.95
N GLU A 7 36.95 21.92 29.11
CA GLU A 7 36.29 21.06 28.16
C GLU A 7 35.18 20.29 28.88
N LYS A 8 34.14 19.82 28.17
CA LYS A 8 33.06 19.05 28.79
C LYS A 8 32.22 18.31 27.74
N ASP A 9 31.18 17.62 28.20
CA ASP A 9 30.16 16.95 27.41
C ASP A 9 29.48 17.99 26.53
N THR A 10 29.35 17.72 25.24
CA THR A 10 28.59 18.51 24.29
C THR A 10 28.20 17.55 23.17
N LEU A 11 26.89 17.42 22.89
CA LEU A 11 26.31 16.60 21.83
C LEU A 11 24.89 17.09 21.58
N GLN A 12 24.22 16.55 20.56
CA GLN A 12 22.79 16.74 20.29
C GLN A 12 22.06 15.39 20.46
N SER A 13 20.73 15.38 20.45
CA SER A 13 19.95 14.15 20.54
C SER A 13 18.74 14.13 19.60
N ALA A 14 18.23 12.93 19.33
CA ALA A 14 17.11 12.64 18.45
C ALA A 14 15.83 12.49 19.27
N LEU A 15 14.86 13.40 19.10
CA LEU A 15 13.60 13.45 19.85
C LEU A 15 12.49 13.97 18.93
N PRO A 16 11.19 13.83 19.28
CA PRO A 16 10.10 14.55 18.61
C PRO A 16 10.07 16.03 19.07
N VAL A 17 9.11 16.77 18.55
CA VAL A 17 8.64 18.05 19.08
C VAL A 17 7.13 18.11 18.83
N ILE A 18 6.43 19.15 19.27
CA ILE A 18 5.08 19.48 18.86
C ILE A 18 5.14 20.92 18.35
N GLU A 19 4.28 21.28 17.39
CA GLU A 19 4.20 22.61 16.83
C GLU A 19 2.71 22.90 16.64
N ASN A 20 2.09 23.64 17.55
CA ASN A 20 0.63 23.81 17.59
C ASN A 20 0.25 25.14 16.97
N ALA A 21 -0.05 25.12 15.68
CA ALA A 21 -0.75 26.16 14.94
C ALA A 21 -1.64 25.47 13.89
N GLU A 22 -2.13 26.21 12.90
CA GLU A 22 -2.91 25.73 11.77
C GLU A 22 -2.04 24.91 10.81
N LYS A 23 -1.69 23.68 11.19
CA LYS A 23 -0.93 22.77 10.35
C LYS A 23 -1.73 22.33 9.11
N ASN A 24 -1.03 21.85 8.09
CA ASN A 24 -1.61 21.44 6.82
C ASN A 24 -2.50 20.21 7.00
N THR A 25 -3.53 20.07 6.16
CA THR A 25 -4.38 18.92 6.07
C THR A 25 -3.59 17.69 5.61
N VAL A 26 -4.18 16.50 5.76
CA VAL A 26 -3.61 15.25 5.27
C VAL A 26 -3.76 15.19 3.74
N VAL A 27 -2.65 14.94 3.06
CA VAL A 27 -2.54 14.86 1.61
C VAL A 27 -2.36 13.37 1.27
N THR A 28 -2.84 12.94 0.10
CA THR A 28 -2.89 11.55 -0.31
C THR A 28 -2.48 11.46 -1.80
N LYS A 29 -1.17 11.46 -2.06
CA LYS A 29 -0.64 11.32 -3.41
C LYS A 29 -0.85 9.89 -3.88
N THR A 30 -0.85 9.69 -5.18
CA THR A 30 -1.04 8.39 -5.80
C THR A 30 -0.33 8.40 -7.14
N LEU A 31 0.69 7.55 -7.27
CA LEU A 31 1.55 7.51 -8.43
C LEU A 31 1.20 6.22 -9.18
N VAL A 32 0.65 6.40 -10.38
CA VAL A 32 0.23 5.33 -11.28
C VAL A 32 1.47 4.82 -11.98
N LEU A 33 2.12 3.80 -11.40
CA LEU A 33 3.30 3.17 -11.98
C LEU A 33 2.97 2.52 -13.33
N PRO A 34 3.98 2.35 -14.22
CA PRO A 34 3.83 1.63 -15.47
C PRO A 34 3.52 0.15 -15.21
N LYS A 35 3.17 -0.60 -16.27
CA LYS A 35 2.90 -2.03 -16.15
C LYS A 35 4.11 -2.76 -15.59
N SER A 36 3.86 -3.88 -14.93
CA SER A 36 4.88 -4.79 -14.45
C SER A 36 5.28 -5.67 -15.62
N ASP A 37 6.18 -5.15 -16.43
CA ASP A 37 6.45 -5.61 -17.78
C ASP A 37 5.20 -5.49 -18.66
N ASP A 38 4.15 -6.30 -18.47
CA ASP A 38 3.01 -6.33 -19.41
C ASP A 38 1.86 -7.29 -18.99
N GLY A 39 1.16 -6.97 -17.90
CA GLY A 39 -0.09 -7.65 -17.60
C GLY A 39 -0.39 -7.68 -16.11
N SER A 40 0.64 -7.97 -15.32
CA SER A 40 0.65 -7.52 -13.95
C SER A 40 0.89 -6.01 -14.02
N GLN A 41 0.40 -5.32 -13.00
CA GLN A 41 0.65 -3.93 -12.72
C GLN A 41 0.44 -3.71 -11.22
N GLN A 42 0.99 -2.63 -10.70
CA GLN A 42 0.85 -2.20 -9.32
C GLN A 42 0.69 -0.67 -9.34
N THR A 43 0.22 -0.09 -8.24
CA THR A 43 0.10 1.35 -8.04
C THR A 43 0.88 1.67 -6.75
N GLN A 44 1.07 2.95 -6.44
CA GLN A 44 1.66 3.40 -5.18
C GLN A 44 0.76 4.52 -4.64
N THR A 45 0.58 4.59 -3.32
CA THR A 45 -0.14 5.64 -2.58
C THR A 45 0.81 6.26 -1.54
N ILE A 46 0.71 7.55 -1.24
CA ILE A 46 1.56 8.23 -0.26
C ILE A 46 0.71 9.20 0.58
N THR A 47 0.71 9.03 1.90
CA THR A 47 0.16 10.01 2.85
C THR A 47 1.28 10.90 3.41
N TYR A 48 1.13 12.24 3.40
CA TYR A 48 2.01 13.19 4.10
C TYR A 48 1.22 14.43 4.55
N LYS A 49 1.85 15.26 5.40
CA LYS A 49 1.38 16.61 5.81
C LYS A 49 2.37 17.37 6.71
N ASP A 50 3.67 17.15 6.52
CA ASP A 50 4.67 18.01 7.17
C ASP A 50 5.85 18.00 6.23
N LYS A 51 6.72 17.00 6.37
CA LYS A 51 7.94 16.79 5.61
C LYS A 51 8.38 15.32 5.71
N THR A 52 7.44 14.42 5.97
CA THR A 52 7.70 13.08 6.48
C THR A 52 6.64 12.11 5.96
N PHE A 53 7.05 10.86 5.75
CA PHE A 53 6.20 9.73 5.41
C PHE A 53 5.36 9.31 6.61
N LEU A 54 4.10 9.79 6.67
CA LEU A 54 3.09 9.25 7.60
C LEU A 54 2.76 7.81 7.25
N SER A 55 2.45 7.54 5.98
CA SER A 55 1.98 6.24 5.52
C SER A 55 2.17 6.17 4.01
N LEU A 56 2.06 4.95 3.51
CA LEU A 56 2.23 4.55 2.11
C LEU A 56 1.31 3.35 1.86
N ALA A 57 0.95 3.06 0.61
CA ALA A 57 0.42 1.77 0.23
C ALA A 57 0.88 1.38 -1.18
N ILE A 58 0.71 0.10 -1.53
CA ILE A 58 1.00 -0.50 -2.82
C ILE A 58 -0.26 -1.25 -3.22
N GLN A 59 -0.96 -0.78 -4.25
CA GLN A 59 -1.99 -1.59 -4.88
C GLN A 59 -1.36 -2.62 -5.81
N GLN A 60 -2.05 -3.71 -6.08
CA GLN A 60 -1.67 -4.77 -7.01
C GLN A 60 -2.88 -5.05 -7.92
N LYS A 61 -2.65 -5.38 -9.19
CA LYS A 61 -3.69 -5.61 -10.20
C LYS A 61 -3.12 -6.47 -11.31
N ARG A 62 -3.71 -7.62 -11.59
CA ARG A 62 -3.26 -8.51 -12.67
C ARG A 62 -4.41 -9.43 -13.07
N PRO A 63 -4.33 -10.08 -14.25
CA PRO A 63 -5.25 -11.15 -14.59
C PRO A 63 -4.97 -12.39 -13.73
N VAL A 64 -5.85 -13.39 -13.79
CA VAL A 64 -5.72 -14.64 -13.06
C VAL A 64 -5.98 -15.80 -14.03
N SER A 65 -5.24 -16.90 -13.88
CA SER A 65 -5.21 -18.02 -14.85
C SER A 65 -4.34 -19.21 -14.42
N ASP A 66 -3.94 -19.25 -13.16
CA ASP A 66 -3.06 -20.31 -12.66
C ASP A 66 -3.34 -20.66 -11.19
N GLU A 67 -2.73 -19.99 -10.21
CA GLU A 67 -2.90 -20.37 -8.79
C GLU A 67 -4.37 -20.21 -8.40
N LEU A 68 -4.91 -19.04 -8.70
CA LEU A 68 -6.28 -18.66 -8.39
C LEU A 68 -7.28 -19.51 -9.17
N LYS A 69 -6.95 -19.80 -10.43
CA LYS A 69 -7.83 -20.50 -11.36
C LYS A 69 -8.33 -21.79 -10.77
N THR A 70 -7.44 -22.57 -10.17
CA THR A 70 -7.75 -23.83 -9.52
C THR A 70 -8.93 -23.66 -8.56
N TYR A 71 -8.93 -22.63 -7.71
CA TYR A 71 -10.00 -22.43 -6.73
C TYR A 71 -11.30 -21.99 -7.41
N ILE A 72 -11.25 -21.11 -8.42
CA ILE A 72 -12.41 -20.67 -9.18
C ILE A 72 -13.10 -21.90 -9.78
N ASP A 73 -12.32 -22.92 -10.14
CA ASP A 73 -12.81 -24.17 -10.72
C ASP A 73 -13.43 -25.10 -9.67
N GLN A 74 -12.83 -25.20 -8.47
CA GLN A 74 -13.37 -26.02 -7.40
C GLN A 74 -14.71 -25.52 -6.86
N HIS A 75 -14.85 -24.21 -6.67
CA HIS A 75 -15.99 -23.62 -5.96
C HIS A 75 -16.80 -22.75 -6.92
N GLY A 76 -16.31 -21.57 -7.25
CA GLY A 76 -17.02 -20.61 -8.09
C GLY A 76 -16.54 -19.20 -7.80
N VAL A 77 -16.97 -18.26 -8.63
CA VAL A 77 -16.50 -16.88 -8.66
C VAL A 77 -16.81 -16.18 -7.33
N GLU A 78 -18.00 -16.40 -6.77
CA GLU A 78 -18.38 -15.75 -5.53
C GLU A 78 -17.61 -16.28 -4.33
N GLU A 79 -17.38 -17.60 -4.29
CA GLU A 79 -16.59 -18.24 -3.24
C GLU A 79 -15.16 -17.70 -3.33
N THR A 80 -14.62 -17.55 -4.54
CA THR A 80 -13.25 -17.14 -4.79
C THR A 80 -12.91 -15.84 -4.05
N GLN A 81 -13.79 -14.83 -4.04
CA GLN A 81 -13.56 -13.60 -3.29
C GLN A 81 -13.19 -13.88 -1.83
N LYS A 82 -13.87 -14.84 -1.20
CA LYS A 82 -13.69 -15.18 0.20
C LYS A 82 -12.41 -15.97 0.36
N ALA A 83 -12.15 -16.87 -0.58
CA ALA A 83 -10.93 -17.64 -0.64
C ALA A 83 -9.69 -16.76 -0.73
N LEU A 84 -9.75 -15.58 -1.36
CA LEU A 84 -8.65 -14.61 -1.33
C LEU A 84 -8.33 -14.28 0.12
N LEU A 85 -9.35 -13.84 0.85
CA LEU A 85 -9.26 -13.22 2.16
C LEU A 85 -8.80 -14.26 3.18
N GLU A 86 -9.22 -15.51 2.99
CA GLU A 86 -8.76 -16.66 3.75
C GLU A 86 -7.33 -17.05 3.36
N ALA A 87 -6.97 -16.98 2.07
CA ALA A 87 -5.61 -17.27 1.61
C ALA A 87 -4.62 -16.26 2.18
N GLU A 88 -5.03 -14.99 2.36
CA GLU A 88 -4.16 -14.02 3.00
C GLU A 88 -3.88 -14.44 4.45
N GLU A 89 -4.91 -14.83 5.21
CA GLU A 89 -4.71 -15.08 6.64
C GLU A 89 -3.88 -16.33 6.88
N LYS A 90 -3.97 -17.34 6.00
CA LYS A 90 -3.17 -18.57 6.13
C LYS A 90 -1.79 -18.45 5.46
N ASP A 91 -1.46 -17.32 4.83
CA ASP A 91 -0.15 -17.12 4.20
C ASP A 91 0.90 -16.87 5.26
N LYS A 92 1.88 -17.76 5.42
CA LYS A 92 3.00 -17.57 6.35
C LYS A 92 3.69 -16.21 6.21
N SER A 93 3.82 -15.69 4.98
CA SER A 93 4.45 -14.40 4.72
C SER A 93 3.65 -13.29 5.42
N ILE A 94 2.32 -13.35 5.28
CA ILE A 94 1.42 -12.34 5.77
C ILE A 94 1.28 -12.52 7.29
N ILE A 95 1.19 -13.75 7.81
CA ILE A 95 1.12 -14.02 9.24
C ILE A 95 2.33 -13.37 9.92
N GLU A 96 3.53 -13.49 9.34
CA GLU A 96 4.75 -12.87 9.84
C GLU A 96 4.61 -11.35 9.89
N ALA A 97 4.07 -10.75 8.81
CA ALA A 97 3.83 -9.31 8.73
C ALA A 97 2.81 -8.84 9.78
N ARG A 98 1.78 -9.63 10.05
CA ARG A 98 0.66 -9.27 10.91
C ARG A 98 1.05 -9.01 12.37
N LYS A 99 2.27 -9.39 12.78
CA LYS A 99 2.82 -9.02 14.09
C LYS A 99 2.97 -7.50 14.23
N LEU A 100 3.08 -6.74 13.13
CA LEU A 100 3.33 -5.30 13.19
C LEU A 100 2.01 -4.59 13.43
N ALA A 101 2.00 -3.54 14.24
CA ALA A 101 0.80 -2.74 14.51
C ALA A 101 0.57 -1.60 13.51
N GLY A 102 1.15 -1.74 12.33
CA GLY A 102 1.17 -0.71 11.31
C GLY A 102 1.12 -1.30 9.91
N PHE A 103 0.69 -2.54 9.77
CA PHE A 103 0.58 -3.25 8.50
C PHE A 103 -0.87 -3.59 8.24
N LYS A 104 -1.33 -3.39 7.01
CA LYS A 104 -2.66 -3.77 6.56
C LYS A 104 -2.57 -4.31 5.14
N LEU A 105 -3.49 -5.17 4.77
CA LEU A 105 -3.58 -5.78 3.45
C LEU A 105 -5.04 -6.16 3.23
N GLU A 106 -5.63 -5.84 2.08
CA GLU A 106 -6.93 -6.35 1.69
C GLU A 106 -6.96 -6.64 0.18
N THR A 107 -7.72 -7.66 -0.20
CA THR A 107 -7.81 -8.22 -1.55
C THR A 107 -9.24 -8.04 -2.07
N LYS A 108 -9.42 -8.01 -3.39
CA LYS A 108 -10.71 -7.95 -4.05
C LYS A 108 -10.62 -8.82 -5.29
N LEU A 109 -11.68 -9.58 -5.52
CA LEU A 109 -11.83 -10.31 -6.78
C LEU A 109 -12.48 -9.34 -7.75
N LEU A 110 -11.70 -8.75 -8.65
CA LEU A 110 -12.24 -7.84 -9.64
C LEU A 110 -13.18 -8.58 -10.57
N SER A 111 -12.84 -9.81 -10.97
CA SER A 111 -13.67 -10.64 -11.83
C SER A 111 -13.21 -12.08 -11.73
N ALA A 112 -13.92 -13.00 -12.40
CA ALA A 112 -13.50 -14.37 -12.64
C ALA A 112 -12.18 -14.46 -13.46
N THR A 113 -11.60 -13.34 -13.88
CA THR A 113 -10.38 -13.24 -14.67
C THR A 113 -9.39 -12.21 -14.12
N GLU A 114 -9.71 -11.44 -13.06
CA GLU A 114 -8.81 -10.41 -12.51
C GLU A 114 -8.93 -10.40 -10.98
N LEU A 115 -7.83 -10.08 -10.30
CA LEU A 115 -7.85 -9.68 -8.89
C LEU A 115 -7.26 -8.29 -8.72
N GLN A 116 -7.42 -7.77 -7.51
CA GLN A 116 -6.73 -6.59 -7.03
C GLN A 116 -6.35 -6.86 -5.57
N THR A 117 -5.22 -6.31 -5.15
CA THR A 117 -4.83 -6.25 -3.75
C THR A 117 -4.41 -4.82 -3.45
N THR A 118 -4.25 -4.52 -2.17
CA THR A 118 -3.57 -3.35 -1.67
C THR A 118 -2.89 -3.78 -0.36
N THR A 119 -1.71 -3.23 -0.07
CA THR A 119 -0.96 -3.40 1.15
C THR A 119 -0.66 -2.00 1.65
N SER A 120 -1.02 -1.65 2.90
CA SER A 120 -0.78 -0.35 3.49
C SER A 120 0.25 -0.47 4.61
N PHE A 121 1.01 0.62 4.79
CA PHE A 121 2.23 0.71 5.55
C PHE A 121 2.18 1.98 6.39
N ASP A 122 1.67 1.88 7.62
CA ASP A 122 1.45 3.00 8.51
C ASP A 122 2.74 3.27 9.29
N PHE A 123 3.67 4.03 8.70
CA PHE A 123 4.98 4.32 9.28
C PHE A 123 4.93 4.81 10.73
N GLN A 124 3.84 5.47 11.13
CA GLN A 124 3.63 5.95 12.50
C GLN A 124 3.81 4.80 13.50
N VAL A 125 3.25 3.63 13.19
CA VAL A 125 3.11 2.47 14.07
C VAL A 125 3.84 1.24 13.52
N LEU A 126 4.41 1.32 12.31
CA LEU A 126 5.17 0.25 11.69
C LEU A 126 6.51 0.08 12.42
N ASP A 127 6.79 -1.13 12.92
CA ASP A 127 8.13 -1.54 13.35
C ASP A 127 9.02 -1.67 12.11
N VAL A 128 9.38 -0.54 11.49
CA VAL A 128 10.17 -0.53 10.25
C VAL A 128 11.54 -1.20 10.45
N LYS A 129 12.02 -1.22 11.70
CA LYS A 129 13.20 -1.96 12.11
C LYS A 129 13.09 -3.45 11.76
N LYS A 130 11.93 -4.08 11.95
CA LYS A 130 11.66 -5.44 11.47
C LYS A 130 11.30 -5.46 9.98
N ALA A 131 10.76 -4.38 9.42
CA ALA A 131 10.11 -4.44 8.12
C ALA A 131 11.05 -4.82 6.96
N SER A 132 12.36 -4.53 7.07
CA SER A 132 13.33 -4.88 6.04
C SER A 132 13.68 -6.37 6.08
N GLN A 133 13.32 -7.08 7.15
CA GLN A 133 13.76 -8.45 7.44
C GLN A 133 12.56 -9.40 7.41
N LEU A 134 11.59 -9.18 6.52
CA LEU A 134 10.40 -10.01 6.40
C LEU A 134 10.19 -10.39 4.95
N GLU A 135 9.88 -11.67 4.71
CA GLU A 135 9.63 -12.29 3.42
C GLU A 135 8.72 -11.43 2.55
N HIS A 136 7.57 -11.05 3.10
CA HIS A 136 6.51 -10.33 2.41
C HIS A 136 6.99 -8.99 1.83
N LEU A 137 8.07 -8.40 2.37
CA LEU A 137 8.51 -7.05 2.05
C LEU A 137 9.95 -6.96 1.56
N LYS A 138 10.67 -8.08 1.40
CA LYS A 138 12.07 -8.11 0.98
C LYS A 138 12.27 -7.38 -0.34
N ASN A 139 11.25 -7.43 -1.18
CA ASN A 139 11.24 -6.80 -2.49
C ASN A 139 11.11 -5.28 -2.45
N ILE A 140 10.72 -4.72 -1.31
CA ILE A 140 10.45 -3.29 -1.13
C ILE A 140 11.70 -2.65 -0.48
N GLY A 141 11.84 -1.34 -0.60
CA GLY A 141 12.88 -0.54 0.01
C GLY A 141 12.23 0.34 1.07
N LEU A 142 11.82 -0.25 2.18
CA LEU A 142 11.32 0.47 3.35
C LEU A 142 12.38 1.49 3.79
N GLU A 143 13.56 0.99 4.12
CA GLU A 143 14.69 1.79 4.52
C GLU A 143 15.16 2.75 3.42
N ASN A 144 14.87 2.43 2.14
CA ASN A 144 15.30 3.22 0.98
C ASN A 144 14.38 4.41 0.72
N LEU A 145 13.17 4.38 1.28
CA LEU A 145 12.17 5.44 1.27
C LEU A 145 12.38 6.32 2.52
N LEU A 146 12.68 5.70 3.66
CA LEU A 146 12.82 6.41 4.92
C LEU A 146 14.09 7.26 5.02
N LYS A 147 14.89 7.39 3.96
CA LYS A 147 16.07 8.25 3.96
C LYS A 147 15.83 9.67 3.40
N ASN A 148 14.68 9.94 2.81
CA ASN A 148 14.43 11.18 2.06
C ASN A 148 13.01 11.70 2.24
N GLU A 149 12.75 12.94 1.84
CA GLU A 149 11.45 13.59 1.99
C GLU A 149 10.35 12.83 1.28
N PRO A 150 9.06 13.04 1.67
CA PRO A 150 7.94 12.52 0.95
C PRO A 150 7.95 12.98 -0.50
N SER A 151 8.21 14.28 -0.74
CA SER A 151 8.21 14.90 -2.06
C SER A 151 9.48 14.60 -2.87
N LYS A 152 10.57 14.19 -2.23
CA LYS A 152 11.87 14.02 -2.90
C LYS A 152 11.75 13.09 -4.10
N TYR A 153 10.90 12.06 -4.03
CA TYR A 153 10.81 11.04 -5.05
C TYR A 153 9.55 11.08 -5.93
N ILE A 154 8.58 11.93 -5.61
CA ILE A 154 7.33 12.06 -6.38
C ILE A 154 7.65 12.45 -7.82
N SER A 155 8.43 13.51 -7.99
CA SER A 155 8.78 14.02 -9.32
C SER A 155 9.70 13.04 -10.05
N ASP A 156 10.53 12.31 -9.29
CA ASP A 156 11.40 11.29 -9.87
C ASP A 156 10.56 10.09 -10.31
N ARG A 157 9.51 9.73 -9.58
CA ARG A 157 8.56 8.67 -9.94
C ARG A 157 7.95 8.99 -11.30
N LEU A 158 7.37 10.18 -11.48
CA LEU A 158 6.97 10.70 -12.79
C LEU A 158 8.09 10.48 -13.80
N ALA A 159 9.27 11.05 -13.57
CA ALA A 159 10.38 11.03 -14.51
C ALA A 159 10.95 9.64 -14.82
N ASN A 160 10.64 8.62 -14.00
CA ASN A 160 11.02 7.24 -14.23
C ASN A 160 10.02 6.54 -15.15
N GLY A 161 8.85 7.13 -15.44
CA GLY A 161 7.82 6.57 -16.30
C GLY A 161 6.52 6.25 -15.57
N ALA A 162 6.25 6.89 -14.42
CA ALA A 162 4.95 6.82 -13.76
C ALA A 162 4.10 8.04 -14.16
N THR A 163 2.84 8.05 -13.75
CA THR A 163 2.00 9.23 -13.70
C THR A 163 1.36 9.35 -12.32
N GLU A 164 0.36 10.22 -12.15
CA GLU A 164 -0.09 10.77 -10.87
C GLU A 164 -1.62 10.78 -10.81
N GLN A 165 -2.21 11.13 -9.67
CA GLN A 165 -3.66 11.33 -9.54
C GLN A 165 -3.97 12.57 -8.73
N GLY A 1 -27.27 -14.40 -14.31
CA GLY A 1 -26.27 -13.71 -13.49
C GLY A 1 -26.34 -14.15 -12.03
N PRO A 2 -25.67 -15.25 -11.65
CA PRO A 2 -25.57 -15.72 -10.27
C PRO A 2 -24.50 -14.92 -9.50
N ALA A 3 -24.88 -13.76 -8.93
CA ALA A 3 -23.99 -12.91 -8.15
C ALA A 3 -24.71 -12.38 -6.91
N THR A 4 -23.96 -11.98 -5.88
CA THR A 4 -24.50 -11.50 -4.61
C THR A 4 -23.74 -10.25 -4.11
N LYS A 5 -23.91 -9.90 -2.84
CA LYS A 5 -23.47 -8.68 -2.18
C LYS A 5 -22.60 -9.07 -1.00
N THR A 6 -21.81 -8.14 -0.45
CA THR A 6 -20.67 -8.45 0.42
C THR A 6 -20.83 -7.75 1.78
N GLU A 7 -20.22 -8.30 2.84
CA GLU A 7 -20.40 -7.88 4.23
C GLU A 7 -19.30 -8.48 5.15
N LYS A 8 -19.43 -8.28 6.46
CA LYS A 8 -18.68 -8.89 7.57
C LYS A 8 -19.66 -9.05 8.75
N ASP A 9 -19.21 -9.42 9.94
CA ASP A 9 -20.02 -9.29 11.16
C ASP A 9 -19.20 -8.57 12.23
N THR A 10 -19.86 -7.71 12.99
CA THR A 10 -19.25 -6.63 13.75
C THR A 10 -20.26 -6.28 14.83
N LEU A 11 -19.89 -6.45 16.10
CA LEU A 11 -20.75 -6.19 17.24
C LEU A 11 -20.03 -5.20 18.14
N GLN A 12 -20.61 -4.01 18.32
CA GLN A 12 -20.26 -3.16 19.45
C GLN A 12 -20.47 -3.99 20.72
N SER A 13 -19.39 -4.23 21.46
CA SER A 13 -19.32 -5.04 22.65
C SER A 13 -18.14 -4.54 23.48
N ALA A 14 -18.02 -5.00 24.73
CA ALA A 14 -16.92 -4.66 25.62
C ALA A 14 -15.68 -5.52 25.28
N LEU A 15 -15.24 -5.48 24.02
CA LEU A 15 -14.03 -6.10 23.51
C LEU A 15 -13.32 -5.09 22.60
N PRO A 16 -12.02 -5.22 22.35
CA PRO A 16 -11.30 -4.34 21.45
C PRO A 16 -11.79 -4.53 20.02
N VAL A 17 -11.91 -3.42 19.29
CA VAL A 17 -12.29 -3.35 17.88
C VAL A 17 -11.30 -2.43 17.18
N ILE A 18 -11.22 -2.49 15.85
CA ILE A 18 -10.46 -1.54 15.06
C ILE A 18 -11.18 -0.20 15.15
N GLU A 19 -10.41 0.89 15.24
CA GLU A 19 -10.94 2.24 15.12
C GLU A 19 -9.82 3.24 14.84
N ASN A 20 -10.16 4.34 14.18
CA ASN A 20 -9.39 5.57 14.04
C ASN A 20 -10.40 6.69 13.85
N ALA A 21 -9.91 7.93 13.79
CA ALA A 21 -10.66 9.09 13.35
C ALA A 21 -9.85 9.78 12.24
N GLU A 22 -10.40 10.83 11.62
CA GLU A 22 -9.88 11.41 10.38
C GLU A 22 -10.18 12.91 10.30
N LYS A 23 -10.02 13.66 11.40
CA LYS A 23 -10.41 15.08 11.48
C LYS A 23 -9.20 15.99 11.71
N ASN A 24 -8.14 15.82 10.90
CA ASN A 24 -6.98 16.71 10.87
C ASN A 24 -6.57 16.94 9.41
N THR A 25 -5.59 17.78 9.14
CA THR A 25 -4.96 17.91 7.83
C THR A 25 -4.13 16.66 7.52
N VAL A 26 -4.52 15.93 6.47
CA VAL A 26 -3.79 14.79 5.93
C VAL A 26 -3.91 14.90 4.41
N VAL A 27 -2.80 14.84 3.67
CA VAL A 27 -2.79 14.73 2.24
C VAL A 27 -2.65 13.28 1.82
N THR A 28 -2.99 13.02 0.57
CA THR A 28 -2.82 11.75 -0.13
C THR A 28 -2.40 12.08 -1.56
N LYS A 29 -1.17 11.73 -1.95
CA LYS A 29 -0.79 11.59 -3.36
C LYS A 29 -1.10 10.15 -3.78
N THR A 30 -1.28 9.91 -5.08
CA THR A 30 -1.45 8.60 -5.67
C THR A 30 -0.64 8.60 -6.95
N LEU A 31 -0.18 7.42 -7.38
CA LEU A 31 0.67 7.27 -8.55
C LEU A 31 0.10 6.22 -9.51
N VAL A 32 0.66 6.16 -10.71
CA VAL A 32 0.47 5.05 -11.64
C VAL A 32 1.86 4.73 -12.15
N LEU A 33 2.46 3.67 -11.62
CA LEU A 33 3.76 3.18 -12.08
C LEU A 33 3.63 2.61 -13.48
N PRO A 34 4.70 2.49 -14.27
CA PRO A 34 4.62 1.76 -15.52
C PRO A 34 4.61 0.25 -15.25
N LYS A 35 3.86 -0.46 -16.07
CA LYS A 35 3.88 -1.89 -16.21
C LYS A 35 5.27 -2.30 -16.73
N SER A 36 5.77 -3.42 -16.20
CA SER A 36 6.96 -4.13 -16.67
C SER A 36 6.62 -4.83 -18.00
N ASP A 37 6.55 -4.07 -19.10
CA ASP A 37 5.86 -4.34 -20.38
C ASP A 37 4.42 -4.83 -20.17
N ASP A 38 4.26 -6.04 -19.64
CA ASP A 38 3.01 -6.70 -19.38
C ASP A 38 3.29 -7.93 -18.53
N GLY A 39 2.74 -7.89 -17.35
CA GLY A 39 2.71 -9.01 -16.41
C GLY A 39 1.86 -8.60 -15.23
N SER A 40 2.13 -7.40 -14.76
CA SER A 40 1.63 -6.98 -13.46
C SER A 40 1.72 -5.47 -13.28
N GLN A 41 0.69 -4.91 -12.66
CA GLN A 41 0.55 -3.50 -12.40
C GLN A 41 0.46 -3.26 -10.89
N GLN A 42 0.72 -2.01 -10.50
CA GLN A 42 0.71 -1.56 -9.11
C GLN A 42 0.26 -0.10 -9.05
N THR A 43 0.02 0.40 -7.85
CA THR A 43 -0.04 1.83 -7.52
C THR A 43 0.85 2.04 -6.30
N GLN A 44 1.29 3.27 -6.07
CA GLN A 44 1.73 3.72 -4.75
C GLN A 44 0.79 4.85 -4.34
N THR A 45 0.36 4.83 -3.08
CA THR A 45 -0.40 5.90 -2.45
C THR A 45 0.42 6.42 -1.27
N ILE A 46 0.48 7.74 -1.12
CA ILE A 46 1.50 8.44 -0.37
C ILE A 46 0.79 9.43 0.55
N THR A 47 0.53 9.00 1.78
CA THR A 47 -0.13 9.80 2.81
C THR A 47 0.94 10.62 3.54
N TYR A 48 0.76 11.94 3.71
CA TYR A 48 1.63 12.73 4.58
C TYR A 48 0.84 13.94 5.11
N LYS A 49 1.46 14.80 5.91
CA LYS A 49 0.81 16.08 6.29
C LYS A 49 1.73 17.27 6.54
N ASP A 50 3.01 17.02 6.53
CA ASP A 50 4.00 17.94 7.07
C ASP A 50 5.30 17.79 6.29
N LYS A 51 6.16 16.84 6.66
CA LYS A 51 7.42 16.55 5.95
C LYS A 51 7.84 15.09 6.05
N THR A 52 6.93 14.21 6.47
CA THR A 52 7.22 12.82 6.72
C THR A 52 6.11 11.96 6.10
N PHE A 53 6.49 10.82 5.57
CA PHE A 53 5.59 9.77 5.15
C PHE A 53 4.76 9.29 6.34
N LEU A 54 3.45 9.53 6.37
CA LEU A 54 2.54 8.97 7.39
C LEU A 54 2.21 7.51 7.11
N SER A 55 1.93 7.17 5.86
CA SER A 55 1.80 5.79 5.44
C SER A 55 2.16 5.66 3.97
N LEU A 56 2.35 4.42 3.53
CA LEU A 56 2.57 4.05 2.14
C LEU A 56 1.62 2.91 1.88
N ALA A 57 0.64 3.14 1.00
CA ALA A 57 -0.04 2.01 0.40
C ALA A 57 0.70 1.65 -0.89
N ILE A 58 0.71 0.37 -1.23
CA ILE A 58 1.09 -0.12 -2.54
C ILE A 58 -0.07 -1.01 -2.95
N GLN A 59 -0.85 -0.64 -3.96
CA GLN A 59 -1.80 -1.55 -4.59
C GLN A 59 -1.04 -2.47 -5.54
N GLN A 60 -1.65 -3.61 -5.88
CA GLN A 60 -1.21 -4.59 -6.86
C GLN A 60 -2.42 -4.99 -7.69
N LYS A 61 -2.26 -5.26 -8.99
CA LYS A 61 -3.26 -5.88 -9.84
C LYS A 61 -2.53 -6.78 -10.83
N ARG A 62 -2.92 -8.04 -10.88
CA ARG A 62 -2.37 -9.02 -11.80
C ARG A 62 -3.51 -9.89 -12.35
N PRO A 63 -3.31 -10.66 -13.43
CA PRO A 63 -4.23 -11.72 -13.82
C PRO A 63 -4.03 -12.95 -12.92
N VAL A 64 -5.04 -13.81 -12.84
CA VAL A 64 -4.91 -15.14 -12.22
C VAL A 64 -4.00 -16.05 -13.06
N SER A 65 -3.82 -17.29 -12.57
CA SER A 65 -3.18 -18.41 -13.24
C SER A 65 -4.23 -19.51 -13.42
N ASP A 66 -3.95 -20.53 -14.22
CA ASP A 66 -4.90 -21.59 -14.56
C ASP A 66 -5.28 -22.44 -13.35
N GLU A 67 -4.30 -22.70 -12.46
CA GLU A 67 -4.53 -23.34 -11.18
C GLU A 67 -5.58 -22.60 -10.36
N LEU A 68 -5.58 -21.27 -10.43
CA LEU A 68 -6.51 -20.45 -9.68
C LEU A 68 -7.89 -20.59 -10.27
N LYS A 69 -7.97 -20.53 -11.60
CA LYS A 69 -9.19 -20.71 -12.35
C LYS A 69 -9.86 -22.03 -11.98
N THR A 70 -9.14 -23.10 -11.67
CA THR A 70 -9.76 -24.36 -11.24
C THR A 70 -10.70 -24.14 -10.04
N TYR A 71 -10.25 -23.45 -8.98
CA TYR A 71 -11.14 -23.19 -7.85
C TYR A 71 -12.32 -22.33 -8.30
N ILE A 72 -12.09 -21.30 -9.12
CA ILE A 72 -13.13 -20.40 -9.60
C ILE A 72 -14.14 -21.18 -10.47
N ASP A 73 -13.70 -22.23 -11.16
CA ASP A 73 -14.51 -23.15 -11.97
C ASP A 73 -15.45 -23.94 -11.04
N GLN A 74 -14.87 -24.51 -9.98
CA GLN A 74 -15.56 -25.39 -9.06
C GLN A 74 -16.50 -24.61 -8.12
N HIS A 75 -16.20 -23.34 -7.89
CA HIS A 75 -16.90 -22.46 -6.95
C HIS A 75 -17.47 -21.24 -7.66
N GLY A 76 -16.66 -20.20 -7.89
CA GLY A 76 -17.06 -18.95 -8.53
C GLY A 76 -16.31 -17.79 -7.90
N VAL A 77 -16.35 -16.61 -8.53
CA VAL A 77 -15.74 -15.39 -8.00
C VAL A 77 -16.24 -15.07 -6.58
N GLU A 78 -17.51 -15.36 -6.29
CA GLU A 78 -18.14 -15.04 -5.02
C GLU A 78 -17.41 -15.69 -3.85
N GLU A 79 -17.02 -16.96 -4.00
CA GLU A 79 -16.35 -17.70 -2.94
C GLU A 79 -14.84 -17.50 -3.04
N THR A 80 -14.31 -17.36 -4.24
CA THR A 80 -12.87 -17.20 -4.42
C THR A 80 -12.42 -15.92 -3.71
N GLN A 81 -13.21 -14.83 -3.72
CA GLN A 81 -13.00 -13.69 -2.83
C GLN A 81 -12.70 -14.16 -1.41
N LYS A 82 -13.62 -14.90 -0.79
CA LYS A 82 -13.57 -15.34 0.61
C LYS A 82 -12.24 -16.07 0.85
N ALA A 83 -11.96 -17.03 -0.02
CA ALA A 83 -10.79 -17.87 0.04
C ALA A 83 -9.49 -17.08 -0.05
N LEU A 84 -9.44 -15.95 -0.77
CA LEU A 84 -8.25 -15.11 -0.74
C LEU A 84 -8.07 -14.58 0.67
N LEU A 85 -9.10 -13.98 1.25
CA LEU A 85 -8.97 -13.24 2.50
C LEU A 85 -8.51 -14.15 3.62
N GLU A 86 -9.11 -15.34 3.67
CA GLU A 86 -8.81 -16.31 4.71
C GLU A 86 -7.45 -16.99 4.55
N ALA A 87 -6.92 -17.02 3.32
CA ALA A 87 -5.53 -17.34 3.10
C ALA A 87 -4.68 -16.15 3.57
N GLU A 88 -4.85 -15.01 2.90
CA GLU A 88 -3.98 -13.83 2.99
C GLU A 88 -3.77 -13.42 4.43
N GLU A 89 -4.82 -13.30 5.25
CA GLU A 89 -4.66 -12.80 6.60
C GLU A 89 -3.68 -13.63 7.44
N LYS A 90 -3.42 -14.86 7.04
CA LYS A 90 -2.67 -15.86 7.76
C LYS A 90 -1.76 -16.62 6.79
N ASP A 91 -1.30 -16.02 5.70
CA ASP A 91 -0.47 -16.74 4.73
C ASP A 91 1.01 -16.69 5.12
N LYS A 92 1.38 -17.27 6.26
CA LYS A 92 2.71 -17.59 6.80
C LYS A 92 3.68 -16.41 6.76
N SER A 93 4.12 -16.11 5.56
CA SER A 93 4.78 -14.89 5.16
C SER A 93 4.02 -13.66 5.66
N ILE A 94 2.68 -13.66 5.50
CA ILE A 94 1.86 -12.57 5.96
C ILE A 94 1.76 -12.60 7.49
N ILE A 95 1.63 -13.78 8.13
CA ILE A 95 1.56 -13.91 9.58
C ILE A 95 2.75 -13.21 10.24
N GLU A 96 3.96 -13.42 9.72
CA GLU A 96 5.16 -12.80 10.28
C GLU A 96 5.10 -11.26 10.23
N ALA A 97 4.33 -10.70 9.29
CA ALA A 97 4.09 -9.26 9.21
C ALA A 97 2.91 -8.81 10.07
N ARG A 98 1.84 -9.60 10.17
CA ARG A 98 0.65 -9.29 10.97
C ARG A 98 0.98 -9.05 12.45
N LYS A 99 2.11 -9.55 12.96
CA LYS A 99 2.52 -9.29 14.34
C LYS A 99 2.94 -7.82 14.56
N LEU A 100 3.24 -7.06 13.51
CA LEU A 100 3.55 -5.64 13.61
C LEU A 100 2.24 -4.89 13.83
N ALA A 101 2.25 -3.85 14.66
CA ALA A 101 1.07 -3.05 14.95
C ALA A 101 0.86 -1.90 13.96
N GLY A 102 1.39 -2.06 12.75
CA GLY A 102 1.45 -1.05 11.71
C GLY A 102 1.56 -1.68 10.32
N PHE A 103 1.05 -2.90 10.16
CA PHE A 103 1.03 -3.62 8.91
C PHE A 103 -0.42 -3.95 8.59
N LYS A 104 -0.97 -3.36 7.52
CA LYS A 104 -2.25 -3.77 6.95
C LYS A 104 -2.01 -4.42 5.60
N LEU A 105 -2.94 -5.27 5.21
CA LEU A 105 -3.01 -5.89 3.91
C LEU A 105 -4.49 -6.17 3.65
N GLU A 106 -4.98 -5.93 2.43
CA GLU A 106 -6.34 -6.20 2.02
C GLU A 106 -6.33 -6.69 0.57
N THR A 107 -7.44 -7.28 0.16
CA THR A 107 -7.52 -8.15 -1.00
C THR A 107 -8.87 -7.98 -1.68
N LYS A 108 -8.99 -8.32 -2.97
CA LYS A 108 -10.27 -8.51 -3.66
C LYS A 108 -10.02 -9.30 -4.93
N LEU A 109 -10.91 -10.24 -5.21
CA LEU A 109 -11.02 -10.85 -6.53
C LEU A 109 -11.85 -9.88 -7.37
N LEU A 110 -11.24 -9.20 -8.35
CA LEU A 110 -11.94 -8.22 -9.18
C LEU A 110 -12.96 -8.88 -10.09
N SER A 111 -12.67 -10.08 -10.58
CA SER A 111 -13.53 -10.81 -11.51
C SER A 111 -13.13 -12.27 -11.47
N ALA A 112 -13.74 -13.15 -12.26
CA ALA A 112 -13.36 -14.55 -12.32
C ALA A 112 -11.91 -14.76 -12.78
N THR A 113 -11.18 -13.71 -13.21
CA THR A 113 -9.85 -13.87 -13.77
C THR A 113 -8.85 -12.78 -13.36
N GLU A 114 -9.15 -11.94 -12.37
CA GLU A 114 -8.24 -10.90 -11.93
C GLU A 114 -8.40 -10.68 -10.43
N LEU A 115 -7.33 -10.20 -9.78
CA LEU A 115 -7.29 -9.93 -8.36
C LEU A 115 -6.53 -8.63 -8.09
N GLN A 116 -6.76 -8.06 -6.92
CA GLN A 116 -6.33 -6.73 -6.55
C GLN A 116 -5.99 -6.70 -5.07
N THR A 117 -4.70 -6.68 -4.76
CA THR A 117 -4.20 -6.59 -3.40
C THR A 117 -3.81 -5.14 -3.11
N THR A 118 -3.71 -4.79 -1.83
CA THR A 118 -3.11 -3.56 -1.34
C THR A 118 -2.42 -3.88 -0.01
N THR A 119 -1.28 -3.25 0.24
CA THR A 119 -0.46 -3.37 1.44
C THR A 119 -0.33 -1.94 1.99
N SER A 120 -0.66 -1.68 3.28
CA SER A 120 -0.48 -0.36 3.92
C SER A 120 0.58 -0.44 5.01
N PHE A 121 1.69 0.28 4.86
CA PHE A 121 2.69 0.42 5.90
C PHE A 121 2.34 1.68 6.67
N ASP A 122 1.93 1.49 7.91
CA ASP A 122 1.39 2.56 8.73
C ASP A 122 2.59 3.13 9.48
N PHE A 123 3.39 3.99 8.84
CA PHE A 123 4.67 4.50 9.37
C PHE A 123 4.55 5.16 10.74
N GLN A 124 3.34 5.54 11.18
CA GLN A 124 3.06 6.03 12.52
C GLN A 124 3.37 4.99 13.62
N VAL A 125 3.35 3.69 13.28
CA VAL A 125 3.51 2.58 14.21
C VAL A 125 4.38 1.44 13.65
N LEU A 126 4.68 1.44 12.36
CA LEU A 126 5.45 0.37 11.73
C LEU A 126 6.94 0.51 12.08
N ASP A 127 7.59 -0.61 12.38
CA ASP A 127 9.06 -0.65 12.46
C ASP A 127 9.56 -1.02 11.08
N VAL A 128 9.97 0.00 10.35
CA VAL A 128 10.52 -0.08 9.01
C VAL A 128 11.69 -1.08 9.01
N LYS A 129 12.48 -1.10 10.09
CA LYS A 129 13.68 -1.92 10.21
C LYS A 129 13.34 -3.39 10.21
N LYS A 130 12.23 -3.80 10.85
CA LYS A 130 11.76 -5.17 10.77
C LYS A 130 10.95 -5.42 9.51
N ALA A 131 10.01 -4.53 9.13
CA ALA A 131 9.10 -4.82 8.03
C ALA A 131 9.85 -5.19 6.75
N SER A 132 10.95 -4.48 6.48
CA SER A 132 11.78 -4.69 5.31
C SER A 132 12.36 -6.11 5.19
N GLN A 133 12.32 -6.93 6.25
CA GLN A 133 13.08 -8.18 6.38
C GLN A 133 12.18 -9.43 6.45
N LEU A 134 10.92 -9.34 6.01
CA LEU A 134 9.89 -10.36 6.24
C LEU A 134 9.55 -11.19 5.02
N GLU A 135 10.42 -11.25 4.02
CA GLU A 135 10.29 -12.02 2.80
C GLU A 135 9.14 -11.55 1.92
N HIS A 136 7.88 -11.65 2.38
CA HIS A 136 6.70 -11.08 1.73
C HIS A 136 6.96 -9.63 1.32
N LEU A 137 7.58 -8.86 2.22
CA LEU A 137 7.82 -7.44 2.04
C LEU A 137 9.25 -7.16 1.56
N LYS A 138 10.11 -8.18 1.39
CA LYS A 138 11.53 -7.97 1.21
C LYS A 138 11.87 -7.43 -0.17
N ASN A 139 11.01 -7.57 -1.18
CA ASN A 139 11.25 -6.90 -2.46
C ASN A 139 11.10 -5.38 -2.37
N ILE A 140 10.47 -4.86 -1.31
CA ILE A 140 10.08 -3.46 -1.20
C ILE A 140 11.25 -2.68 -0.58
N GLY A 141 11.48 -1.46 -1.07
CA GLY A 141 12.54 -0.55 -0.67
C GLY A 141 12.16 0.27 0.54
N LEU A 142 11.57 -0.39 1.55
CA LEU A 142 10.91 0.22 2.69
C LEU A 142 11.78 1.28 3.35
N GLU A 143 13.04 0.95 3.63
CA GLU A 143 13.95 1.83 4.34
C GLU A 143 14.48 2.94 3.42
N ASN A 144 14.67 2.65 2.13
CA ASN A 144 15.27 3.58 1.16
C ASN A 144 14.30 4.70 0.78
N LEU A 145 13.00 4.38 0.79
CA LEU A 145 11.95 5.38 0.72
C LEU A 145 12.09 6.32 1.92
N LEU A 146 12.09 5.78 3.14
CA LEU A 146 12.09 6.55 4.36
C LEU A 146 13.50 7.09 4.66
N LYS A 147 14.07 7.88 3.73
CA LYS A 147 15.23 8.74 3.89
C LYS A 147 15.00 10.07 3.17
N ASN A 148 13.76 10.39 2.74
CA ASN A 148 13.48 11.61 2.00
C ASN A 148 12.17 12.27 2.40
N GLU A 149 11.95 13.49 1.91
CA GLU A 149 10.70 14.20 2.10
C GLU A 149 9.63 13.42 1.33
N PRO A 150 8.37 13.41 1.76
CA PRO A 150 7.34 12.63 1.10
C PRO A 150 7.10 13.06 -0.36
N SER A 151 7.54 14.26 -0.73
CA SER A 151 7.31 14.88 -2.03
C SER A 151 8.63 15.26 -2.70
N LYS A 152 9.76 14.65 -2.30
CA LYS A 152 10.92 14.59 -3.16
C LYS A 152 10.69 13.48 -4.18
N TYR A 153 10.64 12.20 -3.76
CA TYR A 153 10.82 11.10 -4.72
C TYR A 153 9.70 10.95 -5.76
N ILE A 154 8.54 11.56 -5.52
CA ILE A 154 7.39 11.50 -6.42
C ILE A 154 7.79 12.05 -7.80
N SER A 155 8.59 13.12 -7.82
CA SER A 155 9.13 13.70 -9.04
C SER A 155 9.94 12.65 -9.81
N ASP A 156 10.80 11.92 -9.09
CA ASP A 156 11.65 10.90 -9.69
C ASP A 156 10.80 9.76 -10.26
N ARG A 157 9.69 9.39 -9.59
CA ARG A 157 8.78 8.36 -10.10
C ARG A 157 8.27 8.73 -11.49
N LEU A 158 7.55 9.85 -11.63
CA LEU A 158 7.09 10.31 -12.93
C LEU A 158 8.24 10.49 -13.93
N ALA A 159 9.38 11.03 -13.52
CA ALA A 159 10.54 11.21 -14.39
C ALA A 159 11.06 9.87 -14.94
N ASN A 160 10.87 8.77 -14.21
CA ASN A 160 11.22 7.41 -14.63
C ASN A 160 10.14 6.78 -15.52
N GLY A 161 9.14 7.54 -15.98
CA GLY A 161 8.11 7.09 -16.91
C GLY A 161 6.90 6.57 -16.14
N ALA A 162 6.39 7.35 -15.20
CA ALA A 162 5.21 7.03 -14.39
C ALA A 162 4.20 8.20 -14.46
N THR A 163 3.05 8.08 -13.79
CA THR A 163 2.04 9.14 -13.67
C THR A 163 1.56 9.31 -12.24
N GLU A 164 0.62 10.23 -12.05
CA GLU A 164 0.02 10.71 -10.81
C GLU A 164 -1.49 10.50 -10.88
N GLN A 165 -2.19 10.66 -9.75
CA GLN A 165 -3.64 10.56 -9.65
C GLN A 165 -4.09 11.54 -8.57
N GLY A 1 2.17 35.34 15.84
CA GLY A 1 2.13 36.80 16.05
C GLY A 1 2.55 37.57 14.79
N PRO A 2 1.63 37.82 13.84
CA PRO A 2 1.96 38.41 12.54
C PRO A 2 2.10 39.94 12.59
N ALA A 3 2.73 40.52 11.55
CA ALA A 3 2.64 41.94 11.17
C ALA A 3 2.98 42.04 9.69
N THR A 4 2.56 43.13 9.03
CA THR A 4 2.91 43.41 7.63
C THR A 4 4.37 43.87 7.56
N LYS A 5 5.29 43.00 7.13
CA LYS A 5 6.69 43.31 6.90
C LYS A 5 7.11 42.54 5.65
N THR A 6 7.76 43.21 4.70
CA THR A 6 8.43 42.55 3.59
C THR A 6 9.79 42.04 4.06
N GLU A 7 10.22 40.95 3.46
CA GLU A 7 11.53 40.33 3.52
C GLU A 7 12.50 41.00 2.53
N LYS A 8 13.67 40.40 2.32
CA LYS A 8 14.47 40.44 1.10
C LYS A 8 15.18 39.09 0.97
N ASP A 9 15.80 38.82 -0.17
CA ASP A 9 16.86 37.83 -0.27
C ASP A 9 18.15 38.38 0.36
N THR A 10 19.12 37.50 0.55
CA THR A 10 20.56 37.73 0.65
C THR A 10 21.18 36.37 1.00
N LEU A 11 22.26 35.97 0.32
CA LEU A 11 23.13 34.90 0.82
C LEU A 11 24.25 35.59 1.59
N GLN A 12 24.37 35.26 2.87
CA GLN A 12 25.47 35.67 3.74
C GLN A 12 26.26 34.41 4.12
N SER A 13 27.45 34.60 4.69
CA SER A 13 28.26 33.49 5.20
C SER A 13 27.63 33.06 6.53
N ALA A 14 26.71 32.09 6.48
CA ALA A 14 26.03 31.50 7.62
C ALA A 14 25.67 30.05 7.26
N LEU A 15 25.00 29.36 8.17
CA LEU A 15 24.34 28.07 7.94
C LEU A 15 22.82 28.31 8.01
N PRO A 16 22.00 27.45 7.39
CA PRO A 16 20.55 27.57 7.45
C PRO A 16 20.02 27.31 8.86
N VAL A 17 18.82 27.82 9.13
CA VAL A 17 18.11 27.63 10.40
C VAL A 17 17.00 26.59 10.22
N ILE A 18 16.32 26.25 11.31
CA ILE A 18 15.05 25.53 11.29
C ILE A 18 13.94 26.59 11.32
N GLU A 19 12.82 26.35 10.63
CA GLU A 19 11.60 27.13 10.74
C GLU A 19 10.44 26.22 10.29
N ASN A 20 9.22 26.55 10.70
CA ASN A 20 7.98 25.84 10.39
C ASN A 20 6.86 26.88 10.43
N ALA A 21 5.75 26.64 9.73
CA ALA A 21 4.57 27.50 9.73
C ALA A 21 3.41 26.72 10.34
N GLU A 22 2.62 27.38 11.19
CA GLU A 22 1.55 26.75 11.97
C GLU A 22 0.31 26.55 11.09
N LYS A 23 0.43 25.81 9.98
CA LYS A 23 -0.61 25.68 8.97
C LYS A 23 -0.35 24.43 8.15
N ASN A 24 -0.85 23.27 8.58
CA ASN A 24 -0.54 21.98 7.96
C ASN A 24 -1.76 21.07 7.98
N THR A 25 -1.85 20.16 7.01
CA THR A 25 -2.92 19.17 6.93
C THR A 25 -2.36 17.85 6.43
N VAL A 26 -3.10 16.76 6.66
CA VAL A 26 -2.85 15.46 6.07
C VAL A 26 -3.28 15.56 4.61
N VAL A 27 -2.36 15.29 3.68
CA VAL A 27 -2.64 15.09 2.28
C VAL A 27 -2.30 13.65 1.88
N THR A 28 -2.74 13.28 0.68
CA THR A 28 -2.72 11.94 0.10
C THR A 28 -2.49 12.07 -1.42
N LYS A 29 -1.34 11.62 -1.91
CA LYS A 29 -0.95 11.58 -3.31
C LYS A 29 -1.24 10.18 -3.85
N THR A 30 -1.28 9.99 -5.16
CA THR A 30 -1.64 8.70 -5.78
C THR A 30 -0.78 8.47 -7.03
N LEU A 31 0.34 7.74 -6.90
CA LEU A 31 1.27 7.52 -8.00
C LEU A 31 0.97 6.23 -8.73
N VAL A 32 0.63 6.34 -10.00
CA VAL A 32 0.36 5.26 -10.92
C VAL A 32 1.69 4.80 -11.51
N LEU A 33 2.30 3.82 -10.87
CA LEU A 33 3.55 3.22 -11.33
C LEU A 33 3.30 2.45 -12.65
N PRO A 34 4.31 2.31 -13.51
CA PRO A 34 4.19 1.63 -14.81
C PRO A 34 3.90 0.14 -14.63
N LYS A 35 3.43 -0.58 -15.66
CA LYS A 35 3.24 -2.02 -15.52
C LYS A 35 4.59 -2.72 -15.29
N SER A 36 4.55 -3.80 -14.53
CA SER A 36 5.64 -4.74 -14.33
C SER A 36 5.83 -5.59 -15.59
N ASP A 37 6.84 -6.47 -15.53
CA ASP A 37 7.28 -7.39 -16.57
C ASP A 37 6.26 -8.53 -16.83
N ASP A 38 5.18 -8.59 -16.05
CA ASP A 38 4.24 -9.72 -16.04
C ASP A 38 2.77 -9.30 -15.96
N GLY A 39 2.39 -8.23 -16.66
CA GLY A 39 0.98 -7.87 -16.81
C GLY A 39 0.35 -7.37 -15.51
N SER A 40 1.16 -6.83 -14.60
CA SER A 40 0.73 -6.38 -13.30
C SER A 40 0.89 -4.88 -13.27
N GLN A 41 -0.19 -4.15 -13.00
CA GLN A 41 -0.10 -2.76 -12.58
C GLN A 41 0.02 -2.78 -11.05
N GLN A 42 0.33 -1.62 -10.48
CA GLN A 42 0.32 -1.32 -9.08
C GLN A 42 0.23 0.20 -8.99
N THR A 43 -0.24 0.68 -7.85
CA THR A 43 -0.25 2.10 -7.53
C THR A 43 0.46 2.22 -6.19
N GLN A 44 0.83 3.44 -5.80
CA GLN A 44 1.18 3.76 -4.44
C GLN A 44 0.34 4.97 -4.05
N THR A 45 -0.07 5.02 -2.79
CA THR A 45 -0.70 6.20 -2.21
C THR A 45 0.24 6.68 -1.11
N ILE A 46 0.54 7.98 -1.10
CA ILE A 46 1.59 8.61 -0.30
C ILE A 46 0.90 9.62 0.64
N THR A 47 0.74 9.31 1.92
CA THR A 47 0.22 10.25 2.93
C THR A 47 1.35 11.13 3.51
N TYR A 48 1.25 12.47 3.53
CA TYR A 48 2.15 13.26 4.40
C TYR A 48 1.44 14.46 5.03
N LYS A 49 2.08 15.13 6.01
CA LYS A 49 1.60 16.41 6.55
C LYS A 49 2.68 17.44 6.83
N ASP A 50 3.95 17.12 6.62
CA ASP A 50 5.02 18.12 6.69
C ASP A 50 6.22 17.70 5.86
N LYS A 51 7.14 16.89 6.40
CA LYS A 51 8.40 16.51 5.76
C LYS A 51 8.70 15.03 5.99
N THR A 52 7.69 14.26 6.43
CA THR A 52 7.83 12.83 6.64
C THR A 52 6.70 12.04 6.01
N PHE A 53 7.03 10.83 5.55
CA PHE A 53 6.14 9.75 5.19
C PHE A 53 5.31 9.31 6.41
N LEU A 54 4.04 9.71 6.47
CA LEU A 54 3.13 9.25 7.53
C LEU A 54 2.67 7.83 7.29
N SER A 55 2.28 7.53 6.05
CA SER A 55 1.73 6.25 5.67
C SER A 55 2.00 6.05 4.19
N LEU A 56 1.98 4.79 3.74
CA LEU A 56 2.17 4.42 2.35
C LEU A 56 1.35 3.17 2.11
N ALA A 57 0.57 3.14 1.04
CA ALA A 57 -0.21 1.99 0.66
C ALA A 57 0.05 1.65 -0.80
N ILE A 58 0.83 0.60 -1.04
CA ILE A 58 0.91 -0.08 -2.33
C ILE A 58 -0.46 -0.69 -2.64
N GLN A 59 -1.09 -0.31 -3.75
CA GLN A 59 -2.14 -1.12 -4.39
C GLN A 59 -1.48 -2.04 -5.42
N GLN A 60 -2.12 -3.15 -5.76
CA GLN A 60 -1.63 -4.18 -6.66
C GLN A 60 -2.79 -4.68 -7.53
N LYS A 61 -2.57 -4.91 -8.83
CA LYS A 61 -3.63 -5.31 -9.76
C LYS A 61 -3.01 -6.15 -10.87
N ARG A 62 -3.44 -7.40 -11.00
CA ARG A 62 -2.85 -8.36 -11.94
C ARG A 62 -3.81 -9.52 -12.20
N PRO A 63 -3.56 -10.33 -13.25
CA PRO A 63 -4.30 -11.55 -13.48
C PRO A 63 -3.93 -12.66 -12.48
N VAL A 64 -4.66 -13.77 -12.54
CA VAL A 64 -4.37 -15.03 -11.85
C VAL A 64 -3.61 -16.00 -12.76
N SER A 65 -3.41 -17.23 -12.29
CA SER A 65 -2.86 -18.37 -13.00
C SER A 65 -3.78 -19.57 -12.73
N ASP A 66 -3.47 -20.72 -13.34
CA ASP A 66 -4.38 -21.88 -13.42
C ASP A 66 -4.70 -22.50 -12.05
N GLU A 67 -3.80 -22.30 -11.09
CA GLU A 67 -3.97 -22.62 -9.66
C GLU A 67 -5.29 -22.09 -9.13
N LEU A 68 -5.65 -20.86 -9.50
CA LEU A 68 -6.83 -20.18 -9.00
C LEU A 68 -8.04 -20.48 -9.88
N LYS A 69 -7.84 -20.67 -11.19
CA LYS A 69 -8.89 -21.13 -12.08
C LYS A 69 -9.48 -22.45 -11.58
N THR A 70 -8.66 -23.34 -11.05
CA THR A 70 -9.18 -24.60 -10.51
C THR A 70 -10.19 -24.33 -9.37
N TYR A 71 -9.98 -23.33 -8.52
CA TYR A 71 -10.97 -23.00 -7.49
C TYR A 71 -12.25 -22.44 -8.13
N ILE A 72 -12.12 -21.57 -9.13
CA ILE A 72 -13.23 -20.94 -9.83
C ILE A 72 -14.11 -22.03 -10.46
N ASP A 73 -13.50 -23.01 -11.14
CA ASP A 73 -14.22 -24.07 -11.84
C ASP A 73 -15.06 -24.89 -10.86
N GLN A 74 -14.47 -25.22 -9.70
CA GLN A 74 -15.11 -26.02 -8.65
C GLN A 74 -16.26 -25.30 -7.95
N HIS A 75 -16.20 -23.98 -7.85
CA HIS A 75 -17.15 -23.16 -7.09
C HIS A 75 -17.78 -22.07 -7.94
N GLY A 76 -17.03 -21.00 -8.22
CA GLY A 76 -17.46 -19.87 -9.01
C GLY A 76 -16.76 -18.60 -8.54
N VAL A 77 -16.90 -17.52 -9.31
CA VAL A 77 -16.18 -16.27 -9.09
C VAL A 77 -16.57 -15.68 -7.73
N GLU A 78 -17.82 -15.82 -7.33
CA GLU A 78 -18.33 -15.30 -6.06
C GLU A 78 -17.59 -15.93 -4.89
N GLU A 79 -17.42 -17.25 -4.89
CA GLU A 79 -16.68 -17.92 -3.82
C GLU A 79 -15.20 -17.61 -3.91
N THR A 80 -14.68 -17.38 -5.12
CA THR A 80 -13.27 -17.05 -5.32
C THR A 80 -12.90 -15.77 -4.55
N GLN A 81 -13.83 -14.81 -4.37
CA GLN A 81 -13.59 -13.64 -3.51
C GLN A 81 -13.24 -14.07 -2.08
N LYS A 82 -13.97 -15.03 -1.50
CA LYS A 82 -13.69 -15.55 -0.16
C LYS A 82 -12.32 -16.20 -0.17
N ALA A 83 -12.05 -17.03 -1.17
CA ALA A 83 -10.80 -17.77 -1.27
C ALA A 83 -9.57 -16.86 -1.26
N LEU A 84 -9.67 -15.63 -1.79
CA LEU A 84 -8.58 -14.66 -1.68
C LEU A 84 -8.29 -14.36 -0.22
N LEU A 85 -9.34 -14.01 0.51
CA LEU A 85 -9.27 -13.39 1.81
C LEU A 85 -8.74 -14.38 2.83
N GLU A 86 -9.16 -15.64 2.69
CA GLU A 86 -8.75 -16.80 3.45
C GLU A 86 -7.27 -17.14 3.16
N ALA A 87 -6.87 -17.06 1.89
CA ALA A 87 -5.50 -17.35 1.45
C ALA A 87 -4.47 -16.43 2.10
N GLU A 88 -4.86 -15.20 2.44
CA GLU A 88 -3.97 -14.28 3.13
C GLU A 88 -3.85 -14.63 4.61
N GLU A 89 -4.91 -15.14 5.25
CA GLU A 89 -4.86 -15.51 6.68
C GLU A 89 -3.87 -16.65 6.94
N LYS A 90 -3.58 -17.46 5.91
CA LYS A 90 -2.81 -18.69 6.04
C LYS A 90 -1.42 -18.58 5.43
N ASP A 91 -0.99 -17.40 4.95
CA ASP A 91 0.34 -17.25 4.35
C ASP A 91 1.39 -17.01 5.42
N LYS A 92 2.51 -17.72 5.36
CA LYS A 92 3.59 -17.56 6.32
C LYS A 92 4.12 -16.13 6.32
N SER A 93 4.22 -15.49 5.16
CA SER A 93 4.75 -14.14 5.07
C SER A 93 3.86 -13.18 5.85
N ILE A 94 2.55 -13.30 5.63
CA ILE A 94 1.52 -12.40 6.12
C ILE A 94 1.36 -12.57 7.62
N ILE A 95 1.33 -13.80 8.14
CA ILE A 95 1.13 -14.04 9.57
C ILE A 95 2.30 -13.41 10.35
N GLU A 96 3.53 -13.47 9.82
CA GLU A 96 4.64 -12.78 10.46
C GLU A 96 4.41 -11.26 10.42
N ALA A 97 4.00 -10.72 9.26
CA ALA A 97 3.75 -9.31 9.07
C ALA A 97 2.68 -8.77 10.04
N ARG A 98 1.65 -9.59 10.33
CA ARG A 98 0.55 -9.20 11.23
C ARG A 98 1.04 -8.95 12.66
N LYS A 99 2.24 -9.40 13.04
CA LYS A 99 2.82 -9.11 14.36
C LYS A 99 3.23 -7.65 14.53
N LEU A 100 3.10 -6.78 13.52
CA LEU A 100 3.41 -5.36 13.64
C LEU A 100 2.11 -4.59 13.78
N ALA A 101 2.07 -3.63 14.70
CA ALA A 101 0.86 -2.91 15.08
C ALA A 101 0.50 -1.78 14.13
N GLY A 102 1.00 -1.85 12.90
CA GLY A 102 1.11 -0.79 11.92
C GLY A 102 1.07 -1.33 10.50
N PHE A 103 0.91 -2.64 10.31
CA PHE A 103 0.82 -3.28 9.00
C PHE A 103 -0.64 -3.69 8.78
N LYS A 104 -1.16 -3.40 7.59
CA LYS A 104 -2.43 -3.93 7.10
C LYS A 104 -2.23 -4.54 5.72
N LEU A 105 -3.17 -5.41 5.37
CA LEU A 105 -3.33 -6.04 4.07
C LEU A 105 -4.84 -6.13 3.90
N GLU A 106 -5.32 -5.94 2.68
CA GLU A 106 -6.69 -6.13 2.28
C GLU A 106 -6.70 -6.56 0.81
N THR A 107 -7.76 -7.24 0.40
CA THR A 107 -7.77 -8.05 -0.81
C THR A 107 -9.12 -7.91 -1.52
N LYS A 108 -9.17 -8.08 -2.85
CA LYS A 108 -10.37 -7.87 -3.63
C LYS A 108 -10.32 -8.74 -4.89
N LEU A 109 -11.48 -9.20 -5.34
CA LEU A 109 -11.63 -9.91 -6.60
C LEU A 109 -12.31 -8.95 -7.58
N LEU A 110 -11.75 -8.86 -8.79
CA LEU A 110 -12.31 -8.08 -9.88
C LEU A 110 -12.99 -8.95 -10.94
N SER A 111 -12.58 -10.20 -11.17
CA SER A 111 -13.09 -11.05 -12.26
C SER A 111 -12.47 -12.44 -12.12
N ALA A 112 -12.95 -13.43 -12.88
CA ALA A 112 -12.37 -14.80 -12.84
C ALA A 112 -10.91 -14.82 -13.32
N THR A 113 -10.44 -13.73 -13.92
CA THR A 113 -9.16 -13.64 -14.59
C THR A 113 -8.30 -12.52 -14.01
N GLU A 114 -8.78 -11.75 -13.02
CA GLU A 114 -8.11 -10.58 -12.48
C GLU A 114 -8.53 -10.32 -11.02
N LEU A 115 -7.55 -10.03 -10.17
CA LEU A 115 -7.74 -9.69 -8.75
C LEU A 115 -7.15 -8.30 -8.45
N GLN A 116 -7.31 -7.85 -7.22
CA GLN A 116 -6.66 -6.67 -6.67
C GLN A 116 -6.22 -6.96 -5.22
N THR A 117 -5.12 -6.34 -4.78
CA THR A 117 -4.66 -6.38 -3.41
C THR A 117 -4.22 -4.97 -3.03
N THR A 118 -4.12 -4.68 -1.74
CA THR A 118 -3.42 -3.53 -1.23
C THR A 118 -2.62 -3.98 -0.01
N THR A 119 -1.47 -3.35 0.23
CA THR A 119 -0.65 -3.51 1.42
C THR A 119 -0.48 -2.11 2.02
N SER A 120 -0.69 -1.94 3.32
CA SER A 120 -0.72 -0.64 3.97
C SER A 120 0.34 -0.61 5.07
N PHE A 121 1.08 0.50 5.16
CA PHE A 121 2.15 0.74 6.11
C PHE A 121 1.82 2.03 6.87
N ASP A 122 1.42 1.89 8.13
CA ASP A 122 1.23 3.01 9.04
C ASP A 122 2.60 3.32 9.62
N PHE A 123 3.40 4.12 8.94
CA PHE A 123 4.78 4.43 9.35
C PHE A 123 4.89 5.11 10.74
N GLN A 124 3.78 5.57 11.32
CA GLN A 124 3.74 6.07 12.70
C GLN A 124 3.94 4.95 13.72
N VAL A 125 3.49 3.73 13.42
CA VAL A 125 3.54 2.61 14.34
C VAL A 125 4.44 1.48 13.83
N LEU A 126 4.60 1.34 12.51
CA LEU A 126 5.43 0.34 11.91
C LEU A 126 6.92 0.73 12.08
N ASP A 127 7.77 -0.26 12.27
CA ASP A 127 9.22 -0.11 12.14
C ASP A 127 9.65 -0.63 10.78
N VAL A 128 9.90 0.29 9.86
CA VAL A 128 10.34 -0.10 8.51
C VAL A 128 11.61 -0.97 8.57
N LYS A 129 12.50 -0.73 9.54
CA LYS A 129 13.71 -1.52 9.75
C LYS A 129 13.32 -2.99 9.84
N LYS A 130 12.45 -3.33 10.80
CA LYS A 130 12.00 -4.70 10.95
C LYS A 130 11.14 -5.19 9.80
N ALA A 131 10.26 -4.35 9.24
CA ALA A 131 9.38 -4.75 8.16
C ALA A 131 10.15 -5.36 6.97
N SER A 132 11.26 -4.74 6.59
CA SER A 132 12.07 -5.19 5.46
C SER A 132 12.77 -6.53 5.78
N GLN A 133 12.70 -7.04 7.01
CA GLN A 133 13.21 -8.33 7.49
C GLN A 133 12.09 -9.38 7.59
N LEU A 134 11.09 -9.28 6.72
CA LEU A 134 10.00 -10.23 6.51
C LEU A 134 10.16 -10.78 5.10
N GLU A 135 9.21 -11.61 4.66
CA GLU A 135 9.09 -12.02 3.26
C GLU A 135 8.27 -10.98 2.49
N HIS A 136 7.20 -10.47 3.10
CA HIS A 136 6.20 -9.66 2.40
C HIS A 136 6.77 -8.38 1.78
N LEU A 137 7.93 -7.91 2.30
CA LEU A 137 8.51 -6.63 1.95
C LEU A 137 9.92 -6.78 1.38
N LYS A 138 10.43 -8.01 1.35
CA LYS A 138 11.79 -8.42 1.02
C LYS A 138 12.17 -7.93 -0.37
N ASN A 139 11.16 -7.89 -1.22
CA ASN A 139 11.27 -7.40 -2.57
C ASN A 139 11.37 -5.87 -2.59
N ILE A 140 10.57 -5.20 -1.77
CA ILE A 140 10.30 -3.77 -1.82
C ILE A 140 11.57 -3.02 -1.41
N GLY A 141 11.83 -1.89 -2.05
CA GLY A 141 13.01 -1.06 -1.86
C GLY A 141 12.96 -0.18 -0.60
N LEU A 142 12.04 -0.43 0.35
CA LEU A 142 11.46 0.53 1.31
C LEU A 142 12.45 1.47 2.00
N GLU A 143 13.63 0.97 2.32
CA GLU A 143 14.74 1.74 2.85
C GLU A 143 14.91 3.03 2.05
N ASN A 144 15.01 2.93 0.72
CA ASN A 144 15.30 4.04 -0.18
C ASN A 144 14.15 5.05 -0.25
N LEU A 145 12.90 4.60 -0.07
CA LEU A 145 11.74 5.48 0.05
C LEU A 145 11.89 6.30 1.32
N LEU A 146 12.18 5.66 2.45
CA LEU A 146 12.33 6.32 3.75
C LEU A 146 13.71 7.00 3.93
N LYS A 147 14.30 7.54 2.85
CA LYS A 147 15.62 8.20 2.83
C LYS A 147 15.54 9.58 2.18
N ASN A 148 14.35 10.13 1.96
CA ASN A 148 14.17 11.44 1.33
C ASN A 148 12.88 12.10 1.82
N GLU A 149 12.65 13.35 1.41
CA GLU A 149 11.42 14.07 1.77
C GLU A 149 10.25 13.38 1.08
N PRO A 150 9.04 13.41 1.65
CA PRO A 150 7.88 12.77 1.06
C PRO A 150 7.56 13.31 -0.33
N SER A 151 7.96 14.55 -0.64
CA SER A 151 7.65 15.24 -1.90
C SER A 151 8.90 15.47 -2.75
N LYS A 152 10.09 15.03 -2.29
CA LYS A 152 11.27 14.98 -3.14
C LYS A 152 10.99 13.95 -4.24
N TYR A 153 10.84 12.69 -3.83
CA TYR A 153 10.97 11.58 -4.76
C TYR A 153 9.82 11.47 -5.76
N ILE A 154 8.69 12.12 -5.46
CA ILE A 154 7.51 12.18 -6.33
C ILE A 154 7.91 12.83 -7.67
N SER A 155 8.75 13.87 -7.64
CA SER A 155 9.22 14.54 -8.85
C SER A 155 9.94 13.55 -9.75
N ASP A 156 10.81 12.74 -9.14
CA ASP A 156 11.58 11.71 -9.81
C ASP A 156 10.67 10.62 -10.35
N ARG A 157 9.65 10.20 -9.58
CA ARG A 157 8.76 9.10 -9.94
C ARG A 157 8.14 9.29 -11.30
N LEU A 158 7.51 10.43 -11.57
CA LEU A 158 6.99 10.81 -12.89
C LEU A 158 8.05 10.48 -13.95
N ALA A 159 9.26 11.02 -13.81
CA ALA A 159 10.32 10.87 -14.80
C ALA A 159 10.97 9.48 -14.84
N ASN A 160 10.64 8.58 -13.91
CA ASN A 160 10.99 7.16 -13.95
C ASN A 160 9.82 6.32 -14.50
N GLY A 161 8.91 6.90 -15.28
CA GLY A 161 7.89 6.16 -16.01
C GLY A 161 6.54 6.08 -15.30
N ALA A 162 6.35 6.79 -14.19
CA ALA A 162 5.10 6.79 -13.45
C ALA A 162 4.22 7.97 -13.86
N THR A 163 3.02 8.05 -13.29
CA THR A 163 2.08 9.17 -13.42
C THR A 163 1.38 9.45 -12.07
N GLU A 164 0.55 10.50 -11.99
CA GLU A 164 -0.12 10.99 -10.77
C GLU A 164 -1.64 10.84 -10.89
N GLN A 165 -2.35 10.98 -9.77
CA GLN A 165 -3.82 10.80 -9.67
C GLN A 165 -4.36 11.63 -8.52
N GLY A 1 10.60 -45.19 27.90
CA GLY A 1 9.51 -44.33 27.45
C GLY A 1 9.88 -42.89 27.73
N PRO A 2 10.61 -42.20 26.83
CA PRO A 2 10.80 -40.75 26.93
C PRO A 2 9.46 -40.03 26.67
N ALA A 3 9.46 -38.71 26.78
CA ALA A 3 8.31 -37.83 26.57
C ALA A 3 8.67 -36.76 25.53
N THR A 4 7.87 -35.70 25.42
CA THR A 4 8.18 -34.48 24.67
C THR A 4 7.70 -33.29 25.53
N LYS A 5 7.71 -32.07 24.99
CA LYS A 5 7.22 -30.89 25.70
C LYS A 5 6.68 -29.85 24.72
N THR A 6 5.92 -28.90 25.23
CA THR A 6 5.38 -27.75 24.50
C THR A 6 6.39 -26.59 24.48
N GLU A 7 6.17 -25.59 23.62
CA GLU A 7 6.76 -24.24 23.72
C GLU A 7 5.77 -23.31 24.44
N LYS A 8 6.02 -22.00 24.45
CA LYS A 8 5.22 -21.01 25.18
C LYS A 8 4.66 -19.94 24.24
N ASP A 9 3.64 -19.24 24.72
CA ASP A 9 2.87 -18.22 24.01
C ASP A 9 3.58 -16.86 24.07
N THR A 10 3.09 -15.89 23.31
CA THR A 10 3.50 -14.48 23.36
C THR A 10 2.28 -13.59 23.08
N LEU A 11 1.83 -12.84 24.09
CA LEU A 11 0.77 -11.85 23.95
C LEU A 11 1.24 -10.68 23.07
N GLN A 12 0.30 -9.81 22.70
CA GLN A 12 0.58 -8.63 21.88
C GLN A 12 0.94 -7.45 22.78
N SER A 13 0.94 -6.24 22.22
CA SER A 13 1.21 -4.99 22.92
C SER A 13 0.10 -3.97 22.63
N ALA A 14 0.40 -2.67 22.73
CA ALA A 14 -0.57 -1.58 22.69
C ALA A 14 -0.38 -0.74 21.41
N LEU A 15 -0.98 0.45 21.38
CA LEU A 15 -0.83 1.45 20.32
C LEU A 15 -0.96 2.85 20.94
N PRO A 16 -0.43 3.91 20.29
CA PRO A 16 -0.62 5.30 20.71
C PRO A 16 -2.05 5.77 20.51
N VAL A 17 -2.34 6.98 21.01
CA VAL A 17 -3.54 7.74 20.74
C VAL A 17 -3.20 8.84 19.71
N ILE A 18 -4.22 9.50 19.16
CA ILE A 18 -4.11 10.62 18.23
C ILE A 18 -5.12 11.67 18.69
N GLU A 19 -4.70 12.94 18.63
CA GLU A 19 -5.54 14.09 18.92
C GLU A 19 -5.47 15.06 17.75
N ASN A 20 -6.55 15.80 17.51
CA ASN A 20 -6.50 17.04 16.74
C ASN A 20 -5.82 18.10 17.61
N ALA A 21 -4.88 18.82 17.02
CA ALA A 21 -4.24 20.01 17.55
C ALA A 21 -3.79 20.88 16.37
N GLU A 22 -3.21 22.05 16.68
CA GLU A 22 -2.53 22.93 15.74
C GLU A 22 -1.31 22.16 15.27
N LYS A 23 -1.51 21.53 14.12
CA LYS A 23 -0.54 20.67 13.47
C LYS A 23 -0.69 20.80 11.95
N ASN A 24 0.39 20.47 11.24
CA ASN A 24 0.51 20.63 9.79
C ASN A 24 -0.52 19.81 9.04
N THR A 25 -0.81 20.19 7.80
CA THR A 25 -1.77 19.50 6.94
C THR A 25 -1.11 18.23 6.41
N VAL A 26 -1.75 17.09 6.63
CA VAL A 26 -1.41 15.86 5.92
C VAL A 26 -2.03 15.95 4.52
N VAL A 27 -1.26 15.63 3.48
CA VAL A 27 -1.70 15.42 2.11
C VAL A 27 -1.72 13.93 1.83
N THR A 28 -2.20 13.58 0.63
CA THR A 28 -2.12 12.27 0.05
C THR A 28 -1.73 12.45 -1.42
N LYS A 29 -0.77 11.67 -1.90
CA LYS A 29 -0.19 11.70 -3.24
C LYS A 29 -0.22 10.27 -3.75
N THR A 30 -0.39 10.04 -5.05
CA THR A 30 -0.78 8.73 -5.53
C THR A 30 -0.24 8.47 -6.93
N LEU A 31 0.78 7.62 -6.98
CA LEU A 31 1.59 7.41 -8.14
C LEU A 31 0.99 6.26 -8.94
N VAL A 32 0.65 6.50 -10.20
CA VAL A 32 0.09 5.54 -11.13
C VAL A 32 1.28 4.87 -11.81
N LEU A 33 1.74 3.75 -11.24
CA LEU A 33 2.87 3.03 -11.78
C LEU A 33 2.55 2.50 -13.18
N PRO A 34 3.57 2.31 -14.03
CA PRO A 34 3.37 1.82 -15.38
C PRO A 34 2.77 0.40 -15.37
N LYS A 35 2.18 0.05 -16.51
CA LYS A 35 1.74 -1.31 -16.79
C LYS A 35 2.95 -2.24 -16.86
N SER A 36 2.67 -3.54 -16.91
CA SER A 36 3.61 -4.58 -17.23
C SER A 36 3.01 -5.51 -18.29
N ASP A 37 3.79 -6.50 -18.70
CA ASP A 37 3.64 -7.30 -19.92
C ASP A 37 2.37 -8.17 -19.98
N ASP A 38 1.70 -8.41 -18.84
CA ASP A 38 0.41 -9.10 -18.80
C ASP A 38 -0.69 -8.20 -18.24
N GLY A 39 -0.65 -6.91 -18.58
CA GLY A 39 -1.76 -6.02 -18.26
C GLY A 39 -1.78 -5.70 -16.77
N SER A 40 -0.59 -5.62 -16.19
CA SER A 40 -0.40 -5.66 -14.75
C SER A 40 -0.12 -4.22 -14.31
N GLN A 41 -1.09 -3.58 -13.65
CA GLN A 41 -0.98 -2.20 -13.24
C GLN A 41 -1.17 -2.15 -11.72
N GLN A 42 -0.80 -1.03 -11.14
CA GLN A 42 -0.87 -0.80 -9.71
C GLN A 42 -0.71 0.70 -9.48
N THR A 43 -1.03 1.12 -8.27
CA THR A 43 -0.99 2.51 -7.84
C THR A 43 -0.25 2.51 -6.49
N GLN A 44 0.23 3.65 -6.02
CA GLN A 44 1.16 3.72 -4.90
C GLN A 44 0.93 5.04 -4.16
N THR A 45 0.23 4.98 -3.02
CA THR A 45 -0.13 6.14 -2.21
C THR A 45 1.04 6.50 -1.32
N ILE A 46 1.23 7.79 -1.05
CA ILE A 46 2.30 8.33 -0.24
C ILE A 46 1.67 9.45 0.56
N THR A 47 1.26 9.17 1.79
CA THR A 47 0.76 10.17 2.72
C THR A 47 1.96 10.97 3.19
N TYR A 48 1.92 12.31 3.16
CA TYR A 48 2.97 13.07 3.82
C TYR A 48 2.47 14.36 4.46
N LYS A 49 3.30 14.97 5.30
CA LYS A 49 2.98 16.15 6.08
C LYS A 49 4.26 16.89 6.41
N ASP A 50 4.33 18.15 5.99
CA ASP A 50 5.50 18.98 5.80
C ASP A 50 6.64 18.25 5.09
N LYS A 51 7.48 17.52 5.84
CA LYS A 51 8.64 16.79 5.35
C LYS A 51 8.70 15.39 5.97
N THR A 52 7.55 14.86 6.37
CA THR A 52 7.42 13.52 6.90
C THR A 52 6.57 12.63 6.02
N PHE A 53 7.11 11.44 5.70
CA PHE A 53 6.37 10.25 5.32
C PHE A 53 5.42 9.86 6.46
N LEU A 54 4.12 10.08 6.30
CA LEU A 54 3.10 9.67 7.26
C LEU A 54 2.75 8.20 7.11
N SER A 55 2.51 7.75 5.88
CA SER A 55 2.07 6.41 5.58
C SER A 55 2.29 6.15 4.08
N LEU A 56 2.10 4.90 3.66
CA LEU A 56 2.42 4.39 2.34
C LEU A 56 1.40 3.31 1.98
N ALA A 57 0.99 3.22 0.72
CA ALA A 57 0.26 2.07 0.22
C ALA A 57 0.72 1.72 -1.20
N ILE A 58 0.40 0.50 -1.62
CA ILE A 58 0.70 -0.13 -2.88
C ILE A 58 -0.56 -0.90 -3.25
N GLN A 59 -1.29 -0.41 -4.25
CA GLN A 59 -2.41 -1.09 -4.85
C GLN A 59 -1.91 -2.23 -5.74
N GLN A 60 -2.83 -3.01 -6.32
CA GLN A 60 -2.53 -3.96 -7.39
C GLN A 60 -3.78 -4.31 -8.17
N LYS A 61 -3.62 -4.61 -9.46
CA LYS A 61 -4.65 -5.16 -10.32
C LYS A 61 -3.98 -5.89 -11.48
N ARG A 62 -4.30 -7.15 -11.69
CA ARG A 62 -3.79 -7.95 -12.80
C ARG A 62 -4.78 -9.07 -13.10
N PRO A 63 -4.64 -9.73 -14.26
CA PRO A 63 -5.32 -10.99 -14.48
C PRO A 63 -4.80 -12.10 -13.57
N VAL A 64 -5.57 -13.18 -13.49
CA VAL A 64 -5.10 -14.48 -13.01
C VAL A 64 -4.53 -15.28 -14.20
N SER A 65 -4.01 -16.48 -13.95
CA SER A 65 -3.56 -17.42 -14.97
C SER A 65 -4.15 -18.80 -14.63
N ASP A 66 -3.85 -19.83 -15.42
CA ASP A 66 -4.71 -21.01 -15.54
C ASP A 66 -4.74 -21.87 -14.26
N GLU A 67 -3.64 -21.82 -13.49
CA GLU A 67 -3.56 -22.36 -12.13
C GLU A 67 -4.79 -21.98 -11.28
N LEU A 68 -5.26 -20.74 -11.42
CA LEU A 68 -6.33 -20.18 -10.63
C LEU A 68 -7.68 -20.34 -11.34
N LYS A 69 -7.70 -20.49 -12.67
CA LYS A 69 -8.90 -20.88 -13.38
C LYS A 69 -9.40 -22.21 -12.82
N THR A 70 -8.52 -23.15 -12.47
CA THR A 70 -8.94 -24.42 -11.87
C THR A 70 -9.89 -24.17 -10.71
N TYR A 71 -9.49 -23.41 -9.68
CA TYR A 71 -10.33 -23.25 -8.50
C TYR A 71 -11.67 -22.60 -8.84
N ILE A 72 -11.66 -21.59 -9.72
CA ILE A 72 -12.87 -20.89 -10.16
C ILE A 72 -13.82 -21.89 -10.83
N ASP A 73 -13.30 -22.81 -11.63
CA ASP A 73 -14.07 -23.83 -12.35
C ASP A 73 -14.61 -24.88 -11.36
N GLN A 74 -13.77 -25.33 -10.44
CA GLN A 74 -14.08 -26.36 -9.47
C GLN A 74 -15.22 -25.91 -8.54
N HIS A 75 -15.13 -24.68 -8.04
CA HIS A 75 -15.96 -24.16 -6.97
C HIS A 75 -16.84 -23.01 -7.49
N GLY A 76 -16.25 -21.85 -7.74
CA GLY A 76 -16.93 -20.72 -8.37
C GLY A 76 -16.28 -19.40 -7.99
N VAL A 77 -16.67 -18.32 -8.66
CA VAL A 77 -16.19 -16.98 -8.47
C VAL A 77 -16.41 -16.47 -7.04
N GLU A 78 -17.45 -16.95 -6.33
CA GLU A 78 -17.68 -16.57 -4.95
C GLU A 78 -16.68 -17.26 -4.02
N GLU A 79 -16.54 -18.58 -4.16
CA GLU A 79 -15.62 -19.38 -3.36
C GLU A 79 -14.18 -18.93 -3.60
N THR A 80 -13.86 -18.48 -4.82
CA THR A 80 -12.51 -18.05 -5.14
C THR A 80 -12.13 -16.84 -4.27
N GLN A 81 -12.96 -15.79 -4.19
CA GLN A 81 -12.71 -14.71 -3.25
C GLN A 81 -12.52 -15.25 -1.82
N LYS A 82 -13.41 -16.13 -1.32
CA LYS A 82 -13.25 -16.77 -0.01
C LYS A 82 -11.83 -17.32 0.13
N ALA A 83 -11.43 -18.17 -0.81
CA ALA A 83 -10.16 -18.87 -0.86
C ALA A 83 -8.99 -17.90 -0.69
N LEU A 84 -8.97 -16.79 -1.43
CA LEU A 84 -7.96 -15.76 -1.32
C LEU A 84 -7.85 -15.23 0.11
N LEU A 85 -8.96 -14.76 0.70
CA LEU A 85 -8.96 -14.18 2.05
C LEU A 85 -8.47 -15.19 3.07
N GLU A 86 -8.98 -16.42 2.98
CA GLU A 86 -8.59 -17.49 3.87
C GLU A 86 -7.08 -17.82 3.75
N ALA A 87 -6.49 -17.63 2.58
CA ALA A 87 -5.07 -17.86 2.39
C ALA A 87 -4.24 -16.79 3.08
N GLU A 88 -4.72 -15.54 3.14
CA GLU A 88 -3.98 -14.45 3.79
C GLU A 88 -3.82 -14.74 5.28
N GLU A 89 -4.84 -15.33 5.91
CA GLU A 89 -4.88 -15.50 7.37
C GLU A 89 -4.07 -16.69 7.88
N LYS A 90 -3.51 -17.46 6.95
CA LYS A 90 -2.56 -18.53 7.22
C LYS A 90 -1.17 -18.23 6.64
N ASP A 91 -0.98 -17.11 5.94
CA ASP A 91 0.33 -16.85 5.37
C ASP A 91 1.26 -16.39 6.47
N LYS A 92 2.28 -17.20 6.79
CA LYS A 92 3.34 -16.84 7.71
C LYS A 92 3.87 -15.43 7.42
N SER A 93 4.06 -15.11 6.14
CA SER A 93 4.68 -13.89 5.68
C SER A 93 3.70 -12.71 5.74
N ILE A 94 2.42 -12.95 6.04
CA ILE A 94 1.44 -11.92 6.35
C ILE A 94 1.34 -11.80 7.86
N ILE A 95 1.24 -12.90 8.60
CA ILE A 95 1.10 -12.92 10.06
C ILE A 95 2.28 -12.24 10.72
N GLU A 96 3.48 -12.44 10.19
CA GLU A 96 4.71 -11.83 10.70
C GLU A 96 4.66 -10.30 10.58
N ALA A 97 3.94 -9.75 9.60
CA ALA A 97 3.67 -8.32 9.48
C ALA A 97 2.40 -7.93 10.27
N ARG A 98 1.41 -8.82 10.44
CA ARG A 98 0.23 -8.55 11.27
C ARG A 98 0.62 -8.29 12.72
N LYS A 99 1.80 -8.77 13.18
CA LYS A 99 2.34 -8.40 14.50
C LYS A 99 2.62 -6.91 14.65
N LEU A 100 2.65 -6.13 13.56
CA LEU A 100 2.94 -4.71 13.60
C LEU A 100 1.68 -3.95 14.03
N ALA A 101 1.83 -2.66 14.32
CA ALA A 101 0.75 -1.74 14.64
C ALA A 101 0.61 -0.64 13.58
N GLY A 102 1.08 -0.92 12.37
CA GLY A 102 1.06 -0.04 11.21
C GLY A 102 1.24 -0.83 9.92
N PHE A 103 0.62 -2.02 9.81
CA PHE A 103 0.55 -2.76 8.54
C PHE A 103 -0.89 -3.21 8.27
N LYS A 104 -1.31 -3.16 7.00
CA LYS A 104 -2.58 -3.61 6.51
C LYS A 104 -2.40 -4.30 5.16
N LEU A 105 -3.28 -5.24 4.87
CA LEU A 105 -3.43 -5.89 3.58
C LEU A 105 -4.93 -6.10 3.39
N GLU A 106 -5.43 -6.04 2.16
CA GLU A 106 -6.76 -6.49 1.81
C GLU A 106 -6.70 -7.03 0.38
N THR A 107 -7.26 -8.23 0.17
CA THR A 107 -7.31 -8.93 -1.10
C THR A 107 -8.77 -9.09 -1.51
N LYS A 108 -9.02 -9.16 -2.82
CA LYS A 108 -10.33 -9.40 -3.38
C LYS A 108 -10.16 -10.05 -4.75
N LEU A 109 -11.23 -10.68 -5.25
CA LEU A 109 -11.36 -11.15 -6.63
C LEU A 109 -12.27 -10.15 -7.36
N LEU A 110 -11.85 -9.57 -8.49
CA LEU A 110 -12.71 -8.69 -9.29
C LEU A 110 -13.67 -9.52 -10.10
N SER A 111 -13.17 -10.58 -10.72
CA SER A 111 -13.83 -11.29 -11.79
C SER A 111 -13.21 -12.67 -11.90
N ALA A 112 -13.84 -13.56 -12.67
CA ALA A 112 -13.27 -14.85 -13.04
C ALA A 112 -11.93 -14.73 -13.80
N THR A 113 -11.53 -13.51 -14.22
CA THR A 113 -10.25 -13.28 -14.88
C THR A 113 -9.35 -12.25 -14.22
N GLU A 114 -9.74 -11.55 -13.14
CA GLU A 114 -8.90 -10.53 -12.50
C GLU A 114 -9.06 -10.54 -10.98
N LEU A 115 -8.02 -10.09 -10.28
CA LEU A 115 -7.95 -9.99 -8.82
C LEU A 115 -7.33 -8.65 -8.42
N GLN A 116 -7.66 -8.13 -7.23
CA GLN A 116 -7.14 -6.85 -6.74
C GLN A 116 -6.60 -7.05 -5.33
N THR A 117 -5.51 -6.38 -4.99
CA THR A 117 -4.99 -6.32 -3.63
C THR A 117 -4.56 -4.89 -3.35
N THR A 118 -4.30 -4.57 -2.08
CA THR A 118 -3.63 -3.36 -1.67
C THR A 118 -2.93 -3.63 -0.34
N THR A 119 -1.61 -3.46 -0.32
CA THR A 119 -0.78 -3.46 0.87
C THR A 119 -0.67 -2.01 1.35
N SER A 120 -0.94 -1.71 2.62
CA SER A 120 -0.77 -0.38 3.19
C SER A 120 0.05 -0.47 4.49
N PHE A 121 0.75 0.59 4.84
CA PHE A 121 1.66 0.72 5.97
C PHE A 121 1.53 2.11 6.60
N ASP A 122 1.93 2.28 7.87
CA ASP A 122 1.71 3.50 8.63
C ASP A 122 3.00 3.96 9.33
N PHE A 123 3.73 4.89 8.72
CA PHE A 123 5.04 5.37 9.21
C PHE A 123 4.98 6.12 10.54
N GLN A 124 3.81 6.29 11.18
CA GLN A 124 3.75 6.83 12.54
C GLN A 124 4.00 5.73 13.59
N VAL A 125 3.69 4.47 13.25
CA VAL A 125 3.53 3.37 14.21
C VAL A 125 4.22 2.08 13.74
N LEU A 126 4.60 2.00 12.47
CA LEU A 126 5.29 0.86 11.88
C LEU A 126 6.64 0.64 12.57
N ASP A 127 6.99 -0.60 12.90
CA ASP A 127 8.33 -0.99 13.36
C ASP A 127 9.21 -1.09 12.12
N VAL A 128 9.52 0.04 11.48
CA VAL A 128 10.25 0.08 10.21
C VAL A 128 11.60 -0.66 10.28
N LYS A 129 12.22 -0.68 11.47
CA LYS A 129 13.48 -1.36 11.73
C LYS A 129 13.28 -2.85 11.43
N LYS A 130 12.25 -3.46 12.00
CA LYS A 130 11.88 -4.84 11.72
C LYS A 130 11.17 -5.00 10.37
N ALA A 131 10.54 -3.95 9.83
CA ALA A 131 9.83 -4.00 8.58
C ALA A 131 10.72 -4.43 7.40
N SER A 132 12.00 -4.07 7.48
CA SER A 132 12.99 -4.33 6.43
C SER A 132 13.67 -5.70 6.62
N GLN A 133 13.11 -6.56 7.49
CA GLN A 133 13.52 -7.93 7.75
C GLN A 133 12.27 -8.81 7.87
N LEU A 134 11.31 -8.60 6.95
CA LEU A 134 10.12 -9.41 6.77
C LEU A 134 10.01 -9.82 5.31
N GLU A 135 9.45 -11.01 5.05
CA GLU A 135 9.55 -11.73 3.78
C GLU A 135 8.72 -11.04 2.72
N HIS A 136 7.50 -10.62 3.05
CA HIS A 136 6.66 -9.82 2.16
C HIS A 136 7.37 -8.51 1.77
N LEU A 137 8.29 -8.04 2.61
CA LEU A 137 8.82 -6.68 2.52
C LEU A 137 10.29 -6.67 2.08
N LYS A 138 10.87 -7.85 1.83
CA LYS A 138 12.23 -8.05 1.40
C LYS A 138 12.48 -7.32 0.09
N ASN A 139 11.44 -7.11 -0.71
CA ASN A 139 11.54 -6.44 -2.00
C ASN A 139 11.45 -4.92 -1.89
N ILE A 140 11.10 -4.39 -0.73
CA ILE A 140 10.72 -2.99 -0.54
C ILE A 140 11.87 -2.30 0.20
N GLY A 141 12.03 -1.01 0.01
CA GLY A 141 13.08 -0.20 0.62
C GLY A 141 12.48 0.62 1.74
N LEU A 142 11.99 -0.03 2.80
CA LEU A 142 11.39 0.64 3.95
C LEU A 142 12.44 1.51 4.64
N GLU A 143 13.46 0.90 5.25
CA GLU A 143 14.54 1.64 5.91
C GLU A 143 15.38 2.49 4.94
N ASN A 144 15.22 2.27 3.63
CA ASN A 144 15.97 2.96 2.58
C ASN A 144 15.24 4.20 2.08
N LEU A 145 13.90 4.22 2.13
CA LEU A 145 13.06 5.35 1.79
C LEU A 145 13.15 6.40 2.89
N LEU A 146 13.14 5.97 4.15
CA LEU A 146 12.95 6.83 5.33
C LEU A 146 14.17 7.70 5.68
N LYS A 147 15.00 8.03 4.69
CA LYS A 147 16.22 8.83 4.81
C LYS A 147 16.21 10.06 3.88
N ASN A 148 15.11 10.35 3.18
CA ASN A 148 14.98 11.51 2.30
C ASN A 148 13.62 12.18 2.53
N GLU A 149 13.36 13.30 1.87
CA GLU A 149 12.11 14.05 2.06
C GLU A 149 10.96 13.24 1.47
N PRO A 150 9.71 13.45 1.90
CA PRO A 150 8.61 12.64 1.42
C PRO A 150 8.42 12.73 -0.10
N SER A 151 8.69 13.92 -0.67
CA SER A 151 8.49 14.25 -2.07
C SER A 151 9.76 14.01 -2.89
N LYS A 152 10.90 13.78 -2.24
CA LYS A 152 12.16 13.61 -2.95
C LYS A 152 12.07 12.44 -3.92
N TYR A 153 11.57 11.28 -3.48
CA TYR A 153 11.55 10.14 -4.38
C TYR A 153 10.37 10.15 -5.36
N ILE A 154 9.32 10.92 -5.07
CA ILE A 154 8.11 11.07 -5.90
C ILE A 154 8.51 11.51 -7.32
N SER A 155 9.54 12.33 -7.46
CA SER A 155 10.01 12.80 -8.76
C SER A 155 10.62 11.66 -9.60
N ASP A 156 11.38 10.76 -8.97
CA ASP A 156 12.01 9.61 -9.63
C ASP A 156 10.96 8.68 -10.21
N ARG A 157 9.83 8.55 -9.52
CA ARG A 157 8.70 7.71 -9.97
C ARG A 157 8.31 8.05 -11.40
N LEU A 158 7.91 9.29 -11.67
CA LEU A 158 7.49 9.70 -13.01
C LEU A 158 8.62 9.64 -14.04
N ALA A 159 9.87 9.82 -13.60
CA ALA A 159 11.04 9.60 -14.47
C ALA A 159 11.12 8.15 -14.93
N ASN A 160 10.75 7.20 -14.06
CA ASN A 160 10.77 5.78 -14.36
C ASN A 160 9.56 5.34 -15.20
N GLY A 161 8.52 6.16 -15.28
CA GLY A 161 7.33 5.93 -16.11
C GLY A 161 6.01 5.99 -15.35
N ALA A 162 6.02 6.41 -14.07
CA ALA A 162 4.78 6.58 -13.31
C ALA A 162 4.07 7.85 -13.76
N THR A 163 2.85 8.05 -13.26
CA THR A 163 2.12 9.30 -13.30
C THR A 163 1.57 9.57 -11.88
N GLU A 164 0.69 10.56 -11.68
CA GLU A 164 0.24 11.08 -10.39
C GLU A 164 -1.29 11.19 -10.35
N GLN A 165 -1.88 11.32 -9.16
CA GLN A 165 -3.30 11.51 -8.94
C GLN A 165 -3.54 12.40 -7.72
N GLY A 1 -19.73 93.79 25.89
CA GLY A 1 -18.54 92.94 26.03
C GLY A 1 -18.79 91.63 25.33
N PRO A 2 -18.55 91.51 24.02
CA PRO A 2 -18.61 90.21 23.35
C PRO A 2 -17.53 89.30 23.92
N ALA A 3 -17.80 87.99 24.00
CA ALA A 3 -16.83 86.96 24.34
C ALA A 3 -17.32 85.66 23.70
N THR A 4 -16.40 84.72 23.46
CA THR A 4 -16.70 83.33 23.13
C THR A 4 -15.40 82.53 23.32
N LYS A 5 -15.46 81.21 23.18
CA LYS A 5 -14.31 80.30 23.26
C LYS A 5 -14.64 79.07 22.41
N THR A 6 -14.85 79.28 21.10
CA THR A 6 -15.19 78.26 20.14
C THR A 6 -13.97 77.36 19.90
N GLU A 7 -13.81 76.32 20.70
CA GLU A 7 -12.63 75.46 20.69
C GLU A 7 -13.03 74.04 21.07
N LYS A 8 -12.58 73.06 20.30
CA LYS A 8 -12.52 71.62 20.58
C LYS A 8 -12.01 70.96 19.31
N ASP A 9 -11.20 69.93 19.48
CA ASP A 9 -11.00 68.83 18.53
C ASP A 9 -10.73 67.59 19.38
N THR A 10 -10.89 66.39 18.82
CA THR A 10 -10.40 65.10 19.27
C THR A 10 -10.99 64.04 18.31
N LEU A 11 -10.15 63.44 17.46
CA LEU A 11 -10.55 62.30 16.63
C LEU A 11 -9.42 61.28 16.57
N GLN A 12 -9.58 60.16 17.26
CA GLN A 12 -8.77 58.98 17.07
C GLN A 12 -9.66 57.77 17.41
N SER A 13 -9.54 56.68 16.66
CA SER A 13 -10.19 55.40 16.93
C SER A 13 -9.54 54.35 16.04
N ALA A 14 -8.32 53.92 16.38
CA ALA A 14 -7.65 52.80 15.71
C ALA A 14 -6.97 51.93 16.76
N LEU A 15 -6.73 50.66 16.42
CA LEU A 15 -5.96 49.70 17.21
C LEU A 15 -5.10 48.89 16.23
N PRO A 16 -4.03 48.22 16.70
CA PRO A 16 -3.30 47.25 15.91
C PRO A 16 -4.15 46.00 15.67
N VAL A 17 -3.75 45.18 14.70
CA VAL A 17 -4.31 43.87 14.41
C VAL A 17 -3.11 42.96 14.15
N ILE A 18 -3.16 41.71 14.63
CA ILE A 18 -2.17 40.66 14.48
C ILE A 18 -2.94 39.36 14.28
N GLU A 19 -2.31 38.31 13.76
CA GLU A 19 -2.86 36.96 13.70
C GLU A 19 -1.68 35.99 13.75
N ASN A 20 -1.77 34.94 14.56
CA ASN A 20 -0.79 33.86 14.65
C ASN A 20 -1.51 32.52 14.53
N ALA A 21 -0.82 31.52 13.97
CA ALA A 21 -1.37 30.26 13.51
C ALA A 21 -0.28 29.17 13.56
N GLU A 22 -0.49 28.09 14.30
CA GLU A 22 0.41 26.96 14.47
C GLU A 22 -0.44 25.68 14.40
N LYS A 23 -0.73 25.15 13.21
CA LYS A 23 -1.62 23.98 13.06
C LYS A 23 -1.15 23.16 11.87
N ASN A 24 -0.88 21.86 12.08
CA ASN A 24 -0.25 21.00 11.09
C ASN A 24 -1.12 20.85 9.85
N THR A 25 -0.48 20.48 8.75
CA THR A 25 -1.13 20.19 7.48
C THR A 25 -0.47 18.94 6.91
N VAL A 26 -1.28 17.95 6.52
CA VAL A 26 -0.88 16.70 5.91
C VAL A 26 -1.53 16.63 4.53
N VAL A 27 -0.81 16.15 3.53
CA VAL A 27 -1.31 15.93 2.18
C VAL A 27 -1.47 14.43 1.94
N THR A 28 -2.11 14.09 0.83
CA THR A 28 -2.16 12.75 0.26
C THR A 28 -1.93 12.93 -1.24
N LYS A 29 -0.84 12.39 -1.81
CA LYS A 29 -0.62 12.33 -3.26
C LYS A 29 -1.01 10.95 -3.76
N THR A 30 -1.22 10.81 -5.07
CA THR A 30 -1.63 9.57 -5.71
C THR A 30 -0.70 9.36 -6.90
N LEU A 31 0.28 8.47 -6.82
CA LEU A 31 1.13 8.18 -7.97
C LEU A 31 0.55 7.00 -8.74
N VAL A 32 0.04 7.29 -9.93
CA VAL A 32 -0.41 6.34 -10.91
C VAL A 32 0.85 5.71 -11.51
N LEU A 33 1.35 4.63 -10.89
CA LEU A 33 2.49 3.92 -11.43
C LEU A 33 2.10 3.22 -12.73
N PRO A 34 3.06 2.97 -13.63
CA PRO A 34 2.83 2.26 -14.88
C PRO A 34 2.49 0.79 -14.63
N LYS A 35 2.31 0.03 -15.71
CA LYS A 35 2.22 -1.42 -15.56
C LYS A 35 3.57 -2.00 -15.18
N SER A 36 3.47 -3.15 -14.55
CA SER A 36 4.56 -4.09 -14.38
C SER A 36 4.59 -4.98 -15.61
N ASP A 37 5.75 -5.59 -15.83
CA ASP A 37 6.18 -6.29 -17.04
C ASP A 37 5.32 -7.50 -17.44
N ASP A 38 4.24 -7.82 -16.71
CA ASP A 38 3.37 -8.95 -17.01
C ASP A 38 1.89 -8.61 -16.84
N GLY A 39 1.51 -7.34 -17.05
CA GLY A 39 0.09 -6.97 -17.06
C GLY A 39 -0.48 -6.76 -15.66
N SER A 40 0.37 -6.43 -14.68
CA SER A 40 -0.05 -5.87 -13.41
C SER A 40 -0.02 -4.36 -13.56
N GLN A 41 -0.74 -3.65 -12.72
CA GLN A 41 -0.63 -2.21 -12.53
C GLN A 41 -0.83 -1.94 -11.04
N GLN A 42 -0.38 -0.80 -10.54
CA GLN A 42 -0.60 -0.40 -9.16
C GLN A 42 -0.59 1.12 -8.98
N THR A 43 -0.78 1.57 -7.75
CA THR A 43 -0.71 2.95 -7.30
C THR A 43 0.41 3.02 -6.22
N GLN A 44 0.97 4.20 -5.96
CA GLN A 44 1.67 4.54 -4.73
C GLN A 44 1.07 5.84 -4.20
N THR A 45 0.16 5.73 -3.24
CA THR A 45 -0.33 6.86 -2.45
C THR A 45 0.77 7.27 -1.48
N ILE A 46 0.88 8.58 -1.22
CA ILE A 46 1.97 9.17 -0.46
C ILE A 46 1.34 10.22 0.47
N THR A 47 1.04 9.83 1.70
CA THR A 47 0.64 10.78 2.74
C THR A 47 1.92 11.43 3.30
N TYR A 48 2.03 12.76 3.41
CA TYR A 48 3.12 13.37 4.21
C TYR A 48 2.71 14.70 4.86
N LYS A 49 3.44 15.16 5.89
CA LYS A 49 3.05 16.37 6.64
C LYS A 49 4.17 17.26 7.17
N ASP A 50 5.42 16.92 6.86
CA ASP A 50 6.57 17.72 7.29
C ASP A 50 7.67 17.56 6.24
N LYS A 51 8.49 16.50 6.36
CA LYS A 51 9.56 16.14 5.44
C LYS A 51 9.85 14.63 5.47
N THR A 52 8.91 13.80 5.96
CA THR A 52 9.13 12.36 5.95
C THR A 52 7.95 11.68 5.25
N PHE A 53 8.12 10.39 5.02
CA PHE A 53 7.18 9.45 4.46
C PHE A 53 6.33 8.89 5.61
N LEU A 54 5.09 9.39 5.78
CA LEU A 54 4.20 8.94 6.86
C LEU A 54 3.51 7.62 6.60
N SER A 55 2.95 7.45 5.40
CA SER A 55 2.00 6.40 5.06
C SER A 55 2.11 6.13 3.56
N LEU A 56 2.33 4.86 3.21
CA LEU A 56 2.60 4.39 1.87
C LEU A 56 1.53 3.36 1.53
N ALA A 57 0.53 3.79 0.77
CA ALA A 57 -0.56 2.93 0.34
C ALA A 57 -0.27 2.48 -1.09
N ILE A 58 -0.38 1.17 -1.35
CA ILE A 58 -0.04 0.54 -2.61
C ILE A 58 -1.26 -0.28 -3.02
N GLN A 59 -1.99 0.22 -4.02
CA GLN A 59 -3.17 -0.41 -4.58
C GLN A 59 -2.69 -1.18 -5.79
N GLN A 60 -2.78 -2.50 -5.77
CA GLN A 60 -2.33 -3.42 -6.81
C GLN A 60 -3.56 -3.88 -7.62
N LYS A 61 -3.36 -4.26 -8.88
CA LYS A 61 -4.31 -4.97 -9.72
C LYS A 61 -3.48 -5.84 -10.66
N ARG A 62 -3.96 -7.05 -10.93
CA ARG A 62 -3.44 -7.95 -11.95
C ARG A 62 -4.49 -8.98 -12.32
N PRO A 63 -4.28 -9.68 -13.45
CA PRO A 63 -5.06 -10.86 -13.75
C PRO A 63 -4.73 -12.01 -12.77
N VAL A 64 -5.58 -13.02 -12.75
CA VAL A 64 -5.24 -14.31 -12.14
C VAL A 64 -4.24 -15.05 -13.05
N SER A 65 -3.95 -16.30 -12.70
CA SER A 65 -3.08 -17.22 -13.41
C SER A 65 -3.81 -18.57 -13.46
N ASP A 66 -3.35 -19.52 -14.27
CA ASP A 66 -4.10 -20.74 -14.58
C ASP A 66 -4.25 -21.65 -13.36
N GLU A 67 -3.31 -21.53 -12.42
CA GLU A 67 -3.35 -22.16 -11.11
C GLU A 67 -4.65 -21.83 -10.38
N LEU A 68 -5.08 -20.57 -10.47
CA LEU A 68 -6.29 -20.09 -9.80
C LEU A 68 -7.53 -20.50 -10.59
N LYS A 69 -7.44 -20.50 -11.93
CA LYS A 69 -8.53 -20.83 -12.83
C LYS A 69 -8.97 -22.28 -12.67
N THR A 70 -8.09 -23.17 -12.20
CA THR A 70 -8.52 -24.47 -11.70
C THR A 70 -9.54 -24.24 -10.58
N TYR A 71 -9.15 -23.70 -9.43
CA TYR A 71 -10.03 -23.55 -8.27
C TYR A 71 -11.34 -22.86 -8.64
N ILE A 72 -11.31 -21.84 -9.51
CA ILE A 72 -12.49 -21.15 -10.00
C ILE A 72 -13.50 -22.13 -10.60
N ASP A 73 -13.04 -23.11 -11.37
CA ASP A 73 -13.89 -24.14 -11.96
C ASP A 73 -14.37 -25.13 -10.92
N GLN A 74 -13.49 -25.53 -9.99
CA GLN A 74 -13.79 -26.54 -8.98
C GLN A 74 -14.94 -26.13 -8.05
N HIS A 75 -15.07 -24.84 -7.74
CA HIS A 75 -16.07 -24.30 -6.82
C HIS A 75 -16.93 -23.23 -7.51
N GLY A 76 -16.43 -21.99 -7.65
CA GLY A 76 -17.06 -20.93 -8.44
C GLY A 76 -16.42 -19.58 -8.18
N VAL A 77 -16.70 -18.58 -8.99
CA VAL A 77 -16.14 -17.23 -8.91
C VAL A 77 -16.34 -16.64 -7.49
N GLU A 78 -17.53 -16.79 -6.91
CA GLU A 78 -17.84 -16.26 -5.59
C GLU A 78 -17.04 -17.00 -4.50
N GLU A 79 -16.93 -18.33 -4.60
CA GLU A 79 -16.12 -19.16 -3.70
C GLU A 79 -14.65 -18.78 -3.79
N THR A 80 -14.18 -18.46 -5.00
CA THR A 80 -12.79 -18.14 -5.26
C THR A 80 -12.34 -17.02 -4.35
N GLN A 81 -13.11 -15.91 -4.25
CA GLN A 81 -12.85 -14.83 -3.33
C GLN A 81 -12.61 -15.35 -1.92
N LYS A 82 -13.50 -16.18 -1.36
CA LYS A 82 -13.38 -16.71 0.00
C LYS A 82 -12.01 -17.36 0.18
N ALA A 83 -11.70 -18.30 -0.70
CA ALA A 83 -10.43 -19.02 -0.70
C ALA A 83 -9.22 -18.13 -1.03
N LEU A 84 -9.38 -16.89 -1.52
CA LEU A 84 -8.30 -15.91 -1.53
C LEU A 84 -8.02 -15.49 -0.09
N LEU A 85 -9.04 -14.97 0.61
CA LEU A 85 -8.92 -14.38 1.93
C LEU A 85 -8.42 -15.42 2.94
N GLU A 86 -8.98 -16.62 2.89
CA GLU A 86 -8.60 -17.72 3.78
C GLU A 86 -7.13 -18.13 3.61
N ALA A 87 -6.56 -17.90 2.44
CA ALA A 87 -5.14 -18.15 2.22
C ALA A 87 -4.29 -17.14 3.01
N GLU A 88 -4.83 -15.95 3.30
CA GLU A 88 -4.08 -14.86 3.89
C GLU A 88 -3.82 -15.11 5.37
N GLU A 89 -4.71 -15.89 6.01
CA GLU A 89 -4.60 -16.19 7.43
C GLU A 89 -3.68 -17.38 7.71
N LYS A 90 -3.26 -18.10 6.68
CA LYS A 90 -2.37 -19.25 6.78
C LYS A 90 -1.02 -19.01 6.12
N ASP A 91 -0.88 -17.90 5.38
CA ASP A 91 0.37 -17.44 4.80
C ASP A 91 1.29 -16.95 5.92
N LYS A 92 2.40 -17.63 6.16
CA LYS A 92 3.28 -17.24 7.26
C LYS A 92 3.88 -15.85 7.06
N SER A 93 4.08 -15.39 5.83
CA SER A 93 4.60 -14.08 5.54
C SER A 93 3.59 -13.02 5.92
N ILE A 94 2.33 -13.22 5.51
CA ILE A 94 1.25 -12.30 5.85
C ILE A 94 1.12 -12.26 7.38
N ILE A 95 1.10 -13.41 8.06
CA ILE A 95 0.96 -13.45 9.53
C ILE A 95 2.09 -12.64 10.18
N GLU A 96 3.34 -12.81 9.73
CA GLU A 96 4.47 -12.02 10.22
C GLU A 96 4.16 -10.52 10.10
N ALA A 97 3.73 -10.06 8.92
CA ALA A 97 3.50 -8.65 8.67
C ALA A 97 2.31 -8.12 9.48
N ARG A 98 1.26 -8.93 9.68
CA ARG A 98 0.04 -8.57 10.38
C ARG A 98 0.27 -8.30 11.86
N LYS A 99 1.37 -8.81 12.46
CA LYS A 99 1.62 -8.62 13.89
C LYS A 99 1.78 -7.15 14.29
N LEU A 100 2.18 -6.32 13.34
CA LEU A 100 2.54 -4.93 13.56
C LEU A 100 1.29 -4.13 13.94
N ALA A 101 1.46 -2.82 14.13
CA ALA A 101 0.37 -1.86 14.32
C ALA A 101 0.37 -0.81 13.22
N GLY A 102 0.92 -1.12 12.05
CA GLY A 102 1.08 -0.23 10.91
C GLY A 102 1.14 -0.97 9.58
N PHE A 103 0.50 -2.15 9.49
CA PHE A 103 0.34 -2.93 8.27
C PHE A 103 -1.14 -3.22 8.10
N LYS A 104 -1.70 -2.97 6.91
CA LYS A 104 -3.07 -3.32 6.55
C LYS A 104 -3.03 -3.87 5.14
N LEU A 105 -3.86 -4.85 4.87
CA LEU A 105 -3.90 -5.56 3.60
C LEU A 105 -5.23 -6.26 3.40
N GLU A 106 -5.74 -6.22 2.18
CA GLU A 106 -6.93 -6.90 1.72
C GLU A 106 -6.74 -7.30 0.24
N THR A 107 -6.97 -8.57 -0.07
CA THR A 107 -7.15 -9.12 -1.41
C THR A 107 -8.65 -9.13 -1.74
N LYS A 108 -9.02 -9.06 -3.02
CA LYS A 108 -10.38 -9.34 -3.48
C LYS A 108 -10.38 -9.82 -4.92
N LEU A 109 -11.30 -10.73 -5.24
CA LEU A 109 -11.51 -11.17 -6.60
C LEU A 109 -12.43 -10.18 -7.33
N LEU A 110 -11.86 -9.35 -8.20
CA LEU A 110 -12.60 -8.51 -9.13
C LEU A 110 -13.53 -9.34 -10.04
N SER A 111 -13.00 -10.38 -10.71
CA SER A 111 -13.76 -11.11 -11.71
C SER A 111 -13.15 -12.50 -11.90
N ALA A 112 -13.79 -13.33 -12.73
CA ALA A 112 -13.36 -14.70 -13.00
C ALA A 112 -11.93 -14.80 -13.57
N THR A 113 -11.33 -13.67 -13.99
CA THR A 113 -9.99 -13.65 -14.54
C THR A 113 -9.12 -12.52 -13.94
N GLU A 114 -9.55 -11.82 -12.88
CA GLU A 114 -8.81 -10.69 -12.31
C GLU A 114 -8.99 -10.57 -10.79
N LEU A 115 -7.99 -9.98 -10.11
CA LEU A 115 -8.02 -9.69 -8.69
C LEU A 115 -7.38 -8.33 -8.39
N GLN A 116 -7.74 -7.76 -7.25
CA GLN A 116 -7.19 -6.53 -6.69
C GLN A 116 -6.57 -6.91 -5.35
N THR A 117 -5.53 -6.18 -4.97
CA THR A 117 -4.90 -6.31 -3.67
C THR A 117 -4.51 -4.91 -3.25
N THR A 118 -4.45 -4.60 -1.96
CA THR A 118 -4.17 -3.24 -1.52
C THR A 118 -3.49 -3.37 -0.18
N THR A 119 -2.22 -2.98 -0.11
CA THR A 119 -1.47 -2.87 1.13
C THR A 119 -1.50 -1.40 1.53
N SER A 120 -1.71 -1.07 2.80
CA SER A 120 -1.37 0.24 3.34
C SER A 120 -0.36 0.04 4.47
N PHE A 121 0.81 0.65 4.32
CA PHE A 121 1.81 0.75 5.36
C PHE A 121 1.60 2.08 6.08
N ASP A 122 1.60 2.06 7.41
CA ASP A 122 1.43 3.21 8.29
C ASP A 122 2.73 3.39 9.05
N PHE A 123 3.71 4.04 8.45
CA PHE A 123 5.04 4.26 9.04
C PHE A 123 5.00 5.13 10.30
N GLN A 124 3.88 5.80 10.56
CA GLN A 124 3.61 6.46 11.83
C GLN A 124 3.48 5.47 13.00
N VAL A 125 3.35 4.17 12.74
CA VAL A 125 3.17 3.13 13.76
C VAL A 125 3.87 1.81 13.43
N LEU A 126 4.25 1.57 12.16
CA LEU A 126 4.98 0.39 11.70
C LEU A 126 6.41 0.45 12.26
N ASP A 127 6.81 -0.58 13.02
CA ASP A 127 8.19 -0.77 13.43
C ASP A 127 8.99 -1.26 12.23
N VAL A 128 9.36 -0.33 11.34
CA VAL A 128 10.07 -0.59 10.10
C VAL A 128 11.34 -1.40 10.36
N LYS A 129 11.96 -1.18 11.52
CA LYS A 129 13.20 -1.83 11.96
C LYS A 129 13.11 -3.32 11.79
N LYS A 130 12.07 -3.92 12.33
CA LYS A 130 11.77 -5.33 12.14
C LYS A 130 11.06 -5.59 10.83
N ALA A 131 10.19 -4.69 10.36
CA ALA A 131 9.34 -4.96 9.22
C ALA A 131 10.15 -5.45 8.01
N SER A 132 11.25 -4.77 7.66
CA SER A 132 12.14 -5.10 6.57
C SER A 132 12.82 -6.47 6.73
N GLN A 133 12.75 -7.06 7.92
CA GLN A 133 13.38 -8.30 8.35
C GLN A 133 12.31 -9.38 8.55
N LEU A 134 11.14 -9.25 7.90
CA LEU A 134 10.06 -10.23 7.91
C LEU A 134 9.93 -10.73 6.49
N GLU A 135 9.54 -11.99 6.34
CA GLU A 135 9.53 -12.71 5.08
C GLU A 135 8.83 -11.91 3.97
N HIS A 136 7.64 -11.35 4.31
CA HIS A 136 6.81 -10.60 3.38
C HIS A 136 7.56 -9.42 2.77
N LEU A 137 8.26 -8.63 3.59
CA LEU A 137 8.64 -7.29 3.19
C LEU A 137 10.05 -7.27 2.60
N LYS A 138 10.78 -8.40 2.62
CA LYS A 138 12.20 -8.48 2.33
C LYS A 138 12.50 -7.80 1.02
N ASN A 139 11.69 -8.12 0.02
CA ASN A 139 11.93 -7.61 -1.31
C ASN A 139 11.75 -6.10 -1.43
N ILE A 140 10.92 -5.50 -0.56
CA ILE A 140 10.50 -4.11 -0.64
C ILE A 140 11.52 -3.29 0.17
N GLY A 141 12.08 -2.26 -0.44
CA GLY A 141 13.20 -1.49 0.08
C GLY A 141 12.69 -0.41 1.02
N LEU A 142 12.04 -0.86 2.11
CA LEU A 142 11.43 -0.05 3.16
C LEU A 142 12.40 1.01 3.64
N GLU A 143 13.48 0.57 4.29
CA GLU A 143 14.42 1.46 4.97
C GLU A 143 15.24 2.33 4.02
N ASN A 144 15.28 1.97 2.74
CA ASN A 144 15.97 2.70 1.69
C ASN A 144 15.10 3.87 1.23
N LEU A 145 13.78 3.66 1.11
CA LEU A 145 12.80 4.67 0.72
C LEU A 145 12.88 5.86 1.67
N LEU A 146 12.84 5.57 2.97
CA LEU A 146 12.76 6.50 4.09
C LEU A 146 14.01 7.37 4.28
N LYS A 147 14.86 7.48 3.25
CA LYS A 147 16.17 8.15 3.33
C LYS A 147 16.29 9.26 2.28
N ASN A 148 15.18 9.91 1.93
CA ASN A 148 15.12 11.13 1.14
C ASN A 148 13.78 11.82 1.44
N GLU A 149 13.44 12.88 0.70
CA GLU A 149 12.20 13.63 0.92
C GLU A 149 10.97 12.96 0.29
N PRO A 150 9.77 13.15 0.88
CA PRO A 150 8.52 12.62 0.33
C PRO A 150 8.29 13.04 -1.12
N SER A 151 8.48 14.32 -1.45
CA SER A 151 8.24 14.86 -2.78
C SER A 151 9.50 14.80 -3.66
N LYS A 152 10.69 14.60 -3.09
CA LYS A 152 11.90 14.54 -3.90
C LYS A 152 11.82 13.39 -4.91
N TYR A 153 11.52 12.16 -4.48
CA TYR A 153 11.57 11.04 -5.42
C TYR A 153 10.42 11.07 -6.44
N ILE A 154 9.35 11.81 -6.16
CA ILE A 154 8.16 11.87 -7.01
C ILE A 154 8.52 12.45 -8.38
N SER A 155 9.35 13.49 -8.43
CA SER A 155 9.76 14.07 -9.70
C SER A 155 10.50 13.04 -10.58
N ASP A 156 11.25 12.11 -9.98
CA ASP A 156 11.87 10.98 -10.67
C ASP A 156 10.79 9.97 -11.08
N ARG A 157 9.82 9.68 -10.21
CA ARG A 157 8.74 8.73 -10.48
C ARG A 157 8.01 9.13 -11.75
N LEU A 158 7.56 10.39 -11.83
CA LEU A 158 6.94 11.01 -12.99
C LEU A 158 7.80 10.79 -14.24
N ALA A 159 9.12 10.98 -14.14
CA ALA A 159 10.02 10.81 -15.28
C ALA A 159 10.13 9.35 -15.73
N ASN A 160 9.90 8.37 -14.86
CA ASN A 160 10.07 6.94 -15.17
C ASN A 160 8.89 6.38 -15.99
N GLY A 161 8.03 7.23 -16.54
CA GLY A 161 6.86 6.79 -17.29
C GLY A 161 5.67 6.56 -16.36
N ALA A 162 5.61 7.27 -15.22
CA ALA A 162 4.48 7.28 -14.32
C ALA A 162 3.82 8.66 -14.38
N THR A 163 2.70 8.82 -13.66
CA THR A 163 2.01 10.08 -13.49
C THR A 163 1.46 10.09 -12.07
N GLU A 164 0.81 11.18 -11.67
CA GLU A 164 0.05 11.25 -10.46
C GLU A 164 -1.41 11.54 -10.79
N GLN A 165 -2.23 11.67 -9.75
CA GLN A 165 -3.61 12.13 -9.83
C GLN A 165 -3.90 12.88 -8.54
N GLY A 1 19.42 -14.96 -11.79
CA GLY A 1 18.30 -14.07 -11.45
C GLY A 1 17.16 -14.26 -12.46
N PRO A 2 15.91 -13.99 -12.05
CA PRO A 2 14.74 -14.20 -12.89
C PRO A 2 14.78 -13.30 -14.13
N ALA A 3 14.43 -13.88 -15.27
CA ALA A 3 14.29 -13.22 -16.55
C ALA A 3 13.25 -14.01 -17.32
N THR A 4 12.11 -13.39 -17.61
CA THR A 4 10.98 -14.02 -18.27
C THR A 4 10.43 -13.07 -19.34
N LYS A 5 9.51 -13.53 -20.19
CA LYS A 5 8.83 -12.73 -21.20
C LYS A 5 7.40 -13.28 -21.33
N THR A 6 6.46 -12.79 -20.53
CA THR A 6 5.04 -13.04 -20.68
C THR A 6 4.29 -11.88 -20.00
N GLU A 7 3.35 -11.26 -20.72
CA GLU A 7 2.44 -10.27 -20.14
C GLU A 7 1.09 -10.32 -20.88
N LYS A 8 0.06 -9.69 -20.30
CA LYS A 8 -1.30 -9.62 -20.80
C LYS A 8 -1.79 -8.18 -20.66
N ASP A 9 -2.97 -7.86 -21.18
CA ASP A 9 -3.57 -6.52 -21.18
C ASP A 9 -4.86 -6.54 -20.38
N THR A 10 -4.76 -6.45 -19.06
CA THR A 10 -5.89 -6.43 -18.14
C THR A 10 -5.61 -5.40 -17.04
N LEU A 11 -6.30 -4.26 -17.10
CA LEU A 11 -6.26 -3.23 -16.05
C LEU A 11 -7.60 -2.51 -15.90
N GLN A 12 -7.66 -1.61 -14.92
CA GLN A 12 -8.70 -0.60 -14.67
C GLN A 12 -8.13 0.42 -13.67
N SER A 13 -8.92 1.44 -13.32
CA SER A 13 -8.65 2.43 -12.28
C SER A 13 -9.05 1.92 -10.90
N ALA A 14 -9.17 2.82 -9.90
CA ALA A 14 -9.65 2.55 -8.56
C ALA A 14 -10.42 3.79 -8.06
N LEU A 15 -10.73 3.85 -6.76
CA LEU A 15 -11.50 4.92 -6.13
C LEU A 15 -10.78 5.44 -4.87
N PRO A 16 -11.00 6.71 -4.47
CA PRO A 16 -10.36 7.34 -3.31
C PRO A 16 -10.80 6.73 -1.98
N VAL A 17 -10.28 7.26 -0.87
CA VAL A 17 -10.66 6.90 0.50
C VAL A 17 -10.85 8.19 1.32
N ILE A 18 -11.68 8.12 2.36
CA ILE A 18 -11.85 9.18 3.34
C ILE A 18 -10.69 9.18 4.35
N GLU A 19 -10.72 10.12 5.27
CA GLU A 19 -9.97 10.13 6.52
C GLU A 19 -10.58 11.21 7.41
N ASN A 20 -10.41 11.14 8.73
CA ASN A 20 -10.64 12.24 9.67
C ASN A 20 -10.12 11.82 11.04
N ALA A 21 -9.46 12.70 11.78
CA ALA A 21 -9.33 12.59 13.22
C ALA A 21 -9.05 13.99 13.79
N GLU A 22 -8.88 14.07 15.11
CA GLU A 22 -8.39 15.23 15.83
C GLU A 22 -6.89 15.41 15.51
N LYS A 23 -6.59 15.92 14.33
CA LYS A 23 -5.27 16.38 13.91
C LYS A 23 -5.48 17.36 12.76
N ASN A 24 -4.43 18.11 12.40
CA ASN A 24 -4.47 19.05 11.27
C ASN A 24 -4.71 18.33 9.95
N THR A 25 -4.99 19.09 8.89
CA THR A 25 -5.17 18.60 7.54
C THR A 25 -3.95 17.80 7.08
N VAL A 26 -4.23 16.76 6.32
CA VAL A 26 -3.33 15.78 5.75
C VAL A 26 -3.80 15.50 4.34
N VAL A 27 -2.85 15.19 3.46
CA VAL A 27 -3.07 14.87 2.09
C VAL A 27 -2.52 13.49 1.82
N THR A 28 -2.80 12.98 0.62
CA THR A 28 -1.99 12.00 -0.04
C THR A 28 -1.90 12.35 -1.51
N LYS A 29 -0.87 11.80 -2.13
CA LYS A 29 -0.73 11.63 -3.57
C LYS A 29 -1.25 10.26 -3.96
N THR A 30 -1.25 9.92 -5.26
CA THR A 30 -1.43 8.56 -5.73
C THR A 30 -0.88 8.44 -7.14
N LEU A 31 0.06 7.51 -7.34
CA LEU A 31 0.81 7.38 -8.57
C LEU A 31 0.41 6.11 -9.29
N VAL A 32 0.15 6.21 -10.59
CA VAL A 32 -0.04 5.07 -11.48
C VAL A 32 1.33 4.68 -12.00
N LEU A 33 1.94 3.67 -11.42
CA LEU A 33 3.26 3.19 -11.82
C LEU A 33 3.15 2.47 -13.18
N PRO A 34 4.28 2.30 -13.90
CA PRO A 34 4.32 1.53 -15.14
C PRO A 34 4.03 0.05 -14.91
N LYS A 35 3.93 -0.73 -16.00
CA LYS A 35 3.87 -2.18 -15.88
C LYS A 35 5.17 -2.74 -15.30
N SER A 36 5.16 -4.03 -15.01
CA SER A 36 6.09 -4.65 -14.08
C SER A 36 6.67 -5.93 -14.67
N ASP A 37 6.84 -5.95 -16.00
CA ASP A 37 7.39 -7.02 -16.82
C ASP A 37 6.40 -8.17 -17.01
N ASP A 38 5.81 -8.63 -15.91
CA ASP A 38 5.05 -9.87 -15.83
C ASP A 38 3.58 -9.73 -16.25
N GLY A 39 3.18 -8.52 -16.66
CA GLY A 39 1.82 -8.16 -17.01
C GLY A 39 1.03 -7.67 -15.80
N SER A 40 1.69 -6.93 -14.91
CA SER A 40 1.15 -6.52 -13.62
C SER A 40 1.41 -5.03 -13.47
N GLN A 41 0.50 -4.33 -12.81
CA GLN A 41 0.64 -2.93 -12.48
C GLN A 41 0.37 -2.78 -10.98
N GLN A 42 0.73 -1.61 -10.46
CA GLN A 42 0.61 -1.25 -9.06
C GLN A 42 0.35 0.26 -9.00
N THR A 43 -0.08 0.73 -7.85
CA THR A 43 -0.26 2.15 -7.54
C THR A 43 0.50 2.38 -6.23
N GLN A 44 0.91 3.61 -5.92
CA GLN A 44 1.54 3.97 -4.66
C GLN A 44 0.83 5.21 -4.09
N THR A 45 0.21 5.08 -2.92
CA THR A 45 -0.45 6.14 -2.13
C THR A 45 0.56 6.65 -1.10
N ILE A 46 0.76 7.97 -1.00
CA ILE A 46 1.83 8.65 -0.26
C ILE A 46 1.20 9.78 0.56
N THR A 47 0.75 9.47 1.77
CA THR A 47 0.03 10.35 2.67
C THR A 47 1.01 11.23 3.46
N TYR A 48 0.85 12.57 3.49
CA TYR A 48 1.74 13.41 4.29
C TYR A 48 0.98 14.64 4.77
N LYS A 49 1.54 15.38 5.75
CA LYS A 49 0.95 16.65 6.19
C LYS A 49 1.93 17.75 6.51
N ASP A 50 3.22 17.47 6.41
CA ASP A 50 4.29 18.43 6.62
C ASP A 50 5.43 18.13 5.65
N LYS A 51 6.30 17.20 6.05
CA LYS A 51 7.58 16.90 5.41
C LYS A 51 8.03 15.46 5.70
N THR A 52 7.10 14.60 6.11
CA THR A 52 7.40 13.24 6.51
C THR A 52 6.35 12.29 5.95
N PHE A 53 6.76 11.05 5.68
CA PHE A 53 5.87 9.96 5.33
C PHE A 53 5.03 9.57 6.54
N LEU A 54 3.74 9.91 6.55
CA LEU A 54 2.80 9.42 7.57
C LEU A 54 2.47 7.95 7.32
N SER A 55 1.76 7.66 6.24
CA SER A 55 1.42 6.31 5.84
C SER A 55 1.60 6.16 4.35
N LEU A 56 1.80 4.93 3.90
CA LEU A 56 2.06 4.60 2.52
C LEU A 56 1.22 3.36 2.23
N ALA A 57 0.56 3.32 1.08
CA ALA A 57 -0.05 2.10 0.60
C ALA A 57 0.45 1.83 -0.80
N ILE A 58 0.41 0.55 -1.20
CA ILE A 58 0.82 0.10 -2.51
C ILE A 58 -0.29 -0.84 -2.96
N GLN A 59 -1.06 -0.43 -3.98
CA GLN A 59 -2.08 -1.28 -4.58
C GLN A 59 -1.41 -2.13 -5.66
N GLN A 60 -2.02 -3.25 -6.01
CA GLN A 60 -1.51 -4.22 -6.99
C GLN A 60 -2.68 -4.69 -7.85
N LYS A 61 -2.45 -4.96 -9.13
CA LYS A 61 -3.29 -5.82 -9.96
C LYS A 61 -2.35 -6.71 -10.75
N ARG A 62 -2.71 -7.99 -10.84
CA ARG A 62 -2.15 -8.95 -11.78
C ARG A 62 -3.33 -9.71 -12.41
N PRO A 63 -3.14 -10.39 -13.55
CA PRO A 63 -4.10 -11.38 -14.00
C PRO A 63 -4.02 -12.61 -13.09
N VAL A 64 -5.03 -13.49 -13.18
CA VAL A 64 -4.92 -14.85 -12.66
C VAL A 64 -4.06 -15.73 -13.58
N SER A 65 -3.91 -17.02 -13.23
CA SER A 65 -3.37 -18.06 -14.09
C SER A 65 -4.29 -19.28 -14.04
N ASP A 66 -4.02 -20.33 -14.83
CA ASP A 66 -4.88 -21.51 -14.93
C ASP A 66 -5.05 -22.21 -13.58
N GLU A 67 -4.00 -22.13 -12.76
CA GLU A 67 -3.90 -22.60 -11.39
C GLU A 67 -4.90 -21.98 -10.42
N LEU A 68 -5.60 -20.93 -10.84
CA LEU A 68 -6.67 -20.27 -10.09
C LEU A 68 -7.97 -20.19 -10.86
N LYS A 69 -7.93 -20.30 -12.19
CA LYS A 69 -9.11 -20.53 -13.03
C LYS A 69 -9.92 -21.68 -12.45
N THR A 70 -9.25 -22.76 -12.04
CA THR A 70 -9.89 -23.98 -11.60
C THR A 70 -10.90 -23.67 -10.48
N TYR A 71 -10.48 -22.97 -9.44
CA TYR A 71 -11.34 -22.69 -8.31
C TYR A 71 -12.57 -21.87 -8.73
N ILE A 72 -12.38 -20.88 -9.61
CA ILE A 72 -13.46 -20.03 -10.11
C ILE A 72 -14.46 -20.89 -10.89
N ASP A 73 -14.00 -21.97 -11.50
CA ASP A 73 -14.80 -22.89 -12.27
C ASP A 73 -15.55 -23.87 -11.36
N GLN A 74 -14.90 -24.38 -10.32
CA GLN A 74 -15.52 -25.28 -9.34
C GLN A 74 -16.65 -24.57 -8.60
N HIS A 75 -16.36 -23.40 -8.04
CA HIS A 75 -17.22 -22.68 -7.12
C HIS A 75 -17.89 -21.52 -7.85
N GLY A 76 -17.19 -20.40 -8.00
CA GLY A 76 -17.70 -19.22 -8.64
C GLY A 76 -17.05 -17.99 -8.03
N VAL A 77 -17.41 -16.82 -8.56
CA VAL A 77 -16.75 -15.55 -8.30
C VAL A 77 -16.84 -15.21 -6.81
N GLU A 78 -18.04 -15.34 -6.20
CA GLU A 78 -18.25 -14.94 -4.82
C GLU A 78 -17.42 -15.79 -3.84
N GLU A 79 -17.35 -17.11 -4.04
CA GLU A 79 -16.56 -17.94 -3.12
C GLU A 79 -15.07 -17.64 -3.30
N THR A 80 -14.65 -17.33 -4.53
CA THR A 80 -13.23 -17.10 -4.80
C THR A 80 -12.70 -15.92 -3.99
N GLN A 81 -13.46 -14.83 -3.83
CA GLN A 81 -13.01 -13.75 -2.96
C GLN A 81 -12.74 -14.30 -1.55
N LYS A 82 -13.58 -15.17 -1.01
CA LYS A 82 -13.32 -15.71 0.32
C LYS A 82 -11.97 -16.42 0.33
N ALA A 83 -11.74 -17.26 -0.69
CA ALA A 83 -10.54 -18.04 -0.87
C ALA A 83 -9.28 -17.17 -0.92
N LEU A 84 -9.31 -15.97 -1.54
CA LEU A 84 -8.25 -14.98 -1.46
C LEU A 84 -7.88 -14.70 -0.01
N LEU A 85 -8.82 -14.20 0.81
CA LEU A 85 -8.49 -13.82 2.20
C LEU A 85 -7.99 -15.02 2.97
N GLU A 86 -8.63 -16.16 2.75
CA GLU A 86 -8.28 -17.43 3.35
C GLU A 86 -6.86 -17.89 3.02
N ALA A 87 -6.32 -17.51 1.88
CA ALA A 87 -4.93 -17.78 1.54
C ALA A 87 -4.00 -16.93 2.40
N GLU A 88 -4.35 -15.66 2.59
CA GLU A 88 -3.52 -14.71 3.33
C GLU A 88 -3.52 -15.03 4.82
N GLU A 89 -4.66 -15.48 5.34
CA GLU A 89 -4.86 -15.62 6.77
C GLU A 89 -3.89 -16.64 7.36
N LYS A 90 -3.59 -17.69 6.58
CA LYS A 90 -2.82 -18.85 6.99
C LYS A 90 -1.35 -18.74 6.59
N ASP A 91 -0.97 -17.78 5.74
CA ASP A 91 0.39 -17.69 5.24
C ASP A 91 1.32 -17.30 6.38
N LYS A 92 2.33 -18.13 6.65
CA LYS A 92 3.39 -17.80 7.59
C LYS A 92 4.04 -16.46 7.21
N SER A 93 4.26 -16.22 5.92
CA SER A 93 4.91 -15.02 5.42
C SER A 93 4.03 -13.78 5.58
N ILE A 94 2.74 -13.94 5.87
CA ILE A 94 1.82 -12.83 6.13
C ILE A 94 1.66 -12.69 7.63
N ILE A 95 1.44 -13.78 8.37
CA ILE A 95 1.36 -13.79 9.83
C ILE A 95 2.56 -13.05 10.41
N GLU A 96 3.77 -13.33 9.91
CA GLU A 96 4.99 -12.71 10.42
C GLU A 96 4.97 -11.17 10.34
N ALA A 97 4.32 -10.64 9.31
CA ALA A 97 4.09 -9.21 9.09
C ALA A 97 2.90 -8.68 9.91
N ARG A 98 1.82 -9.47 10.03
CA ARG A 98 0.62 -9.05 10.78
C ARG A 98 0.91 -8.78 12.26
N LYS A 99 2.07 -9.22 12.79
CA LYS A 99 2.54 -8.94 14.15
C LYS A 99 2.91 -7.48 14.36
N LEU A 100 3.33 -6.74 13.34
CA LEU A 100 3.72 -5.34 13.48
C LEU A 100 2.51 -4.52 13.93
N ALA A 101 2.71 -3.29 14.44
CA ALA A 101 1.61 -2.41 14.86
C ALA A 101 1.32 -1.28 13.89
N GLY A 102 1.71 -1.49 12.64
CA GLY A 102 1.58 -0.53 11.56
C GLY A 102 1.66 -1.18 10.18
N PHE A 103 1.20 -2.43 10.04
CA PHE A 103 1.13 -3.12 8.75
C PHE A 103 -0.30 -3.57 8.49
N LYS A 104 -0.80 -3.51 7.25
CA LYS A 104 -2.10 -4.11 6.91
C LYS A 104 -2.13 -4.60 5.49
N LEU A 105 -2.92 -5.64 5.24
CA LEU A 105 -3.04 -6.31 3.95
C LEU A 105 -4.52 -6.60 3.68
N GLU A 106 -4.96 -6.36 2.44
CA GLU A 106 -6.30 -6.64 1.95
C GLU A 106 -6.18 -7.17 0.51
N THR A 107 -7.14 -8.00 0.09
CA THR A 107 -7.29 -8.54 -1.25
C THR A 107 -8.72 -8.31 -1.75
N LYS A 108 -8.93 -8.25 -3.07
CA LYS A 108 -10.23 -8.12 -3.71
C LYS A 108 -10.22 -8.84 -5.04
N LEU A 109 -11.36 -9.39 -5.41
CA LEU A 109 -11.54 -10.18 -6.61
C LEU A 109 -12.27 -9.34 -7.64
N LEU A 110 -11.51 -8.70 -8.54
CA LEU A 110 -12.06 -7.80 -9.54
C LEU A 110 -12.97 -8.51 -10.55
N SER A 111 -12.72 -9.79 -10.87
CA SER A 111 -13.45 -10.50 -11.91
C SER A 111 -13.33 -12.00 -11.70
N ALA A 112 -13.97 -12.78 -12.58
CA ALA A 112 -13.70 -14.20 -12.76
C ALA A 112 -12.28 -14.48 -13.32
N THR A 113 -11.43 -13.45 -13.49
CA THR A 113 -10.22 -13.46 -14.32
C THR A 113 -9.15 -12.43 -13.89
N GLU A 114 -9.39 -11.68 -12.81
CA GLU A 114 -8.51 -10.63 -12.29
C GLU A 114 -8.73 -10.47 -10.78
N LEU A 115 -7.71 -9.98 -10.10
CA LEU A 115 -7.73 -9.63 -8.67
C LEU A 115 -6.86 -8.41 -8.41
N GLN A 116 -7.08 -7.79 -7.25
CA GLN A 116 -6.40 -6.59 -6.79
C GLN A 116 -5.98 -6.83 -5.36
N THR A 117 -4.79 -6.38 -4.98
CA THR A 117 -4.28 -6.47 -3.62
C THR A 117 -3.91 -5.06 -3.17
N THR A 118 -3.77 -4.84 -1.86
CA THR A 118 -3.19 -3.62 -1.33
C THR A 118 -2.48 -3.98 -0.02
N THR A 119 -1.31 -3.38 0.18
CA THR A 119 -0.64 -3.33 1.46
C THR A 119 -0.67 -1.86 1.92
N SER A 120 -0.83 -1.61 3.22
CA SER A 120 -0.59 -0.29 3.81
C SER A 120 0.45 -0.43 4.93
N PHE A 121 1.07 0.70 5.24
CA PHE A 121 2.28 0.88 6.01
C PHE A 121 2.11 2.16 6.83
N ASP A 122 1.93 2.04 8.15
CA ASP A 122 1.67 3.10 9.11
C ASP A 122 2.99 3.48 9.79
N PHE A 123 3.77 4.40 9.20
CA PHE A 123 5.18 4.60 9.61
C PHE A 123 5.35 5.03 11.07
N GLN A 124 4.32 5.66 11.63
CA GLN A 124 4.30 6.12 13.01
C GLN A 124 4.42 4.97 14.03
N VAL A 125 4.11 3.73 13.65
CA VAL A 125 3.99 2.58 14.55
C VAL A 125 4.51 1.27 13.94
N LEU A 126 4.72 1.21 12.63
CA LEU A 126 5.47 0.11 12.01
C LEU A 126 6.91 0.19 12.50
N ASP A 127 7.48 -0.97 12.79
CA ASP A 127 8.87 -1.16 13.16
C ASP A 127 9.63 -1.26 11.83
N VAL A 128 9.88 -0.14 11.15
CA VAL A 128 10.43 -0.16 9.80
C VAL A 128 11.77 -0.91 9.70
N LYS A 129 12.57 -0.93 10.78
CA LYS A 129 13.84 -1.66 10.86
C LYS A 129 13.61 -3.15 10.62
N LYS A 130 12.50 -3.68 11.15
CA LYS A 130 12.03 -5.04 10.94
C LYS A 130 11.31 -5.14 9.60
N ALA A 131 10.46 -4.17 9.21
CA ALA A 131 9.70 -4.20 7.98
C ALA A 131 10.56 -4.58 6.77
N SER A 132 11.70 -3.91 6.60
CA SER A 132 12.56 -4.10 5.44
C SER A 132 13.14 -5.52 5.31
N GLN A 133 12.98 -6.38 6.32
CA GLN A 133 13.58 -7.70 6.40
C GLN A 133 12.53 -8.81 6.58
N LEU A 134 11.23 -8.49 6.49
CA LEU A 134 10.16 -9.48 6.53
C LEU A 134 10.10 -10.17 5.18
N GLU A 135 9.64 -11.43 5.16
CA GLU A 135 9.49 -12.25 3.97
C GLU A 135 8.71 -11.48 2.91
N HIS A 136 7.47 -11.09 3.21
CA HIS A 136 6.58 -10.45 2.26
C HIS A 136 7.13 -9.13 1.72
N LEU A 137 8.07 -8.49 2.41
CA LEU A 137 8.48 -7.10 2.19
C LEU A 137 9.92 -7.01 1.68
N LYS A 138 10.62 -8.13 1.52
CA LYS A 138 11.85 -8.22 0.72
C LYS A 138 11.70 -7.56 -0.64
N ASN A 139 10.48 -7.60 -1.16
CA ASN A 139 10.14 -7.09 -2.47
C ASN A 139 10.16 -5.56 -2.60
N ILE A 140 10.34 -4.87 -1.49
CA ILE A 140 10.28 -3.41 -1.31
C ILE A 140 11.55 -2.99 -0.54
N GLY A 141 11.88 -1.70 -0.52
CA GLY A 141 12.97 -1.12 0.27
C GLY A 141 12.44 -0.02 1.16
N LEU A 142 11.67 -0.36 2.20
CA LEU A 142 11.09 0.63 3.10
C LEU A 142 12.16 1.54 3.71
N GLU A 143 13.28 1.01 4.20
CA GLU A 143 14.31 1.87 4.80
C GLU A 143 14.83 2.87 3.77
N ASN A 144 15.12 2.41 2.56
CA ASN A 144 15.63 3.28 1.49
C ASN A 144 14.60 4.33 1.06
N LEU A 145 13.32 3.98 1.01
CA LEU A 145 12.24 4.87 0.61
C LEU A 145 12.34 6.15 1.42
N LEU A 146 12.34 6.02 2.74
CA LEU A 146 12.13 7.12 3.69
C LEU A 146 13.19 8.21 3.62
N LYS A 147 14.24 7.99 2.83
CA LYS A 147 15.39 8.87 2.77
C LYS A 147 15.16 9.92 1.69
N ASN A 148 13.99 10.55 1.72
CA ASN A 148 13.65 11.74 0.94
C ASN A 148 12.46 12.48 1.56
N GLU A 149 12.16 13.68 1.07
CA GLU A 149 10.97 14.44 1.46
C GLU A 149 9.74 13.77 0.87
N PRO A 150 8.54 13.89 1.44
CA PRO A 150 7.39 13.13 0.95
C PRO A 150 6.97 13.49 -0.47
N SER A 151 7.46 14.57 -1.05
CA SER A 151 7.14 15.02 -2.40
C SER A 151 8.29 14.84 -3.37
N LYS A 152 9.50 14.65 -2.84
CA LYS A 152 10.73 14.58 -3.63
C LYS A 152 10.67 13.37 -4.58
N TYR A 153 10.57 12.14 -4.06
CA TYR A 153 10.63 10.97 -4.91
C TYR A 153 9.38 10.78 -5.77
N ILE A 154 8.30 11.47 -5.46
CA ILE A 154 7.10 11.53 -6.31
C ILE A 154 7.50 12.05 -7.69
N SER A 155 8.33 13.10 -7.73
CA SER A 155 8.91 13.64 -8.97
C SER A 155 9.74 12.59 -9.72
N ASP A 156 10.32 11.64 -9.00
CA ASP A 156 11.15 10.55 -9.50
C ASP A 156 10.27 9.41 -10.05
N ARG A 157 9.01 9.28 -9.59
CA ARG A 157 8.07 8.25 -10.04
C ARG A 157 7.75 8.48 -11.51
N LEU A 158 7.16 9.64 -11.86
CA LEU A 158 6.78 9.96 -13.22
C LEU A 158 7.99 9.89 -14.15
N ALA A 159 9.14 10.39 -13.72
CA ALA A 159 10.37 10.36 -14.50
C ALA A 159 10.86 8.94 -14.81
N ASN A 160 10.43 7.92 -14.06
CA ASN A 160 10.73 6.51 -14.34
C ASN A 160 9.56 5.82 -15.07
N GLY A 161 8.54 6.55 -15.50
CA GLY A 161 7.46 6.07 -16.36
C GLY A 161 6.09 6.02 -15.68
N ALA A 162 5.91 6.63 -14.50
CA ALA A 162 4.64 6.64 -13.79
C ALA A 162 3.72 7.77 -14.30
N THR A 163 2.58 7.95 -13.63
CA THR A 163 1.67 9.07 -13.72
C THR A 163 1.22 9.45 -12.29
N GLU A 164 0.65 10.64 -12.08
CA GLU A 164 -0.08 11.02 -10.86
C GLU A 164 -1.56 10.72 -11.05
N GLN A 165 -2.34 10.93 -9.98
CA GLN A 165 -3.80 10.83 -9.93
C GLN A 165 -4.31 11.93 -9.02
N GLY A 1 2.16 35.01 -6.70
CA GLY A 1 1.22 34.00 -7.21
C GLY A 1 1.77 33.38 -8.48
N PRO A 2 2.60 32.33 -8.40
CA PRO A 2 2.91 31.49 -9.55
C PRO A 2 1.65 30.72 -9.98
N ALA A 3 1.73 29.97 -11.08
CA ALA A 3 0.71 29.02 -11.49
C ALA A 3 1.40 27.67 -11.81
N THR A 4 0.61 26.63 -12.05
CA THR A 4 1.09 25.26 -12.13
C THR A 4 0.25 24.48 -13.15
N LYS A 5 0.89 23.60 -13.94
CA LYS A 5 0.20 22.80 -14.97
C LYS A 5 -0.07 21.40 -14.42
N THR A 6 -1.00 20.66 -15.03
CA THR A 6 -1.32 19.27 -14.70
C THR A 6 -1.67 18.53 -16.00
N GLU A 7 -1.65 17.20 -15.97
CA GLU A 7 -2.06 16.31 -17.05
C GLU A 7 -3.38 15.62 -16.64
N LYS A 8 -3.87 14.67 -17.43
CA LYS A 8 -4.84 13.65 -17.03
C LYS A 8 -4.40 12.37 -17.71
N ASP A 9 -4.48 11.23 -17.03
CA ASP A 9 -4.57 9.91 -17.66
C ASP A 9 -6.05 9.51 -17.71
N THR A 10 -6.36 8.39 -18.37
CA THR A 10 -7.67 7.74 -18.29
C THR A 10 -7.45 6.24 -18.09
N LEU A 11 -7.65 5.68 -16.89
CA LEU A 11 -7.47 4.24 -16.65
C LEU A 11 -8.51 3.66 -15.71
N GLN A 12 -9.06 2.50 -16.13
CA GLN A 12 -10.27 1.91 -15.58
C GLN A 12 -9.94 0.74 -14.66
N SER A 13 -10.56 0.70 -13.48
CA SER A 13 -10.26 -0.23 -12.41
C SER A 13 -11.23 -0.07 -11.24
N ALA A 14 -10.98 -0.75 -10.13
CA ALA A 14 -11.55 -0.45 -8.83
C ALA A 14 -11.09 0.95 -8.38
N LEU A 15 -11.73 1.46 -7.35
CA LEU A 15 -11.42 2.71 -6.62
C LEU A 15 -11.87 2.54 -5.17
N PRO A 16 -11.37 3.33 -4.21
CA PRO A 16 -11.88 3.32 -2.85
C PRO A 16 -13.29 3.96 -2.77
N VAL A 17 -13.91 3.80 -1.60
CA VAL A 17 -15.18 4.41 -1.22
C VAL A 17 -14.97 5.87 -0.81
N ILE A 18 -15.96 6.49 -0.17
CA ILE A 18 -15.97 7.87 0.28
C ILE A 18 -16.46 7.86 1.73
N GLU A 19 -16.13 8.89 2.50
CA GLU A 19 -16.73 9.22 3.79
C GLU A 19 -16.66 10.76 3.90
N ASN A 20 -17.35 11.36 4.87
CA ASN A 20 -17.22 12.76 5.21
C ASN A 20 -17.38 12.91 6.72
N ALA A 21 -16.34 13.40 7.37
CA ALA A 21 -16.27 13.66 8.80
C ALA A 21 -15.29 14.82 9.07
N GLU A 22 -15.21 15.25 10.33
CA GLU A 22 -14.24 16.19 10.87
C GLU A 22 -12.92 15.42 11.06
N LYS A 23 -12.16 15.21 9.98
CA LYS A 23 -10.83 14.62 10.06
C LYS A 23 -9.78 15.64 10.48
N ASN A 24 -8.52 15.23 10.62
CA ASN A 24 -7.39 16.16 10.65
C ASN A 24 -6.97 16.42 9.20
N THR A 25 -5.98 17.26 8.97
CA THR A 25 -5.39 17.43 7.67
C THR A 25 -4.59 16.20 7.27
N VAL A 26 -4.92 15.62 6.12
CA VAL A 26 -4.23 14.52 5.50
C VAL A 26 -4.24 14.77 3.99
N VAL A 27 -3.06 14.92 3.40
CA VAL A 27 -2.86 14.92 1.97
C VAL A 27 -2.76 13.46 1.57
N THR A 28 -3.86 12.94 1.03
CA THR A 28 -3.83 11.76 0.20
C THR A 28 -3.25 12.18 -1.14
N LYS A 29 -2.28 11.42 -1.64
CA LYS A 29 -1.73 11.56 -2.97
C LYS A 29 -1.51 10.15 -3.48
N THR A 30 -1.63 9.88 -4.77
CA THR A 30 -1.34 8.56 -5.31
C THR A 30 -0.63 8.68 -6.64
N LEU A 31 0.17 7.66 -6.96
CA LEU A 31 1.06 7.60 -8.06
C LEU A 31 1.03 6.30 -8.81
N VAL A 32 1.11 6.44 -10.11
CA VAL A 32 0.77 5.44 -11.11
C VAL A 32 2.07 5.05 -11.77
N LEU A 33 2.62 3.90 -11.38
CA LEU A 33 3.74 3.32 -12.06
C LEU A 33 3.39 2.79 -13.44
N PRO A 34 4.37 2.87 -14.35
CA PRO A 34 4.30 2.30 -15.69
C PRO A 34 4.09 0.79 -15.61
N LYS A 35 3.53 0.21 -16.67
CA LYS A 35 3.42 -1.24 -16.80
C LYS A 35 4.80 -1.86 -16.61
N SER A 36 4.81 -2.98 -15.90
CA SER A 36 5.96 -3.84 -15.70
C SER A 36 6.25 -4.61 -17.01
N ASP A 37 7.02 -5.69 -16.93
CA ASP A 37 7.40 -6.55 -18.04
C ASP A 37 6.22 -6.86 -18.96
N ASP A 38 5.28 -7.73 -18.51
CA ASP A 38 4.05 -8.02 -19.23
C ASP A 38 2.98 -8.56 -18.27
N GLY A 39 2.02 -7.69 -17.98
CA GLY A 39 0.72 -8.03 -17.41
C GLY A 39 0.52 -7.49 -16.00
N SER A 40 1.58 -6.94 -15.41
CA SER A 40 1.67 -6.57 -14.01
C SER A 40 1.74 -5.04 -13.92
N GLN A 41 0.81 -4.45 -13.20
CA GLN A 41 0.74 -3.04 -12.86
C GLN A 41 0.74 -2.93 -11.33
N GLN A 42 1.31 -1.85 -10.78
CA GLN A 42 1.14 -1.48 -9.39
C GLN A 42 1.08 0.04 -9.21
N THR A 43 0.63 0.48 -8.04
CA THR A 43 0.41 1.90 -7.70
C THR A 43 1.04 2.19 -6.33
N GLN A 44 1.36 3.44 -6.03
CA GLN A 44 1.94 3.90 -4.76
C GLN A 44 1.01 4.96 -4.16
N THR A 45 0.29 4.62 -3.11
CA THR A 45 -0.51 5.55 -2.33
C THR A 45 0.41 6.22 -1.31
N ILE A 46 0.47 7.56 -1.31
CA ILE A 46 1.44 8.39 -0.60
C ILE A 46 0.64 9.36 0.26
N THR A 47 0.43 9.00 1.53
CA THR A 47 -0.34 9.79 2.49
C THR A 47 0.62 10.55 3.41
N TYR A 48 0.52 11.88 3.43
CA TYR A 48 1.37 12.77 4.21
C TYR A 48 0.53 13.94 4.73
N LYS A 49 1.12 14.83 5.55
CA LYS A 49 0.40 16.06 5.93
C LYS A 49 1.26 17.26 6.27
N ASP A 50 2.57 17.11 6.28
CA ASP A 50 3.46 18.20 6.66
C ASP A 50 4.78 18.03 5.91
N LYS A 51 5.56 16.99 6.22
CA LYS A 51 6.84 16.70 5.55
C LYS A 51 7.25 15.22 5.59
N THR A 52 6.33 14.31 5.94
CA THR A 52 6.69 12.91 6.23
C THR A 52 5.66 11.94 5.66
N PHE A 53 6.13 10.74 5.29
CA PHE A 53 5.30 9.60 4.92
C PHE A 53 4.59 9.11 6.19
N LEU A 54 3.32 9.50 6.39
CA LEU A 54 2.51 8.99 7.50
C LEU A 54 2.24 7.51 7.30
N SER A 55 1.73 7.15 6.12
CA SER A 55 1.45 5.79 5.73
C SER A 55 1.63 5.67 4.20
N LEU A 56 1.95 4.47 3.74
CA LEU A 56 2.26 4.13 2.36
C LEU A 56 1.51 2.85 2.04
N ALA A 57 0.78 2.81 0.93
CA ALA A 57 0.06 1.61 0.51
C ALA A 57 0.38 1.29 -0.95
N ILE A 58 1.22 0.27 -1.14
CA ILE A 58 1.54 -0.30 -2.45
C ILE A 58 0.37 -1.15 -2.92
N GLN A 59 -0.31 -0.74 -4.00
CA GLN A 59 -1.27 -1.53 -4.75
C GLN A 59 -0.56 -2.65 -5.52
N GLN A 60 -1.30 -3.54 -6.17
CA GLN A 60 -0.78 -4.60 -7.03
C GLN A 60 -1.94 -5.14 -7.86
N LYS A 61 -1.80 -5.30 -9.18
CA LYS A 61 -2.78 -5.97 -10.03
C LYS A 61 -2.02 -6.90 -10.96
N ARG A 62 -2.37 -8.19 -10.94
CA ARG A 62 -1.89 -9.22 -11.84
C ARG A 62 -3.07 -10.06 -12.32
N PRO A 63 -2.91 -10.87 -13.36
CA PRO A 63 -3.88 -11.91 -13.70
C PRO A 63 -3.78 -13.09 -12.72
N VAL A 64 -4.79 -13.95 -12.73
CA VAL A 64 -4.82 -15.20 -11.97
C VAL A 64 -3.92 -16.26 -12.65
N SER A 65 -3.96 -17.52 -12.19
CA SER A 65 -3.49 -18.66 -12.94
C SER A 65 -4.39 -19.88 -12.65
N ASP A 66 -4.08 -21.04 -13.24
CA ASP A 66 -5.03 -22.13 -13.42
C ASP A 66 -5.40 -22.84 -12.11
N GLU A 67 -4.55 -22.84 -11.07
CA GLU A 67 -4.91 -23.38 -9.75
C GLU A 67 -6.04 -22.55 -9.12
N LEU A 68 -6.06 -21.26 -9.40
CA LEU A 68 -7.06 -20.33 -8.94
C LEU A 68 -8.34 -20.53 -9.73
N LYS A 69 -8.25 -20.63 -11.08
CA LYS A 69 -9.40 -20.81 -11.95
C LYS A 69 -10.26 -22.01 -11.52
N THR A 70 -9.65 -23.07 -10.99
CA THR A 70 -10.37 -24.18 -10.44
C THR A 70 -11.30 -23.72 -9.30
N TYR A 71 -10.81 -22.97 -8.30
CA TYR A 71 -11.64 -22.51 -7.19
C TYR A 71 -12.84 -21.70 -7.68
N ILE A 72 -12.63 -20.84 -8.68
CA ILE A 72 -13.67 -20.01 -9.28
C ILE A 72 -14.78 -20.91 -9.84
N ASP A 73 -14.42 -22.09 -10.35
CA ASP A 73 -15.33 -23.06 -10.96
C ASP A 73 -16.00 -23.95 -9.91
N GLN A 74 -15.28 -24.31 -8.84
CA GLN A 74 -15.78 -25.08 -7.71
C GLN A 74 -16.81 -24.31 -6.88
N HIS A 75 -16.65 -22.98 -6.77
CA HIS A 75 -17.42 -22.14 -5.86
C HIS A 75 -18.13 -21.06 -6.67
N GLY A 76 -17.45 -19.96 -7.00
CA GLY A 76 -17.99 -18.87 -7.79
C GLY A 76 -17.07 -17.67 -7.77
N VAL A 77 -17.32 -16.70 -8.65
CA VAL A 77 -16.47 -15.53 -8.83
C VAL A 77 -16.50 -14.65 -7.56
N GLU A 78 -17.69 -14.44 -6.97
CA GLU A 78 -17.79 -13.76 -5.67
C GLU A 78 -17.02 -14.50 -4.59
N GLU A 79 -17.25 -15.80 -4.46
CA GLU A 79 -16.66 -16.66 -3.46
C GLU A 79 -15.13 -16.65 -3.54
N THR A 80 -14.58 -16.55 -4.76
CA THR A 80 -13.14 -16.51 -4.95
C THR A 80 -12.53 -15.37 -4.13
N GLN A 81 -13.14 -14.17 -4.13
CA GLN A 81 -12.60 -13.04 -3.38
C GLN A 81 -12.37 -13.44 -1.89
N LYS A 82 -13.35 -14.13 -1.30
CA LYS A 82 -13.33 -14.54 0.10
C LYS A 82 -12.14 -15.44 0.36
N ALA A 83 -11.89 -16.39 -0.54
CA ALA A 83 -10.76 -17.32 -0.45
C ALA A 83 -9.42 -16.59 -0.28
N LEU A 84 -9.26 -15.42 -0.91
CA LEU A 84 -8.06 -14.59 -0.79
C LEU A 84 -7.86 -14.21 0.68
N LEU A 85 -8.89 -13.65 1.29
CA LEU A 85 -8.89 -13.13 2.65
C LEU A 85 -8.60 -14.27 3.64
N GLU A 86 -9.19 -15.43 3.34
CA GLU A 86 -9.02 -16.70 4.04
C GLU A 86 -7.68 -17.40 3.74
N ALA A 87 -6.90 -16.92 2.77
CA ALA A 87 -5.56 -17.40 2.47
C ALA A 87 -4.49 -16.60 3.22
N GLU A 88 -4.76 -15.32 3.52
CA GLU A 88 -3.76 -14.45 4.13
C GLU A 88 -3.42 -14.91 5.55
N GLU A 89 -4.40 -15.48 6.25
CA GLU A 89 -4.24 -16.02 7.61
C GLU A 89 -3.31 -17.24 7.66
N LYS A 90 -3.05 -17.86 6.52
CA LYS A 90 -2.28 -19.10 6.36
C LYS A 90 -1.11 -18.88 5.41
N ASP A 91 -0.61 -17.65 5.33
CA ASP A 91 0.52 -17.22 4.51
C ASP A 91 1.71 -16.88 5.41
N LYS A 92 2.74 -17.71 5.43
CA LYS A 92 3.91 -17.47 6.29
C LYS A 92 4.64 -16.15 6.03
N SER A 93 4.45 -15.49 4.88
CA SER A 93 4.97 -14.15 4.67
C SER A 93 4.06 -13.14 5.39
N ILE A 94 2.75 -13.21 5.15
CA ILE A 94 1.80 -12.23 5.70
C ILE A 94 1.78 -12.33 7.23
N ILE A 95 1.71 -13.54 7.82
CA ILE A 95 1.56 -13.77 9.26
C ILE A 95 2.68 -13.09 10.04
N GLU A 96 3.90 -13.11 9.52
CA GLU A 96 5.03 -12.46 10.19
C GLU A 96 4.89 -10.94 10.17
N ALA A 97 4.44 -10.37 9.05
CA ALA A 97 4.18 -8.94 8.94
C ALA A 97 2.98 -8.53 9.81
N ARG A 98 1.94 -9.36 9.91
CA ARG A 98 0.75 -9.14 10.74
C ARG A 98 1.07 -8.99 12.23
N LYS A 99 2.25 -9.35 12.71
CA LYS A 99 2.64 -9.10 14.10
C LYS A 99 3.07 -7.64 14.32
N LEU A 100 3.33 -6.88 13.26
CA LEU A 100 3.67 -5.46 13.34
C LEU A 100 2.38 -4.68 13.55
N ALA A 101 2.40 -3.66 14.41
CA ALA A 101 1.19 -2.89 14.74
C ALA A 101 0.87 -1.81 13.72
N GLY A 102 1.34 -1.96 12.50
CA GLY A 102 1.24 -0.96 11.45
C GLY A 102 1.27 -1.58 10.06
N PHE A 103 1.03 -2.88 9.93
CA PHE A 103 1.01 -3.55 8.66
C PHE A 103 -0.44 -3.92 8.35
N LYS A 104 -0.93 -3.59 7.16
CA LYS A 104 -2.24 -4.03 6.69
C LYS A 104 -2.12 -4.59 5.30
N LEU A 105 -3.02 -5.51 4.96
CA LEU A 105 -3.16 -6.08 3.63
C LEU A 105 -4.64 -6.13 3.34
N GLU A 106 -5.06 -5.56 2.21
CA GLU A 106 -6.41 -5.59 1.65
C GLU A 106 -6.36 -6.43 0.38
N THR A 107 -7.28 -7.38 0.24
CA THR A 107 -7.36 -8.25 -0.92
C THR A 107 -8.71 -8.11 -1.59
N LYS A 108 -8.70 -7.90 -2.92
CA LYS A 108 -9.91 -7.71 -3.70
C LYS A 108 -9.77 -8.38 -5.04
N LEU A 109 -10.73 -9.21 -5.33
CA LEU A 109 -10.83 -9.90 -6.59
C LEU A 109 -11.42 -8.90 -7.59
N LEU A 110 -10.88 -8.84 -8.81
CA LEU A 110 -11.45 -8.01 -9.85
C LEU A 110 -12.40 -8.82 -10.73
N SER A 111 -12.19 -10.14 -10.92
CA SER A 111 -13.05 -10.98 -11.75
C SER A 111 -12.47 -12.38 -11.87
N ALA A 112 -13.18 -13.26 -12.58
CA ALA A 112 -12.81 -14.64 -12.83
C ALA A 112 -11.44 -14.79 -13.54
N THR A 113 -10.81 -13.71 -14.02
CA THR A 113 -9.49 -13.75 -14.65
C THR A 113 -8.50 -12.69 -14.12
N GLU A 114 -8.80 -11.92 -13.05
CA GLU A 114 -7.88 -10.89 -12.55
C GLU A 114 -8.09 -10.59 -11.06
N LEU A 115 -7.03 -10.24 -10.33
CA LEU A 115 -7.04 -10.01 -8.88
C LEU A 115 -6.26 -8.72 -8.54
N GLN A 116 -6.48 -8.14 -7.36
CA GLN A 116 -5.84 -6.91 -6.90
C GLN A 116 -5.51 -7.03 -5.40
N THR A 117 -4.32 -6.63 -5.00
CA THR A 117 -3.91 -6.59 -3.60
C THR A 117 -3.40 -5.17 -3.33
N THR A 118 -3.45 -4.74 -2.08
CA THR A 118 -2.86 -3.47 -1.64
C THR A 118 -2.38 -3.66 -0.20
N THR A 119 -1.12 -3.35 0.03
CA THR A 119 -0.42 -3.62 1.28
C THR A 119 0.00 -2.27 1.87
N SER A 120 -0.64 -1.89 2.97
CA SER A 120 -0.39 -0.69 3.74
C SER A 120 0.74 -0.91 4.73
N PHE A 121 1.48 0.17 4.96
CA PHE A 121 2.64 0.30 5.80
C PHE A 121 2.43 1.60 6.55
N ASP A 122 1.81 1.51 7.72
CA ASP A 122 1.40 2.61 8.56
C ASP A 122 2.63 3.00 9.37
N PHE A 123 3.54 3.76 8.78
CA PHE A 123 4.85 4.09 9.34
C PHE A 123 4.79 4.62 10.78
N GLN A 124 3.70 5.30 11.14
CA GLN A 124 3.45 5.79 12.49
C GLN A 124 3.59 4.68 13.56
N VAL A 125 3.29 3.43 13.22
CA VAL A 125 3.20 2.31 14.16
C VAL A 125 3.94 1.05 13.69
N LEU A 126 4.45 1.04 12.46
CA LEU A 126 5.15 -0.07 11.83
C LEU A 126 6.62 -0.09 12.27
N ASP A 127 7.11 -1.19 12.86
CA ASP A 127 8.53 -1.37 13.16
C ASP A 127 9.28 -1.65 11.86
N VAL A 128 9.55 -0.61 11.08
CA VAL A 128 10.27 -0.65 9.81
C VAL A 128 11.56 -1.44 9.92
N LYS A 129 12.25 -1.30 11.06
CA LYS A 129 13.60 -1.83 11.28
C LYS A 129 13.61 -3.34 11.06
N LYS A 130 12.61 -4.03 11.59
CA LYS A 130 12.37 -5.44 11.31
C LYS A 130 11.50 -5.68 10.09
N ALA A 131 10.53 -4.81 9.79
CA ALA A 131 9.55 -5.05 8.74
C ALA A 131 10.24 -5.28 7.40
N SER A 132 11.21 -4.43 7.06
CA SER A 132 11.97 -4.52 5.82
C SER A 132 12.75 -5.84 5.69
N GLN A 133 12.87 -6.61 6.78
CA GLN A 133 13.59 -7.86 6.87
C GLN A 133 12.60 -9.02 7.02
N LEU A 134 11.47 -8.97 6.32
CA LEU A 134 10.49 -10.04 6.29
C LEU A 134 10.33 -10.56 4.87
N GLU A 135 9.87 -11.80 4.74
CA GLU A 135 9.76 -12.49 3.46
C GLU A 135 8.82 -11.73 2.52
N HIS A 136 7.78 -11.11 3.07
CA HIS A 136 6.84 -10.28 2.33
C HIS A 136 7.49 -8.99 1.80
N LEU A 137 8.45 -8.41 2.54
CA LEU A 137 8.86 -7.03 2.31
C LEU A 137 10.23 -6.94 1.64
N LYS A 138 11.01 -8.02 1.63
CA LYS A 138 12.43 -8.03 1.30
C LYS A 138 12.71 -7.50 -0.09
N ASN A 139 11.73 -7.70 -0.96
CA ASN A 139 11.79 -7.33 -2.36
C ASN A 139 11.53 -5.85 -2.61
N ILE A 140 11.02 -5.12 -1.62
CA ILE A 140 10.56 -3.74 -1.76
C ILE A 140 11.70 -2.86 -1.26
N GLY A 141 12.03 -1.80 -2.00
CA GLY A 141 12.96 -0.76 -1.57
C GLY A 141 12.25 0.23 -0.66
N LEU A 142 11.61 -0.28 0.39
CA LEU A 142 10.73 0.49 1.26
C LEU A 142 11.51 1.40 2.20
N GLU A 143 12.68 0.99 2.66
CA GLU A 143 13.50 1.86 3.50
C GLU A 143 13.96 3.05 2.65
N ASN A 144 14.31 2.77 1.40
CA ASN A 144 14.80 3.77 0.45
C ASN A 144 13.74 4.84 0.21
N LEU A 145 12.46 4.45 0.15
CA LEU A 145 11.33 5.35 0.16
C LEU A 145 11.34 6.19 1.45
N LEU A 146 11.39 5.54 2.61
CA LEU A 146 11.25 6.20 3.90
C LEU A 146 12.41 7.14 4.23
N LYS A 147 13.53 7.05 3.53
CA LYS A 147 14.69 7.88 3.77
C LYS A 147 14.62 9.24 3.06
N ASN A 148 13.44 9.68 2.56
CA ASN A 148 13.29 10.99 1.93
C ASN A 148 11.97 11.67 2.35
N GLU A 149 11.61 12.79 1.72
CA GLU A 149 10.35 13.49 2.00
C GLU A 149 9.26 12.87 1.13
N PRO A 150 7.97 12.95 1.51
CA PRO A 150 6.90 12.37 0.74
C PRO A 150 6.83 12.99 -0.66
N SER A 151 7.13 14.28 -0.80
CA SER A 151 6.94 15.02 -2.05
C SER A 151 8.27 15.26 -2.78
N LYS A 152 9.39 14.71 -2.29
CA LYS A 152 10.62 14.64 -3.07
C LYS A 152 10.45 13.53 -4.11
N TYR A 153 10.43 12.25 -3.70
CA TYR A 153 10.66 11.16 -4.65
C TYR A 153 9.54 10.99 -5.68
N ILE A 154 8.36 11.56 -5.44
CA ILE A 154 7.25 11.72 -6.40
C ILE A 154 7.80 12.30 -7.71
N SER A 155 8.56 13.40 -7.64
CA SER A 155 9.19 14.05 -8.78
C SER A 155 9.97 13.00 -9.59
N ASP A 156 10.89 12.32 -8.89
CA ASP A 156 11.77 11.30 -9.43
C ASP A 156 11.02 10.10 -10.01
N ARG A 157 9.89 9.73 -9.41
CA ARG A 157 9.01 8.69 -9.91
C ARG A 157 8.43 9.10 -11.26
N LEU A 158 7.84 10.29 -11.41
CA LEU A 158 7.33 10.70 -12.71
C LEU A 158 8.45 10.78 -13.74
N ALA A 159 9.65 11.19 -13.33
CA ALA A 159 10.82 11.17 -14.21
C ALA A 159 11.14 9.75 -14.69
N ASN A 160 10.84 8.72 -13.90
CA ASN A 160 10.93 7.30 -14.24
C ASN A 160 9.70 6.83 -15.04
N GLY A 161 8.93 7.73 -15.67
CA GLY A 161 7.81 7.36 -16.52
C GLY A 161 6.59 6.94 -15.72
N ALA A 162 6.32 7.63 -14.62
CA ALA A 162 5.13 7.46 -13.79
C ALA A 162 4.24 8.70 -13.92
N THR A 163 3.08 8.73 -13.26
CA THR A 163 2.18 9.89 -13.23
C THR A 163 1.42 9.92 -11.92
N GLU A 164 0.74 11.02 -11.62
CA GLU A 164 -0.19 11.04 -10.51
C GLU A 164 -1.44 10.25 -10.84
N GLN A 165 -2.24 10.04 -9.81
CA GLN A 165 -3.67 9.75 -9.93
C GLN A 165 -4.37 11.08 -9.80
N GLY A 1 14.66 89.13 -2.17
CA GLY A 1 15.59 89.51 -1.09
C GLY A 1 15.73 88.28 -0.23
N PRO A 2 14.96 88.16 0.86
CA PRO A 2 14.50 86.85 1.28
C PRO A 2 13.63 86.23 0.17
N ALA A 3 13.39 84.93 0.25
CA ALA A 3 12.38 84.17 -0.48
C ALA A 3 12.17 82.87 0.30
N THR A 4 11.01 82.24 0.16
CA THR A 4 10.65 81.04 0.91
C THR A 4 9.90 80.08 -0.03
N LYS A 5 10.65 79.23 -0.76
CA LYS A 5 10.07 78.11 -1.49
C LYS A 5 9.79 77.03 -0.46
N THR A 6 8.53 76.62 -0.31
CA THR A 6 8.14 75.47 0.48
C THR A 6 7.16 74.64 -0.37
N GLU A 7 7.08 73.34 -0.10
CA GLU A 7 6.14 72.42 -0.75
C GLU A 7 5.77 71.33 0.25
N LYS A 8 4.86 70.45 -0.16
CA LYS A 8 4.23 69.41 0.67
C LYS A 8 3.61 68.39 -0.28
N ASP A 9 3.41 67.18 0.19
CA ASP A 9 2.91 66.00 -0.51
C ASP A 9 1.52 65.61 0.01
N THR A 10 0.97 64.51 -0.53
CA THR A 10 -0.05 63.70 0.12
C THR A 10 0.28 62.23 -0.18
N LEU A 11 1.20 61.63 0.58
CA LEU A 11 1.54 60.21 0.54
C LEU A 11 0.39 59.35 1.05
N GLN A 12 0.63 58.05 1.22
CA GLN A 12 -0.32 57.05 1.69
C GLN A 12 0.19 56.43 3.00
N SER A 13 -0.57 55.53 3.60
CA SER A 13 -0.30 55.00 4.94
C SER A 13 -0.20 53.47 4.93
N ALA A 14 0.37 52.90 5.98
CA ALA A 14 0.41 51.46 6.22
C ALA A 14 -0.93 50.98 6.79
N LEU A 15 -1.04 49.66 6.97
CA LEU A 15 -2.19 48.96 7.53
C LEU A 15 -1.67 47.84 8.46
N PRO A 16 -2.49 47.31 9.38
CA PRO A 16 -2.11 46.19 10.24
C PRO A 16 -2.03 44.85 9.48
N VAL A 17 -1.54 43.83 10.17
CA VAL A 17 -1.49 42.44 9.72
C VAL A 17 -2.82 41.75 10.10
N ILE A 18 -3.00 40.48 9.72
CA ILE A 18 -4.15 39.64 10.01
C ILE A 18 -3.73 38.43 10.83
N GLU A 19 -4.70 37.67 11.35
CA GLU A 19 -4.48 36.38 11.98
C GLU A 19 -4.87 35.25 11.02
N ASN A 20 -4.49 34.01 11.33
CA ASN A 20 -5.19 32.80 10.90
C ASN A 20 -4.87 31.65 11.88
N ALA A 21 -5.58 30.51 11.77
CA ALA A 21 -5.42 29.34 12.62
C ALA A 21 -4.36 28.40 12.01
N GLU A 22 -3.21 28.31 12.66
CA GLU A 22 -2.00 27.59 12.25
C GLU A 22 -2.11 26.06 12.43
N LYS A 23 -3.34 25.51 12.44
CA LYS A 23 -3.65 24.14 12.84
C LYS A 23 -3.01 23.06 11.95
N ASN A 24 -3.10 21.81 12.40
CA ASN A 24 -2.42 20.68 11.76
C ASN A 24 -3.22 20.21 10.54
N THR A 25 -2.53 19.72 9.51
CA THR A 25 -3.07 19.39 8.18
C THR A 25 -2.89 17.90 7.83
N VAL A 26 -3.42 17.46 6.69
CA VAL A 26 -3.14 16.17 6.03
C VAL A 26 -3.20 16.43 4.53
N VAL A 27 -2.16 16.05 3.79
CA VAL A 27 -2.11 15.96 2.34
C VAL A 27 -2.21 14.47 1.99
N THR A 28 -2.79 14.18 0.83
CA THR A 28 -3.10 12.82 0.40
C THR A 28 -2.81 12.75 -1.11
N LYS A 29 -1.60 12.31 -1.47
CA LYS A 29 -1.09 12.32 -2.84
C LYS A 29 -1.18 10.91 -3.42
N THR A 30 -1.20 10.79 -4.74
CA THR A 30 -1.61 9.56 -5.42
C THR A 30 -0.78 9.41 -6.70
N LEU A 31 -0.10 8.28 -6.92
CA LEU A 31 0.66 8.01 -8.15
C LEU A 31 0.23 6.69 -8.78
N VAL A 32 0.47 6.55 -10.09
CA VAL A 32 0.17 5.39 -10.92
C VAL A 32 1.52 4.84 -11.34
N LEU A 33 1.85 3.63 -10.90
CA LEU A 33 3.07 2.98 -11.30
C LEU A 33 2.94 2.45 -12.73
N PRO A 34 4.07 2.27 -13.44
CA PRO A 34 4.07 1.72 -14.79
C PRO A 34 3.50 0.30 -14.81
N LYS A 35 3.12 -0.18 -15.99
CA LYS A 35 2.76 -1.58 -16.14
C LYS A 35 3.93 -2.48 -15.80
N SER A 36 3.58 -3.67 -15.33
CA SER A 36 4.46 -4.83 -15.32
C SER A 36 4.38 -5.51 -16.69
N ASP A 37 5.11 -6.60 -16.87
CA ASP A 37 5.16 -7.31 -18.15
C ASP A 37 3.88 -8.10 -18.42
N ASP A 38 3.10 -8.41 -17.38
CA ASP A 38 2.02 -9.40 -17.41
C ASP A 38 0.66 -8.75 -17.11
N GLY A 39 0.44 -7.52 -17.58
CA GLY A 39 -0.86 -6.87 -17.46
C GLY A 39 -1.14 -6.42 -16.02
N SER A 40 -0.11 -6.26 -15.20
CA SER A 40 -0.19 -5.91 -13.80
C SER A 40 0.05 -4.41 -13.72
N GLN A 41 -0.73 -3.73 -12.91
CA GLN A 41 -0.54 -2.32 -12.59
C GLN A 41 -0.75 -2.13 -11.09
N GLN A 42 -0.31 -0.99 -10.58
CA GLN A 42 -0.39 -0.66 -9.17
C GLN A 42 -0.42 0.86 -8.99
N THR A 43 -0.71 1.27 -7.76
CA THR A 43 -0.91 2.66 -7.34
C THR A 43 -0.11 2.82 -6.04
N GLN A 44 0.28 4.03 -5.64
CA GLN A 44 0.93 4.26 -4.35
C GLN A 44 0.38 5.54 -3.74
N THR A 45 -0.20 5.41 -2.54
CA THR A 45 -0.63 6.59 -1.81
C THR A 45 0.63 7.20 -1.19
N ILE A 46 0.64 8.51 -1.03
CA ILE A 46 1.72 9.20 -0.37
C ILE A 46 1.09 10.23 0.55
N THR A 47 0.57 9.73 1.65
CA THR A 47 0.06 10.56 2.74
C THR A 47 1.23 11.25 3.45
N TYR A 48 1.15 12.57 3.66
CA TYR A 48 2.13 13.34 4.41
C TYR A 48 1.47 14.59 4.99
N LYS A 49 2.16 15.31 5.88
CA LYS A 49 1.73 16.64 6.35
C LYS A 49 2.86 17.63 6.61
N ASP A 50 4.09 17.22 6.36
CA ASP A 50 5.29 18.04 6.56
C ASP A 50 6.27 17.72 5.44
N LYS A 51 7.06 16.66 5.66
CA LYS A 51 8.23 16.26 4.88
C LYS A 51 8.54 14.78 5.07
N THR A 52 7.63 14.00 5.65
CA THR A 52 7.83 12.57 5.87
C THR A 52 6.63 11.78 5.33
N PHE A 53 6.89 10.58 4.82
CA PHE A 53 5.91 9.55 4.52
C PHE A 53 5.15 9.16 5.80
N LEU A 54 3.94 9.68 6.03
CA LEU A 54 3.13 9.25 7.17
C LEU A 54 2.62 7.82 7.02
N SER A 55 2.18 7.46 5.81
CA SER A 55 1.90 6.08 5.46
C SER A 55 2.14 5.88 3.96
N LEU A 56 2.21 4.63 3.52
CA LEU A 56 2.50 4.21 2.16
C LEU A 56 1.67 2.97 1.91
N ALA A 57 0.77 3.03 0.94
CA ALA A 57 -0.13 1.97 0.56
C ALA A 57 0.17 1.67 -0.90
N ILE A 58 1.05 0.69 -1.13
CA ILE A 58 1.22 0.07 -2.43
C ILE A 58 -0.09 -0.68 -2.72
N GLN A 59 -0.84 -0.24 -3.72
CA GLN A 59 -1.99 -0.96 -4.27
C GLN A 59 -1.46 -2.01 -5.26
N GLN A 60 -2.31 -2.90 -5.78
CA GLN A 60 -1.96 -3.84 -6.85
C GLN A 60 -3.23 -4.21 -7.60
N LYS A 61 -3.12 -4.50 -8.91
CA LYS A 61 -4.21 -4.85 -9.79
C LYS A 61 -3.63 -5.71 -10.91
N ARG A 62 -4.09 -6.95 -11.11
CA ARG A 62 -3.65 -7.78 -12.23
C ARG A 62 -4.66 -8.86 -12.57
N PRO A 63 -4.54 -9.49 -13.75
CA PRO A 63 -5.22 -10.75 -14.03
C PRO A 63 -4.65 -11.87 -13.16
N VAL A 64 -5.31 -13.04 -13.19
CA VAL A 64 -4.86 -14.27 -12.56
C VAL A 64 -4.54 -15.34 -13.60
N SER A 65 -3.85 -16.37 -13.16
CA SER A 65 -3.15 -17.34 -13.98
C SER A 65 -3.65 -18.75 -13.63
N ASP A 66 -3.06 -19.75 -14.28
CA ASP A 66 -3.55 -21.13 -14.35
C ASP A 66 -3.62 -21.75 -12.95
N GLU A 67 -2.79 -21.27 -12.00
CA GLU A 67 -2.90 -21.60 -10.58
C GLU A 67 -4.29 -21.25 -10.05
N LEU A 68 -4.62 -19.96 -9.98
CA LEU A 68 -5.84 -19.46 -9.36
C LEU A 68 -7.05 -20.03 -10.07
N LYS A 69 -6.96 -20.19 -11.40
CA LYS A 69 -7.98 -20.77 -12.24
C LYS A 69 -8.53 -22.08 -11.68
N THR A 70 -7.70 -22.94 -11.07
CA THR A 70 -8.20 -24.19 -10.49
C THR A 70 -9.35 -23.89 -9.54
N TYR A 71 -9.16 -23.04 -8.52
CA TYR A 71 -10.22 -22.76 -7.56
C TYR A 71 -11.46 -22.15 -8.25
N ILE A 72 -11.24 -21.26 -9.24
CA ILE A 72 -12.32 -20.61 -9.98
C ILE A 72 -13.15 -21.66 -10.72
N ASP A 73 -12.50 -22.71 -11.23
CA ASP A 73 -13.13 -23.83 -11.94
C ASP A 73 -13.87 -24.74 -10.95
N GLN A 74 -13.22 -25.12 -9.85
CA GLN A 74 -13.74 -26.07 -8.86
C GLN A 74 -14.96 -25.54 -8.10
N HIS A 75 -15.01 -24.25 -7.80
CA HIS A 75 -16.12 -23.63 -7.07
C HIS A 75 -16.84 -22.64 -8.00
N GLY A 76 -16.24 -21.49 -8.26
CA GLY A 76 -16.80 -20.44 -9.10
C GLY A 76 -16.25 -19.08 -8.70
N VAL A 77 -16.51 -18.08 -9.55
CA VAL A 77 -16.09 -16.70 -9.35
C VAL A 77 -16.75 -16.07 -8.12
N GLU A 78 -17.92 -16.55 -7.68
CA GLU A 78 -18.49 -16.11 -6.41
C GLU A 78 -17.54 -16.52 -5.27
N GLU A 79 -17.28 -17.82 -5.15
CA GLU A 79 -16.54 -18.35 -4.00
C GLU A 79 -15.09 -17.91 -4.01
N THR A 80 -14.53 -17.61 -5.19
CA THR A 80 -13.12 -17.22 -5.31
C THR A 80 -12.82 -15.98 -4.44
N GLN A 81 -13.75 -15.02 -4.29
CA GLN A 81 -13.57 -13.91 -3.35
C GLN A 81 -13.19 -14.47 -1.97
N LYS A 82 -13.97 -15.42 -1.43
CA LYS A 82 -13.74 -15.95 -0.08
C LYS A 82 -12.36 -16.57 -0.02
N ALA A 83 -12.02 -17.38 -1.03
CA ALA A 83 -10.75 -18.06 -1.10
C ALA A 83 -9.57 -17.10 -0.97
N LEU A 84 -9.66 -15.89 -1.55
CA LEU A 84 -8.59 -14.90 -1.42
C LEU A 84 -8.44 -14.44 0.03
N LEU A 85 -9.55 -14.19 0.73
CA LEU A 85 -9.53 -13.70 2.11
C LEU A 85 -8.93 -14.75 3.02
N GLU A 86 -9.39 -15.99 2.86
CA GLU A 86 -8.86 -17.18 3.44
C GLU A 86 -7.40 -17.44 3.07
N ALA A 87 -6.92 -16.96 1.92
CA ALA A 87 -5.54 -17.14 1.50
C ALA A 87 -4.61 -16.19 2.26
N GLU A 88 -5.07 -14.99 2.61
CA GLU A 88 -4.20 -14.06 3.32
C GLU A 88 -4.07 -14.46 4.79
N GLU A 89 -5.13 -15.04 5.37
CA GLU A 89 -5.19 -15.34 6.80
C GLU A 89 -4.22 -16.44 7.23
N LYS A 90 -3.63 -17.15 6.26
CA LYS A 90 -2.76 -18.29 6.45
C LYS A 90 -1.41 -18.09 5.74
N ASP A 91 -1.19 -16.96 5.06
CA ASP A 91 0.07 -16.75 4.35
C ASP A 91 1.21 -16.53 5.35
N LYS A 92 2.28 -17.29 5.21
CA LYS A 92 3.39 -17.27 6.14
C LYS A 92 4.14 -15.93 6.13
N SER A 93 4.19 -15.24 4.98
CA SER A 93 4.85 -13.95 4.86
C SER A 93 3.96 -12.86 5.46
N ILE A 94 2.65 -12.90 5.21
CA ILE A 94 1.72 -11.90 5.73
C ILE A 94 1.68 -12.01 7.26
N ILE A 95 1.58 -13.22 7.83
CA ILE A 95 1.56 -13.45 9.27
C ILE A 95 2.81 -12.86 9.91
N GLU A 96 3.97 -13.04 9.26
CA GLU A 96 5.23 -12.43 9.69
C GLU A 96 5.05 -10.93 9.96
N ALA A 97 4.46 -10.20 9.02
CA ALA A 97 4.27 -8.76 9.11
C ALA A 97 3.11 -8.37 10.03
N ARG A 98 2.12 -9.24 10.24
CA ARG A 98 1.00 -8.94 11.15
C ARG A 98 1.43 -8.91 12.63
N LYS A 99 2.72 -9.08 12.97
CA LYS A 99 3.17 -8.77 14.32
C LYS A 99 3.16 -7.26 14.59
N LEU A 100 3.27 -6.43 13.54
CA LEU A 100 3.44 -4.99 13.64
C LEU A 100 2.07 -4.33 13.76
N ALA A 101 2.02 -3.21 14.50
CA ALA A 101 0.81 -2.42 14.72
C ALA A 101 0.66 -1.27 13.71
N GLY A 102 1.28 -1.44 12.54
CA GLY A 102 1.31 -0.53 11.41
C GLY A 102 1.43 -1.29 10.09
N PHE A 103 0.99 -2.54 10.03
CA PHE A 103 0.93 -3.34 8.82
C PHE A 103 -0.51 -3.77 8.56
N LYS A 104 -1.11 -3.31 7.45
CA LYS A 104 -2.42 -3.75 6.96
C LYS A 104 -2.25 -4.33 5.57
N LEU A 105 -3.12 -5.25 5.18
CA LEU A 105 -3.16 -5.82 3.83
C LEU A 105 -4.61 -6.17 3.54
N GLU A 106 -5.21 -5.67 2.46
CA GLU A 106 -6.52 -6.08 1.98
C GLU A 106 -6.43 -6.50 0.51
N THR A 107 -7.45 -7.21 0.05
CA THR A 107 -7.54 -7.79 -1.28
C THR A 107 -9.01 -7.90 -1.68
N LYS A 108 -9.31 -7.99 -2.97
CA LYS A 108 -10.62 -8.38 -3.47
C LYS A 108 -10.45 -9.06 -4.83
N LEU A 109 -11.48 -9.79 -5.27
CA LEU A 109 -11.58 -10.40 -6.59
C LEU A 109 -12.30 -9.45 -7.54
N LEU A 110 -11.59 -8.89 -8.51
CA LEU A 110 -12.14 -7.93 -9.47
C LEU A 110 -13.08 -8.59 -10.48
N SER A 111 -12.81 -9.83 -10.89
CA SER A 111 -13.71 -10.62 -11.75
C SER A 111 -13.22 -12.07 -11.80
N ALA A 112 -13.86 -12.92 -12.62
CA ALA A 112 -13.51 -14.32 -12.84
C ALA A 112 -12.07 -14.53 -13.32
N THR A 113 -11.35 -13.48 -13.69
CA THR A 113 -10.00 -13.54 -14.26
C THR A 113 -9.04 -12.58 -13.57
N GLU A 114 -9.40 -11.88 -12.48
CA GLU A 114 -8.61 -10.75 -12.00
C GLU A 114 -8.86 -10.42 -10.53
N LEU A 115 -7.86 -9.80 -9.90
CA LEU A 115 -7.86 -9.43 -8.48
C LEU A 115 -7.16 -8.09 -8.23
N GLN A 116 -7.31 -7.56 -7.01
CA GLN A 116 -6.75 -6.31 -6.54
C GLN A 116 -6.24 -6.53 -5.12
N THR A 117 -5.09 -5.98 -4.76
CA THR A 117 -4.47 -6.08 -3.44
C THR A 117 -4.07 -4.68 -2.99
N THR A 118 -3.77 -4.49 -1.71
CA THR A 118 -3.19 -3.28 -1.15
C THR A 118 -2.49 -3.65 0.15
N THR A 119 -1.36 -3.00 0.45
CA THR A 119 -0.55 -3.27 1.63
C THR A 119 -0.23 -1.90 2.23
N SER A 120 -0.86 -1.54 3.36
CA SER A 120 -0.76 -0.20 3.94
C SER A 120 0.21 -0.27 5.10
N PHE A 121 1.38 0.29 4.87
CA PHE A 121 2.46 0.48 5.83
C PHE A 121 2.19 1.81 6.54
N ASP A 122 1.67 1.71 7.76
CA ASP A 122 1.38 2.85 8.63
C ASP A 122 2.69 3.21 9.34
N PHE A 123 3.56 3.95 8.67
CA PHE A 123 4.92 4.24 9.15
C PHE A 123 4.97 4.76 10.58
N GLN A 124 3.97 5.54 10.99
CA GLN A 124 3.83 6.06 12.36
C GLN A 124 3.98 4.98 13.44
N VAL A 125 3.60 3.73 13.12
CA VAL A 125 3.51 2.59 14.03
C VAL A 125 4.12 1.31 13.43
N LEU A 126 4.68 1.38 12.22
CA LEU A 126 5.46 0.29 11.66
C LEU A 126 6.88 0.44 12.16
N ASP A 127 7.33 -0.53 12.98
CA ASP A 127 8.72 -0.66 13.40
C ASP A 127 9.49 -1.18 12.18
N VAL A 128 9.87 -0.26 11.30
CA VAL A 128 10.47 -0.52 9.99
C VAL A 128 11.70 -1.41 10.10
N LYS A 129 12.46 -1.37 11.19
CA LYS A 129 13.66 -2.20 11.33
C LYS A 129 13.25 -3.66 11.34
N LYS A 130 12.39 -4.05 12.28
CA LYS A 130 11.90 -5.40 12.39
C LYS A 130 11.04 -5.78 11.20
N ALA A 131 10.39 -4.82 10.52
CA ALA A 131 9.58 -5.08 9.34
C ALA A 131 10.45 -5.43 8.13
N SER A 132 11.51 -4.66 7.85
CA SER A 132 12.33 -4.80 6.64
C SER A 132 13.11 -6.12 6.63
N GLN A 133 13.23 -6.79 7.77
CA GLN A 133 13.91 -8.08 7.92
C GLN A 133 12.94 -9.27 7.76
N LEU A 134 11.68 -9.03 7.41
CA LEU A 134 10.68 -10.06 7.22
C LEU A 134 10.67 -10.51 5.77
N GLU A 135 10.37 -11.79 5.55
CA GLU A 135 10.40 -12.40 4.23
C GLU A 135 9.43 -11.68 3.29
N HIS A 136 8.29 -11.21 3.81
CA HIS A 136 7.34 -10.40 3.05
C HIS A 136 8.03 -9.15 2.51
N LEU A 137 8.72 -8.39 3.37
CA LEU A 137 9.03 -6.98 3.08
C LEU A 137 10.45 -6.79 2.53
N LYS A 138 11.32 -7.82 2.55
CA LYS A 138 12.75 -7.66 2.25
C LYS A 138 12.91 -7.03 0.88
N ASN A 139 12.13 -7.52 -0.07
CA ASN A 139 12.18 -7.08 -1.44
C ASN A 139 11.69 -5.64 -1.61
N ILE A 140 10.72 -5.21 -0.80
CA ILE A 140 10.15 -3.87 -0.87
C ILE A 140 11.23 -2.90 -0.40
N GLY A 141 11.33 -1.73 -1.02
CA GLY A 141 12.32 -0.73 -0.66
C GLY A 141 11.88 0.08 0.56
N LEU A 142 11.43 -0.58 1.64
CA LEU A 142 10.84 0.05 2.82
C LEU A 142 11.78 1.09 3.43
N GLU A 143 12.95 0.65 3.85
CA GLU A 143 13.98 1.47 4.50
C GLU A 143 14.60 2.45 3.49
N ASN A 144 14.78 2.00 2.25
CA ASN A 144 15.28 2.82 1.15
C ASN A 144 14.33 3.99 0.85
N LEU A 145 13.02 3.81 1.05
CA LEU A 145 12.04 4.86 0.86
C LEU A 145 12.11 5.79 2.08
N LEU A 146 12.02 5.24 3.28
CA LEU A 146 11.98 6.02 4.52
C LEU A 146 13.39 6.48 4.92
N LYS A 147 13.95 7.37 4.11
CA LYS A 147 15.18 8.11 4.38
C LYS A 147 15.07 9.56 3.88
N ASN A 148 14.12 9.87 2.98
CA ASN A 148 14.01 11.12 2.23
C ASN A 148 12.58 11.67 2.29
N GLU A 149 12.31 12.79 1.60
CA GLU A 149 11.03 13.47 1.66
C GLU A 149 9.99 12.74 0.81
N PRO A 150 8.67 12.92 1.07
CA PRO A 150 7.62 12.23 0.32
C PRO A 150 7.63 12.58 -1.17
N SER A 151 8.05 13.79 -1.53
CA SER A 151 7.99 14.35 -2.87
C SER A 151 9.36 14.33 -3.59
N LYS A 152 10.43 13.77 -2.98
CA LYS A 152 11.66 13.46 -3.72
C LYS A 152 11.33 12.43 -4.80
N TYR A 153 10.98 11.20 -4.38
CA TYR A 153 10.96 10.10 -5.34
C TYR A 153 9.83 10.24 -6.37
N ILE A 154 8.83 11.07 -6.07
CA ILE A 154 7.73 11.41 -6.98
C ILE A 154 8.30 11.89 -8.32
N SER A 155 9.31 12.76 -8.31
CA SER A 155 9.82 13.33 -9.54
C SER A 155 10.57 12.28 -10.36
N ASP A 156 11.30 11.39 -9.68
CA ASP A 156 11.98 10.28 -10.32
C ASP A 156 10.95 9.32 -10.94
N ARG A 157 9.89 9.00 -10.18
CA ARG A 157 8.80 8.09 -10.58
C ARG A 157 8.22 8.51 -11.93
N LEU A 158 7.89 9.79 -12.11
CA LEU A 158 7.31 10.31 -13.35
C LEU A 158 8.16 9.99 -14.58
N ALA A 159 9.49 10.00 -14.43
CA ALA A 159 10.41 9.56 -15.48
C ALA A 159 10.59 8.04 -15.51
N ASN A 160 10.49 7.35 -14.37
CA ASN A 160 10.57 5.89 -14.26
C ASN A 160 9.37 5.18 -14.92
N GLY A 161 8.46 5.92 -15.56
CA GLY A 161 7.31 5.39 -16.27
C GLY A 161 6.01 5.55 -15.50
N ALA A 162 6.03 6.10 -14.29
CA ALA A 162 4.83 6.38 -13.52
C ALA A 162 4.12 7.62 -14.07
N THR A 163 2.94 7.93 -13.52
CA THR A 163 2.27 9.21 -13.66
C THR A 163 1.56 9.58 -12.35
N GLU A 164 0.96 10.78 -12.30
CA GLU A 164 0.09 11.20 -11.23
C GLU A 164 -1.33 10.67 -11.45
N GLN A 165 -2.19 11.05 -10.52
CA GLN A 165 -3.61 10.75 -10.34
C GLN A 165 -4.34 11.99 -9.85
N GLY A 1 5.46 -10.43 65.21
CA GLY A 1 4.64 -10.74 66.39
C GLY A 1 3.21 -10.51 65.97
N PRO A 2 2.63 -9.33 66.25
CA PRO A 2 1.71 -8.71 65.29
C PRO A 2 2.49 -8.39 64.00
N ALA A 3 1.79 -7.89 62.98
CA ALA A 3 2.35 -7.39 61.73
C ALA A 3 1.55 -6.17 61.28
N THR A 4 2.04 -5.47 60.27
CA THR A 4 1.52 -4.21 59.78
C THR A 4 1.17 -4.34 58.29
N LYS A 5 0.65 -3.26 57.70
CA LYS A 5 0.66 -2.94 56.28
C LYS A 5 0.89 -1.42 56.26
N THR A 6 1.68 -0.93 55.32
CA THR A 6 2.24 0.41 55.32
C THR A 6 2.64 0.72 53.89
N GLU A 7 1.65 1.03 53.07
CA GLU A 7 1.82 1.17 51.65
C GLU A 7 2.43 2.55 51.35
N LYS A 8 2.90 2.79 50.12
CA LYS A 8 3.50 4.05 49.72
C LYS A 8 2.84 4.51 48.44
N ASP A 9 2.14 5.64 48.53
CA ASP A 9 1.84 6.44 47.34
C ASP A 9 3.17 6.89 46.72
N THR A 10 3.19 7.15 45.42
CA THR A 10 4.35 7.49 44.61
C THR A 10 3.95 8.66 43.68
N LEU A 11 3.43 9.73 44.28
CA LEU A 11 3.15 10.98 43.58
C LEU A 11 4.45 11.60 43.07
N GLN A 12 4.33 12.53 42.12
CA GLN A 12 5.40 13.40 41.67
C GLN A 12 4.89 14.83 41.64
N SER A 13 5.77 15.80 41.89
CA SER A 13 5.51 17.21 41.69
C SER A 13 5.46 17.49 40.19
N ALA A 14 4.38 18.09 39.70
CA ALA A 14 4.29 18.61 38.34
C ALA A 14 3.57 19.96 38.39
N LEU A 15 3.61 20.69 37.28
CA LEU A 15 2.74 21.85 37.04
C LEU A 15 1.51 21.35 36.28
N PRO A 16 0.42 22.13 36.23
CA PRO A 16 -0.71 21.86 35.34
C PRO A 16 -0.30 22.11 33.88
N VAL A 17 0.28 21.09 33.25
CA VAL A 17 0.49 21.05 31.81
C VAL A 17 -0.85 20.64 31.16
N ILE A 18 -1.02 20.94 29.88
CA ILE A 18 -2.23 20.78 29.09
C ILE A 18 -1.84 20.19 27.72
N GLU A 19 -2.81 19.94 26.85
CA GLU A 19 -2.59 19.32 25.54
C GLU A 19 -3.37 20.04 24.43
N ASN A 20 -3.15 19.69 23.15
CA ASN A 20 -3.68 20.37 21.97
C ASN A 20 -3.99 19.37 20.86
N ALA A 21 -4.26 19.88 19.66
CA ALA A 21 -4.07 19.17 18.40
C ALA A 21 -3.26 20.08 17.49
N GLU A 22 -2.83 19.55 16.35
CA GLU A 22 -1.94 20.19 15.41
C GLU A 22 -2.70 20.26 14.09
N LYS A 23 -3.19 21.45 13.79
CA LYS A 23 -3.97 21.78 12.61
C LYS A 23 -3.03 21.95 11.41
N ASN A 24 -2.40 20.85 10.96
CA ASN A 24 -1.37 20.86 9.93
C ASN A 24 -1.86 20.12 8.70
N THR A 25 -1.86 20.81 7.55
CA THR A 25 -2.31 20.37 6.24
C THR A 25 -1.65 19.05 5.83
N VAL A 26 -2.43 17.98 5.88
CA VAL A 26 -2.09 16.69 5.31
C VAL A 26 -2.13 16.82 3.79
N VAL A 27 -1.27 16.03 3.14
CA VAL A 27 -1.14 15.90 1.71
C VAL A 27 -1.25 14.40 1.44
N THR A 28 -2.15 14.04 0.54
CA THR A 28 -2.31 12.67 0.08
C THR A 28 -1.87 12.66 -1.37
N LYS A 29 -0.64 12.26 -1.61
CA LYS A 29 -0.10 12.11 -2.95
C LYS A 29 -0.28 10.66 -3.40
N THR A 30 -0.13 10.42 -4.68
CA THR A 30 -0.26 9.12 -5.31
C THR A 30 0.44 9.18 -6.66
N LEU A 31 0.79 8.01 -7.17
CA LEU A 31 1.35 7.76 -8.46
C LEU A 31 0.64 6.60 -9.12
N VAL A 32 0.77 6.50 -10.44
CA VAL A 32 0.16 5.49 -11.28
C VAL A 32 1.26 4.99 -12.20
N LEU A 33 2.12 4.12 -11.65
CA LEU A 33 3.18 3.50 -12.41
C LEU A 33 2.62 2.75 -13.64
N PRO A 34 3.42 2.62 -14.71
CA PRO A 34 3.10 1.78 -15.84
C PRO A 34 3.01 0.29 -15.44
N LYS A 35 2.64 -0.56 -16.39
CA LYS A 35 2.66 -2.02 -16.23
C LYS A 35 4.04 -2.50 -15.77
N SER A 36 4.13 -3.75 -15.35
CA SER A 36 5.35 -4.36 -14.85
C SER A 36 5.66 -5.63 -15.64
N ASP A 37 5.85 -5.52 -16.95
CA ASP A 37 6.25 -6.62 -17.84
C ASP A 37 5.08 -7.58 -18.06
N ASP A 38 4.65 -8.26 -16.99
CA ASP A 38 3.78 -9.42 -16.96
C ASP A 38 2.30 -9.02 -17.05
N GLY A 39 2.01 -7.72 -17.12
CA GLY A 39 0.65 -7.22 -17.00
C GLY A 39 0.21 -7.24 -15.53
N SER A 40 1.16 -7.16 -14.58
CA SER A 40 0.86 -6.66 -13.26
C SER A 40 0.96 -5.14 -13.36
N GLN A 41 0.20 -4.43 -12.55
CA GLN A 41 0.25 -2.99 -12.36
C GLN A 41 -0.02 -2.68 -10.88
N GLN A 42 0.23 -1.45 -10.46
CA GLN A 42 0.39 -1.08 -9.06
C GLN A 42 0.41 0.43 -8.91
N THR A 43 -0.15 0.93 -7.82
CA THR A 43 -0.30 2.35 -7.46
C THR A 43 0.51 2.54 -6.15
N GLN A 44 0.80 3.77 -5.71
CA GLN A 44 1.49 4.00 -4.44
C GLN A 44 0.95 5.28 -3.76
N THR A 45 0.15 5.16 -2.68
CA THR A 45 -0.40 6.31 -1.93
C THR A 45 0.67 6.77 -0.93
N ILE A 46 1.01 8.05 -0.92
CA ILE A 46 2.03 8.65 -0.06
C ILE A 46 1.39 9.79 0.70
N THR A 47 1.22 9.61 2.00
CA THR A 47 0.66 10.60 2.89
C THR A 47 1.80 11.23 3.69
N TYR A 48 1.83 12.55 3.71
CA TYR A 48 2.68 13.34 4.58
C TYR A 48 1.89 14.57 5.03
N LYS A 49 2.40 15.36 5.97
CA LYS A 49 1.79 16.65 6.33
C LYS A 49 2.76 17.78 6.57
N ASP A 50 4.04 17.45 6.54
CA ASP A 50 5.14 18.39 6.69
C ASP A 50 6.22 17.95 5.72
N LYS A 51 7.11 17.02 6.12
CA LYS A 51 8.29 16.65 5.40
C LYS A 51 8.67 15.18 5.65
N THR A 52 7.79 14.37 6.24
CA THR A 52 8.07 12.96 6.54
C THR A 52 6.92 12.04 6.11
N PHE A 53 7.26 10.80 5.73
CA PHE A 53 6.36 9.71 5.39
C PHE A 53 5.51 9.31 6.60
N LEU A 54 4.26 9.76 6.66
CA LEU A 54 3.29 9.30 7.68
C LEU A 54 2.82 7.88 7.39
N SER A 55 2.54 7.53 6.12
CA SER A 55 2.12 6.19 5.74
C SER A 55 2.30 6.00 4.24
N LEU A 56 2.36 4.73 3.80
CA LEU A 56 2.69 4.31 2.45
C LEU A 56 1.81 3.12 2.11
N ALA A 57 0.90 3.26 1.14
CA ALA A 57 0.03 2.17 0.71
C ALA A 57 0.34 1.84 -0.75
N ILE A 58 1.20 0.84 -0.95
CA ILE A 58 1.41 0.23 -2.27
C ILE A 58 0.15 -0.57 -2.62
N GLN A 59 -0.45 -0.29 -3.78
CA GLN A 59 -1.49 -1.09 -4.39
C GLN A 59 -0.85 -2.15 -5.30
N GLN A 60 -1.70 -3.04 -5.81
CA GLN A 60 -1.32 -4.11 -6.70
C GLN A 60 -2.56 -4.54 -7.51
N LYS A 61 -2.36 -5.01 -8.75
CA LYS A 61 -3.33 -5.59 -9.66
C LYS A 61 -2.57 -6.48 -10.63
N ARG A 62 -3.18 -7.58 -11.06
CA ARG A 62 -2.64 -8.54 -12.04
C ARG A 62 -3.68 -9.60 -12.40
N PRO A 63 -3.44 -10.36 -13.48
CA PRO A 63 -4.16 -11.60 -13.73
C PRO A 63 -3.79 -12.69 -12.72
N VAL A 64 -4.66 -13.68 -12.61
CA VAL A 64 -4.40 -14.96 -11.95
C VAL A 64 -3.47 -15.83 -12.79
N SER A 65 -3.18 -17.05 -12.34
CA SER A 65 -2.59 -18.13 -13.12
C SER A 65 -3.45 -19.37 -12.84
N ASP A 66 -3.02 -20.55 -13.28
CA ASP A 66 -3.94 -21.69 -13.35
C ASP A 66 -4.17 -22.35 -12.00
N GLU A 67 -3.27 -22.09 -11.04
CA GLU A 67 -3.45 -22.40 -9.64
C GLU A 67 -4.81 -21.86 -9.18
N LEU A 68 -5.01 -20.54 -9.29
CA LEU A 68 -6.23 -19.89 -8.81
C LEU A 68 -7.44 -20.31 -9.65
N LYS A 69 -7.27 -20.58 -10.96
CA LYS A 69 -8.35 -21.07 -11.81
C LYS A 69 -8.99 -22.32 -11.21
N THR A 70 -8.19 -23.16 -10.53
CA THR A 70 -8.73 -24.38 -9.97
C THR A 70 -9.81 -24.08 -8.94
N TYR A 71 -9.70 -23.03 -8.10
CA TYR A 71 -10.80 -22.67 -7.21
C TYR A 71 -11.98 -22.09 -8.01
N ILE A 72 -11.68 -21.20 -8.97
CA ILE A 72 -12.68 -20.51 -9.79
C ILE A 72 -13.58 -21.55 -10.46
N ASP A 73 -13.01 -22.60 -11.04
CA ASP A 73 -13.75 -23.64 -11.74
C ASP A 73 -14.58 -24.48 -10.78
N GLN A 74 -14.04 -24.76 -9.59
CA GLN A 74 -14.66 -25.62 -8.59
C GLN A 74 -15.85 -25.00 -7.85
N HIS A 75 -15.86 -23.69 -7.66
CA HIS A 75 -16.83 -22.96 -6.85
C HIS A 75 -17.54 -21.91 -7.70
N GLY A 76 -16.78 -20.95 -8.21
CA GLY A 76 -17.21 -19.96 -9.17
C GLY A 76 -16.37 -18.70 -8.97
N VAL A 77 -16.34 -17.81 -9.96
CA VAL A 77 -15.75 -16.49 -9.82
C VAL A 77 -16.37 -15.77 -8.62
N GLU A 78 -17.69 -15.85 -8.46
CA GLU A 78 -18.37 -15.10 -7.41
C GLU A 78 -17.88 -15.51 -6.01
N GLU A 79 -17.59 -16.79 -5.84
CA GLU A 79 -17.05 -17.37 -4.61
C GLU A 79 -15.56 -17.09 -4.49
N THR A 80 -14.84 -16.82 -5.58
CA THR A 80 -13.38 -16.71 -5.57
C THR A 80 -12.92 -15.59 -4.63
N GLN A 81 -13.70 -14.50 -4.45
CA GLN A 81 -13.46 -13.51 -3.39
C GLN A 81 -13.15 -14.24 -2.07
N LYS A 82 -14.04 -15.15 -1.66
CA LYS A 82 -13.97 -15.84 -0.37
C LYS A 82 -12.62 -16.50 -0.22
N ALA A 83 -12.23 -17.27 -1.23
CA ALA A 83 -10.97 -18.01 -1.23
C ALA A 83 -9.76 -17.12 -1.00
N LEU A 84 -9.76 -15.90 -1.56
CA LEU A 84 -8.63 -15.00 -1.42
C LEU A 84 -8.51 -14.52 0.03
N LEU A 85 -9.64 -14.19 0.67
CA LEU A 85 -9.65 -13.76 2.06
C LEU A 85 -9.18 -14.88 2.96
N GLU A 86 -9.70 -16.08 2.72
CA GLU A 86 -9.36 -17.29 3.42
C GLU A 86 -7.86 -17.55 3.32
N ALA A 87 -7.23 -17.26 2.18
CA ALA A 87 -5.79 -17.41 2.00
C ALA A 87 -5.01 -16.59 3.02
N GLU A 88 -5.51 -15.40 3.34
CA GLU A 88 -4.81 -14.44 4.20
C GLU A 88 -4.88 -14.88 5.66
N GLU A 89 -5.95 -15.58 6.04
CA GLU A 89 -6.11 -16.05 7.42
C GLU A 89 -5.10 -17.16 7.78
N LYS A 90 -4.53 -17.84 6.77
CA LYS A 90 -3.70 -19.02 6.90
C LYS A 90 -2.33 -18.86 6.25
N ASP A 91 -1.91 -17.66 5.86
CA ASP A 91 -0.62 -17.46 5.22
C ASP A 91 0.47 -17.21 6.25
N LYS A 92 1.50 -18.05 6.28
CA LYS A 92 2.59 -17.97 7.25
C LYS A 92 3.33 -16.63 7.17
N SER A 93 3.51 -16.10 5.97
CA SER A 93 4.21 -14.85 5.73
C SER A 93 3.30 -13.67 6.10
N ILE A 94 1.99 -13.74 5.82
CA ILE A 94 1.09 -12.66 6.23
C ILE A 94 1.04 -12.60 7.76
N ILE A 95 0.94 -13.75 8.46
CA ILE A 95 0.96 -13.79 9.92
C ILE A 95 2.24 -13.11 10.43
N GLU A 96 3.39 -13.43 9.82
CA GLU A 96 4.65 -12.79 10.16
C GLU A 96 4.51 -11.26 10.10
N ALA A 97 4.01 -10.71 9.00
CA ALA A 97 3.81 -9.28 8.81
C ALA A 97 2.78 -8.68 9.78
N ARG A 98 1.72 -9.44 10.10
CA ARG A 98 0.64 -9.00 10.99
C ARG A 98 1.11 -8.77 12.42
N LYS A 99 2.30 -9.24 12.81
CA LYS A 99 2.79 -9.04 14.17
C LYS A 99 3.18 -7.57 14.42
N LEU A 100 3.46 -6.81 13.37
CA LEU A 100 3.69 -5.38 13.44
C LEU A 100 2.35 -4.70 13.74
N ALA A 101 2.36 -3.57 14.45
CA ALA A 101 1.15 -2.77 14.68
C ALA A 101 1.00 -1.64 13.66
N GLY A 102 1.60 -1.81 12.49
CA GLY A 102 1.58 -0.84 11.42
C GLY A 102 1.65 -1.51 10.06
N PHE A 103 1.17 -2.75 9.97
CA PHE A 103 0.98 -3.46 8.74
C PHE A 103 -0.53 -3.60 8.53
N LYS A 104 -0.97 -3.74 7.28
CA LYS A 104 -2.34 -4.03 6.89
C LYS A 104 -2.28 -4.59 5.47
N LEU A 105 -3.30 -5.37 5.13
CA LEU A 105 -3.44 -6.05 3.86
C LEU A 105 -4.92 -5.97 3.51
N GLU A 106 -5.25 -5.81 2.23
CA GLU A 106 -6.58 -5.97 1.70
C GLU A 106 -6.46 -6.53 0.29
N THR A 107 -7.37 -7.44 -0.10
CA THR A 107 -7.31 -8.18 -1.35
C THR A 107 -8.73 -8.32 -1.89
N LYS A 108 -8.96 -7.83 -3.11
CA LYS A 108 -10.28 -7.87 -3.72
C LYS A 108 -10.23 -8.33 -5.17
N LEU A 109 -10.96 -9.42 -5.42
CA LEU A 109 -11.26 -9.99 -6.73
C LEU A 109 -11.85 -8.92 -7.64
N LEU A 110 -11.49 -8.92 -8.93
CA LEU A 110 -12.07 -8.03 -9.92
C LEU A 110 -12.97 -8.79 -10.88
N SER A 111 -12.57 -10.02 -11.23
CA SER A 111 -13.21 -10.83 -12.25
C SER A 111 -12.74 -12.28 -12.10
N ALA A 112 -13.17 -13.17 -13.00
CA ALA A 112 -12.82 -14.58 -13.03
C ALA A 112 -11.32 -14.78 -13.25
N THR A 113 -10.60 -13.73 -13.66
CA THR A 113 -9.28 -13.88 -14.25
C THR A 113 -8.36 -12.70 -13.92
N GLU A 114 -8.80 -11.74 -13.09
CA GLU A 114 -7.97 -10.68 -12.53
C GLU A 114 -8.43 -10.36 -11.11
N LEU A 115 -7.52 -9.82 -10.30
CA LEU A 115 -7.74 -9.49 -8.90
C LEU A 115 -6.89 -8.31 -8.45
N GLN A 116 -6.99 -7.89 -7.17
CA GLN A 116 -6.10 -6.88 -6.63
C GLN A 116 -5.61 -7.15 -5.22
N THR A 117 -4.57 -6.44 -4.80
CA THR A 117 -4.11 -6.34 -3.41
C THR A 117 -3.73 -4.91 -3.10
N THR A 118 -3.62 -4.55 -1.82
CA THR A 118 -3.05 -3.32 -1.31
C THR A 118 -2.45 -3.61 0.05
N THR A 119 -1.34 -2.95 0.38
CA THR A 119 -0.55 -3.22 1.56
C THR A 119 -0.21 -1.86 2.20
N SER A 120 -0.95 -1.47 3.25
CA SER A 120 -0.74 -0.20 3.94
C SER A 120 0.29 -0.37 5.02
N PHE A 121 1.43 0.27 4.83
CA PHE A 121 2.50 0.40 5.81
C PHE A 121 2.23 1.70 6.55
N ASP A 122 1.86 1.58 7.81
CA ASP A 122 1.40 2.69 8.65
C ASP A 122 2.63 3.17 9.41
N PHE A 123 3.44 4.00 8.75
CA PHE A 123 4.79 4.38 9.15
C PHE A 123 4.89 5.05 10.53
N GLN A 124 3.78 5.51 11.11
CA GLN A 124 3.75 6.06 12.46
C GLN A 124 3.90 4.96 13.52
N VAL A 125 3.49 3.72 13.21
CA VAL A 125 3.44 2.61 14.16
C VAL A 125 4.19 1.36 13.68
N LEU A 126 4.56 1.28 12.41
CA LEU A 126 5.30 0.17 11.84
C LEU A 126 6.75 0.26 12.29
N ASP A 127 7.31 -0.78 12.93
CA ASP A 127 8.76 -0.87 13.09
C ASP A 127 9.36 -1.20 11.72
N VAL A 128 9.63 -0.19 10.91
CA VAL A 128 10.22 -0.33 9.57
C VAL A 128 11.54 -1.09 9.66
N LYS A 129 12.26 -0.97 10.78
CA LYS A 129 13.47 -1.71 11.09
C LYS A 129 13.23 -3.22 11.01
N LYS A 130 12.11 -3.72 11.53
CA LYS A 130 11.70 -5.11 11.36
C LYS A 130 10.99 -5.35 10.04
N ALA A 131 10.34 -4.36 9.42
CA ALA A 131 9.62 -4.56 8.17
C ALA A 131 10.54 -5.06 7.05
N SER A 132 11.65 -4.35 6.79
CA SER A 132 12.45 -4.60 5.59
C SER A 132 13.24 -5.92 5.63
N GLN A 133 13.28 -6.58 6.78
CA GLN A 133 13.96 -7.85 7.01
C GLN A 133 12.97 -9.02 6.96
N LEU A 134 11.77 -8.80 6.42
CA LEU A 134 10.76 -9.82 6.18
C LEU A 134 10.88 -10.20 4.73
N GLU A 135 10.96 -11.50 4.43
CA GLU A 135 10.95 -12.08 3.10
C GLU A 135 9.87 -11.46 2.22
N HIS A 136 8.71 -11.21 2.82
CA HIS A 136 7.52 -10.65 2.22
C HIS A 136 7.63 -9.17 1.83
N LEU A 137 8.60 -8.42 2.35
CA LEU A 137 8.74 -6.98 2.14
C LEU A 137 10.15 -6.62 1.67
N LYS A 138 11.08 -7.59 1.59
CA LYS A 138 12.51 -7.40 1.36
C LYS A 138 12.79 -6.77 0.02
N ASN A 139 11.91 -7.03 -0.95
CA ASN A 139 12.00 -6.48 -2.29
C ASN A 139 11.58 -5.01 -2.36
N ILE A 140 10.76 -4.56 -1.42
CA ILE A 140 10.22 -3.20 -1.41
C ILE A 140 11.34 -2.29 -0.91
N GLY A 141 11.36 -1.04 -1.37
CA GLY A 141 12.22 0.00 -0.82
C GLY A 141 11.73 0.51 0.53
N LEU A 142 11.19 -0.36 1.40
CA LEU A 142 10.51 -0.02 2.66
C LEU A 142 11.41 0.88 3.51
N GLU A 143 12.60 0.38 3.81
CA GLU A 143 13.65 1.06 4.56
C GLU A 143 14.29 2.20 3.76
N ASN A 144 14.25 2.14 2.44
CA ASN A 144 14.90 3.14 1.60
C ASN A 144 14.04 4.40 1.49
N LEU A 145 12.72 4.24 1.61
CA LEU A 145 11.72 5.29 1.60
C LEU A 145 12.09 6.37 2.62
N LEU A 146 12.51 5.93 3.82
CA LEU A 146 12.85 6.83 4.92
C LEU A 146 14.08 7.67 4.64
N LYS A 147 14.92 7.30 3.66
CA LYS A 147 16.16 8.02 3.41
C LYS A 147 15.94 9.29 2.57
N ASN A 148 14.71 9.63 2.19
CA ASN A 148 14.43 10.85 1.43
C ASN A 148 13.10 11.47 1.85
N GLU A 149 12.86 12.71 1.42
CA GLU A 149 11.64 13.45 1.76
C GLU A 149 10.45 12.83 1.03
N PRO A 150 9.20 13.04 1.49
CA PRO A 150 8.05 12.41 0.88
C PRO A 150 7.87 12.83 -0.57
N SER A 151 8.21 14.08 -0.93
CA SER A 151 7.79 14.65 -2.21
C SER A 151 8.90 14.59 -3.26
N LYS A 152 10.12 14.19 -2.90
CA LYS A 152 11.19 14.04 -3.86
C LYS A 152 10.86 12.90 -4.82
N TYR A 153 10.75 11.67 -4.29
CA TYR A 153 10.83 10.52 -5.18
C TYR A 153 9.54 10.31 -5.97
N ILE A 154 8.48 11.01 -5.60
CA ILE A 154 7.22 11.08 -6.33
C ILE A 154 7.50 11.58 -7.74
N SER A 155 8.20 12.71 -7.86
CA SER A 155 8.48 13.36 -9.14
C SER A 155 9.28 12.43 -10.06
N ASP A 156 10.16 11.60 -9.49
CA ASP A 156 10.92 10.57 -10.19
C ASP A 156 9.99 9.58 -10.88
N ARG A 157 8.87 9.24 -10.23
CA ARG A 157 7.92 8.27 -10.80
C ARG A 157 7.26 8.85 -12.05
N LEU A 158 6.68 10.05 -11.98
CA LEU A 158 6.17 10.78 -13.15
C LEU A 158 7.22 10.83 -14.25
N ALA A 159 8.47 11.18 -13.93
CA ALA A 159 9.54 11.30 -14.92
C ALA A 159 9.85 9.96 -15.61
N ASN A 160 9.57 8.83 -14.96
CA ASN A 160 9.76 7.49 -15.52
C ASN A 160 8.51 7.00 -16.26
N GLY A 161 7.49 7.85 -16.43
CA GLY A 161 6.32 7.56 -17.24
C GLY A 161 5.12 7.11 -16.42
N ALA A 162 5.12 7.33 -15.09
CA ALA A 162 3.91 7.24 -14.31
C ALA A 162 3.04 8.47 -14.58
N THR A 163 1.86 8.49 -13.98
CA THR A 163 1.06 9.68 -13.77
C THR A 163 0.66 9.77 -12.28
N GLU A 164 -0.21 10.70 -11.91
CA GLU A 164 -0.84 10.81 -10.61
C GLU A 164 -2.28 10.27 -10.72
N GLN A 165 -2.85 9.83 -9.59
CA GLN A 165 -4.20 9.30 -9.46
C GLN A 165 -5.10 10.45 -9.01
N GLY A 1 57.83 -21.67 32.07
CA GLY A 1 58.31 -22.51 30.96
C GLY A 1 57.74 -21.90 29.71
N PRO A 2 56.58 -22.39 29.21
CA PRO A 2 55.67 -21.52 28.48
C PRO A 2 55.15 -20.42 29.44
N ALA A 3 54.42 -19.44 28.91
CA ALA A 3 53.74 -18.38 29.64
C ALA A 3 52.43 -18.05 28.92
N THR A 4 51.48 -17.46 29.66
CA THR A 4 50.13 -17.17 29.18
C THR A 4 50.07 -15.79 28.48
N LYS A 5 48.87 -15.33 28.14
CA LYS A 5 48.53 -14.03 27.56
C LYS A 5 47.22 -13.55 28.20
N THR A 6 46.71 -12.39 27.80
CA THR A 6 45.39 -11.91 28.13
C THR A 6 44.94 -11.00 26.98
N GLU A 7 43.64 -10.79 26.83
CA GLU A 7 43.02 -10.05 25.73
C GLU A 7 42.09 -8.97 26.31
N LYS A 8 41.22 -8.35 25.51
CA LYS A 8 40.38 -7.19 25.90
C LYS A 8 39.02 -7.23 25.19
N ASP A 9 38.17 -6.25 25.50
CA ASP A 9 36.82 -5.99 25.00
C ASP A 9 36.76 -4.52 24.57
N THR A 10 35.70 -4.08 23.87
CA THR A 10 35.44 -2.69 23.51
C THR A 10 33.92 -2.48 23.43
N LEU A 11 33.35 -1.88 24.48
CA LEU A 11 31.95 -1.45 24.55
C LEU A 11 31.68 -0.28 23.58
N GLN A 12 30.41 0.12 23.46
CA GLN A 12 29.93 1.20 22.60
C GLN A 12 28.94 2.10 23.35
N SER A 13 28.27 3.02 22.65
CA SER A 13 27.22 3.88 23.16
C SER A 13 26.00 3.82 22.23
N ALA A 14 24.97 4.62 22.51
CA ALA A 14 23.77 4.79 21.68
C ALA A 14 23.28 6.24 21.85
N LEU A 15 22.28 6.67 21.08
CA LEU A 15 21.84 8.07 20.95
C LEU A 15 20.31 8.22 21.17
N PRO A 16 19.81 9.45 21.38
CA PRO A 16 18.38 9.76 21.50
C PRO A 16 17.69 9.99 20.14
N VAL A 17 16.39 10.26 20.18
CA VAL A 17 15.45 10.20 19.05
C VAL A 17 14.82 11.56 18.74
N ILE A 18 14.57 11.85 17.46
CA ILE A 18 13.71 12.94 17.01
C ILE A 18 12.24 12.50 17.15
N GLU A 19 11.46 13.17 17.99
CA GLU A 19 10.01 12.96 18.10
C GLU A 19 9.36 14.32 18.29
N ASN A 20 8.17 14.53 17.71
CA ASN A 20 7.46 15.80 17.71
C ASN A 20 5.98 15.59 17.92
N ALA A 21 5.26 16.67 18.22
CA ALA A 21 3.80 16.74 18.12
C ALA A 21 3.36 16.55 16.67
N GLU A 22 2.06 16.42 16.44
CA GLU A 22 1.52 16.04 15.13
C GLU A 22 0.30 16.92 14.80
N LYS A 23 0.52 18.14 14.28
CA LYS A 23 -0.51 18.99 13.66
C LYS A 23 0.08 19.59 12.39
N ASN A 24 -0.58 19.41 11.25
CA ASN A 24 -0.33 20.17 10.02
C ASN A 24 -1.39 19.80 8.98
N THR A 25 -1.36 20.43 7.81
CA THR A 25 -2.17 20.06 6.65
C THR A 25 -1.80 18.69 6.13
N VAL A 26 -2.62 17.69 6.42
CA VAL A 26 -2.49 16.35 5.86
C VAL A 26 -2.81 16.45 4.36
N VAL A 27 -2.05 15.71 3.55
CA VAL A 27 -2.13 15.61 2.11
C VAL A 27 -2.30 14.12 1.77
N THR A 28 -2.80 13.86 0.58
CA THR A 28 -3.11 12.57 -0.01
C THR A 28 -2.57 12.65 -1.43
N LYS A 29 -1.67 11.73 -1.83
CA LYS A 29 -0.98 11.76 -3.11
C LYS A 29 -0.79 10.35 -3.63
N THR A 30 -0.95 10.11 -4.94
CA THR A 30 -1.02 8.74 -5.44
C THR A 30 -0.55 8.64 -6.88
N LEU A 31 0.16 7.57 -7.21
CA LEU A 31 0.73 7.34 -8.53
C LEU A 31 0.18 6.09 -9.20
N VAL A 32 0.07 6.14 -10.52
CA VAL A 32 -0.40 5.10 -11.42
C VAL A 32 0.82 4.59 -12.16
N LEU A 33 1.45 3.54 -11.61
CA LEU A 33 2.62 2.92 -12.22
C LEU A 33 2.22 2.25 -13.53
N PRO A 34 3.15 2.10 -14.49
CA PRO A 34 2.90 1.41 -15.74
C PRO A 34 2.68 -0.09 -15.50
N LYS A 35 2.28 -0.81 -16.55
CA LYS A 35 2.18 -2.27 -16.51
C LYS A 35 3.55 -2.93 -16.34
N SER A 36 3.51 -4.24 -16.25
CA SER A 36 4.63 -5.16 -16.16
C SER A 36 4.42 -6.19 -17.27
N ASP A 37 5.38 -7.07 -17.50
CA ASP A 37 5.35 -7.97 -18.65
C ASP A 37 4.43 -9.20 -18.46
N ASP A 38 3.74 -9.29 -17.31
CA ASP A 38 2.63 -10.20 -17.02
C ASP A 38 1.44 -9.36 -16.56
N GLY A 39 1.16 -8.27 -17.28
CA GLY A 39 0.06 -7.30 -17.10
C GLY A 39 0.06 -6.52 -15.79
N SER A 40 0.89 -6.92 -14.83
CA SER A 40 0.91 -6.56 -13.43
C SER A 40 1.04 -5.04 -13.32
N GLN A 41 0.00 -4.40 -12.82
CA GLN A 41 -0.11 -2.96 -12.79
C GLN A 41 -0.71 -2.54 -11.47
N GLN A 42 -0.08 -1.56 -10.84
CA GLN A 42 -0.29 -1.27 -9.43
C GLN A 42 -0.25 0.24 -9.20
N THR A 43 -0.61 0.64 -7.99
CA THR A 43 -0.76 2.03 -7.57
C THR A 43 0.10 2.24 -6.32
N GLN A 44 0.40 3.48 -5.93
CA GLN A 44 1.23 3.83 -4.80
C GLN A 44 0.69 5.10 -4.16
N THR A 45 0.16 5.02 -2.94
CA THR A 45 -0.32 6.18 -2.18
C THR A 45 0.80 6.70 -1.25
N ILE A 46 0.78 7.99 -0.92
CA ILE A 46 1.78 8.71 -0.13
C ILE A 46 1.03 9.72 0.73
N THR A 47 0.65 9.33 1.94
CA THR A 47 0.10 10.23 2.93
C THR A 47 1.29 10.93 3.59
N TYR A 48 1.27 12.26 3.58
CA TYR A 48 2.26 13.09 4.25
C TYR A 48 1.57 14.36 4.74
N LYS A 49 2.22 15.13 5.60
CA LYS A 49 1.69 16.43 6.03
C LYS A 49 2.73 17.52 6.19
N ASP A 50 3.99 17.16 6.03
CA ASP A 50 5.13 18.02 6.30
C ASP A 50 6.27 17.64 5.35
N LYS A 51 7.06 16.63 5.76
CA LYS A 51 8.38 16.29 5.25
C LYS A 51 8.63 14.80 5.42
N THR A 52 7.59 14.01 5.72
CA THR A 52 7.74 12.71 6.34
C THR A 52 6.74 11.71 5.78
N PHE A 53 7.15 10.45 5.69
CA PHE A 53 6.30 9.33 5.27
C PHE A 53 5.42 8.92 6.45
N LEU A 54 4.20 9.48 6.56
CA LEU A 54 3.25 9.11 7.62
C LEU A 54 2.72 7.69 7.41
N SER A 55 2.19 7.43 6.22
CA SER A 55 1.69 6.13 5.84
C SER A 55 1.77 6.00 4.33
N LEU A 56 1.82 4.75 3.89
CA LEU A 56 2.21 4.32 2.55
C LEU A 56 1.34 3.14 2.21
N ALA A 57 0.60 3.19 1.10
CA ALA A 57 -0.28 2.10 0.67
C ALA A 57 -0.02 1.80 -0.80
N ILE A 58 0.87 0.84 -1.03
CA ILE A 58 1.11 0.23 -2.35
C ILE A 58 -0.08 -0.69 -2.68
N GLN A 59 -0.75 -0.50 -3.80
CA GLN A 59 -1.73 -1.46 -4.33
C GLN A 59 -1.02 -2.56 -5.15
N GLN A 60 -1.77 -3.51 -5.68
CA GLN A 60 -1.37 -4.47 -6.69
C GLN A 60 -2.59 -4.84 -7.54
N LYS A 61 -2.39 -5.28 -8.79
CA LYS A 61 -3.37 -5.99 -9.59
C LYS A 61 -2.62 -6.74 -10.69
N ARG A 62 -2.94 -8.02 -10.94
CA ARG A 62 -2.49 -8.76 -12.11
C ARG A 62 -3.66 -9.49 -12.78
N PRO A 63 -3.53 -9.85 -14.06
CA PRO A 63 -4.34 -10.93 -14.63
C PRO A 63 -3.99 -12.27 -13.96
N VAL A 64 -4.87 -13.25 -14.16
CA VAL A 64 -4.81 -14.58 -13.52
C VAL A 64 -5.04 -15.67 -14.57
N SER A 65 -4.63 -16.92 -14.32
CA SER A 65 -4.92 -18.05 -15.21
C SER A 65 -4.41 -19.44 -14.80
N ASP A 66 -3.99 -19.61 -13.55
CA ASP A 66 -3.52 -20.91 -13.06
C ASP A 66 -3.82 -21.09 -11.58
N GLU A 67 -3.02 -20.43 -10.73
CA GLU A 67 -3.17 -20.47 -9.28
C GLU A 67 -4.59 -20.11 -8.91
N LEU A 68 -5.13 -19.08 -9.58
CA LEU A 68 -6.49 -18.65 -9.34
C LEU A 68 -7.52 -19.43 -10.14
N LYS A 69 -7.20 -19.80 -11.38
CA LYS A 69 -8.15 -20.45 -12.27
C LYS A 69 -8.69 -21.72 -11.64
N THR A 70 -7.82 -22.46 -10.94
CA THR A 70 -8.23 -23.67 -10.27
C THR A 70 -9.38 -23.38 -9.30
N TYR A 71 -9.29 -22.38 -8.41
CA TYR A 71 -10.40 -22.04 -7.51
C TYR A 71 -11.62 -21.52 -8.28
N ILE A 72 -11.43 -20.67 -9.30
CA ILE A 72 -12.52 -20.14 -10.13
C ILE A 72 -13.32 -21.31 -10.73
N ASP A 73 -12.63 -22.38 -11.10
CA ASP A 73 -13.25 -23.54 -11.73
C ASP A 73 -13.94 -24.43 -10.70
N GLN A 74 -13.34 -24.60 -9.51
CA GLN A 74 -13.96 -25.31 -8.39
C GLN A 74 -15.24 -24.62 -7.92
N HIS A 75 -15.25 -23.29 -7.83
CA HIS A 75 -16.31 -22.52 -7.19
C HIS A 75 -16.91 -21.46 -8.12
N GLY A 76 -16.19 -20.37 -8.37
CA GLY A 76 -16.65 -19.29 -9.25
C GLY A 76 -16.22 -17.95 -8.70
N VAL A 77 -16.27 -16.93 -9.54
CA VAL A 77 -15.72 -15.61 -9.33
C VAL A 77 -16.08 -14.98 -7.98
N GLU A 78 -17.34 -15.05 -7.57
CA GLU A 78 -17.76 -14.42 -6.32
C GLU A 78 -17.14 -15.13 -5.12
N GLU A 79 -17.02 -16.46 -5.14
CA GLU A 79 -16.41 -17.17 -4.03
C GLU A 79 -14.89 -16.97 -4.08
N THR A 80 -14.33 -16.81 -5.28
CA THR A 80 -12.89 -16.65 -5.46
C THR A 80 -12.37 -15.44 -4.70
N GLN A 81 -13.18 -14.38 -4.53
CA GLN A 81 -12.82 -13.28 -3.63
C GLN A 81 -12.35 -13.78 -2.24
N LYS A 82 -13.06 -14.75 -1.66
CA LYS A 82 -12.76 -15.23 -0.31
C LYS A 82 -11.46 -16.02 -0.30
N ALA A 83 -11.12 -16.68 -1.42
CA ALA A 83 -9.95 -17.52 -1.57
C ALA A 83 -8.68 -16.75 -1.21
N LEU A 84 -8.44 -15.56 -1.80
CA LEU A 84 -7.21 -14.85 -1.51
C LEU A 84 -7.10 -14.53 -0.02
N LEU A 85 -8.20 -14.03 0.55
CA LEU A 85 -8.24 -13.58 1.95
C LEU A 85 -7.87 -14.74 2.88
N GLU A 86 -8.35 -15.95 2.56
CA GLU A 86 -8.04 -17.20 3.23
C GLU A 86 -6.54 -17.51 3.24
N ALA A 87 -5.81 -17.13 2.18
CA ALA A 87 -4.35 -17.18 2.19
C ALA A 87 -3.79 -15.99 2.99
N GLU A 88 -4.08 -14.76 2.55
CA GLU A 88 -3.38 -13.57 3.01
C GLU A 88 -3.45 -13.41 4.53
N GLU A 89 -4.58 -13.76 5.14
CA GLU A 89 -4.76 -13.58 6.58
C GLU A 89 -3.77 -14.42 7.41
N LYS A 90 -3.14 -15.42 6.81
CA LYS A 90 -2.30 -16.39 7.48
C LYS A 90 -1.11 -16.88 6.62
N ASP A 91 -0.69 -16.12 5.59
CA ASP A 91 0.31 -16.57 4.63
C ASP A 91 1.74 -16.39 5.18
N LYS A 92 2.12 -17.12 6.24
CA LYS A 92 3.40 -17.25 6.95
C LYS A 92 4.08 -15.91 7.21
N SER A 93 4.65 -15.42 6.14
CA SER A 93 5.22 -14.09 5.99
C SER A 93 4.25 -13.09 6.59
N ILE A 94 2.97 -13.17 6.20
CA ILE A 94 1.96 -12.19 6.56
C ILE A 94 1.47 -12.42 8.00
N ILE A 95 1.56 -13.64 8.56
CA ILE A 95 1.33 -13.89 9.99
C ILE A 95 2.37 -13.08 10.77
N GLU A 96 3.64 -13.25 10.40
CA GLU A 96 4.74 -12.58 11.06
C GLU A 96 4.63 -11.05 10.92
N ALA A 97 3.94 -10.56 9.88
CA ALA A 97 3.66 -9.15 9.67
C ALA A 97 2.45 -8.67 10.47
N ARG A 98 1.36 -9.43 10.55
CA ARG A 98 0.13 -9.08 11.25
C ARG A 98 0.31 -8.83 12.74
N LYS A 99 1.44 -9.25 13.33
CA LYS A 99 1.73 -8.93 14.72
C LYS A 99 2.19 -7.49 14.91
N LEU A 100 2.63 -6.82 13.85
CA LEU A 100 3.09 -5.43 13.88
C LEU A 100 1.88 -4.54 14.08
N ALA A 101 2.05 -3.51 14.91
CA ALA A 101 1.02 -2.56 15.29
C ALA A 101 0.80 -1.43 14.30
N GLY A 102 1.15 -1.65 13.03
CA GLY A 102 1.05 -0.71 11.94
C GLY A 102 1.14 -1.42 10.60
N PHE A 103 0.57 -2.62 10.46
CA PHE A 103 0.57 -3.37 9.19
C PHE A 103 -0.84 -3.83 8.83
N LYS A 104 -1.29 -3.55 7.59
CA LYS A 104 -2.53 -4.08 7.03
C LYS A 104 -2.31 -4.54 5.60
N LEU A 105 -3.21 -5.39 5.15
CA LEU A 105 -3.21 -5.98 3.82
C LEU A 105 -4.65 -6.37 3.52
N GLU A 106 -5.15 -6.05 2.32
CA GLU A 106 -6.52 -6.31 1.93
C GLU A 106 -6.59 -6.67 0.44
N THR A 107 -7.00 -7.89 0.10
CA THR A 107 -7.26 -8.31 -1.27
C THR A 107 -8.67 -7.90 -1.71
N LYS A 108 -8.89 -7.83 -3.03
CA LYS A 108 -10.20 -7.75 -3.64
C LYS A 108 -10.10 -8.36 -5.02
N LEU A 109 -10.99 -9.29 -5.29
CA LEU A 109 -11.17 -9.86 -6.60
C LEU A 109 -11.88 -8.85 -7.49
N LEU A 110 -11.48 -8.74 -8.75
CA LEU A 110 -12.16 -7.85 -9.68
C LEU A 110 -13.07 -8.63 -10.61
N SER A 111 -12.76 -9.89 -10.94
CA SER A 111 -13.38 -10.60 -12.06
C SER A 111 -12.71 -11.97 -12.21
N ALA A 112 -13.24 -12.86 -13.04
CA ALA A 112 -12.77 -14.24 -13.24
C ALA A 112 -11.41 -14.31 -13.96
N THR A 113 -10.72 -13.18 -14.09
CA THR A 113 -9.56 -12.99 -14.94
C THR A 113 -8.49 -12.10 -14.24
N GLU A 114 -8.82 -11.46 -13.12
CA GLU A 114 -8.09 -10.31 -12.58
C GLU A 114 -8.34 -10.19 -11.08
N LEU A 115 -7.27 -10.16 -10.27
CA LEU A 115 -7.33 -9.85 -8.84
C LEU A 115 -6.59 -8.54 -8.54
N GLN A 116 -6.88 -7.92 -7.39
CA GLN A 116 -6.21 -6.75 -6.84
C GLN A 116 -5.82 -7.06 -5.39
N THR A 117 -4.73 -6.47 -4.91
CA THR A 117 -4.40 -6.42 -3.49
C THR A 117 -3.99 -4.99 -3.13
N THR A 118 -3.80 -4.73 -1.84
CA THR A 118 -3.14 -3.56 -1.30
C THR A 118 -2.41 -4.01 -0.03
N THR A 119 -1.29 -3.38 0.26
CA THR A 119 -0.64 -3.45 1.56
C THR A 119 -0.57 -2.02 2.07
N SER A 120 -1.02 -1.79 3.29
CA SER A 120 -1.19 -0.48 3.89
C SER A 120 -0.32 -0.46 5.14
N PHE A 121 0.68 0.42 5.13
CA PHE A 121 1.79 0.42 6.05
C PHE A 121 1.74 1.72 6.87
N ASP A 122 1.61 1.58 8.20
CA ASP A 122 1.41 2.68 9.14
C ASP A 122 2.75 3.01 9.80
N PHE A 123 3.57 3.81 9.13
CA PHE A 123 4.91 4.18 9.61
C PHE A 123 4.88 4.83 11.00
N GLN A 124 3.74 5.39 11.42
CA GLN A 124 3.60 6.01 12.73
C GLN A 124 3.83 5.02 13.88
N VAL A 125 3.70 3.71 13.63
CA VAL A 125 3.68 2.65 14.64
C VAL A 125 4.43 1.39 14.16
N LEU A 126 4.79 1.32 12.89
CA LEU A 126 5.52 0.21 12.30
C LEU A 126 6.91 0.08 12.91
N ASP A 127 7.27 -1.07 13.49
CA ASP A 127 8.68 -1.38 13.78
C ASP A 127 9.34 -1.76 12.45
N VAL A 128 9.71 -0.74 11.66
CA VAL A 128 10.41 -0.84 10.39
C VAL A 128 11.58 -1.83 10.48
N LYS A 129 12.26 -1.82 11.62
CA LYS A 129 13.39 -2.66 11.96
C LYS A 129 13.14 -4.11 11.61
N LYS A 130 12.17 -4.74 12.27
CA LYS A 130 11.83 -6.12 12.04
C LYS A 130 10.89 -6.25 10.84
N ALA A 131 10.11 -5.21 10.50
CA ALA A 131 9.18 -5.28 9.38
C ALA A 131 9.91 -5.55 8.06
N SER A 132 11.00 -4.85 7.82
CA SER A 132 11.78 -4.90 6.58
C SER A 132 12.37 -6.29 6.29
N GLN A 133 12.33 -7.22 7.25
CA GLN A 133 13.00 -8.51 7.21
C GLN A 133 12.00 -9.66 7.45
N LEU A 134 10.76 -9.52 6.96
CA LEU A 134 9.62 -10.41 7.10
C LEU A 134 9.33 -11.21 5.84
N GLU A 135 10.33 -11.51 5.03
CA GLU A 135 10.22 -12.19 3.73
C GLU A 135 9.44 -11.33 2.72
N HIS A 136 8.11 -11.24 2.86
CA HIS A 136 7.17 -10.59 1.95
C HIS A 136 7.67 -9.20 1.57
N LEU A 137 8.14 -8.44 2.57
CA LEU A 137 8.47 -7.02 2.38
C LEU A 137 9.94 -6.82 1.97
N LYS A 138 10.78 -7.87 1.85
CA LYS A 138 12.23 -7.68 1.70
C LYS A 138 12.55 -7.02 0.37
N ASN A 139 11.84 -7.45 -0.67
CA ASN A 139 11.99 -6.92 -2.00
C ASN A 139 11.37 -5.52 -2.18
N ILE A 140 10.63 -5.02 -1.18
CA ILE A 140 10.05 -3.69 -1.26
C ILE A 140 11.18 -2.70 -0.98
N GLY A 141 11.14 -1.54 -1.64
CA GLY A 141 12.08 -0.44 -1.48
C GLY A 141 11.92 0.31 -0.16
N LEU A 142 11.27 -0.29 0.84
CA LEU A 142 10.82 0.36 2.06
C LEU A 142 11.95 0.91 2.90
N GLU A 143 13.15 0.34 2.83
CA GLU A 143 14.25 0.83 3.63
C GLU A 143 14.76 2.14 3.07
N ASN A 144 14.89 2.19 1.74
CA ASN A 144 15.34 3.35 0.99
C ASN A 144 14.26 4.41 0.87
N LEU A 145 12.98 4.04 1.04
CA LEU A 145 11.86 4.97 1.06
C LEU A 145 12.14 6.03 2.14
N LEU A 146 12.52 5.57 3.33
CA LEU A 146 12.80 6.37 4.51
C LEU A 146 14.10 7.20 4.43
N LYS A 147 14.69 7.36 3.25
CA LYS A 147 15.93 8.11 3.05
C LYS A 147 15.71 9.38 2.22
N ASN A 148 14.48 9.89 2.09
CA ASN A 148 14.21 11.13 1.36
C ASN A 148 12.95 11.82 1.91
N GLU A 149 12.61 13.01 1.40
CA GLU A 149 11.29 13.62 1.64
C GLU A 149 10.21 12.73 1.04
N PRO A 150 8.94 12.90 1.45
CA PRO A 150 7.85 12.14 0.87
C PRO A 150 7.65 12.50 -0.62
N SER A 151 8.09 13.70 -1.04
CA SER A 151 7.86 14.29 -2.35
C SER A 151 9.08 14.20 -3.27
N LYS A 152 10.28 14.08 -2.69
CA LYS A 152 11.52 14.09 -3.45
C LYS A 152 11.51 12.94 -4.48
N TYR A 153 11.00 11.76 -4.13
CA TYR A 153 10.92 10.67 -5.09
C TYR A 153 9.71 10.72 -6.02
N ILE A 154 8.66 11.46 -5.68
CA ILE A 154 7.42 11.53 -6.46
C ILE A 154 7.72 11.92 -7.90
N SER A 155 8.54 12.96 -8.11
CA SER A 155 8.91 13.42 -9.44
C SER A 155 9.55 12.32 -10.28
N ASP A 156 10.32 11.44 -9.64
CA ASP A 156 10.97 10.29 -10.26
C ASP A 156 9.95 9.20 -10.60
N ARG A 157 8.84 9.09 -9.83
CA ARG A 157 7.75 8.16 -10.15
C ARG A 157 7.21 8.51 -11.54
N LEU A 158 6.74 9.74 -11.74
CA LEU A 158 6.27 10.28 -13.02
C LEU A 158 7.27 9.91 -14.12
N ALA A 159 8.55 10.30 -13.95
CA ALA A 159 9.59 10.11 -14.95
C ALA A 159 9.86 8.64 -15.27
N ASN A 160 9.67 7.73 -14.32
CA ASN A 160 9.78 6.28 -14.54
C ASN A 160 8.73 5.75 -15.51
N GLY A 161 7.81 6.58 -16.00
CA GLY A 161 6.76 6.18 -16.91
C GLY A 161 5.50 5.91 -16.12
N ALA A 162 5.24 6.66 -15.06
CA ALA A 162 4.00 6.61 -14.29
C ALA A 162 3.24 7.92 -14.49
N THR A 163 2.05 8.01 -13.90
CA THR A 163 1.29 9.24 -13.77
C THR A 163 0.81 9.41 -12.32
N GLU A 164 0.15 10.53 -11.99
CA GLU A 164 -0.46 10.82 -10.69
C GLU A 164 -1.93 10.37 -10.68
N GLN A 165 -2.64 10.61 -9.58
CA GLN A 165 -4.07 10.42 -9.44
C GLN A 165 -4.68 11.67 -8.81
N GLY A 1 -53.55 62.01 -28.26
CA GLY A 1 -53.60 61.01 -27.17
C GLY A 1 -52.19 60.73 -26.70
N PRO A 2 -51.64 61.51 -25.75
CA PRO A 2 -50.33 61.21 -25.19
C PRO A 2 -50.40 59.90 -24.40
N ALA A 3 -49.35 59.09 -24.45
CA ALA A 3 -49.16 57.91 -23.62
C ALA A 3 -47.67 57.58 -23.62
N THR A 4 -47.12 57.16 -22.48
CA THR A 4 -45.71 56.81 -22.31
C THR A 4 -45.60 55.79 -21.18
N LYS A 5 -44.54 54.98 -21.16
CA LYS A 5 -44.02 54.25 -20.01
C LYS A 5 -42.58 53.86 -20.32
N THR A 6 -41.83 53.37 -19.34
CA THR A 6 -40.56 52.69 -19.52
C THR A 6 -40.33 51.90 -18.23
N GLU A 7 -39.80 50.69 -18.34
CA GLU A 7 -39.67 49.72 -17.28
C GLU A 7 -38.40 48.88 -17.53
N LYS A 8 -37.59 48.61 -16.49
CA LYS A 8 -36.37 47.79 -16.53
C LYS A 8 -36.10 47.20 -15.14
N ASP A 9 -35.20 46.22 -15.09
CA ASP A 9 -34.55 45.67 -13.88
C ASP A 9 -33.21 46.39 -13.67
N THR A 10 -32.44 45.96 -12.66
CA THR A 10 -30.98 45.86 -12.77
C THR A 10 -30.53 44.75 -11.81
N LEU A 11 -29.49 43.98 -12.16
CA LEU A 11 -28.93 42.90 -11.34
C LEU A 11 -27.42 43.04 -11.27
N GLN A 12 -26.84 42.67 -10.11
CA GLN A 12 -25.40 42.65 -9.85
C GLN A 12 -25.14 41.75 -8.63
N SER A 13 -23.88 41.38 -8.38
CA SER A 13 -23.43 40.73 -7.15
C SER A 13 -21.91 40.88 -7.04
N ALA A 14 -21.30 40.36 -5.97
CA ALA A 14 -19.86 40.29 -5.72
C ALA A 14 -19.56 39.06 -4.86
N LEU A 15 -18.28 38.83 -4.52
CA LEU A 15 -17.83 37.83 -3.54
C LEU A 15 -17.12 38.59 -2.40
N PRO A 16 -16.96 37.97 -1.22
CA PRO A 16 -16.14 38.52 -0.14
C PRO A 16 -14.65 38.47 -0.50
N VAL A 17 -13.82 39.12 0.32
CA VAL A 17 -12.37 39.13 0.21
C VAL A 17 -11.83 38.70 1.58
N ILE A 18 -10.73 37.96 1.59
CA ILE A 18 -10.04 37.43 2.76
C ILE A 18 -8.55 37.59 2.44
N GLU A 19 -7.69 37.66 3.46
CA GLU A 19 -6.24 37.56 3.29
C GLU A 19 -5.70 36.90 4.56
N ASN A 20 -5.25 35.64 4.45
CA ASN A 20 -4.76 34.84 5.57
C ASN A 20 -3.95 33.66 5.02
N ALA A 21 -3.49 32.73 5.86
CA ALA A 21 -2.86 31.49 5.45
C ALA A 21 -3.20 30.39 6.45
N GLU A 22 -3.76 29.27 5.97
CA GLU A 22 -3.96 28.03 6.72
C GLU A 22 -3.41 26.87 5.91
N LYS A 23 -2.08 26.70 5.90
CA LYS A 23 -1.47 25.48 5.38
C LYS A 23 -1.42 24.51 6.54
N ASN A 24 -2.38 23.59 6.61
CA ASN A 24 -2.28 22.35 7.37
C ASN A 24 -3.47 21.48 6.93
N THR A 25 -3.25 20.29 6.39
CA THR A 25 -4.31 19.34 6.04
C THR A 25 -3.66 17.97 5.79
N VAL A 26 -4.47 16.91 5.80
CA VAL A 26 -4.09 15.61 5.29
C VAL A 26 -3.96 15.74 3.77
N VAL A 27 -2.75 15.60 3.25
CA VAL A 27 -2.47 15.46 1.83
C VAL A 27 -2.52 13.96 1.52
N THR A 28 -3.23 13.61 0.46
CA THR A 28 -3.06 12.33 -0.23
C THR A 28 -2.43 12.65 -1.58
N LYS A 29 -1.59 11.75 -2.08
CA LYS A 29 -0.87 11.84 -3.32
C LYS A 29 -0.80 10.46 -3.94
N THR A 30 -0.82 10.33 -5.27
CA THR A 30 -0.85 9.02 -5.88
C THR A 30 -0.15 9.04 -7.24
N LEU A 31 0.49 7.92 -7.56
CA LEU A 31 1.19 7.67 -8.80
C LEU A 31 0.51 6.55 -9.60
N VAL A 32 1.03 6.22 -10.78
CA VAL A 32 0.76 5.00 -11.53
C VAL A 32 2.11 4.47 -12.03
N LEU A 33 2.73 3.53 -11.31
CA LEU A 33 3.86 2.79 -11.84
C LEU A 33 3.43 2.03 -13.11
N PRO A 34 4.35 1.80 -14.06
CA PRO A 34 4.02 1.23 -15.36
C PRO A 34 3.59 -0.24 -15.24
N LYS A 35 3.11 -0.84 -16.33
CA LYS A 35 2.80 -2.27 -16.36
C LYS A 35 4.07 -3.10 -16.27
N SER A 36 3.88 -4.40 -16.06
CA SER A 36 4.91 -5.33 -15.64
C SER A 36 4.99 -6.46 -16.66
N ASP A 37 5.69 -6.24 -17.78
CA ASP A 37 5.71 -7.10 -18.97
C ASP A 37 4.32 -7.14 -19.61
N ASP A 38 3.31 -7.66 -18.90
CA ASP A 38 1.90 -7.45 -19.19
C ASP A 38 1.06 -8.11 -18.10
N GLY A 39 0.32 -7.33 -17.33
CA GLY A 39 -0.83 -7.84 -16.59
C GLY A 39 -0.79 -7.35 -15.17
N SER A 40 0.31 -7.65 -14.47
CA SER A 40 0.61 -7.08 -13.18
C SER A 40 0.85 -5.59 -13.37
N GLN A 41 0.24 -4.81 -12.50
CA GLN A 41 0.43 -3.39 -12.40
C GLN A 41 0.19 -2.96 -10.97
N GLN A 42 1.29 -2.77 -10.23
CA GLN A 42 1.26 -2.19 -8.91
C GLN A 42 1.07 -0.68 -9.01
N THR A 43 0.71 -0.06 -7.90
CA THR A 43 0.36 1.34 -7.77
C THR A 43 0.86 1.81 -6.39
N GLN A 44 1.04 3.12 -6.18
CA GLN A 44 1.64 3.74 -5.02
C GLN A 44 0.84 4.98 -4.65
N THR A 45 0.27 4.97 -3.45
CA THR A 45 -0.41 6.07 -2.79
C THR A 45 0.49 6.50 -1.62
N ILE A 46 0.55 7.80 -1.31
CA ILE A 46 1.27 8.36 -0.17
C ILE A 46 0.33 9.34 0.56
N THR A 47 0.23 9.19 1.87
CA THR A 47 -0.30 10.25 2.76
C THR A 47 0.87 11.02 3.40
N TYR A 48 0.71 12.33 3.58
CA TYR A 48 1.56 13.19 4.40
C TYR A 48 0.74 14.40 4.86
N LYS A 49 1.31 15.26 5.70
CA LYS A 49 0.75 16.61 5.95
C LYS A 49 1.77 17.72 6.09
N ASP A 50 3.03 17.35 6.11
CA ASP A 50 4.15 18.28 6.20
C ASP A 50 5.32 17.75 5.41
N LYS A 51 6.18 16.91 6.00
CA LYS A 51 7.47 16.52 5.45
C LYS A 51 7.82 15.08 5.79
N THR A 52 6.85 14.29 6.28
CA THR A 52 7.09 12.91 6.65
C THR A 52 5.95 12.02 6.12
N PHE A 53 6.32 10.81 5.69
CA PHE A 53 5.46 9.77 5.15
C PHE A 53 4.49 9.29 6.25
N LEU A 54 3.24 9.78 6.26
CA LEU A 54 2.21 9.32 7.22
C LEU A 54 1.54 8.02 6.81
N SER A 55 1.58 7.63 5.53
CA SER A 55 1.50 6.22 5.18
C SER A 55 1.98 6.05 3.77
N LEU A 56 2.25 4.80 3.43
CA LEU A 56 2.63 4.37 2.11
C LEU A 56 1.75 3.17 1.81
N ALA A 57 0.83 3.32 0.86
CA ALA A 57 -0.12 2.29 0.47
C ALA A 57 0.27 1.82 -0.92
N ILE A 58 0.65 0.55 -1.05
CA ILE A 58 0.94 -0.07 -2.35
C ILE A 58 -0.34 -0.81 -2.72
N GLN A 59 -0.89 -0.53 -3.90
CA GLN A 59 -1.96 -1.34 -4.50
C GLN A 59 -1.29 -2.28 -5.51
N GLN A 60 -1.91 -3.41 -5.82
CA GLN A 60 -1.46 -4.41 -6.78
C GLN A 60 -2.67 -4.96 -7.50
N LYS A 61 -2.56 -5.31 -8.77
CA LYS A 61 -3.61 -5.88 -9.59
C LYS A 61 -2.92 -6.82 -10.56
N ARG A 62 -3.33 -8.10 -10.61
CA ARG A 62 -2.82 -9.07 -11.58
C ARG A 62 -3.97 -9.91 -12.13
N PRO A 63 -3.79 -10.57 -13.28
CA PRO A 63 -4.69 -11.65 -13.68
C PRO A 63 -4.49 -12.86 -12.76
N VAL A 64 -5.55 -13.66 -12.58
CA VAL A 64 -5.51 -14.90 -11.81
C VAL A 64 -4.73 -15.99 -12.57
N SER A 65 -4.42 -17.10 -11.90
CA SER A 65 -3.45 -18.10 -12.35
C SER A 65 -4.10 -19.49 -12.41
N ASP A 66 -3.35 -20.50 -12.84
CA ASP A 66 -3.88 -21.78 -13.32
C ASP A 66 -4.58 -22.60 -12.23
N GLU A 67 -4.07 -22.55 -11.00
CA GLU A 67 -4.73 -23.17 -9.85
C GLU A 67 -6.13 -22.56 -9.65
N LEU A 68 -6.22 -21.24 -9.82
CA LEU A 68 -7.42 -20.50 -9.52
C LEU A 68 -8.39 -20.53 -10.69
N LYS A 69 -7.93 -20.64 -11.94
CA LYS A 69 -8.77 -20.87 -13.10
C LYS A 69 -9.69 -22.07 -12.83
N THR A 70 -9.12 -23.20 -12.42
CA THR A 70 -9.92 -24.38 -12.13
C THR A 70 -10.90 -24.13 -10.97
N TYR A 71 -10.51 -23.38 -9.92
CA TYR A 71 -11.44 -23.11 -8.82
C TYR A 71 -12.60 -22.21 -9.27
N ILE A 72 -12.29 -21.11 -9.96
CA ILE A 72 -13.24 -20.12 -10.45
C ILE A 72 -14.26 -20.80 -11.35
N ASP A 73 -13.83 -21.71 -12.22
CA ASP A 73 -14.74 -22.33 -13.17
C ASP A 73 -15.74 -23.26 -12.46
N GLN A 74 -15.31 -23.89 -11.36
CA GLN A 74 -16.13 -24.76 -10.54
C GLN A 74 -17.05 -24.00 -9.57
N HIS A 75 -16.55 -22.93 -8.94
CA HIS A 75 -17.33 -22.08 -8.03
C HIS A 75 -17.73 -20.81 -8.78
N GLY A 76 -16.84 -19.80 -8.79
CA GLY A 76 -17.05 -18.50 -9.38
C GLY A 76 -16.29 -17.42 -8.65
N VAL A 77 -16.20 -16.23 -9.24
CA VAL A 77 -15.61 -15.02 -8.64
C VAL A 77 -16.12 -14.77 -7.22
N GLU A 78 -17.43 -14.86 -7.03
CA GLU A 78 -18.14 -14.57 -5.79
C GLU A 78 -17.54 -15.35 -4.61
N GLU A 79 -17.27 -16.65 -4.83
CA GLU A 79 -16.64 -17.52 -3.85
C GLU A 79 -15.13 -17.32 -3.82
N THR A 80 -14.51 -17.17 -4.99
CA THR A 80 -13.06 -17.10 -5.09
C THR A 80 -12.56 -15.89 -4.31
N GLN A 81 -13.34 -14.81 -4.19
CA GLN A 81 -13.02 -13.71 -3.31
C GLN A 81 -12.65 -14.26 -1.93
N LYS A 82 -13.54 -15.08 -1.35
CA LYS A 82 -13.39 -15.66 -0.01
C LYS A 82 -12.17 -16.54 0.05
N ALA A 83 -11.90 -17.32 -0.99
CA ALA A 83 -10.72 -18.17 -1.05
C ALA A 83 -9.43 -17.35 -0.93
N LEU A 84 -9.43 -16.07 -1.35
CA LEU A 84 -8.31 -15.17 -1.09
C LEU A 84 -8.19 -14.94 0.40
N LEU A 85 -9.26 -14.42 1.03
CA LEU A 85 -9.28 -14.00 2.42
C LEU A 85 -8.84 -15.16 3.32
N GLU A 86 -9.44 -16.34 3.13
CA GLU A 86 -9.13 -17.55 3.88
C GLU A 86 -7.65 -17.98 3.69
N ALA A 87 -7.00 -17.59 2.59
CA ALA A 87 -5.59 -17.90 2.31
C ALA A 87 -4.66 -16.93 3.04
N GLU A 88 -5.08 -15.67 3.22
CA GLU A 88 -4.28 -14.69 3.96
C GLU A 88 -3.97 -15.22 5.35
N GLU A 89 -4.99 -15.84 5.96
CA GLU A 89 -4.94 -16.16 7.37
C GLU A 89 -4.09 -17.39 7.68
N LYS A 90 -3.71 -18.16 6.64
CA LYS A 90 -2.74 -19.24 6.73
C LYS A 90 -1.38 -18.82 6.19
N ASP A 91 -1.20 -17.64 5.59
CA ASP A 91 0.08 -17.34 4.92
C ASP A 91 1.12 -17.04 6.01
N LYS A 92 2.11 -17.92 6.17
CA LYS A 92 3.25 -17.67 7.05
C LYS A 92 3.88 -16.30 6.73
N SER A 93 4.00 -16.00 5.45
CA SER A 93 4.60 -14.79 4.93
C SER A 93 3.64 -13.58 5.01
N ILE A 94 2.46 -13.72 5.62
CA ILE A 94 1.63 -12.58 6.05
C ILE A 94 1.73 -12.49 7.57
N ILE A 95 1.60 -13.63 8.27
CA ILE A 95 1.64 -13.71 9.74
C ILE A 95 2.93 -13.06 10.28
N GLU A 96 4.04 -13.26 9.58
CA GLU A 96 5.34 -12.66 9.94
C GLU A 96 5.28 -11.13 10.10
N ALA A 97 4.46 -10.46 9.30
CA ALA A 97 4.32 -9.02 9.28
C ALA A 97 3.14 -8.57 10.15
N ARG A 98 2.10 -9.41 10.29
CA ARG A 98 0.94 -9.16 11.17
C ARG A 98 1.35 -8.86 12.61
N LYS A 99 2.55 -9.27 13.05
CA LYS A 99 3.09 -8.92 14.37
C LYS A 99 3.12 -7.41 14.57
N LEU A 100 3.49 -6.64 13.55
CA LEU A 100 3.59 -5.19 13.61
C LEU A 100 2.19 -4.64 13.87
N ALA A 101 2.09 -3.48 14.52
CA ALA A 101 0.79 -2.83 14.72
C ALA A 101 0.51 -1.80 13.64
N GLY A 102 1.17 -1.93 12.50
CA GLY A 102 1.35 -0.87 11.53
C GLY A 102 1.37 -1.35 10.08
N PHE A 103 1.06 -2.63 9.90
CA PHE A 103 1.01 -3.33 8.62
C PHE A 103 -0.44 -3.74 8.39
N LYS A 104 -1.19 -3.02 7.57
CA LYS A 104 -2.47 -3.55 7.06
C LYS A 104 -2.22 -4.22 5.73
N LEU A 105 -3.04 -5.21 5.39
CA LEU A 105 -3.02 -5.93 4.13
C LEU A 105 -4.47 -6.24 3.77
N GLU A 106 -4.83 -6.21 2.49
CA GLU A 106 -6.12 -6.72 2.05
C GLU A 106 -6.10 -7.16 0.59
N THR A 107 -6.35 -8.44 0.32
CA THR A 107 -6.74 -8.97 -0.99
C THR A 107 -8.16 -8.53 -1.36
N LYS A 108 -8.54 -8.56 -2.64
CA LYS A 108 -9.92 -8.53 -3.09
C LYS A 108 -9.97 -9.00 -4.52
N LEU A 109 -10.98 -9.80 -4.84
CA LEU A 109 -11.26 -10.24 -6.17
C LEU A 109 -11.96 -9.13 -6.95
N LEU A 110 -11.47 -8.81 -8.15
CA LEU A 110 -12.21 -8.01 -9.10
C LEU A 110 -13.25 -8.83 -9.87
N SER A 111 -12.94 -10.07 -10.28
CA SER A 111 -13.65 -10.70 -11.38
C SER A 111 -13.10 -12.11 -11.63
N ALA A 112 -13.77 -12.87 -12.50
CA ALA A 112 -13.40 -14.23 -12.86
C ALA A 112 -12.01 -14.33 -13.51
N THR A 113 -11.34 -13.21 -13.81
CA THR A 113 -10.02 -13.18 -14.44
C THR A 113 -8.97 -12.37 -13.65
N GLU A 114 -9.32 -11.62 -12.60
CA GLU A 114 -8.37 -10.70 -11.95
C GLU A 114 -8.63 -10.57 -10.45
N LEU A 115 -7.55 -10.43 -9.67
CA LEU A 115 -7.58 -10.03 -8.28
C LEU A 115 -6.77 -8.74 -8.11
N GLN A 116 -7.07 -8.01 -7.04
CA GLN A 116 -6.30 -6.89 -6.55
C GLN A 116 -5.80 -7.26 -5.16
N THR A 117 -4.70 -6.67 -4.70
CA THR A 117 -4.31 -6.69 -3.31
C THR A 117 -3.78 -5.30 -2.97
N THR A 118 -3.68 -4.98 -1.69
CA THR A 118 -3.12 -3.74 -1.20
C THR A 118 -2.39 -4.06 0.11
N THR A 119 -1.38 -3.26 0.45
CA THR A 119 -0.74 -3.21 1.75
C THR A 119 -0.75 -1.73 2.17
N SER A 120 -0.97 -1.43 3.46
CA SER A 120 -0.88 -0.09 4.04
C SER A 120 0.21 -0.13 5.12
N PHE A 121 1.26 0.67 4.94
CA PHE A 121 2.34 0.84 5.89
C PHE A 121 2.06 2.13 6.66
N ASP A 122 1.52 2.02 7.89
CA ASP A 122 1.44 3.16 8.80
C ASP A 122 2.82 3.30 9.45
N PHE A 123 3.64 4.21 8.94
CA PHE A 123 5.01 4.38 9.44
C PHE A 123 5.08 4.65 10.95
N GLN A 124 4.06 5.31 11.49
CA GLN A 124 3.99 5.85 12.86
C GLN A 124 3.98 4.72 13.89
N VAL A 125 3.63 3.53 13.42
CA VAL A 125 3.51 2.31 14.19
C VAL A 125 4.38 1.17 13.60
N LEU A 126 5.20 1.47 12.58
CA LEU A 126 5.99 0.48 11.85
C LEU A 126 7.43 0.42 12.36
N ASP A 127 7.85 -0.72 12.92
CA ASP A 127 9.24 -0.98 13.30
C ASP A 127 10.07 -1.29 12.05
N VAL A 128 10.40 -0.24 11.30
CA VAL A 128 11.32 -0.23 10.16
C VAL A 128 12.65 -0.94 10.44
N LYS A 129 13.10 -0.89 11.69
CA LYS A 129 14.32 -1.54 12.20
C LYS A 129 14.33 -3.05 11.99
N LYS A 130 13.14 -3.65 11.91
CA LYS A 130 12.94 -5.01 11.48
C LYS A 130 12.20 -5.13 10.15
N ALA A 131 11.45 -4.11 9.75
CA ALA A 131 10.48 -4.20 8.66
C ALA A 131 11.11 -4.73 7.37
N SER A 132 12.24 -4.15 6.94
CA SER A 132 12.89 -4.53 5.69
C SER A 132 13.55 -5.92 5.74
N GLN A 133 13.61 -6.56 6.91
CA GLN A 133 14.13 -7.91 7.05
C GLN A 133 13.02 -8.94 6.82
N LEU A 134 11.76 -8.53 6.74
CA LEU A 134 10.63 -9.44 6.60
C LEU A 134 10.60 -9.89 5.15
N GLU A 135 10.39 -11.17 4.91
CA GLU A 135 10.46 -11.74 3.57
C GLU A 135 9.38 -11.13 2.67
N HIS A 136 8.25 -10.75 3.24
CA HIS A 136 7.19 -10.05 2.54
C HIS A 136 7.59 -8.63 2.11
N LEU A 137 8.60 -8.00 2.73
CA LEU A 137 8.85 -6.56 2.60
C LEU A 137 10.28 -6.21 2.15
N LYS A 138 11.17 -7.20 2.02
CA LYS A 138 12.56 -7.08 1.60
C LYS A 138 12.69 -6.39 0.25
N ASN A 139 11.81 -6.76 -0.70
CA ASN A 139 12.05 -6.42 -2.09
C ASN A 139 11.69 -4.97 -2.34
N ILE A 140 10.76 -4.44 -1.53
CA ILE A 140 10.41 -3.03 -1.47
C ILE A 140 11.64 -2.31 -0.92
N GLY A 141 12.05 -1.22 -1.53
CA GLY A 141 13.14 -0.38 -1.03
C GLY A 141 12.56 0.71 -0.14
N LEU A 142 11.92 0.26 0.94
CA LEU A 142 11.19 1.06 1.90
C LEU A 142 12.18 1.81 2.80
N GLU A 143 13.21 1.11 3.27
CA GLU A 143 14.29 1.63 4.08
C GLU A 143 14.96 2.85 3.43
N ASN A 144 15.08 2.87 2.09
CA ASN A 144 15.62 4.00 1.34
C ASN A 144 14.58 5.11 1.09
N LEU A 145 13.31 4.75 0.93
CA LEU A 145 12.22 5.71 0.77
C LEU A 145 12.10 6.59 2.00
N LEU A 146 12.25 6.03 3.20
CA LEU A 146 12.15 6.77 4.47
C LEU A 146 13.31 7.76 4.71
N LYS A 147 14.11 8.07 3.69
CA LYS A 147 15.24 9.00 3.76
C LYS A 147 15.00 10.29 2.97
N ASN A 148 13.77 10.59 2.54
CA ASN A 148 13.44 11.83 1.85
C ASN A 148 12.06 12.33 2.30
N GLU A 149 11.69 13.52 1.85
CA GLU A 149 10.37 14.08 2.08
C GLU A 149 9.34 13.22 1.32
N PRO A 150 8.07 13.23 1.74
CA PRO A 150 7.01 12.48 1.09
C PRO A 150 6.77 12.95 -0.35
N SER A 151 7.18 14.17 -0.70
CA SER A 151 6.98 14.76 -2.02
C SER A 151 8.34 15.07 -2.66
N LYS A 152 9.40 14.40 -2.26
CA LYS A 152 10.67 14.46 -2.97
C LYS A 152 10.72 13.42 -4.08
N TYR A 153 10.44 12.14 -3.80
CA TYR A 153 10.59 11.11 -4.82
C TYR A 153 9.45 11.10 -5.84
N ILE A 154 8.33 11.73 -5.55
CA ILE A 154 7.18 11.82 -6.45
C ILE A 154 7.59 12.41 -7.81
N SER A 155 8.43 13.44 -7.80
CA SER A 155 8.91 14.09 -9.01
C SER A 155 9.97 13.23 -9.72
N ASP A 156 10.56 12.24 -9.04
CA ASP A 156 11.39 11.22 -9.67
C ASP A 156 10.45 10.21 -10.34
N ARG A 157 9.33 9.83 -9.70
CA ARG A 157 8.48 8.72 -10.17
C ARG A 157 8.10 8.89 -11.64
N LEU A 158 7.61 10.06 -12.02
CA LEU A 158 7.21 10.39 -13.39
C LEU A 158 8.35 10.05 -14.35
N ALA A 159 9.53 10.61 -14.12
CA ALA A 159 10.69 10.41 -14.99
C ALA A 159 11.20 8.97 -14.93
N ASN A 160 11.08 8.30 -13.79
CA ASN A 160 11.46 6.91 -13.56
C ASN A 160 10.52 5.94 -14.30
N GLY A 161 9.41 6.40 -14.87
CA GLY A 161 8.51 5.61 -15.71
C GLY A 161 7.07 5.58 -15.23
N ALA A 162 6.72 6.31 -14.18
CA ALA A 162 5.38 6.33 -13.61
C ALA A 162 4.54 7.45 -14.24
N THR A 163 3.29 7.58 -13.77
CA THR A 163 2.43 8.75 -13.90
C THR A 163 2.02 9.22 -12.49
N GLU A 164 1.24 10.30 -12.42
CA GLU A 164 0.51 10.74 -11.24
C GLU A 164 -0.96 10.33 -11.37
N GLN A 165 -1.71 10.50 -10.28
CA GLN A 165 -3.12 10.22 -10.11
C GLN A 165 -3.65 11.24 -9.13
N GLY A 1 -12.83 -24.88 -24.96
CA GLY A 1 -14.15 -24.72 -25.59
C GLY A 1 -14.66 -23.32 -25.28
N PRO A 2 -14.31 -22.30 -26.05
CA PRO A 2 -14.59 -20.92 -25.69
C PRO A 2 -16.10 -20.65 -25.78
N ALA A 3 -16.54 -19.57 -25.14
CA ALA A 3 -17.90 -19.08 -25.17
C ALA A 3 -17.94 -17.67 -25.77
N THR A 4 -19.12 -17.08 -25.88
CA THR A 4 -19.24 -15.65 -26.08
C THR A 4 -18.71 -14.90 -24.85
N LYS A 5 -18.35 -13.63 -25.04
CA LYS A 5 -18.16 -12.68 -23.95
C LYS A 5 -19.46 -12.53 -23.15
N THR A 6 -19.42 -11.77 -22.06
CA THR A 6 -20.59 -11.29 -21.37
C THR A 6 -20.34 -9.82 -21.05
N GLU A 7 -21.43 -9.05 -21.00
CA GLU A 7 -21.58 -7.68 -20.57
C GLU A 7 -22.81 -7.67 -19.68
N LYS A 8 -22.94 -6.69 -18.79
CA LYS A 8 -24.10 -6.35 -17.95
C LYS A 8 -23.66 -5.23 -17.00
N ASP A 9 -24.60 -4.58 -16.33
CA ASP A 9 -24.35 -3.43 -15.47
C ASP A 9 -24.63 -3.76 -14.01
N THR A 10 -23.75 -3.35 -13.09
CA THR A 10 -23.96 -3.45 -11.65
C THR A 10 -23.44 -2.17 -10.97
N LEU A 11 -24.36 -1.27 -10.60
CA LEU A 11 -24.09 -0.02 -9.89
C LEU A 11 -24.91 0.00 -8.60
N GLN A 12 -24.52 0.85 -7.64
CA GLN A 12 -25.15 1.09 -6.34
C GLN A 12 -24.90 2.55 -5.94
N SER A 13 -25.24 2.91 -4.70
CA SER A 13 -24.98 4.22 -4.12
C SER A 13 -24.50 4.09 -2.68
N ALA A 14 -23.99 5.18 -2.10
CA ALA A 14 -23.52 5.24 -0.73
C ALA A 14 -23.88 6.59 -0.13
N LEU A 15 -23.78 6.69 1.20
CA LEU A 15 -23.99 7.93 1.95
C LEU A 15 -22.69 8.73 2.02
N PRO A 16 -22.76 10.04 2.33
CA PRO A 16 -21.59 10.89 2.51
C PRO A 16 -20.82 10.58 3.80
N VAL A 17 -19.65 11.20 3.92
CA VAL A 17 -18.76 11.16 5.07
C VAL A 17 -18.83 12.49 5.84
N ILE A 18 -17.86 12.72 6.72
CA ILE A 18 -17.73 13.89 7.58
C ILE A 18 -16.30 14.43 7.42
N GLU A 19 -16.02 15.65 7.90
CA GLU A 19 -14.68 16.21 8.09
C GLU A 19 -14.60 16.77 9.51
N ASN A 20 -13.41 17.17 9.94
CA ASN A 20 -13.23 18.23 10.93
C ASN A 20 -11.92 18.94 10.59
N ALA A 21 -11.86 20.23 10.91
CA ALA A 21 -10.80 21.15 10.54
C ALA A 21 -9.57 21.13 11.45
N GLU A 22 -9.57 20.29 12.48
CA GLU A 22 -8.73 20.50 13.67
C GLU A 22 -7.23 20.32 13.46
N LYS A 23 -6.83 19.70 12.37
CA LYS A 23 -5.50 19.07 12.21
C LYS A 23 -4.81 19.55 10.92
N ASN A 24 -3.51 19.25 10.76
CA ASN A 24 -2.73 19.71 9.60
C ASN A 24 -3.12 18.89 8.36
N THR A 25 -3.07 19.50 7.18
CA THR A 25 -3.61 19.01 5.92
C THR A 25 -3.09 17.64 5.49
N VAL A 26 -3.96 16.64 5.53
CA VAL A 26 -3.70 15.32 4.94
C VAL A 26 -3.73 15.47 3.41
N VAL A 27 -2.56 15.66 2.81
CA VAL A 27 -2.41 15.46 1.39
C VAL A 27 -2.35 13.95 1.16
N THR A 28 -2.97 13.49 0.08
CA THR A 28 -2.99 12.09 -0.31
C THR A 28 -2.67 12.03 -1.80
N LYS A 29 -1.38 11.85 -2.14
CA LYS A 29 -0.95 11.60 -3.52
C LYS A 29 -1.12 10.14 -3.86
N THR A 30 -1.08 9.83 -5.14
CA THR A 30 -1.05 8.48 -5.68
C THR A 30 -0.06 8.49 -6.86
N LEU A 31 0.68 7.40 -7.09
CA LEU A 31 1.57 7.24 -8.23
C LEU A 31 1.21 6.00 -9.03
N VAL A 32 1.05 6.14 -10.35
CA VAL A 32 0.83 5.06 -11.31
C VAL A 32 2.21 4.52 -11.69
N LEU A 33 2.65 3.46 -11.04
CA LEU A 33 3.85 2.74 -11.44
C LEU A 33 3.54 1.93 -12.71
N PRO A 34 4.52 1.69 -13.60
CA PRO A 34 4.29 1.00 -14.88
C PRO A 34 3.83 -0.45 -14.69
N LYS A 35 3.36 -1.08 -15.79
CA LYS A 35 2.75 -2.42 -15.77
C LYS A 35 3.57 -3.40 -16.59
N SER A 36 3.32 -4.69 -16.39
CA SER A 36 3.91 -5.82 -17.10
C SER A 36 3.31 -5.96 -18.48
N ASP A 37 3.75 -5.12 -19.41
CA ASP A 37 3.19 -4.91 -20.74
C ASP A 37 1.74 -4.43 -20.61
N ASP A 38 0.83 -5.27 -20.13
CA ASP A 38 -0.54 -4.95 -19.78
C ASP A 38 -1.01 -6.06 -18.86
N GLY A 39 -1.29 -5.70 -17.62
CA GLY A 39 -2.20 -6.45 -16.76
C GLY A 39 -1.72 -6.27 -15.34
N SER A 40 -0.50 -6.73 -15.11
CA SER A 40 0.08 -6.74 -13.77
C SER A 40 0.66 -5.37 -13.45
N GLN A 41 -0.03 -4.60 -12.62
CA GLN A 41 0.26 -3.23 -12.26
C GLN A 41 0.20 -3.04 -10.74
N GLN A 42 0.71 -1.89 -10.28
CA GLN A 42 0.71 -1.42 -8.92
C GLN A 42 0.16 0.00 -8.93
N THR A 43 -0.09 0.53 -7.75
CA THR A 43 -0.18 1.97 -7.54
C THR A 43 0.48 2.22 -6.18
N GLN A 44 0.95 3.44 -5.86
CA GLN A 44 1.54 3.72 -4.57
C GLN A 44 1.01 5.04 -4.04
N THR A 45 0.30 4.97 -2.92
CA THR A 45 -0.35 6.10 -2.28
C THR A 45 0.66 6.77 -1.33
N ILE A 46 0.57 8.09 -1.13
CA ILE A 46 1.54 8.87 -0.39
C ILE A 46 0.73 9.82 0.47
N THR A 47 0.50 9.43 1.72
CA THR A 47 -0.07 10.36 2.67
C THR A 47 1.05 11.25 3.21
N TYR A 48 0.86 12.57 3.25
CA TYR A 48 1.75 13.47 3.95
C TYR A 48 1.01 14.71 4.46
N LYS A 49 1.62 15.45 5.40
CA LYS A 49 1.04 16.67 5.99
C LYS A 49 2.05 17.65 6.55
N ASP A 50 3.34 17.28 6.52
CA ASP A 50 4.40 18.11 7.06
C ASP A 50 5.59 18.00 6.12
N LYS A 51 6.49 17.00 6.27
CA LYS A 51 7.68 16.88 5.47
C LYS A 51 8.19 15.43 5.37
N THR A 52 7.44 14.47 5.88
CA THR A 52 7.79 13.05 5.84
C THR A 52 6.69 12.28 5.11
N PHE A 53 6.95 11.00 4.84
CA PHE A 53 5.98 9.99 4.48
C PHE A 53 5.26 9.57 5.76
N LEU A 54 4.05 10.05 6.01
CA LEU A 54 3.29 9.57 7.15
C LEU A 54 2.79 8.14 6.94
N SER A 55 2.41 7.79 5.70
CA SER A 55 1.93 6.45 5.39
C SER A 55 2.00 6.23 3.88
N LEU A 56 2.04 4.96 3.50
CA LEU A 56 2.27 4.49 2.14
C LEU A 56 1.43 3.24 1.95
N ALA A 57 0.54 3.25 0.96
CA ALA A 57 -0.26 2.10 0.58
C ALA A 57 0.08 1.69 -0.85
N ILE A 58 0.90 0.64 -1.02
CA ILE A 58 1.14 -0.01 -2.30
C ILE A 58 -0.09 -0.85 -2.66
N GLN A 59 -0.76 -0.48 -3.74
CA GLN A 59 -1.84 -1.22 -4.39
C GLN A 59 -1.21 -2.14 -5.43
N GLN A 60 -2.01 -3.11 -5.87
CA GLN A 60 -1.64 -4.19 -6.77
C GLN A 60 -2.88 -4.56 -7.59
N LYS A 61 -2.69 -4.92 -8.86
CA LYS A 61 -3.72 -5.47 -9.72
C LYS A 61 -3.06 -6.42 -10.70
N ARG A 62 -3.47 -7.67 -10.76
CA ARG A 62 -2.92 -8.64 -11.70
C ARG A 62 -4.01 -9.57 -12.23
N PRO A 63 -3.72 -10.31 -13.31
CA PRO A 63 -4.42 -11.55 -13.59
C PRO A 63 -4.21 -12.61 -12.51
N VAL A 64 -5.02 -13.67 -12.57
CA VAL A 64 -4.99 -14.88 -11.75
C VAL A 64 -3.99 -15.91 -12.33
N SER A 65 -4.10 -17.16 -11.90
CA SER A 65 -3.29 -18.31 -12.32
C SER A 65 -4.18 -19.39 -12.98
N ASP A 66 -3.58 -20.48 -13.47
CA ASP A 66 -4.31 -21.61 -14.08
C ASP A 66 -5.04 -22.44 -13.03
N GLU A 67 -4.42 -22.70 -11.88
CA GLU A 67 -5.09 -23.30 -10.73
C GLU A 67 -6.38 -22.53 -10.41
N LEU A 68 -6.27 -21.21 -10.44
CA LEU A 68 -7.37 -20.32 -10.15
C LEU A 68 -8.44 -20.43 -11.23
N LYS A 69 -8.09 -20.46 -12.52
CA LYS A 69 -9.07 -20.66 -13.59
C LYS A 69 -9.83 -21.97 -13.40
N THR A 70 -9.22 -22.97 -12.78
CA THR A 70 -9.90 -24.20 -12.42
C THR A 70 -10.91 -23.88 -11.30
N TYR A 71 -10.45 -23.37 -10.16
CA TYR A 71 -11.29 -23.11 -8.99
C TYR A 71 -12.47 -22.17 -9.31
N ILE A 72 -12.25 -21.11 -10.08
CA ILE A 72 -13.25 -20.11 -10.46
C ILE A 72 -14.37 -20.76 -11.29
N ASP A 73 -14.06 -21.81 -12.05
CA ASP A 73 -15.05 -22.53 -12.85
C ASP A 73 -15.81 -23.51 -11.94
N GLN A 74 -15.07 -24.26 -11.12
CA GLN A 74 -15.56 -25.31 -10.24
C GLN A 74 -16.48 -24.76 -9.14
N HIS A 75 -16.11 -23.63 -8.53
CA HIS A 75 -16.76 -23.05 -7.36
C HIS A 75 -17.49 -21.78 -7.80
N GLY A 76 -16.75 -20.73 -8.16
CA GLY A 76 -17.27 -19.48 -8.71
C GLY A 76 -16.42 -18.32 -8.21
N VAL A 77 -16.48 -17.17 -8.87
CA VAL A 77 -15.81 -15.94 -8.49
C VAL A 77 -16.13 -15.53 -7.05
N GLU A 78 -17.35 -15.80 -6.57
CA GLU A 78 -17.77 -15.52 -5.20
C GLU A 78 -16.95 -16.35 -4.24
N GLU A 79 -16.90 -17.67 -4.43
CA GLU A 79 -16.11 -18.58 -3.64
C GLU A 79 -14.62 -18.23 -3.76
N THR A 80 -14.19 -17.75 -4.93
CA THR A 80 -12.81 -17.43 -5.14
C THR A 80 -12.43 -16.18 -4.34
N GLN A 81 -13.31 -15.16 -4.27
CA GLN A 81 -13.07 -14.02 -3.40
C GLN A 81 -12.82 -14.58 -1.97
N LYS A 82 -13.63 -15.56 -1.52
CA LYS A 82 -13.55 -16.11 -0.16
C LYS A 82 -12.23 -16.88 0.04
N ALA A 83 -11.78 -17.57 -1.00
CA ALA A 83 -10.51 -18.30 -0.97
C ALA A 83 -9.34 -17.36 -0.70
N LEU A 84 -9.43 -16.08 -1.09
CA LEU A 84 -8.37 -15.12 -0.88
C LEU A 84 -8.09 -15.00 0.61
N LEU A 85 -9.11 -14.66 1.41
CA LEU A 85 -8.97 -14.41 2.85
C LEU A 85 -8.38 -15.65 3.52
N GLU A 86 -8.93 -16.81 3.15
CA GLU A 86 -8.55 -18.12 3.67
C GLU A 86 -7.07 -18.48 3.46
N ALA A 87 -6.43 -17.89 2.47
CA ALA A 87 -5.00 -18.01 2.23
C ALA A 87 -4.21 -16.94 2.97
N GLU A 88 -4.68 -15.69 3.00
CA GLU A 88 -3.95 -14.62 3.69
C GLU A 88 -3.89 -14.90 5.19
N GLU A 89 -4.89 -15.59 5.76
CA GLU A 89 -4.86 -15.99 7.17
C GLU A 89 -3.86 -17.10 7.46
N LYS A 90 -3.33 -17.79 6.44
CA LYS A 90 -2.53 -18.99 6.62
C LYS A 90 -1.08 -18.80 6.17
N ASP A 91 -0.71 -17.65 5.59
CA ASP A 91 0.63 -17.44 5.07
C ASP A 91 1.61 -17.09 6.18
N LYS A 92 2.75 -17.78 6.24
CA LYS A 92 3.81 -17.57 7.23
C LYS A 92 4.26 -16.10 7.22
N SER A 93 4.45 -15.55 6.03
CA SER A 93 5.04 -14.24 5.81
C SER A 93 4.07 -13.16 6.23
N ILE A 94 2.78 -13.35 5.94
CA ILE A 94 1.74 -12.42 6.33
C ILE A 94 1.63 -12.43 7.86
N ILE A 95 1.57 -13.60 8.51
CA ILE A 95 1.45 -13.73 9.97
C ILE A 95 2.63 -13.05 10.66
N GLU A 96 3.84 -13.19 10.10
CA GLU A 96 5.01 -12.46 10.58
C GLU A 96 4.71 -10.96 10.63
N ALA A 97 4.26 -10.36 9.51
CA ALA A 97 4.03 -8.93 9.44
C ALA A 97 2.81 -8.53 10.30
N ARG A 98 1.81 -9.40 10.45
CA ARG A 98 0.65 -9.15 11.32
C ARG A 98 1.06 -9.02 12.80
N LYS A 99 2.29 -9.34 13.22
CA LYS A 99 2.76 -9.04 14.56
C LYS A 99 2.74 -7.53 14.82
N LEU A 100 3.04 -6.69 13.82
CA LEU A 100 3.16 -5.25 13.95
C LEU A 100 1.75 -4.66 14.18
N ALA A 101 1.63 -3.50 14.82
CA ALA A 101 0.36 -2.77 14.92
C ALA A 101 0.20 -1.70 13.84
N GLY A 102 0.91 -1.86 12.74
CA GLY A 102 1.20 -0.80 11.79
C GLY A 102 1.32 -1.33 10.36
N PHE A 103 0.96 -2.59 10.12
CA PHE A 103 1.00 -3.25 8.84
C PHE A 103 -0.41 -3.76 8.59
N LYS A 104 -1.04 -3.33 7.49
CA LYS A 104 -2.26 -3.91 7.00
C LYS A 104 -1.98 -4.45 5.62
N LEU A 105 -2.76 -5.45 5.25
CA LEU A 105 -2.73 -6.10 3.95
C LEU A 105 -4.16 -6.50 3.67
N GLU A 106 -4.64 -6.28 2.46
CA GLU A 106 -5.93 -6.73 2.01
C GLU A 106 -5.81 -7.20 0.57
N THR A 107 -6.87 -7.83 0.11
CA THR A 107 -7.01 -8.41 -1.21
C THR A 107 -8.48 -8.23 -1.59
N LYS A 108 -8.78 -8.17 -2.88
CA LYS A 108 -10.14 -8.29 -3.37
C LYS A 108 -10.11 -8.90 -4.74
N LEU A 109 -11.06 -9.77 -5.01
CA LEU A 109 -11.31 -10.36 -6.28
C LEU A 109 -12.07 -9.38 -7.15
N LEU A 110 -11.46 -8.99 -8.26
CA LEU A 110 -12.13 -8.20 -9.29
C LEU A 110 -13.13 -9.04 -10.07
N SER A 111 -12.83 -10.29 -10.48
CA SER A 111 -13.50 -10.93 -11.62
C SER A 111 -12.85 -12.29 -11.91
N ALA A 112 -13.46 -13.07 -12.81
CA ALA A 112 -13.06 -14.45 -13.10
C ALA A 112 -11.64 -14.59 -13.67
N THR A 113 -10.94 -13.50 -14.00
CA THR A 113 -9.57 -13.59 -14.48
C THR A 113 -8.60 -12.65 -13.78
N GLU A 114 -9.01 -11.89 -12.75
CA GLU A 114 -8.18 -10.86 -12.11
C GLU A 114 -8.51 -10.70 -10.62
N LEU A 115 -7.49 -10.33 -9.83
CA LEU A 115 -7.60 -9.93 -8.42
C LEU A 115 -6.82 -8.63 -8.20
N GLN A 116 -6.97 -8.02 -7.02
CA GLN A 116 -6.20 -6.89 -6.54
C GLN A 116 -5.62 -7.25 -5.16
N THR A 117 -4.55 -6.56 -4.76
CA THR A 117 -4.01 -6.60 -3.40
C THR A 117 -3.70 -5.14 -3.00
N THR A 118 -3.60 -4.85 -1.71
CA THR A 118 -3.12 -3.57 -1.21
C THR A 118 -2.39 -3.87 0.10
N THR A 119 -1.25 -3.22 0.34
CA THR A 119 -0.47 -3.32 1.56
C THR A 119 -0.34 -1.89 2.08
N SER A 120 -0.81 -1.63 3.29
CA SER A 120 -0.74 -0.33 3.95
C SER A 120 0.36 -0.41 5.00
N PHE A 121 1.24 0.58 4.98
CA PHE A 121 2.34 0.75 5.89
C PHE A 121 2.05 2.04 6.64
N ASP A 122 1.47 1.89 7.83
CA ASP A 122 1.19 3.00 8.72
C ASP A 122 2.52 3.33 9.39
N PHE A 123 3.37 4.14 8.75
CA PHE A 123 4.73 4.44 9.24
C PHE A 123 4.75 5.01 10.66
N GLN A 124 3.61 5.50 11.16
CA GLN A 124 3.46 6.00 12.51
C GLN A 124 3.61 4.87 13.54
N VAL A 125 3.29 3.64 13.17
CA VAL A 125 3.22 2.50 14.08
C VAL A 125 4.08 1.32 13.59
N LEU A 126 4.53 1.36 12.32
CA LEU A 126 5.40 0.35 11.73
C LEU A 126 6.76 0.34 12.43
N ASP A 127 7.17 -0.79 13.01
CA ASP A 127 8.55 -1.02 13.45
C ASP A 127 9.39 -1.15 12.16
N VAL A 128 9.77 -0.04 11.54
CA VAL A 128 10.59 -0.01 10.33
C VAL A 128 11.84 -0.86 10.55
N LYS A 129 12.38 -0.84 11.77
CA LYS A 129 13.58 -1.57 12.13
C LYS A 129 13.45 -3.08 12.00
N LYS A 130 12.24 -3.65 12.09
CA LYS A 130 11.96 -5.04 11.86
C LYS A 130 11.29 -5.26 10.51
N ALA A 131 10.55 -4.27 10.00
CA ALA A 131 9.82 -4.38 8.75
C ALA A 131 10.77 -4.84 7.64
N SER A 132 11.89 -4.14 7.46
CA SER A 132 12.82 -4.34 6.35
C SER A 132 13.60 -5.65 6.40
N GLN A 133 13.39 -6.47 7.43
CA GLN A 133 14.02 -7.77 7.59
C GLN A 133 12.98 -8.91 7.50
N LEU A 134 11.68 -8.59 7.38
CA LEU A 134 10.62 -9.57 7.18
C LEU A 134 10.61 -10.04 5.73
N GLU A 135 10.52 -11.35 5.50
CA GLU A 135 10.43 -11.98 4.18
C GLU A 135 9.30 -11.39 3.32
N HIS A 136 8.19 -10.91 3.90
CA HIS A 136 7.12 -10.29 3.12
C HIS A 136 7.55 -8.94 2.51
N LEU A 137 8.50 -8.23 3.13
CA LEU A 137 8.78 -6.80 2.88
C LEU A 137 10.22 -6.54 2.44
N LYS A 138 11.09 -7.54 2.56
CA LYS A 138 12.51 -7.52 2.20
C LYS A 138 12.72 -7.17 0.74
N ASN A 139 11.72 -7.43 -0.08
CA ASN A 139 11.72 -7.16 -1.50
C ASN A 139 11.45 -5.68 -1.84
N ILE A 140 10.83 -4.94 -0.92
CA ILE A 140 10.49 -3.54 -1.14
C ILE A 140 11.76 -2.72 -0.82
N GLY A 141 11.88 -1.53 -1.39
CA GLY A 141 12.95 -0.58 -1.10
C GLY A 141 12.53 0.43 -0.04
N LEU A 142 11.78 -0.01 0.98
CA LEU A 142 11.15 0.91 1.92
C LEU A 142 12.16 1.77 2.68
N GLU A 143 13.31 1.20 3.01
CA GLU A 143 14.35 1.92 3.75
C GLU A 143 14.99 3.03 2.90
N ASN A 144 14.63 3.11 1.62
CA ASN A 144 15.08 4.13 0.67
C ASN A 144 13.96 5.08 0.28
N LEU A 145 12.71 4.63 0.35
CA LEU A 145 11.55 5.50 0.36
C LEU A 145 11.70 6.44 1.56
N LEU A 146 11.79 5.85 2.75
CA LEU A 146 11.72 6.53 4.04
C LEU A 146 13.08 7.11 4.43
N LYS A 147 13.62 7.99 3.58
CA LYS A 147 14.86 8.71 3.82
C LYS A 147 14.84 10.14 3.28
N ASN A 148 13.81 10.52 2.54
CA ASN A 148 13.70 11.81 1.87
C ASN A 148 12.29 12.37 2.09
N GLU A 149 12.00 13.55 1.53
CA GLU A 149 10.71 14.20 1.73
C GLU A 149 9.68 13.54 0.80
N PRO A 150 8.37 13.61 1.11
CA PRO A 150 7.35 12.90 0.33
C PRO A 150 7.24 13.43 -1.09
N SER A 151 7.70 14.66 -1.37
CA SER A 151 7.57 15.32 -2.69
C SER A 151 8.90 15.31 -3.42
N LYS A 152 9.99 15.00 -2.73
CA LYS A 152 11.31 14.97 -3.32
C LYS A 152 11.42 13.79 -4.27
N TYR A 153 11.06 12.56 -3.86
CA TYR A 153 11.23 11.45 -4.77
C TYR A 153 10.17 11.41 -5.88
N ILE A 154 9.00 12.05 -5.72
CA ILE A 154 7.90 12.00 -6.70
C ILE A 154 8.42 12.41 -8.08
N SER A 155 9.19 13.49 -8.15
CA SER A 155 9.76 13.96 -9.41
C SER A 155 10.61 12.89 -10.10
N ASP A 156 11.32 12.06 -9.32
CA ASP A 156 12.14 10.97 -9.82
C ASP A 156 11.34 9.71 -10.09
N ARG A 157 10.25 9.48 -9.37
CA ARG A 157 9.31 8.42 -9.66
C ARG A 157 8.77 8.60 -11.07
N LEU A 158 8.25 9.78 -11.39
CA LEU A 158 7.84 10.18 -12.74
C LEU A 158 8.95 9.78 -13.72
N ALA A 159 10.17 10.30 -13.50
CA ALA A 159 11.35 10.04 -14.31
C ALA A 159 11.90 8.60 -14.23
N ASN A 160 11.15 7.67 -13.62
CA ASN A 160 11.35 6.23 -13.66
C ASN A 160 10.07 5.56 -14.14
N GLY A 161 9.63 5.93 -15.35
CA GLY A 161 8.62 5.24 -16.13
C GLY A 161 7.24 5.29 -15.52
N ALA A 162 6.97 6.24 -14.62
CA ALA A 162 5.73 6.24 -13.84
C ALA A 162 4.98 7.57 -14.02
N THR A 163 3.81 7.68 -13.40
CA THR A 163 2.96 8.85 -13.52
C THR A 163 2.25 9.19 -12.21
N GLU A 164 1.45 10.25 -12.23
CA GLU A 164 0.68 10.82 -11.12
C GLU A 164 -0.81 10.66 -11.44
N GLN A 165 -1.68 10.81 -10.44
CA GLN A 165 -3.13 10.74 -10.59
C GLN A 165 -3.71 12.12 -10.34
N GLY A 1 8.06 16.94 73.61
CA GLY A 1 8.52 18.11 74.36
C GLY A 1 8.06 19.32 73.57
N PRO A 2 8.90 19.90 72.69
CA PRO A 2 8.40 20.39 71.43
C PRO A 2 7.82 19.22 70.63
N ALA A 3 7.10 19.52 69.54
CA ALA A 3 6.64 18.55 68.54
C ALA A 3 6.48 19.31 67.21
N THR A 4 6.38 18.59 66.11
CA THR A 4 6.27 19.09 64.75
C THR A 4 5.30 18.18 63.97
N LYS A 5 5.20 18.35 62.66
CA LYS A 5 4.72 17.34 61.72
C LYS A 5 5.42 17.62 60.38
N THR A 6 5.23 16.76 59.38
CA THR A 6 5.73 16.96 58.03
C THR A 6 4.71 16.33 57.07
N GLU A 7 3.71 17.12 56.67
CA GLU A 7 2.81 16.86 55.56
C GLU A 7 3.58 16.96 54.23
N LYS A 8 2.89 16.81 53.08
CA LYS A 8 3.46 16.77 51.74
C LYS A 8 2.65 17.69 50.84
N ASP A 9 3.28 18.14 49.74
CA ASP A 9 2.60 18.74 48.60
C ASP A 9 1.94 17.63 47.76
N THR A 10 0.96 17.99 46.93
CA THR A 10 0.62 17.29 45.69
C THR A 10 0.08 18.34 44.70
N LEU A 11 0.98 19.04 44.02
CA LEU A 11 0.64 19.93 42.91
C LEU A 11 -0.05 19.16 41.78
N GLN A 12 -0.64 19.91 40.84
CA GLN A 12 -1.44 19.40 39.74
C GLN A 12 -0.86 19.95 38.42
N SER A 13 -1.55 19.75 37.29
CA SER A 13 -1.03 20.10 35.96
C SER A 13 -2.11 20.75 35.10
N ALA A 14 -1.68 21.39 34.00
CA ALA A 14 -2.56 22.13 33.12
C ALA A 14 -3.32 21.18 32.17
N LEU A 15 -4.48 21.65 31.75
CA LEU A 15 -5.32 21.07 30.70
C LEU A 15 -4.70 21.33 29.32
N PRO A 16 -5.04 20.53 28.29
CA PRO A 16 -4.68 20.83 26.90
C PRO A 16 -5.39 22.07 26.38
N VAL A 17 -4.80 22.68 25.37
CA VAL A 17 -5.28 23.89 24.68
C VAL A 17 -5.43 23.54 23.20
N ILE A 18 -6.11 24.40 22.43
CA ILE A 18 -6.37 24.24 21.01
C ILE A 18 -5.94 25.55 20.33
N GLU A 19 -5.49 25.48 19.08
CA GLU A 19 -5.36 26.62 18.19
C GLU A 19 -5.98 26.23 16.84
N ASN A 20 -6.25 27.22 15.99
CA ASN A 20 -6.51 27.03 14.56
C ASN A 20 -5.76 28.11 13.83
N ALA A 21 -5.25 27.77 12.65
CA ALA A 21 -4.46 28.65 11.80
C ALA A 21 -4.54 28.12 10.37
N GLU A 22 -3.95 28.85 9.43
CA GLU A 22 -3.34 28.29 8.24
C GLU A 22 -2.17 27.45 8.77
N LYS A 23 -2.44 26.16 8.91
CA LYS A 23 -1.49 25.17 9.40
C LYS A 23 -1.37 24.06 8.35
N ASN A 24 -0.17 23.51 8.19
CA ASN A 24 0.12 22.47 7.20
C ASN A 24 -0.79 21.26 7.38
N THR A 25 -1.57 20.91 6.35
CA THR A 25 -2.47 19.77 6.42
C THR A 25 -1.78 18.48 5.96
N VAL A 26 -2.43 17.35 6.24
CA VAL A 26 -2.05 16.03 5.76
C VAL A 26 -2.50 15.92 4.30
N VAL A 27 -1.56 15.58 3.42
CA VAL A 27 -1.77 15.34 2.01
C VAL A 27 -1.79 13.84 1.76
N THR A 28 -2.09 13.41 0.53
CA THR A 28 -1.99 12.01 0.11
C THR A 28 -1.78 12.00 -1.41
N LYS A 29 -0.54 11.80 -1.86
CA LYS A 29 -0.18 11.69 -3.27
C LYS A 29 -0.39 10.26 -3.72
N THR A 30 -0.69 10.07 -5.00
CA THR A 30 -1.07 8.75 -5.48
C THR A 30 -0.67 8.55 -6.92
N LEU A 31 0.29 7.66 -7.15
CA LEU A 31 0.97 7.53 -8.42
C LEU A 31 0.50 6.28 -9.13
N VAL A 32 -0.01 6.45 -10.33
CA VAL A 32 -0.33 5.42 -11.30
C VAL A 32 0.99 4.99 -11.93
N LEU A 33 1.57 3.87 -11.47
CA LEU A 33 2.78 3.32 -12.06
C LEU A 33 2.41 2.54 -13.34
N PRO A 34 3.34 2.42 -14.31
CA PRO A 34 3.14 1.67 -15.56
C PRO A 34 2.95 0.17 -15.29
N LYS A 35 2.66 -0.64 -16.31
CA LYS A 35 2.51 -2.08 -16.09
C LYS A 35 3.80 -2.65 -15.51
N SER A 36 3.71 -3.80 -14.85
CA SER A 36 4.82 -4.52 -14.24
C SER A 36 5.41 -5.55 -15.23
N ASP A 37 5.43 -5.25 -16.53
CA ASP A 37 5.65 -6.19 -17.66
C ASP A 37 4.51 -7.20 -17.76
N ASP A 38 4.25 -7.95 -16.69
CA ASP A 38 3.29 -9.02 -16.43
C ASP A 38 1.81 -8.65 -16.67
N GLY A 39 1.50 -7.45 -17.18
CA GLY A 39 0.14 -6.99 -17.45
C GLY A 39 -0.61 -6.64 -16.16
N SER A 40 0.09 -6.72 -15.04
CA SER A 40 -0.23 -6.18 -13.75
C SER A 40 -0.06 -4.67 -13.83
N GLN A 41 -0.84 -3.95 -13.05
CA GLN A 41 -0.73 -2.53 -12.78
C GLN A 41 -0.74 -2.38 -11.26
N GLN A 42 -0.11 -1.34 -10.74
CA GLN A 42 0.02 -1.05 -9.32
C GLN A 42 0.02 0.46 -9.16
N THR A 43 -0.37 0.94 -7.98
CA THR A 43 -0.42 2.36 -7.63
C THR A 43 0.36 2.52 -6.32
N GLN A 44 0.78 3.73 -5.95
CA GLN A 44 1.46 3.98 -4.67
C GLN A 44 0.93 5.25 -4.00
N THR A 45 0.42 5.12 -2.78
CA THR A 45 -0.15 6.18 -1.97
C THR A 45 0.94 6.74 -1.03
N ILE A 46 1.12 8.06 -0.92
CA ILE A 46 2.08 8.74 -0.06
C ILE A 46 1.37 9.82 0.76
N THR A 47 0.97 9.46 1.98
CA THR A 47 0.53 10.41 3.00
C THR A 47 1.76 11.10 3.59
N TYR A 48 1.81 12.43 3.59
CA TYR A 48 2.76 13.18 4.40
C TYR A 48 2.09 14.44 4.93
N LYS A 49 2.77 15.21 5.80
CA LYS A 49 2.23 16.53 6.18
C LYS A 49 3.23 17.61 6.53
N ASP A 50 4.51 17.28 6.59
CA ASP A 50 5.59 18.22 6.85
C ASP A 50 6.72 17.90 5.88
N LYS A 51 7.60 16.96 6.27
CA LYS A 51 8.80 16.57 5.52
C LYS A 51 9.06 15.07 5.62
N THR A 52 8.14 14.30 6.20
CA THR A 52 8.37 12.88 6.47
C THR A 52 7.23 12.04 5.90
N PHE A 53 7.52 10.80 5.50
CA PHE A 53 6.56 9.78 5.17
C PHE A 53 5.68 9.47 6.40
N LEU A 54 4.39 9.80 6.36
CA LEU A 54 3.45 9.43 7.42
C LEU A 54 2.76 8.10 7.15
N SER A 55 2.39 7.80 5.91
CA SER A 55 1.77 6.52 5.57
C SER A 55 2.05 6.20 4.10
N LEU A 56 2.18 4.92 3.77
CA LEU A 56 2.41 4.41 2.43
C LEU A 56 1.41 3.29 2.15
N ALA A 57 1.04 3.09 0.90
CA ALA A 57 0.45 1.85 0.44
C ALA A 57 0.99 1.54 -0.96
N ILE A 58 0.92 0.26 -1.35
CA ILE A 58 1.22 -0.21 -2.69
C ILE A 58 -0.04 -0.98 -3.09
N GLN A 59 -0.83 -0.37 -3.98
CA GLN A 59 -2.05 -0.94 -4.57
C GLN A 59 -1.61 -1.85 -5.70
N GLN A 60 -2.31 -2.95 -5.94
CA GLN A 60 -1.93 -4.00 -6.89
C GLN A 60 -3.19 -4.50 -7.63
N LYS A 61 -3.05 -4.87 -8.91
CA LYS A 61 -4.12 -5.38 -9.76
C LYS A 61 -3.50 -6.15 -10.92
N ARG A 62 -3.91 -7.39 -11.18
CA ARG A 62 -3.45 -8.16 -12.35
C ARG A 62 -4.43 -9.29 -12.66
N PRO A 63 -4.41 -9.82 -13.90
CA PRO A 63 -5.26 -10.94 -14.27
C PRO A 63 -4.77 -12.18 -13.54
N VAL A 64 -5.68 -13.12 -13.30
CA VAL A 64 -5.32 -14.39 -12.68
C VAL A 64 -4.54 -15.24 -13.69
N SER A 65 -3.75 -16.20 -13.21
CA SER A 65 -2.95 -17.10 -14.03
C SER A 65 -3.73 -18.41 -14.20
N ASP A 66 -3.25 -19.27 -15.10
CA ASP A 66 -3.93 -20.45 -15.57
C ASP A 66 -4.19 -21.45 -14.45
N GLU A 67 -3.32 -21.51 -13.44
CA GLU A 67 -3.54 -22.34 -12.26
C GLU A 67 -4.82 -21.92 -11.54
N LEU A 68 -4.92 -20.67 -11.08
CA LEU A 68 -6.09 -20.20 -10.32
C LEU A 68 -7.34 -20.15 -11.19
N LYS A 69 -7.18 -19.96 -12.50
CA LYS A 69 -8.28 -20.05 -13.47
C LYS A 69 -9.01 -21.39 -13.32
N THR A 70 -8.30 -22.48 -13.01
CA THR A 70 -8.94 -23.77 -12.71
C THR A 70 -9.89 -23.61 -11.51
N TYR A 71 -9.43 -23.15 -10.34
CA TYR A 71 -10.29 -23.07 -9.16
C TYR A 71 -11.54 -22.22 -9.48
N ILE A 72 -11.36 -21.11 -10.19
CA ILE A 72 -12.43 -20.20 -10.55
C ILE A 72 -13.45 -20.88 -11.47
N ASP A 73 -13.03 -21.79 -12.35
CA ASP A 73 -13.93 -22.64 -13.11
C ASP A 73 -14.68 -23.59 -12.17
N GLN A 74 -13.90 -24.38 -11.43
CA GLN A 74 -14.30 -25.61 -10.78
C GLN A 74 -15.26 -25.33 -9.60
N HIS A 75 -15.02 -24.22 -8.90
CA HIS A 75 -15.81 -23.76 -7.78
C HIS A 75 -16.67 -22.59 -8.25
N GLY A 76 -16.03 -21.45 -8.51
CA GLY A 76 -16.66 -20.22 -8.91
C GLY A 76 -15.92 -19.05 -8.29
N VAL A 77 -16.03 -17.88 -8.91
CA VAL A 77 -15.53 -16.63 -8.36
C VAL A 77 -16.05 -16.38 -6.93
N GLU A 78 -17.29 -16.78 -6.63
CA GLU A 78 -17.91 -16.61 -5.32
C GLU A 78 -17.15 -17.34 -4.21
N GLU A 79 -16.67 -18.57 -4.47
CA GLU A 79 -15.78 -19.25 -3.51
C GLU A 79 -14.38 -18.66 -3.63
N THR A 80 -13.93 -18.31 -4.83
CA THR A 80 -12.54 -17.89 -5.01
C THR A 80 -12.26 -16.66 -4.16
N GLN A 81 -13.18 -15.67 -4.09
CA GLN A 81 -12.97 -14.50 -3.24
C GLN A 81 -12.61 -14.98 -1.81
N LYS A 82 -13.27 -16.01 -1.29
CA LYS A 82 -13.02 -16.56 0.04
C LYS A 82 -11.59 -17.05 0.11
N ALA A 83 -11.20 -17.89 -0.85
CA ALA A 83 -9.94 -18.62 -0.86
C ALA A 83 -8.72 -17.71 -0.65
N LEU A 84 -8.69 -16.50 -1.25
CA LEU A 84 -7.74 -15.45 -0.92
C LEU A 84 -7.67 -15.26 0.59
N LEU A 85 -8.76 -14.78 1.17
CA LEU A 85 -8.87 -14.25 2.52
C LEU A 85 -8.50 -15.33 3.54
N GLU A 86 -8.96 -16.55 3.25
CA GLU A 86 -8.71 -17.81 3.93
C GLU A 86 -7.22 -18.22 3.94
N ALA A 87 -6.46 -17.76 2.95
CA ALA A 87 -5.01 -17.92 2.87
C ALA A 87 -4.29 -16.74 3.54
N GLU A 88 -4.73 -15.52 3.28
CA GLU A 88 -4.12 -14.31 3.80
C GLU A 88 -4.17 -14.22 5.32
N GLU A 89 -5.15 -14.88 5.94
CA GLU A 89 -5.25 -14.95 7.40
C GLU A 89 -4.17 -15.83 8.02
N LYS A 90 -3.64 -16.80 7.26
CA LYS A 90 -2.86 -17.91 7.80
C LYS A 90 -1.47 -18.05 7.20
N ASP A 91 -1.15 -17.28 6.17
CA ASP A 91 0.17 -17.25 5.56
C ASP A 91 1.18 -16.81 6.60
N LYS A 92 2.16 -17.66 6.94
CA LYS A 92 3.18 -17.30 7.91
C LYS A 92 3.84 -15.96 7.57
N SER A 93 4.09 -15.69 6.29
CA SER A 93 4.79 -14.48 5.88
C SER A 93 3.93 -13.23 6.12
N ILE A 94 2.61 -13.38 6.23
CA ILE A 94 1.65 -12.30 6.45
C ILE A 94 1.37 -12.17 7.97
N ILE A 95 1.40 -13.26 8.73
CA ILE A 95 1.20 -13.27 10.17
C ILE A 95 2.27 -12.44 10.86
N GLU A 96 3.53 -12.63 10.49
CA GLU A 96 4.63 -11.85 11.08
C GLU A 96 4.39 -10.36 10.80
N ALA A 97 3.86 -10.00 9.62
CA ALA A 97 3.56 -8.63 9.26
C ALA A 97 2.45 -8.05 10.15
N ARG A 98 1.38 -8.81 10.41
CA ARG A 98 0.31 -8.39 11.32
C ARG A 98 0.77 -8.19 12.78
N LYS A 99 1.99 -8.55 13.19
CA LYS A 99 2.50 -8.23 14.53
C LYS A 99 2.96 -6.77 14.63
N LEU A 100 3.14 -6.03 13.53
CA LEU A 100 3.48 -4.63 13.58
C LEU A 100 2.25 -3.78 13.87
N ALA A 101 2.43 -2.69 14.59
CA ALA A 101 1.33 -1.83 15.03
C ALA A 101 0.92 -0.78 14.01
N GLY A 102 1.21 -1.04 12.75
CA GLY A 102 1.02 -0.09 11.66
C GLY A 102 1.11 -0.79 10.32
N PHE A 103 0.85 -2.09 10.29
CA PHE A 103 0.79 -2.82 9.03
C PHE A 103 -0.67 -3.10 8.70
N LYS A 104 -1.02 -3.14 7.41
CA LYS A 104 -2.27 -3.73 6.96
C LYS A 104 -2.11 -4.35 5.59
N LEU A 105 -3.06 -5.20 5.24
CA LEU A 105 -3.19 -5.82 3.93
C LEU A 105 -4.68 -5.82 3.62
N GLU A 106 -5.07 -5.74 2.36
CA GLU A 106 -6.39 -6.07 1.89
C GLU A 106 -6.24 -6.87 0.60
N THR A 107 -7.21 -7.72 0.34
CA THR A 107 -7.36 -8.43 -0.91
C THR A 107 -8.78 -8.15 -1.40
N LYS A 108 -9.01 -8.24 -2.70
CA LYS A 108 -10.31 -8.32 -3.30
C LYS A 108 -10.17 -9.17 -4.54
N LEU A 109 -11.17 -9.99 -4.76
CA LEU A 109 -11.35 -10.66 -6.01
C LEU A 109 -12.18 -9.71 -6.84
N LEU A 110 -11.65 -9.21 -7.94
CA LEU A 110 -12.41 -8.36 -8.83
C LEU A 110 -13.49 -9.18 -9.53
N SER A 111 -13.20 -10.40 -10.00
CA SER A 111 -14.07 -11.05 -10.99
C SER A 111 -13.56 -12.45 -11.26
N ALA A 112 -14.26 -13.22 -12.08
CA ALA A 112 -13.79 -14.53 -12.51
C ALA A 112 -12.48 -14.49 -13.34
N THR A 113 -11.84 -13.34 -13.54
CA THR A 113 -10.61 -13.23 -14.32
C THR A 113 -9.54 -12.28 -13.73
N GLU A 114 -9.79 -11.58 -12.62
CA GLU A 114 -8.85 -10.61 -12.06
C GLU A 114 -8.88 -10.57 -10.53
N LEU A 115 -7.74 -10.31 -9.88
CA LEU A 115 -7.65 -10.01 -8.44
C LEU A 115 -7.15 -8.57 -8.22
N GLN A 116 -7.19 -8.13 -6.98
CA GLN A 116 -6.71 -6.84 -6.51
C GLN A 116 -6.19 -7.05 -5.08
N THR A 117 -5.10 -6.37 -4.73
CA THR A 117 -4.48 -6.45 -3.41
C THR A 117 -3.91 -5.07 -3.09
N THR A 118 -3.69 -4.75 -1.83
CA THR A 118 -3.01 -3.52 -1.43
C THR A 118 -2.33 -3.82 -0.10
N THR A 119 -1.03 -3.59 -0.01
CA THR A 119 -0.33 -3.53 1.27
C THR A 119 -0.39 -2.07 1.73
N SER A 120 -0.63 -1.85 3.03
CA SER A 120 -0.56 -0.53 3.66
C SER A 120 0.49 -0.54 4.78
N PHE A 121 1.08 0.63 5.06
CA PHE A 121 2.15 0.85 6.02
C PHE A 121 1.92 2.21 6.69
N ASP A 122 1.41 2.20 7.91
CA ASP A 122 1.09 3.36 8.72
C ASP A 122 2.39 3.80 9.42
N PHE A 123 3.29 4.54 8.74
CA PHE A 123 4.59 4.92 9.32
C PHE A 123 4.49 5.67 10.64
N GLN A 124 3.35 6.30 10.93
CA GLN A 124 3.04 6.91 12.22
C GLN A 124 3.19 5.92 13.39
N VAL A 125 3.06 4.61 13.13
CA VAL A 125 3.11 3.55 14.14
C VAL A 125 3.80 2.26 13.64
N LEU A 126 4.27 2.17 12.38
CA LEU A 126 4.98 0.99 11.86
C LEU A 126 6.47 1.09 12.19
N ASP A 127 7.05 -0.05 12.52
CA ASP A 127 8.46 -0.26 12.83
C ASP A 127 9.15 -0.62 11.52
N VAL A 128 9.51 0.40 10.73
CA VAL A 128 10.02 0.19 9.37
C VAL A 128 11.27 -0.69 9.42
N LYS A 129 12.02 -0.59 10.53
CA LYS A 129 13.16 -1.43 10.88
C LYS A 129 12.75 -2.88 10.66
N LYS A 130 11.69 -3.35 11.33
CA LYS A 130 11.21 -4.70 11.22
C LYS A 130 10.40 -4.92 9.94
N ALA A 131 9.65 -3.94 9.41
CA ALA A 131 8.85 -4.15 8.21
C ALA A 131 9.70 -4.65 7.05
N SER A 132 10.88 -4.06 6.84
CA SER A 132 11.77 -4.43 5.74
C SER A 132 12.35 -5.84 5.90
N GLN A 133 12.12 -6.51 7.04
CA GLN A 133 12.68 -7.81 7.38
C GLN A 133 11.61 -8.90 7.23
N LEU A 134 10.41 -8.57 6.75
CA LEU A 134 9.28 -9.50 6.64
C LEU A 134 9.40 -10.25 5.32
N GLU A 135 9.34 -11.58 5.34
CA GLU A 135 9.50 -12.45 4.17
C GLU A 135 8.72 -11.95 2.95
N HIS A 136 7.46 -11.58 3.18
CA HIS A 136 6.48 -11.17 2.18
C HIS A 136 6.85 -9.83 1.48
N LEU A 137 7.71 -9.02 2.11
CA LEU A 137 7.86 -7.58 1.87
C LEU A 137 9.35 -7.19 1.81
N LYS A 138 10.27 -8.16 1.90
CA LYS A 138 11.73 -8.02 1.80
C LYS A 138 12.16 -7.44 0.46
N ASN A 139 11.30 -7.56 -0.55
CA ASN A 139 11.51 -7.04 -1.88
C ASN A 139 11.24 -5.53 -1.98
N ILE A 140 10.62 -4.91 -0.97
CA ILE A 140 10.28 -3.50 -1.04
C ILE A 140 11.52 -2.70 -0.64
N GLY A 141 11.68 -1.50 -1.20
CA GLY A 141 12.80 -0.60 -0.96
C GLY A 141 12.56 0.34 0.22
N LEU A 142 11.88 -0.12 1.30
CA LEU A 142 11.40 0.75 2.38
C LEU A 142 12.53 1.48 3.08
N GLU A 143 13.63 0.78 3.34
CA GLU A 143 14.75 1.32 4.06
C GLU A 143 15.33 2.54 3.34
N ASN A 144 15.70 2.38 2.06
CA ASN A 144 16.28 3.46 1.27
C ASN A 144 15.26 4.59 1.08
N LEU A 145 13.99 4.24 0.91
CA LEU A 145 12.88 5.19 0.80
C LEU A 145 12.88 6.11 2.01
N LEU A 146 12.90 5.56 3.23
CA LEU A 146 12.66 6.35 4.44
C LEU A 146 13.71 7.42 4.68
N LYS A 147 14.85 7.33 4.01
CA LYS A 147 16.00 8.14 4.33
C LYS A 147 16.01 9.46 3.56
N ASN A 148 14.88 9.90 2.99
CA ASN A 148 14.71 11.14 2.22
C ASN A 148 13.39 11.82 2.57
N GLU A 149 13.08 12.93 1.90
CA GLU A 149 11.78 13.59 1.99
C GLU A 149 10.72 12.67 1.36
N PRO A 150 9.41 12.87 1.60
CA PRO A 150 8.37 12.05 1.00
C PRO A 150 8.25 12.27 -0.51
N SER A 151 8.54 13.48 -0.99
CA SER A 151 8.29 13.95 -2.33
C SER A 151 9.40 13.56 -3.32
N LYS A 152 10.63 13.31 -2.85
CA LYS A 152 11.76 13.03 -3.74
C LYS A 152 11.40 11.92 -4.73
N TYR A 153 10.99 10.75 -4.23
CA TYR A 153 10.79 9.62 -5.11
C TYR A 153 9.49 9.68 -5.91
N ILE A 154 8.62 10.62 -5.59
CA ILE A 154 7.45 10.93 -6.41
C ILE A 154 7.95 11.36 -7.79
N SER A 155 8.93 12.26 -7.86
CA SER A 155 9.56 12.66 -9.11
C SER A 155 10.11 11.44 -9.87
N ASP A 156 10.75 10.53 -9.13
CA ASP A 156 11.36 9.26 -9.57
C ASP A 156 10.31 8.27 -10.09
N ARG A 157 9.04 8.40 -9.67
CA ARG A 157 7.94 7.60 -10.23
C ARG A 157 7.67 8.12 -11.64
N LEU A 158 7.20 9.35 -11.77
CA LEU A 158 6.78 9.94 -13.05
C LEU A 158 7.91 9.91 -14.08
N ALA A 159 9.14 10.21 -13.64
CA ALA A 159 10.32 10.20 -14.50
C ALA A 159 10.62 8.83 -15.11
N ASN A 160 10.07 7.75 -14.55
CA ASN A 160 10.19 6.39 -15.07
C ASN A 160 9.00 5.99 -15.94
N GLY A 161 8.09 6.92 -16.24
CA GLY A 161 6.91 6.70 -17.07
C GLY A 161 5.70 6.35 -16.21
N ALA A 162 5.45 7.14 -15.17
CA ALA A 162 4.27 7.04 -14.32
C ALA A 162 3.49 8.35 -14.39
N THR A 163 2.34 8.39 -13.73
CA THR A 163 1.55 9.59 -13.55
C THR A 163 1.01 9.71 -12.12
N GLU A 164 0.44 10.85 -11.76
CA GLU A 164 -0.34 11.05 -10.54
C GLU A 164 -1.81 10.70 -10.80
N GLN A 165 -2.61 10.84 -9.74
CA GLN A 165 -4.06 10.87 -9.71
C GLN A 165 -4.49 12.24 -9.18
N GLY A 1 -60.32 6.17 -10.69
CA GLY A 1 -58.92 6.57 -10.83
C GLY A 1 -58.45 7.22 -9.54
N PRO A 2 -57.98 6.43 -8.55
CA PRO A 2 -57.28 7.02 -7.41
C PRO A 2 -55.96 7.64 -7.88
N ALA A 3 -55.30 8.40 -7.03
CA ALA A 3 -53.95 8.92 -7.24
C ALA A 3 -53.22 8.90 -5.89
N THR A 4 -51.90 9.07 -5.92
CA THR A 4 -51.06 9.24 -4.75
C THR A 4 -49.79 9.97 -5.18
N LYS A 5 -48.89 10.26 -4.24
CA LYS A 5 -47.49 10.58 -4.51
C LYS A 5 -46.73 10.22 -3.24
N THR A 6 -45.80 9.28 -3.31
CA THR A 6 -45.06 8.78 -2.17
C THR A 6 -43.65 8.50 -2.66
N GLU A 7 -42.67 9.28 -2.21
CA GLU A 7 -41.25 9.02 -2.40
C GLU A 7 -40.62 9.04 -0.99
N LYS A 8 -39.46 8.41 -0.82
CA LYS A 8 -38.78 8.31 0.45
C LYS A 8 -37.31 7.99 0.19
N ASP A 9 -36.46 9.02 0.15
CA ASP A 9 -35.02 8.83 0.13
C ASP A 9 -34.59 8.15 1.43
N THR A 10 -34.33 6.85 1.38
CA THR A 10 -33.81 6.05 2.47
C THR A 10 -33.22 4.79 1.82
N LEU A 11 -31.90 4.78 1.58
CA LEU A 11 -31.19 3.70 0.91
C LEU A 11 -30.02 3.20 1.76
N GLN A 12 -29.36 2.12 1.32
CA GLN A 12 -28.39 1.36 2.11
C GLN A 12 -27.23 0.93 1.22
N SER A 13 -26.03 1.46 1.45
CA SER A 13 -24.88 1.29 0.58
C SER A 13 -23.65 0.89 1.40
N ALA A 14 -22.71 0.17 0.75
CA ALA A 14 -21.49 -0.30 1.38
C ALA A 14 -20.44 0.83 1.32
N LEU A 15 -20.46 1.71 2.32
CA LEU A 15 -19.43 2.74 2.52
C LEU A 15 -18.48 2.31 3.66
N PRO A 16 -17.26 2.87 3.74
CA PRO A 16 -16.29 2.58 4.80
C PRO A 16 -16.70 3.19 6.14
N VAL A 17 -15.80 3.12 7.13
CA VAL A 17 -16.01 3.70 8.46
C VAL A 17 -16.06 5.24 8.42
N ILE A 18 -16.52 5.82 9.53
CA ILE A 18 -16.62 7.25 9.79
C ILE A 18 -15.79 7.56 11.04
N GLU A 19 -15.24 8.78 11.14
CA GLU A 19 -14.23 9.12 12.12
C GLU A 19 -14.41 10.58 12.51
N ASN A 20 -14.57 10.88 13.81
CA ASN A 20 -15.08 12.17 14.29
C ASN A 20 -14.27 12.62 15.51
N ALA A 21 -13.23 13.43 15.30
CA ALA A 21 -12.33 13.87 16.37
C ALA A 21 -11.58 15.15 16.01
N GLU A 22 -10.71 15.59 16.92
CA GLU A 22 -9.67 16.59 16.69
C GLU A 22 -8.59 15.93 15.84
N LYS A 23 -8.83 15.83 14.53
CA LYS A 23 -7.82 15.37 13.58
C LYS A 23 -6.92 16.53 13.17
N ASN A 24 -5.99 16.27 12.26
CA ASN A 24 -5.03 17.21 11.70
C ASN A 24 -5.11 17.14 10.19
N THR A 25 -4.55 18.13 9.49
CA THR A 25 -4.40 18.09 8.05
C THR A 25 -3.51 16.92 7.67
N VAL A 26 -3.82 16.34 6.52
CA VAL A 26 -3.12 15.22 5.92
C VAL A 26 -3.15 15.51 4.42
N VAL A 27 -1.98 15.52 3.78
CA VAL A 27 -1.86 15.50 2.34
C VAL A 27 -1.83 14.03 1.95
N THR A 28 -2.59 13.67 0.93
CA THR A 28 -2.81 12.29 0.50
C THR A 28 -2.67 12.27 -1.03
N LYS A 29 -1.69 11.51 -1.55
CA LYS A 29 -1.23 11.47 -2.93
C LYS A 29 -1.25 10.03 -3.46
N THR A 30 -1.27 9.86 -4.77
CA THR A 30 -1.61 8.58 -5.41
C THR A 30 -0.78 8.49 -6.70
N LEU A 31 -0.06 7.39 -6.94
CA LEU A 31 0.95 7.28 -7.98
C LEU A 31 0.74 6.04 -8.84
N VAL A 32 0.27 6.22 -10.07
CA VAL A 32 0.11 5.14 -11.06
C VAL A 32 1.51 4.79 -11.57
N LEU A 33 2.15 3.80 -10.97
CA LEU A 33 3.40 3.26 -11.50
C LEU A 33 3.14 2.53 -12.82
N PRO A 34 4.17 2.34 -13.67
CA PRO A 34 4.04 1.63 -14.94
C PRO A 34 3.74 0.14 -14.72
N LYS A 35 3.28 -0.57 -15.76
CA LYS A 35 3.19 -2.03 -15.72
C LYS A 35 4.58 -2.63 -15.46
N SER A 36 4.59 -3.89 -15.04
CA SER A 36 5.68 -4.85 -14.99
C SER A 36 6.08 -5.30 -16.41
N ASP A 37 5.67 -4.56 -17.44
CA ASP A 37 5.55 -4.89 -18.86
C ASP A 37 4.66 -6.12 -19.12
N ASP A 38 4.91 -7.26 -18.48
CA ASP A 38 4.13 -8.50 -18.52
C ASP A 38 2.91 -8.37 -17.61
N GLY A 39 2.03 -7.45 -18.00
CA GLY A 39 0.60 -7.59 -17.82
C GLY A 39 0.09 -7.33 -16.41
N SER A 40 0.95 -6.88 -15.51
CA SER A 40 0.70 -6.67 -14.10
C SER A 40 1.10 -5.24 -13.78
N GLN A 41 0.31 -4.52 -12.98
CA GLN A 41 0.67 -3.25 -12.43
C GLN A 41 0.31 -3.18 -10.95
N GLN A 42 0.53 -1.98 -10.43
CA GLN A 42 0.46 -1.57 -9.05
C GLN A 42 0.28 -0.04 -9.04
N THR A 43 -0.07 0.56 -7.91
CA THR A 43 -0.28 1.98 -7.77
C THR A 43 0.13 2.35 -6.34
N GLN A 44 1.21 3.11 -6.21
CA GLN A 44 1.67 3.51 -4.89
C GLN A 44 0.76 4.60 -4.36
N THR A 45 0.69 4.71 -3.05
CA THR A 45 -0.04 5.74 -2.34
C THR A 45 0.86 6.31 -1.26
N ILE A 46 0.67 7.60 -0.99
CA ILE A 46 1.57 8.43 -0.22
C ILE A 46 0.66 9.24 0.68
N THR A 47 0.94 9.24 1.98
CA THR A 47 0.40 10.22 2.90
C THR A 47 1.53 10.94 3.69
N TYR A 48 1.48 12.27 3.72
CA TYR A 48 2.41 13.16 4.43
C TYR A 48 1.64 14.36 5.00
N LYS A 49 2.25 15.19 5.85
CA LYS A 49 1.64 16.47 6.26
C LYS A 49 2.60 17.63 6.42
N ASP A 50 3.88 17.37 6.24
CA ASP A 50 4.93 18.32 6.57
C ASP A 50 6.08 18.20 5.58
N LYS A 51 6.97 17.22 5.80
CA LYS A 51 8.11 16.93 4.94
C LYS A 51 8.58 15.47 5.12
N THR A 52 7.70 14.59 5.61
CA THR A 52 8.07 13.25 6.06
C THR A 52 6.98 12.22 5.68
N PHE A 53 7.36 10.99 5.35
CA PHE A 53 6.44 9.88 5.07
C PHE A 53 5.72 9.52 6.37
N LEU A 54 4.43 9.87 6.52
CA LEU A 54 3.58 9.41 7.63
C LEU A 54 3.15 7.96 7.40
N SER A 55 2.75 7.64 6.18
CA SER A 55 2.43 6.29 5.75
C SER A 55 2.62 6.17 4.24
N LEU A 56 2.65 4.94 3.75
CA LEU A 56 2.78 4.59 2.34
C LEU A 56 1.93 3.34 2.14
N ALA A 57 1.39 3.15 0.94
CA ALA A 57 0.74 1.90 0.56
C ALA A 57 1.03 1.58 -0.91
N ILE A 58 0.73 0.35 -1.34
CA ILE A 58 0.89 -0.17 -2.69
C ILE A 58 -0.42 -0.90 -3.00
N GLN A 59 -1.19 -0.36 -3.95
CA GLN A 59 -2.25 -1.08 -4.64
C GLN A 59 -1.58 -2.02 -5.66
N GLN A 60 -2.16 -3.19 -5.98
CA GLN A 60 -1.67 -4.22 -6.91
C GLN A 60 -2.83 -4.66 -7.80
N LYS A 61 -2.66 -4.77 -9.12
CA LYS A 61 -3.69 -5.24 -10.03
C LYS A 61 -3.10 -6.06 -11.17
N ARG A 62 -3.53 -7.32 -11.30
CA ARG A 62 -3.14 -8.20 -12.39
C ARG A 62 -4.20 -9.24 -12.75
N PRO A 63 -4.15 -9.79 -13.98
CA PRO A 63 -5.00 -10.89 -14.38
C PRO A 63 -4.56 -12.18 -13.68
N VAL A 64 -5.41 -13.20 -13.73
CA VAL A 64 -5.19 -14.48 -13.06
C VAL A 64 -5.17 -15.62 -14.07
N SER A 65 -4.53 -16.73 -13.69
CA SER A 65 -4.21 -17.85 -14.60
C SER A 65 -3.37 -18.97 -13.98
N ASP A 66 -3.26 -19.02 -12.66
CA ASP A 66 -2.54 -20.10 -11.98
C ASP A 66 -3.17 -20.32 -10.61
N GLU A 67 -2.76 -19.59 -9.56
CA GLU A 67 -3.26 -19.76 -8.19
C GLU A 67 -4.79 -19.78 -8.16
N LEU A 68 -5.35 -18.75 -8.78
CA LEU A 68 -6.78 -18.52 -8.78
C LEU A 68 -7.52 -19.38 -9.80
N LYS A 69 -6.85 -19.71 -10.91
CA LYS A 69 -7.49 -20.44 -12.01
C LYS A 69 -7.87 -21.85 -11.56
N THR A 70 -7.07 -22.43 -10.65
CA THR A 70 -7.48 -23.59 -9.88
C THR A 70 -8.70 -23.26 -9.03
N TYR A 71 -8.66 -22.25 -8.15
CA TYR A 71 -9.75 -21.98 -7.21
C TYR A 71 -11.11 -21.79 -7.90
N ILE A 72 -11.17 -20.99 -8.98
CA ILE A 72 -12.40 -20.69 -9.71
C ILE A 72 -13.02 -21.98 -10.27
N ASP A 73 -12.21 -23.02 -10.48
CA ASP A 73 -12.62 -24.33 -10.93
C ASP A 73 -13.07 -25.19 -9.74
N GLN A 74 -12.24 -25.22 -8.68
CA GLN A 74 -12.48 -25.92 -7.43
C GLN A 74 -13.77 -25.48 -6.75
N HIS A 75 -14.15 -24.22 -6.92
CA HIS A 75 -15.36 -23.64 -6.39
C HIS A 75 -16.11 -22.92 -7.50
N GLY A 76 -15.79 -21.66 -7.76
CA GLY A 76 -16.56 -20.77 -8.60
C GLY A 76 -16.29 -19.32 -8.22
N VAL A 77 -16.78 -18.40 -9.04
CA VAL A 77 -16.37 -17.00 -9.00
C VAL A 77 -16.75 -16.34 -7.68
N GLU A 78 -17.96 -16.59 -7.16
CA GLU A 78 -18.42 -15.90 -5.97
C GLU A 78 -17.68 -16.42 -4.74
N GLU A 79 -17.29 -17.69 -4.75
CA GLU A 79 -16.43 -18.28 -3.74
C GLU A 79 -15.02 -17.70 -3.84
N THR A 80 -14.57 -17.33 -5.05
CA THR A 80 -13.20 -16.88 -5.27
C THR A 80 -12.91 -15.58 -4.51
N GLN A 81 -13.93 -14.76 -4.19
CA GLN A 81 -13.77 -13.65 -3.25
C GLN A 81 -13.35 -14.14 -1.86
N LYS A 82 -13.89 -15.26 -1.39
CA LYS A 82 -13.53 -15.84 -0.10
C LYS A 82 -12.10 -16.35 -0.14
N ALA A 83 -11.66 -16.90 -1.28
CA ALA A 83 -10.34 -17.49 -1.45
C ALA A 83 -9.23 -16.59 -0.94
N LEU A 84 -9.22 -15.31 -1.34
CA LEU A 84 -8.16 -14.38 -0.98
C LEU A 84 -8.18 -14.07 0.52
N LEU A 85 -9.37 -14.00 1.09
CA LEU A 85 -9.60 -13.69 2.50
C LEU A 85 -9.04 -14.83 3.34
N GLU A 86 -9.38 -16.07 2.97
CA GLU A 86 -8.82 -17.31 3.48
C GLU A 86 -7.31 -17.38 3.29
N ALA A 87 -6.78 -16.75 2.24
CA ALA A 87 -5.37 -16.80 1.88
C ALA A 87 -4.54 -15.82 2.70
N GLU A 88 -5.19 -14.88 3.39
CA GLU A 88 -4.50 -14.04 4.37
C GLU A 88 -4.14 -14.92 5.56
N GLU A 89 -5.14 -15.62 6.10
CA GLU A 89 -4.98 -16.32 7.36
C GLU A 89 -4.08 -17.55 7.21
N LYS A 90 -3.99 -18.10 6.01
CA LYS A 90 -3.20 -19.27 5.73
C LYS A 90 -1.75 -18.95 5.38
N ASP A 91 -1.36 -17.71 5.16
CA ASP A 91 -0.02 -17.41 4.65
C ASP A 91 0.91 -17.05 5.79
N LYS A 92 1.89 -17.91 6.08
CA LYS A 92 2.91 -17.69 7.10
C LYS A 92 3.56 -16.30 6.99
N SER A 93 3.72 -15.81 5.78
CA SER A 93 4.30 -14.51 5.49
C SER A 93 3.40 -13.37 5.98
N ILE A 94 2.10 -13.46 5.69
CA ILE A 94 1.14 -12.41 5.97
C ILE A 94 0.86 -12.38 7.48
N ILE A 95 0.80 -13.55 8.13
CA ILE A 95 0.73 -13.71 9.57
C ILE A 95 1.89 -12.93 10.22
N GLU A 96 3.11 -13.08 9.69
CA GLU A 96 4.28 -12.34 10.17
C GLU A 96 4.14 -10.84 9.96
N ALA A 97 3.76 -10.37 8.78
CA ALA A 97 3.59 -8.94 8.54
C ALA A 97 2.56 -8.34 9.52
N ARG A 98 1.51 -9.10 9.83
CA ARG A 98 0.51 -8.76 10.83
C ARG A 98 1.05 -8.66 12.26
N LYS A 99 2.34 -8.94 12.54
CA LYS A 99 2.94 -8.79 13.87
C LYS A 99 3.37 -7.35 14.13
N LEU A 100 3.18 -6.42 13.18
CA LEU A 100 3.49 -5.01 13.34
C LEU A 100 2.18 -4.28 13.55
N ALA A 101 2.16 -3.29 14.44
CA ALA A 101 0.96 -2.50 14.77
C ALA A 101 0.72 -1.36 13.78
N GLY A 102 1.26 -1.50 12.58
CA GLY A 102 1.30 -0.53 11.50
C GLY A 102 1.41 -1.18 10.11
N PHE A 103 1.18 -2.49 9.98
CA PHE A 103 1.03 -3.13 8.68
C PHE A 103 -0.44 -3.43 8.45
N LYS A 104 -0.93 -3.38 7.20
CA LYS A 104 -2.23 -3.94 6.83
C LYS A 104 -2.24 -4.39 5.38
N LEU A 105 -3.20 -5.26 5.04
CA LEU A 105 -3.44 -5.86 3.73
C LEU A 105 -4.95 -5.90 3.50
N GLU A 106 -5.40 -5.96 2.25
CA GLU A 106 -6.75 -6.31 1.88
C GLU A 106 -6.77 -6.69 0.38
N THR A 107 -7.56 -7.69 0.00
CA THR A 107 -7.72 -8.13 -1.38
C THR A 107 -9.17 -7.91 -1.86
N LYS A 108 -9.40 -7.92 -3.18
CA LYS A 108 -10.71 -7.96 -3.81
C LYS A 108 -10.61 -8.86 -5.04
N LEU A 109 -11.68 -9.61 -5.31
CA LEU A 109 -11.87 -10.25 -6.61
C LEU A 109 -12.52 -9.22 -7.52
N LEU A 110 -11.85 -8.93 -8.64
CA LEU A 110 -12.40 -8.07 -9.65
C LEU A 110 -13.39 -8.90 -10.48
N SER A 111 -12.98 -10.07 -10.97
CA SER A 111 -13.85 -10.95 -11.76
C SER A 111 -13.23 -12.34 -11.87
N ALA A 112 -13.86 -13.25 -12.62
CA ALA A 112 -13.40 -14.62 -12.90
C ALA A 112 -12.07 -14.69 -13.66
N THR A 113 -11.40 -13.56 -13.89
CA THR A 113 -10.19 -13.45 -14.68
C THR A 113 -9.20 -12.45 -14.08
N GLU A 114 -9.52 -11.81 -12.94
CA GLU A 114 -8.78 -10.68 -12.42
C GLU A 114 -9.06 -10.47 -10.93
N LEU A 115 -8.06 -9.96 -10.25
CA LEU A 115 -8.11 -9.60 -8.83
C LEU A 115 -7.37 -8.30 -8.57
N GLN A 116 -7.44 -7.82 -7.33
CA GLN A 116 -6.65 -6.71 -6.87
C GLN A 116 -6.27 -6.90 -5.41
N THR A 117 -5.16 -6.32 -4.97
CA THR A 117 -4.75 -6.29 -3.57
C THR A 117 -4.29 -4.88 -3.24
N THR A 118 -4.19 -4.55 -1.95
CA THR A 118 -3.56 -3.35 -1.44
C THR A 118 -2.82 -3.73 -0.17
N THR A 119 -1.62 -3.18 0.03
CA THR A 119 -0.79 -3.36 1.21
C THR A 119 -0.45 -1.96 1.74
N SER A 120 -0.65 -1.70 3.04
CA SER A 120 -0.48 -0.39 3.67
C SER A 120 0.50 -0.46 4.86
N PHE A 121 1.27 0.62 5.07
CA PHE A 121 2.37 0.75 6.02
C PHE A 121 2.20 2.09 6.73
N ASP A 122 1.67 2.02 7.94
CA ASP A 122 1.49 3.09 8.90
C ASP A 122 2.87 3.33 9.53
N PHE A 123 3.73 4.13 8.90
CA PHE A 123 5.10 4.33 9.37
C PHE A 123 5.17 4.83 10.82
N GLN A 124 4.17 5.58 11.25
CA GLN A 124 4.00 6.05 12.63
C GLN A 124 4.03 4.91 13.66
N VAL A 125 3.67 3.68 13.26
CA VAL A 125 3.57 2.51 14.16
C VAL A 125 4.14 1.20 13.57
N LEU A 126 4.75 1.25 12.38
CA LEU A 126 5.47 0.12 11.76
C LEU A 126 6.95 0.22 12.13
N ASP A 127 7.57 -0.95 12.35
CA ASP A 127 9.01 -1.10 12.53
C ASP A 127 9.61 -1.31 11.17
N VAL A 128 9.91 -0.19 10.51
CA VAL A 128 10.45 -0.21 9.16
C VAL A 128 11.72 -1.09 9.05
N LYS A 129 12.51 -1.22 10.11
CA LYS A 129 13.71 -2.06 10.11
C LYS A 129 13.32 -3.52 9.86
N LYS A 130 12.21 -3.97 10.44
CA LYS A 130 11.67 -5.28 10.14
C LYS A 130 10.82 -5.25 8.88
N ALA A 131 10.11 -4.16 8.55
CA ALA A 131 9.26 -4.03 7.39
C ALA A 131 9.87 -4.59 6.09
N SER A 132 11.15 -4.30 5.87
CA SER A 132 11.94 -4.61 4.69
C SER A 132 12.40 -6.07 4.62
N GLN A 133 12.05 -6.89 5.62
CA GLN A 133 12.54 -8.27 5.75
C GLN A 133 11.39 -9.26 6.02
N LEU A 134 10.13 -8.82 6.10
CA LEU A 134 8.98 -9.62 6.51
C LEU A 134 8.47 -10.51 5.37
N GLU A 135 9.25 -11.48 4.94
CA GLU A 135 8.89 -12.58 4.04
C GLU A 135 8.13 -12.10 2.77
N HIS A 136 6.81 -11.93 2.86
CA HIS A 136 5.94 -11.27 1.87
C HIS A 136 6.49 -9.91 1.43
N LEU A 137 7.13 -9.17 2.35
CA LEU A 137 7.52 -7.78 2.17
C LEU A 137 9.01 -7.61 1.86
N LYS A 138 9.80 -8.69 1.77
CA LYS A 138 11.25 -8.59 1.54
C LYS A 138 11.58 -7.86 0.25
N ASN A 139 10.69 -7.97 -0.72
CA ASN A 139 10.85 -7.33 -2.02
C ASN A 139 10.71 -5.81 -1.92
N ILE A 140 10.03 -5.30 -0.90
CA ILE A 140 9.84 -3.87 -0.66
C ILE A 140 10.98 -3.38 0.23
N GLY A 141 11.60 -2.25 -0.11
CA GLY A 141 12.72 -1.68 0.62
C GLY A 141 12.23 -0.50 1.44
N LEU A 142 11.34 -0.70 2.42
CA LEU A 142 10.80 0.41 3.22
C LEU A 142 11.93 1.23 3.83
N GLU A 143 12.95 0.57 4.41
CA GLU A 143 14.05 1.26 5.10
C GLU A 143 14.89 2.13 4.16
N ASN A 144 14.79 1.85 2.86
CA ASN A 144 15.54 2.44 1.76
C ASN A 144 14.72 3.53 1.06
N LEU A 145 13.39 3.48 1.15
CA LEU A 145 12.48 4.57 0.80
C LEU A 145 12.58 5.68 1.84
N LEU A 146 12.63 5.36 3.13
CA LEU A 146 12.68 6.33 4.22
C LEU A 146 14.08 6.96 4.34
N LYS A 147 14.50 7.67 3.30
CA LYS A 147 15.79 8.37 3.21
C LYS A 147 15.68 9.72 2.49
N ASN A 148 14.49 10.12 2.06
CA ASN A 148 14.22 11.35 1.33
C ASN A 148 12.89 11.92 1.78
N GLU A 149 12.56 13.11 1.29
CA GLU A 149 11.27 13.77 1.51
C GLU A 149 10.16 13.00 0.80
N PRO A 150 8.91 13.05 1.29
CA PRO A 150 7.79 12.39 0.66
C PRO A 150 7.57 12.97 -0.75
N SER A 151 7.76 14.28 -0.93
CA SER A 151 7.63 14.94 -2.22
C SER A 151 8.84 14.69 -3.11
N LYS A 152 10.04 14.50 -2.54
CA LYS A 152 11.26 14.48 -3.32
C LYS A 152 11.23 13.34 -4.33
N TYR A 153 10.96 12.11 -3.90
CA TYR A 153 10.95 11.00 -4.85
C TYR A 153 9.80 11.09 -5.86
N ILE A 154 8.71 11.80 -5.56
CA ILE A 154 7.58 11.96 -6.48
C ILE A 154 8.05 12.62 -7.78
N SER A 155 8.93 13.61 -7.69
CA SER A 155 9.50 14.29 -8.86
C SER A 155 10.12 13.26 -9.81
N ASP A 156 10.83 12.27 -9.26
CA ASP A 156 11.49 11.23 -10.02
C ASP A 156 10.53 10.15 -10.48
N ARG A 157 9.50 9.84 -9.68
CA ARG A 157 8.54 8.77 -9.98
C ARG A 157 7.89 8.96 -11.35
N LEU A 158 7.35 10.15 -11.65
CA LEU A 158 6.89 10.55 -12.98
C LEU A 158 7.93 10.13 -14.04
N ALA A 159 9.19 10.57 -13.90
CA ALA A 159 10.27 10.30 -14.84
C ALA A 159 10.59 8.81 -15.01
N ASN A 160 10.27 7.98 -14.00
CA ASN A 160 10.42 6.52 -14.06
C ASN A 160 9.32 5.86 -14.94
N GLY A 161 8.49 6.65 -15.62
CA GLY A 161 7.47 6.17 -16.56
C GLY A 161 6.09 6.11 -15.91
N ALA A 162 5.86 6.84 -14.84
CA ALA A 162 4.69 6.72 -13.98
C ALA A 162 3.74 7.93 -14.16
N THR A 163 2.69 8.04 -13.36
CA THR A 163 1.78 9.18 -13.35
C THR A 163 1.24 9.49 -11.95
N GLU A 164 0.64 10.66 -11.78
CA GLU A 164 0.01 11.17 -10.56
C GLU A 164 -1.49 10.85 -10.60
N GLN A 165 -2.17 10.94 -9.45
CA GLN A 165 -3.61 10.75 -9.22
C GLN A 165 -3.93 11.56 -7.95
#